data_3FV9
#
_entry.id   3FV9
#
_cell.length_a   169.082
_cell.length_b   174.566
_cell.length_c   108.560
_cell.angle_alpha   90.000
_cell.angle_beta   90.000
_cell.angle_gamma   90.000
#
_symmetry.space_group_name_H-M   'P 21 21 2'
#
loop_
_entity.id
_entity.type
_entity.pdbx_description
1 polymer 'Mandelate racemase/muconate lactonizing enzyme'
2 non-polymer 'MAGNESIUM ION'
3 water water
#
_entity_poly.entity_id   1
_entity_poly.type   'polypeptide(L)'
_entity_poly.pdbx_seq_one_letter_code
;MSLKITRIDIHRTDLPVRGGVYRLSGGREYHSYDATIVSIETDTGLTGWGESTPFGSTYIAAHAGGTRAALELLAPAILG
MDPRQHDRIWDRMRDTLKGHRDARAALDIACWDIAAQAAGLPLCDMTGGRVAGPVPVISSIGGDTPEAMRAKVARHRAQG
FKGHSIKIGASEAEGGPALDAERITACLADRQPGEWYLADANNGLTVEHALRMLSLLPPGLDIVLEAPCASWAETKSLRA
RCALPLLLDELIQTETDLIAAIRDDLCDGVGLKVSKQGGITPMLRQRAIAAAAGMVMSVQDTVGSQISFAAILHLAQSTP
RHLLRCALDTRAMTTAELAEIDAPLRDGGASAPSDPGLGLRVNRDALGTPVKTFGDPIEGHHHHHH
;
_entity_poly.pdbx_strand_id   G,A,D,E,F,B,H,C
#
# COMPACT_ATOMS: atom_id res chain seq x y z
N LEU A 3 26.18 35.32 30.22
CA LEU A 3 26.98 35.04 28.97
C LEU A 3 26.22 35.50 27.71
N LYS A 4 26.86 36.39 26.94
CA LYS A 4 26.25 36.98 25.73
C LYS A 4 27.22 37.00 24.58
N ILE A 5 26.70 36.83 23.37
CA ILE A 5 27.45 37.04 22.13
C ILE A 5 27.63 38.55 21.94
N THR A 6 28.86 39.00 21.75
CA THR A 6 29.15 40.44 21.61
C THR A 6 29.68 40.85 20.25
N ARG A 7 30.29 39.91 19.53
CA ARG A 7 30.96 40.25 18.27
C ARG A 7 31.06 39.03 17.37
N ILE A 8 30.77 39.24 16.09
CA ILE A 8 30.85 38.20 15.08
C ILE A 8 31.66 38.71 13.90
N ASP A 9 32.72 37.97 13.56
CA ASP A 9 33.55 38.30 12.40
C ASP A 9 33.38 37.26 11.29
N ILE A 10 33.17 37.75 10.08
CA ILE A 10 33.03 36.89 8.89
C ILE A 10 34.31 36.96 8.06
N HIS A 11 34.92 35.82 7.79
CA HIS A 11 36.14 35.76 6.99
C HIS A 11 35.88 34.97 5.72
N ARG A 12 36.63 35.29 4.67
CA ARG A 12 36.57 34.56 3.42
C ARG A 12 37.98 34.07 3.04
N THR A 13 38.08 32.79 2.67
CA THR A 13 39.35 32.29 2.15
C THR A 13 39.13 31.26 1.04
N ASP A 14 40.23 30.78 0.46
CA ASP A 14 40.14 29.83 -0.62
C ASP A 14 40.99 28.61 -0.30
N LEU A 15 40.38 27.42 -0.45
CA LEU A 15 41.01 26.14 -0.12
C LEU A 15 41.36 25.36 -1.40
N PRO A 16 42.65 25.27 -1.75
CA PRO A 16 42.98 24.58 -3.03
C PRO A 16 42.76 23.07 -2.91
N VAL A 17 42.22 22.47 -3.97
CA VAL A 17 42.06 21.01 -4.06
C VAL A 17 43.41 20.35 -3.85
N ARG A 18 43.42 19.27 -3.07
CA ARG A 18 44.63 18.45 -2.94
C ARG A 18 44.53 17.32 -3.96
N GLY A 19 45.47 17.31 -4.88
CA GLY A 19 45.48 16.35 -5.98
C GLY A 19 45.03 16.99 -7.27
N GLY A 20 44.57 16.17 -8.21
CA GLY A 20 44.14 16.67 -9.51
C GLY A 20 42.69 17.12 -9.47
N VAL A 21 42.22 17.60 -10.62
CA VAL A 21 40.84 18.10 -10.77
C VAL A 21 39.85 17.12 -10.13
N TYR A 22 38.98 17.65 -9.28
CA TYR A 22 37.98 16.82 -8.61
C TYR A 22 36.69 16.78 -9.43
N ARG A 23 36.22 15.58 -9.75
CA ARG A 23 35.07 15.41 -10.65
C ARG A 23 33.90 14.71 -9.98
N LEU A 24 32.70 15.23 -10.21
CA LEU A 24 31.46 14.56 -9.83
C LEU A 24 30.63 14.34 -11.09
N SER A 25 29.58 13.52 -10.97
CA SER A 25 28.70 13.21 -12.09
C SER A 25 28.16 14.48 -12.74
N GLY A 26 27.80 14.37 -14.01
CA GLY A 26 27.15 15.47 -14.72
C GLY A 26 28.11 16.56 -15.19
N GLY A 27 29.39 16.23 -15.33
CA GLY A 27 30.38 17.17 -15.87
C GLY A 27 30.87 18.24 -14.90
N ARG A 28 30.59 18.04 -13.62
CA ARG A 28 31.01 18.99 -12.57
C ARG A 28 32.46 18.81 -12.19
N GLU A 29 33.21 19.92 -12.24
CA GLU A 29 34.64 19.95 -11.89
C GLU A 29 34.93 20.98 -10.82
N TYR A 30 35.93 20.69 -9.98
CA TYR A 30 36.27 21.54 -8.84
C TYR A 30 37.80 21.65 -8.73
N HIS A 31 38.26 22.90 -8.57
CA HIS A 31 39.68 23.22 -8.52
C HIS A 31 40.09 23.82 -7.17
N SER A 32 39.16 24.49 -6.51
CA SER A 32 39.35 25.04 -5.18
C SER A 32 37.99 25.34 -4.59
N TYR A 33 37.95 25.65 -3.29
CA TYR A 33 36.68 25.83 -2.60
C TYR A 33 36.67 27.16 -1.82
N ASP A 34 35.60 27.92 -2.02
CA ASP A 34 35.44 29.23 -1.39
C ASP A 34 34.86 29.03 0.01
N ALA A 35 35.70 29.27 1.02
CA ALA A 35 35.33 29.01 2.40
C ALA A 35 34.91 30.26 3.16
N THR A 36 33.86 30.13 3.99
CA THR A 36 33.47 31.19 4.90
C THR A 36 33.77 30.72 6.33
N ILE A 37 34.57 31.49 7.05
CA ILE A 37 34.94 31.14 8.41
C ILE A 37 34.45 32.23 9.33
N VAL A 38 33.78 31.84 10.40
CA VAL A 38 33.17 32.79 11.33
C VAL A 38 33.80 32.64 12.71
N SER A 39 34.12 33.77 13.35
CA SER A 39 34.46 33.75 14.76
C SER A 39 33.39 34.49 15.55
N ILE A 40 33.08 33.98 16.74
CA ILE A 40 32.14 34.62 17.64
C ILE A 40 32.81 34.85 18.98
N GLU A 41 32.72 36.09 19.47
CA GLU A 41 33.26 36.47 20.78
C GLU A 41 32.13 36.68 21.81
N THR A 42 32.41 36.34 23.06
CA THR A 42 31.46 36.57 24.15
C THR A 42 31.93 37.74 25.04
N ASP A 43 31.05 38.21 25.92
CA ASP A 43 31.42 39.24 26.91
C ASP A 43 32.44 38.74 27.93
N THR A 44 32.69 37.43 27.94
CA THR A 44 33.64 36.83 28.86
C THR A 44 35.00 36.53 28.22
N GLY A 45 35.18 36.98 26.98
CA GLY A 45 36.48 36.86 26.33
C GLY A 45 36.77 35.51 25.71
N LEU A 46 35.73 34.69 25.52
CA LEU A 46 35.87 33.43 24.77
C LEU A 46 35.65 33.69 23.29
N THR A 47 36.37 32.94 22.45
CA THR A 47 36.18 32.96 21.01
C THR A 47 35.77 31.56 20.54
N GLY A 48 34.74 31.50 19.72
CA GLY A 48 34.32 30.27 19.07
C GLY A 48 34.42 30.40 17.57
N TRP A 49 34.69 29.28 16.91
CA TRP A 49 34.95 29.25 15.48
C TRP A 49 34.01 28.27 14.78
N GLY A 50 33.67 28.59 13.53
CA GLY A 50 32.81 27.76 12.70
C GLY A 50 33.10 27.99 11.23
N GLU A 51 32.94 26.94 10.43
CA GLU A 51 33.21 27.00 8.99
C GLU A 51 32.02 26.51 8.18
N SER A 52 31.80 27.14 7.03
CA SER A 52 30.82 26.66 6.07
C SER A 52 31.34 26.89 4.67
N THR A 53 31.66 25.79 3.99
CA THR A 53 32.23 25.85 2.65
C THR A 53 31.42 24.98 1.70
N PRO A 54 30.44 25.59 1.00
CA PRO A 54 29.67 24.84 0.03
C PRO A 54 30.58 24.10 -0.94
N PHE A 55 30.12 22.94 -1.42
CA PHE A 55 30.93 22.21 -2.42
C PHE A 55 30.67 22.84 -3.79
N GLY A 56 31.42 23.91 -4.07
CA GLY A 56 31.11 24.78 -5.20
C GLY A 56 29.67 25.24 -5.14
N SER A 57 29.08 25.54 -6.28
CA SER A 57 27.72 26.07 -6.33
C SER A 57 26.75 25.04 -6.94
N THR A 58 27.23 23.82 -7.09
CA THR A 58 26.59 22.83 -7.97
C THR A 58 26.32 21.51 -7.24
N TYR A 59 26.50 21.49 -5.92
CA TYR A 59 26.30 20.27 -5.15
C TYR A 59 24.89 20.23 -4.58
N ILE A 60 24.53 21.25 -3.80
CA ILE A 60 23.17 21.47 -3.33
C ILE A 60 22.85 22.96 -3.57
N ALA A 61 21.64 23.38 -3.22
CA ALA A 61 21.22 24.78 -3.42
C ALA A 61 21.92 25.67 -2.41
N ALA A 62 23.20 25.94 -2.65
CA ALA A 62 24.02 26.73 -1.74
C ALA A 62 25.25 27.17 -2.50
N HIS A 63 25.75 28.37 -2.19
CA HIS A 63 27.04 28.86 -2.74
C HIS A 63 27.67 29.86 -1.78
N ALA A 64 28.99 29.97 -1.78
CA ALA A 64 29.70 30.80 -0.77
C ALA A 64 29.14 32.22 -0.68
N GLY A 65 28.90 32.83 -1.83
CA GLY A 65 28.32 34.17 -1.86
C GLY A 65 26.95 34.23 -1.21
N GLY A 66 26.22 33.12 -1.31
CA GLY A 66 24.90 32.98 -0.70
C GLY A 66 25.02 32.80 0.79
N THR A 67 26.04 32.07 1.22
CA THR A 67 26.33 31.89 2.64
C THR A 67 26.56 33.25 3.29
N ARG A 68 27.40 34.06 2.65
CA ARG A 68 27.77 35.35 3.19
C ARG A 68 26.57 36.33 3.14
N ALA A 69 25.75 36.24 2.09
CA ALA A 69 24.55 37.07 2.01
C ALA A 69 23.52 36.73 3.11
N ALA A 70 23.38 35.44 3.41
CA ALA A 70 22.49 34.99 4.49
C ALA A 70 23.02 35.43 5.86
N LEU A 71 24.34 35.39 6.03
CA LEU A 71 24.95 35.82 7.28
C LEU A 71 24.69 37.30 7.59
N GLU A 72 24.49 38.10 6.56
CA GLU A 72 24.10 39.50 6.73
C GLU A 72 22.81 39.64 7.56
N LEU A 73 21.92 38.65 7.42
CA LEU A 73 20.67 38.62 8.21
C LEU A 73 20.87 37.86 9.52
N LEU A 74 21.55 36.72 9.46
CA LEU A 74 21.65 35.83 10.61
C LEU A 74 22.54 36.37 11.74
N ALA A 75 23.71 36.89 11.40
CA ALA A 75 24.66 37.37 12.42
C ALA A 75 24.11 38.47 13.35
N PRO A 76 23.56 39.58 12.81
CA PRO A 76 23.01 40.59 13.74
C PRO A 76 21.81 40.10 14.55
N ALA A 77 21.07 39.13 14.01
CA ALA A 77 19.89 38.58 14.69
C ALA A 77 20.21 37.84 16.00
N ILE A 78 21.41 37.29 16.13
CA ILE A 78 21.75 36.50 17.33
C ILE A 78 22.70 37.23 18.30
N LEU A 79 23.13 38.43 17.94
CA LEU A 79 23.92 39.26 18.85
C LEU A 79 23.16 39.43 20.16
N GLY A 80 23.87 39.34 21.29
CA GLY A 80 23.26 39.49 22.62
C GLY A 80 22.65 38.22 23.21
N MET A 81 22.54 37.16 22.40
CA MET A 81 21.96 35.90 22.90
C MET A 81 23.01 35.09 23.69
N ASP A 82 22.52 34.18 24.53
CA ASP A 82 23.39 33.27 25.26
C ASP A 82 23.77 32.11 24.35
N PRO A 83 25.07 31.99 23.98
CA PRO A 83 25.52 30.97 23.02
C PRO A 83 25.30 29.53 23.46
N ARG A 84 24.95 29.32 24.73
CA ARG A 84 24.72 27.98 25.27
C ARG A 84 23.30 27.46 24.96
N GLN A 85 22.38 28.38 24.68
CA GLN A 85 20.99 28.03 24.42
C GLN A 85 20.79 27.73 22.93
N HIS A 86 21.29 26.56 22.52
N HIS A 86 21.28 26.56 22.52
CA HIS A 86 21.33 26.15 21.10
CA HIS A 86 21.37 26.20 21.10
C HIS A 86 19.99 26.13 20.40
C HIS A 86 20.03 26.03 20.38
N ASP A 87 18.96 25.63 21.08
CA ASP A 87 17.63 25.53 20.47
C ASP A 87 17.00 26.89 20.25
N ARG A 88 17.15 27.79 21.23
CA ARG A 88 16.57 29.12 21.13
C ARG A 88 17.30 29.99 20.11
N ILE A 89 18.62 29.81 19.98
CA ILE A 89 19.39 30.46 18.91
C ILE A 89 18.94 29.92 17.53
N TRP A 90 18.81 28.61 17.44
CA TRP A 90 18.28 27.95 16.22
C TRP A 90 16.94 28.58 15.82
N ASP A 91 16.01 28.70 16.77
CA ASP A 91 14.70 29.30 16.50
C ASP A 91 14.81 30.76 16.01
N ARG A 92 15.67 31.53 16.65
CA ARG A 92 15.94 32.90 16.21
C ARG A 92 16.41 32.93 14.74
N MET A 93 17.32 32.03 14.38
CA MET A 93 17.81 31.97 12.99
C MET A 93 16.67 31.56 12.05
N ARG A 94 15.91 30.54 12.45
CA ARG A 94 14.72 30.12 11.67
C ARG A 94 13.71 31.24 11.45
N ASP A 95 13.43 32.01 12.50
CA ASP A 95 12.50 33.15 12.43
C ASP A 95 13.02 34.30 11.59
N THR A 96 14.34 34.34 11.36
CA THR A 96 14.97 35.44 10.62
C THR A 96 14.98 35.15 9.11
N LEU A 97 15.22 33.88 8.78
CA LEU A 97 15.44 33.48 7.39
C LEU A 97 15.24 31.96 7.25
N LYS A 98 14.30 31.58 6.38
CA LYS A 98 14.02 30.18 6.08
C LYS A 98 15.16 29.57 5.29
N GLY A 99 15.47 28.31 5.60
CA GLY A 99 16.53 27.58 4.90
C GLY A 99 17.91 28.15 5.18
N HIS A 100 18.78 28.12 4.16
CA HIS A 100 20.13 28.66 4.27
C HIS A 100 20.83 28.05 5.46
N ARG A 101 20.78 26.72 5.52
CA ARG A 101 21.43 25.99 6.61
C ARG A 101 22.95 26.11 6.53
N ASP A 102 23.49 26.30 5.32
CA ASP A 102 24.94 26.61 5.16
C ASP A 102 25.38 27.80 6.00
N ALA A 103 24.55 28.84 6.05
CA ALA A 103 24.84 30.04 6.84
C ALA A 103 24.65 29.83 8.35
N ARG A 104 23.55 29.14 8.73
CA ARG A 104 23.32 28.76 10.11
C ARG A 104 24.49 27.97 10.70
N ALA A 105 25.08 27.10 9.87
CA ALA A 105 26.12 26.18 10.33
C ALA A 105 27.32 26.88 10.98
N ALA A 106 27.89 27.85 10.29
CA ALA A 106 29.08 28.52 10.80
C ALA A 106 28.83 29.19 12.15
N LEU A 107 27.65 29.82 12.29
CA LEU A 107 27.26 30.46 13.55
C LEU A 107 27.00 29.44 14.64
N ASP A 108 26.29 28.37 14.28
CA ASP A 108 25.88 27.36 15.25
C ASP A 108 27.11 26.63 15.82
N ILE A 109 28.05 26.27 14.94
CA ILE A 109 29.27 25.58 15.35
C ILE A 109 30.09 26.46 16.29
N ALA A 110 30.23 27.74 15.94
CA ALA A 110 30.97 28.67 16.81
C ALA A 110 30.32 28.81 18.19
N CYS A 111 28.99 28.80 18.27
CA CYS A 111 28.32 28.79 19.58
C CYS A 111 28.57 27.53 20.43
N TRP A 112 28.60 26.36 19.78
CA TRP A 112 28.92 25.12 20.47
C TRP A 112 30.37 25.09 20.95
N ASP A 113 31.29 25.62 20.13
CA ASP A 113 32.71 25.78 20.50
C ASP A 113 32.80 26.57 21.82
N ILE A 114 32.13 27.72 21.85
CA ILE A 114 32.02 28.52 23.07
C ILE A 114 31.41 27.74 24.25
N ALA A 115 30.28 27.07 24.01
CA ALA A 115 29.55 26.36 25.07
C ALA A 115 30.40 25.26 25.71
N ALA A 116 31.15 24.54 24.87
CA ALA A 116 32.04 23.49 25.34
C ALA A 116 33.22 24.05 26.15
N GLN A 117 33.81 25.14 25.67
CA GLN A 117 34.89 25.85 26.39
C GLN A 117 34.40 26.32 27.76
N ALA A 118 33.23 26.94 27.81
CA ALA A 118 32.67 27.41 29.07
C ALA A 118 32.45 26.27 30.07
N ALA A 119 32.06 25.11 29.57
CA ALA A 119 31.83 23.94 30.43
C ALA A 119 33.12 23.15 30.70
N GLY A 120 34.20 23.57 30.05
CA GLY A 120 35.52 22.99 30.24
C GLY A 120 35.65 21.59 29.67
N LEU A 121 35.06 21.37 28.49
CA LEU A 121 34.96 20.04 27.91
C LEU A 121 35.21 20.08 26.39
N PRO A 122 35.89 19.05 25.85
CA PRO A 122 35.93 18.94 24.38
C PRO A 122 34.52 18.71 23.86
N LEU A 123 34.28 19.11 22.62
CA LEU A 123 32.95 19.02 22.02
C LEU A 123 32.37 17.59 22.05
N CYS A 124 33.18 16.58 21.76
CA CYS A 124 32.71 15.18 21.82
C CYS A 124 32.13 14.82 23.19
N ASP A 125 32.67 15.43 24.24
CA ASP A 125 32.18 15.17 25.59
C ASP A 125 30.94 15.99 25.96
N MET A 126 30.63 16.99 25.14
CA MET A 126 29.44 17.85 25.29
C MET A 126 28.25 17.34 24.45
N THR A 127 28.53 16.43 23.52
CA THR A 127 27.53 15.91 22.60
C THR A 127 27.27 14.43 22.88
N GLY A 128 27.33 14.07 24.15
CA GLY A 128 26.96 12.73 24.60
C GLY A 128 28.10 11.96 25.23
N GLY A 129 29.35 12.34 24.94
CA GLY A 129 30.50 11.64 25.52
C GLY A 129 31.31 10.89 24.50
N ARG A 130 32.62 10.95 24.65
CA ARG A 130 33.57 10.22 23.81
C ARG A 130 33.29 8.72 23.82
N VAL A 131 33.15 8.15 22.63
CA VAL A 131 33.15 6.70 22.40
C VAL A 131 34.61 6.26 22.28
N ALA A 132 34.98 5.20 22.97
CA ALA A 132 36.37 4.73 23.01
C ALA A 132 36.95 4.39 21.62
N GLY A 133 38.22 4.73 21.43
CA GLY A 133 38.96 4.36 20.23
C GLY A 133 38.86 5.40 19.13
N PRO A 134 39.80 5.35 18.14
CA PRO A 134 39.77 6.25 17.00
C PRO A 134 38.55 6.00 16.13
N VAL A 135 38.06 7.04 15.47
CA VAL A 135 37.06 6.86 14.43
C VAL A 135 37.79 6.58 13.12
N PRO A 136 37.32 5.57 12.38
CA PRO A 136 37.85 5.29 11.05
C PRO A 136 37.60 6.49 10.14
N VAL A 137 38.52 6.76 9.21
CA VAL A 137 38.36 7.88 8.29
C VAL A 137 38.07 7.43 6.85
N ILE A 138 37.30 8.23 6.14
CA ILE A 138 36.86 7.94 4.77
C ILE A 138 37.42 8.95 3.77
N SER A 139 37.81 8.43 2.61
CA SER A 139 38.34 9.21 1.50
C SER A 139 37.23 9.73 0.59
N SER A 140 37.59 10.71 -0.24
CA SER A 140 36.68 11.22 -1.25
C SER A 140 37.34 11.03 -2.61
N ILE A 141 36.96 9.96 -3.31
CA ILE A 141 37.65 9.56 -4.53
C ILE A 141 36.93 10.12 -5.75
N GLY A 142 37.41 11.27 -6.23
CA GLY A 142 36.82 11.94 -7.40
C GLY A 142 36.82 11.10 -8.67
N GLY A 143 35.88 11.40 -9.56
CA GLY A 143 35.74 10.65 -10.80
C GLY A 143 36.98 10.67 -11.68
N ASP A 144 37.29 9.51 -12.26
CA ASP A 144 38.38 9.35 -13.23
C ASP A 144 38.19 7.98 -13.88
N THR A 145 39.20 7.52 -14.63
CA THR A 145 39.21 6.16 -15.18
C THR A 145 39.21 5.15 -14.03
N PRO A 146 38.73 3.92 -14.27
CA PRO A 146 38.78 2.92 -13.20
C PRO A 146 40.17 2.76 -12.56
N GLU A 147 41.22 2.73 -13.38
CA GLU A 147 42.58 2.50 -12.86
C GLU A 147 43.11 3.69 -12.03
N ALA A 148 42.85 4.89 -12.53
CA ALA A 148 43.22 6.12 -11.81
C ALA A 148 42.50 6.22 -10.46
N MET A 149 41.23 5.87 -10.44
CA MET A 149 40.43 5.88 -9.21
C MET A 149 40.95 4.81 -8.23
N ARG A 150 41.27 3.63 -8.76
CA ARG A 150 41.79 2.54 -7.95
C ARG A 150 43.14 2.91 -7.29
N ALA A 151 43.98 3.62 -8.05
CA ALA A 151 45.24 4.16 -7.52
C ALA A 151 45.00 5.14 -6.35
N LYS A 152 43.99 6.00 -6.46
CA LYS A 152 43.71 6.95 -5.38
C LYS A 152 43.24 6.24 -4.11
N VAL A 153 42.40 5.22 -4.27
CA VAL A 153 42.04 4.31 -3.17
C VAL A 153 43.29 3.74 -2.50
N ALA A 154 44.22 3.26 -3.32
CA ALA A 154 45.46 2.62 -2.85
C ALA A 154 46.33 3.59 -2.02
N ARG A 155 46.45 4.84 -2.49
CA ARG A 155 47.17 5.90 -1.75
C ARG A 155 46.53 6.18 -0.39
N HIS A 156 45.21 6.32 -0.37
CA HIS A 156 44.48 6.54 0.87
C HIS A 156 44.59 5.35 1.79
N ARG A 157 44.60 4.14 1.23
CA ARG A 157 44.77 2.92 2.02
C ARG A 157 46.09 2.98 2.77
N ALA A 158 47.15 3.36 2.06
CA ALA A 158 48.50 3.47 2.64
C ALA A 158 48.56 4.49 3.78
N GLN A 159 47.73 5.53 3.70
CA GLN A 159 47.68 6.56 4.75
C GLN A 159 46.85 6.20 5.98
N GLY A 160 46.19 5.05 5.95
CA GLY A 160 45.40 4.58 7.09
C GLY A 160 43.91 4.82 7.00
N PHE A 161 43.44 5.20 5.80
CA PHE A 161 41.99 5.30 5.54
C PHE A 161 41.34 3.91 5.47
N LYS A 162 40.13 3.79 6.04
CA LYS A 162 39.41 2.52 6.01
C LYS A 162 38.13 2.58 5.18
N GLY A 163 37.54 3.77 5.07
CA GLY A 163 36.39 3.97 4.19
C GLY A 163 36.79 4.62 2.88
N HIS A 164 36.02 4.37 1.83
CA HIS A 164 36.21 5.05 0.56
C HIS A 164 34.89 5.40 -0.08
N SER A 165 34.73 6.68 -0.43
CA SER A 165 33.55 7.17 -1.14
C SER A 165 33.91 7.39 -2.60
N ILE A 166 33.47 6.48 -3.45
CA ILE A 166 33.88 6.49 -4.87
C ILE A 166 32.84 7.21 -5.74
N LYS A 167 33.27 8.27 -6.44
CA LYS A 167 32.34 9.12 -7.19
C LYS A 167 32.04 8.54 -8.57
N ILE A 168 30.78 8.18 -8.79
CA ILE A 168 30.35 7.53 -10.03
C ILE A 168 29.31 8.38 -10.75
N GLY A 169 28.98 8.01 -11.97
CA GLY A 169 27.97 8.72 -12.75
C GLY A 169 28.50 9.15 -14.11
N ALA A 170 28.59 8.19 -15.03
CA ALA A 170 29.14 8.42 -16.36
C ALA A 170 28.04 8.77 -17.34
N SER A 171 28.33 9.70 -18.25
CA SER A 171 27.41 9.97 -19.35
C SER A 171 27.40 8.75 -20.28
N GLU A 172 26.36 8.62 -21.10
CA GLU A 172 26.33 7.55 -22.09
C GLU A 172 27.56 7.61 -23.00
N ALA A 173 27.93 8.82 -23.41
CA ALA A 173 29.12 9.01 -24.26
C ALA A 173 30.40 8.46 -23.61
N GLU A 174 30.52 8.61 -22.29
CA GLU A 174 31.69 8.16 -21.55
C GLU A 174 31.73 6.64 -21.39
N GLY A 175 30.60 5.99 -21.63
CA GLY A 175 30.50 4.56 -21.41
C GLY A 175 29.39 4.16 -20.46
N GLY A 176 28.68 5.15 -19.90
CA GLY A 176 27.48 4.92 -19.09
C GLY A 176 27.59 3.92 -17.92
N PRO A 177 26.51 3.17 -17.65
CA PRO A 177 26.48 2.22 -16.53
C PRO A 177 27.68 1.27 -16.52
N ALA A 178 28.06 0.74 -17.68
CA ALA A 178 29.19 -0.20 -17.74
C ALA A 178 30.47 0.43 -17.18
N LEU A 179 30.72 1.70 -17.48
CA LEU A 179 31.89 2.41 -16.92
C LEU A 179 31.80 2.55 -15.40
N ASP A 180 30.62 2.91 -14.90
CA ASP A 180 30.43 3.02 -13.44
C ASP A 180 30.61 1.68 -12.78
N ALA A 181 30.12 0.62 -13.43
CA ALA A 181 30.29 -0.73 -12.90
C ALA A 181 31.77 -1.10 -12.85
N GLU A 182 32.51 -0.76 -13.91
CA GLU A 182 33.97 -0.99 -13.97
C GLU A 182 34.74 -0.19 -12.90
N ARG A 183 34.37 1.08 -12.71
CA ARG A 183 34.94 1.94 -11.66
C ARG A 183 34.77 1.32 -10.27
N ILE A 184 33.55 0.86 -9.97
CA ILE A 184 33.27 0.19 -8.70
C ILE A 184 34.11 -1.07 -8.50
N THR A 185 34.15 -1.94 -9.52
CA THR A 185 34.94 -3.17 -9.43
CA THR A 185 34.94 -3.18 -9.45
C THR A 185 36.43 -2.88 -9.23
N ALA A 186 36.98 -1.97 -10.03
CA ALA A 186 38.38 -1.57 -9.89
C ALA A 186 38.69 -0.96 -8.51
N CYS A 187 37.80 -0.12 -8.01
CA CYS A 187 38.04 0.52 -6.72
C CYS A 187 38.02 -0.45 -5.55
N LEU A 188 37.35 -1.58 -5.75
CA LEU A 188 37.25 -2.62 -4.73
C LEU A 188 38.22 -3.79 -4.93
N ALA A 189 39.05 -3.73 -5.98
CA ALA A 189 39.90 -4.87 -6.36
C ALA A 189 41.03 -5.18 -5.37
N ASP A 190 41.51 -4.16 -4.64
CA ASP A 190 42.64 -4.33 -3.70
C ASP A 190 42.18 -4.31 -2.25
N ARG A 191 40.89 -4.57 -2.08
CA ARG A 191 40.21 -4.48 -0.79
C ARG A 191 40.86 -5.34 0.31
N GLN A 192 41.03 -4.75 1.49
CA GLN A 192 41.56 -5.45 2.66
C GLN A 192 40.50 -5.54 3.77
N PRO A 193 40.68 -6.49 4.73
CA PRO A 193 39.80 -6.62 5.89
C PRO A 193 39.50 -5.30 6.59
N GLY A 194 38.22 -5.08 6.91
CA GLY A 194 37.78 -3.95 7.71
C GLY A 194 37.53 -2.66 6.96
N GLU A 195 37.43 -2.74 5.64
CA GLU A 195 37.18 -1.58 4.80
C GLU A 195 35.70 -1.47 4.44
N TRP A 196 35.29 -0.27 4.01
CA TRP A 196 33.88 0.00 3.73
C TRP A 196 33.80 0.93 2.52
N TYR A 197 32.88 0.63 1.60
CA TYR A 197 32.80 1.38 0.36
C TYR A 197 31.42 1.94 0.06
N LEU A 198 31.44 3.18 -0.40
CA LEU A 198 30.25 3.89 -0.83
CA LEU A 198 30.25 3.88 -0.80
C LEU A 198 30.40 4.22 -2.30
N ALA A 199 29.40 3.86 -3.11
CA ALA A 199 29.37 4.33 -4.50
C ALA A 199 28.46 5.54 -4.55
N ASP A 200 29.06 6.72 -4.65
CA ASP A 200 28.35 8.03 -4.60
C ASP A 200 28.15 8.63 -6.00
N ALA A 201 26.90 8.66 -6.43
CA ALA A 201 26.50 9.22 -7.72
C ALA A 201 26.15 10.71 -7.63
N ASN A 202 26.18 11.25 -6.40
CA ASN A 202 25.82 12.66 -6.19
C ASN A 202 24.58 13.09 -6.95
N ASN A 203 23.51 12.31 -6.78
CA ASN A 203 22.21 12.61 -7.36
C ASN A 203 22.25 12.66 -8.89
N GLY A 204 23.16 11.89 -9.50
CA GLY A 204 23.46 12.05 -10.94
C GLY A 204 22.97 10.99 -11.90
N LEU A 205 22.33 9.94 -11.39
CA LEU A 205 21.87 8.84 -12.27
C LEU A 205 20.38 8.94 -12.56
N THR A 206 19.99 8.64 -13.79
CA THR A 206 18.60 8.28 -14.04
C THR A 206 18.34 6.91 -13.41
N VAL A 207 17.07 6.62 -13.13
CA VAL A 207 16.69 5.29 -12.64
C VAL A 207 17.09 4.23 -13.68
N GLU A 208 16.87 4.52 -14.95
CA GLU A 208 17.25 3.59 -16.02
C GLU A 208 18.74 3.25 -15.94
N HIS A 209 19.58 4.28 -15.77
CA HIS A 209 21.05 4.10 -15.65
C HIS A 209 21.38 3.26 -14.42
N ALA A 210 20.81 3.64 -13.28
CA ALA A 210 21.02 2.90 -12.03
C ALA A 210 20.67 1.41 -12.13
N LEU A 211 19.50 1.10 -12.69
CA LEU A 211 19.05 -0.29 -12.86
C LEU A 211 19.97 -1.09 -13.80
N ARG A 212 20.36 -0.46 -14.91
CA ARG A 212 21.35 -1.09 -15.79
C ARG A 212 22.67 -1.33 -15.07
N MET A 213 23.15 -0.33 -14.34
CA MET A 213 24.36 -0.44 -13.52
C MET A 213 24.29 -1.60 -12.52
N LEU A 214 23.21 -1.66 -11.73
CA LEU A 214 22.96 -2.77 -10.78
C LEU A 214 23.01 -4.15 -11.46
N SER A 215 22.48 -4.22 -12.66
CA SER A 215 22.49 -5.47 -13.42
C SER A 215 23.91 -5.86 -13.85
N LEU A 216 24.73 -4.88 -14.23
CA LEU A 216 26.10 -5.12 -14.71
C LEU A 216 27.09 -5.50 -13.61
N LEU A 217 26.80 -5.10 -12.38
CA LEU A 217 27.70 -5.36 -11.28
C LEU A 217 27.83 -6.86 -11.00
N PRO A 218 29.08 -7.35 -10.82
CA PRO A 218 29.25 -8.74 -10.42
C PRO A 218 28.49 -8.99 -9.13
N PRO A 219 27.97 -10.22 -8.94
CA PRO A 219 27.35 -10.49 -7.65
C PRO A 219 28.40 -10.68 -6.55
N GLY A 220 27.96 -10.63 -5.30
CA GLY A 220 28.83 -10.88 -4.16
C GLY A 220 29.74 -9.71 -3.84
N LEU A 221 29.32 -8.50 -4.19
CA LEU A 221 30.09 -7.30 -3.84
C LEU A 221 29.53 -6.69 -2.56
N ASP A 222 30.42 -6.19 -1.72
CA ASP A 222 30.00 -5.46 -0.54
C ASP A 222 30.18 -3.98 -0.83
N ILE A 223 29.11 -3.37 -1.35
CA ILE A 223 29.10 -1.95 -1.70
C ILE A 223 27.78 -1.35 -1.22
N VAL A 224 27.83 -0.08 -0.79
CA VAL A 224 26.64 0.69 -0.41
C VAL A 224 26.41 1.77 -1.49
N LEU A 225 25.17 1.94 -1.96
CA LEU A 225 24.86 2.91 -3.01
C LEU A 225 24.45 4.23 -2.37
N GLU A 226 25.09 5.33 -2.76
CA GLU A 226 24.76 6.63 -2.19
C GLU A 226 24.22 7.59 -3.24
N ALA A 227 23.14 8.30 -2.87
CA ALA A 227 22.64 9.43 -3.65
C ALA A 227 22.48 9.08 -5.13
N PRO A 228 21.68 8.06 -5.44
CA PRO A 228 21.64 7.62 -6.83
C PRO A 228 20.97 8.62 -7.78
N CYS A 229 19.92 9.31 -7.32
CA CYS A 229 19.05 10.09 -8.21
C CYS A 229 18.81 11.53 -7.77
N ALA A 230 18.33 12.34 -8.70
CA ALA A 230 18.24 13.79 -8.50
C ALA A 230 17.01 14.22 -7.69
N SER A 231 16.02 13.34 -7.59
CA SER A 231 14.78 13.72 -6.93
C SER A 231 14.24 12.64 -6.02
N TRP A 232 13.30 13.02 -5.16
N TRP A 232 13.31 13.02 -5.14
CA TRP A 232 12.65 12.11 -4.23
CA TRP A 232 12.63 12.11 -4.22
C TRP A 232 11.86 11.02 -4.94
C TRP A 232 11.88 11.01 -4.96
N ALA A 233 11.05 11.40 -5.92
CA ALA A 233 10.23 10.45 -6.69
C ALA A 233 11.07 9.42 -7.46
N GLU A 234 12.18 9.87 -8.05
CA GLU A 234 13.11 8.95 -8.75
C GLU A 234 13.75 8.00 -7.77
N THR A 235 14.19 8.52 -6.63
CA THR A 235 14.84 7.66 -5.63
C THR A 235 13.88 6.58 -5.11
N LYS A 236 12.61 6.97 -4.95
CA LYS A 236 11.58 6.01 -4.51
C LYS A 236 11.36 4.90 -5.53
N SER A 237 11.42 5.25 -6.81
CA SER A 237 11.23 4.28 -7.89
C SER A 237 12.38 3.26 -7.88
N LEU A 238 13.60 3.75 -7.75
CA LEU A 238 14.78 2.88 -7.70
C LEU A 238 14.77 1.98 -6.48
N ARG A 239 14.39 2.54 -5.34
CA ARG A 239 14.31 1.83 -4.07
C ARG A 239 13.40 0.60 -4.15
N ALA A 240 12.29 0.70 -4.90
CA ALA A 240 11.36 -0.40 -5.06
C ALA A 240 12.02 -1.58 -5.78
N ARG A 241 13.12 -1.32 -6.48
CA ARG A 241 13.77 -2.30 -7.37
C ARG A 241 15.29 -2.41 -7.14
N CYS A 242 15.75 -2.12 -5.93
CA CYS A 242 17.18 -2.15 -5.58
C CYS A 242 17.40 -2.96 -4.31
N ALA A 243 18.25 -3.98 -4.40
CA ALA A 243 18.54 -4.85 -3.26
C ALA A 243 19.76 -4.40 -2.43
N LEU A 244 20.55 -3.47 -2.98
CA LEU A 244 21.70 -2.90 -2.26
C LEU A 244 21.25 -1.92 -1.18
N PRO A 245 22.00 -1.80 -0.07
CA PRO A 245 21.66 -0.74 0.90
C PRO A 245 21.84 0.61 0.25
N LEU A 246 20.96 1.54 0.60
CA LEU A 246 20.90 2.83 -0.04
C LEU A 246 21.15 3.91 1.00
N LEU A 247 22.04 4.85 0.68
CA LEU A 247 22.33 5.96 1.57
C LEU A 247 21.97 7.26 0.85
N LEU A 248 21.21 8.12 1.52
CA LEU A 248 20.83 9.40 0.94
C LEU A 248 21.68 10.53 1.50
N ASP A 249 22.00 11.51 0.65
CA ASP A 249 22.92 12.57 1.01
C ASP A 249 22.30 13.93 0.70
N GLU A 250 22.40 14.36 -0.55
CA GLU A 250 21.80 15.63 -1.00
C GLU A 250 20.34 15.79 -0.59
N LEU A 251 19.56 14.70 -0.70
CA LEU A 251 18.13 14.76 -0.40
C LEU A 251 17.79 14.92 1.09
N ILE A 252 18.78 14.71 1.95
CA ILE A 252 18.57 14.86 3.39
C ILE A 252 19.31 16.11 3.87
N GLN A 253 18.55 17.17 4.14
CA GLN A 253 19.11 18.41 4.66
C GLN A 253 18.45 18.79 5.98
N THR A 254 17.13 18.65 6.05
CA THR A 254 16.39 19.06 7.24
C THR A 254 15.99 17.85 8.08
N GLU A 255 15.49 18.11 9.29
CA GLU A 255 14.97 17.03 10.15
C GLU A 255 13.72 16.43 9.53
N THR A 256 12.89 17.27 8.91
CA THR A 256 11.68 16.78 8.25
C THR A 256 12.01 15.90 7.03
N ASP A 257 13.16 16.16 6.39
CA ASP A 257 13.63 15.30 5.29
C ASP A 257 13.81 13.86 5.79
N LEU A 258 14.42 13.69 6.97
CA LEU A 258 14.62 12.37 7.54
C LEU A 258 13.31 11.68 7.88
N ILE A 259 12.35 12.44 8.41
CA ILE A 259 11.02 11.90 8.69
C ILE A 259 10.37 11.36 7.40
N ALA A 260 10.48 12.14 6.32
CA ALA A 260 9.91 11.72 5.03
C ALA A 260 10.55 10.43 4.54
N ALA A 261 11.87 10.34 4.71
CA ALA A 261 12.62 9.16 4.32
C ALA A 261 12.17 7.91 5.10
N ILE A 262 11.91 8.08 6.39
CA ILE A 262 11.40 7.01 7.26
C ILE A 262 9.99 6.59 6.81
N ARG A 263 9.11 7.56 6.64
CA ARG A 263 7.75 7.29 6.19
C ARG A 263 7.71 6.49 4.89
N ASP A 264 8.60 6.83 3.95
CA ASP A 264 8.66 6.18 2.65
C ASP A 264 9.57 4.93 2.64
N ASP A 265 10.17 4.60 3.78
CA ASP A 265 11.19 3.52 3.89
C ASP A 265 12.19 3.65 2.73
N LEU A 266 12.76 4.83 2.62
CA LEU A 266 13.50 5.21 1.43
C LEU A 266 14.97 4.80 1.47
N CYS A 267 15.54 4.66 2.67
CA CYS A 267 16.99 4.41 2.75
C CYS A 267 17.44 3.74 4.05
N ASP A 268 18.67 3.24 4.04
CA ASP A 268 19.20 2.46 5.14
C ASP A 268 20.32 3.22 5.85
N GLY A 269 20.65 4.39 5.30
CA GLY A 269 21.73 5.19 5.84
C GLY A 269 21.61 6.63 5.38
N VAL A 270 22.36 7.50 6.05
CA VAL A 270 22.37 8.90 5.68
C VAL A 270 23.78 9.48 5.69
N GLY A 271 24.06 10.34 4.71
CA GLY A 271 25.28 11.13 4.71
C GLY A 271 24.99 12.44 5.42
N LEU A 272 25.45 12.53 6.66
CA LEU A 272 25.27 13.74 7.46
C LEU A 272 26.48 14.65 7.30
N LYS A 273 26.27 15.80 6.65
CA LYS A 273 27.34 16.76 6.43
C LYS A 273 27.07 17.99 7.30
N VAL A 274 28.02 18.32 8.16
CA VAL A 274 27.84 19.36 9.17
C VAL A 274 27.16 20.60 8.54
N SER A 275 27.75 21.16 7.49
CA SER A 275 27.23 22.40 6.91
C SER A 275 26.00 22.23 6.00
N LYS A 276 25.75 21.00 5.53
CA LYS A 276 24.52 20.70 4.80
C LYS A 276 23.35 20.67 5.79
N GLN A 277 23.54 19.97 6.91
CA GLN A 277 22.48 19.81 7.90
C GLN A 277 22.27 21.12 8.67
N GLY A 278 23.32 21.92 8.81
CA GLY A 278 23.20 23.27 9.40
C GLY A 278 23.87 23.51 10.74
N GLY A 279 24.84 22.65 11.09
CA GLY A 279 25.64 22.89 12.28
C GLY A 279 25.56 21.74 13.26
N ILE A 280 26.09 21.95 14.45
CA ILE A 280 26.06 20.93 15.50
C ILE A 280 24.63 20.64 15.94
N THR A 281 23.84 21.68 16.16
CA THR A 281 22.45 21.50 16.62
C THR A 281 21.63 20.54 15.74
N PRO A 282 21.52 20.80 14.42
CA PRO A 282 20.74 19.84 13.63
C PRO A 282 21.45 18.48 13.39
N MET A 283 22.78 18.45 13.40
CA MET A 283 23.50 17.17 13.35
C MET A 283 23.04 16.27 14.51
N LEU A 284 22.94 16.84 15.71
CA LEU A 284 22.44 16.11 16.87
C LEU A 284 20.98 15.65 16.76
N ARG A 285 20.11 16.54 16.27
CA ARG A 285 18.72 16.18 16.02
C ARG A 285 18.61 15.05 15.02
N GLN A 286 19.34 15.18 13.92
CA GLN A 286 19.31 14.20 12.86
C GLN A 286 19.96 12.89 13.26
N ARG A 287 21.01 12.96 14.07
CA ARG A 287 21.61 11.74 14.63
C ARG A 287 20.60 10.99 15.49
N ALA A 288 19.84 11.72 16.31
CA ALA A 288 18.85 11.09 17.19
C ALA A 288 17.77 10.33 16.39
N ILE A 289 17.29 10.98 15.34
CA ILE A 289 16.30 10.38 14.41
C ILE A 289 16.88 9.18 13.67
N ALA A 290 18.04 9.37 13.03
CA ALA A 290 18.69 8.27 12.28
C ALA A 290 19.01 7.08 13.19
N ALA A 291 19.53 7.35 14.38
CA ALA A 291 19.91 6.30 15.32
C ALA A 291 18.67 5.49 15.74
N ALA A 292 17.58 6.19 15.99
CA ALA A 292 16.31 5.57 16.36
C ALA A 292 15.79 4.66 15.25
N ALA A 293 16.04 5.05 14.00
CA ALA A 293 15.60 4.29 12.84
C ALA A 293 16.59 3.21 12.43
N GLY A 294 17.71 3.13 13.14
CA GLY A 294 18.77 2.19 12.78
C GLY A 294 19.47 2.52 11.47
N MET A 295 19.42 3.79 11.06
CA MET A 295 20.11 4.18 9.83
C MET A 295 21.58 4.39 10.16
N VAL A 296 22.46 3.74 9.40
CA VAL A 296 23.89 4.03 9.49
C VAL A 296 24.16 5.46 9.06
N MET A 297 25.25 6.05 9.56
CA MET A 297 25.54 7.47 9.36
C MET A 297 27.00 7.66 8.97
N SER A 298 27.25 8.22 7.79
CA SER A 298 28.59 8.69 7.49
C SER A 298 28.69 10.17 7.89
N VAL A 299 29.56 10.45 8.85
CA VAL A 299 29.70 11.80 9.42
C VAL A 299 30.77 12.53 8.63
N GLN A 300 30.34 13.55 7.88
CA GLN A 300 31.19 14.25 6.92
C GLN A 300 30.91 15.76 6.98
N ASP A 301 31.41 16.48 5.99
CA ASP A 301 31.00 17.85 5.68
C ASP A 301 31.07 17.92 4.17
N THR A 302 30.65 19.03 3.59
CA THR A 302 30.76 19.26 2.15
C THR A 302 32.23 19.15 1.78
N VAL A 303 33.03 19.98 2.45
CA VAL A 303 34.49 20.04 2.34
C VAL A 303 34.88 21.13 3.33
N GLY A 304 36.16 21.21 3.66
CA GLY A 304 36.60 22.30 4.50
C GLY A 304 38.03 22.19 4.97
N SER A 305 38.42 23.12 5.82
CA SER A 305 39.74 23.14 6.45
C SER A 305 39.75 22.30 7.73
N GLN A 306 40.72 22.58 8.59
CA GLN A 306 40.81 21.94 9.92
C GLN A 306 39.64 22.34 10.81
N ILE A 307 39.07 23.52 10.57
CA ILE A 307 37.94 24.03 11.36
C ILE A 307 36.69 23.18 11.07
N SER A 308 36.44 22.90 9.79
CA SER A 308 35.41 21.92 9.40
C SER A 308 35.72 20.56 10.02
N PHE A 309 36.97 20.10 9.88
CA PHE A 309 37.36 18.78 10.37
C PHE A 309 37.11 18.60 11.88
N ALA A 310 37.36 19.65 12.67
CA ALA A 310 37.15 19.57 14.12
C ALA A 310 35.70 19.28 14.46
N ALA A 311 34.78 19.93 13.74
CA ALA A 311 33.35 19.71 13.98
C ALA A 311 32.97 18.27 13.61
N ILE A 312 33.41 17.84 12.43
CA ILE A 312 33.19 16.47 11.95
C ILE A 312 33.69 15.45 12.96
N LEU A 313 34.92 15.67 13.43
CA LEU A 313 35.61 14.68 14.26
C LEU A 313 34.95 14.54 15.62
N HIS A 314 34.63 15.66 16.26
CA HIS A 314 34.01 15.61 17.58
C HIS A 314 32.65 14.93 17.53
N LEU A 315 31.89 15.19 16.48
CA LEU A 315 30.58 14.57 16.28
C LEU A 315 30.69 13.07 16.02
N ALA A 316 31.58 12.67 15.11
CA ALA A 316 31.88 11.26 14.88
C ALA A 316 32.32 10.53 16.15
N GLN A 317 33.14 11.21 16.96
CA GLN A 317 33.69 10.63 18.20
C GLN A 317 32.62 10.30 19.25
N SER A 318 31.49 10.99 19.18
CA SER A 318 30.40 10.75 20.12
C SER A 318 29.24 9.95 19.50
N THR A 319 29.43 9.45 18.27
CA THR A 319 28.43 8.62 17.58
C THR A 319 28.68 7.15 17.89
N PRO A 320 27.60 6.39 18.19
CA PRO A 320 27.77 4.94 18.46
C PRO A 320 28.44 4.24 17.27
N ARG A 321 29.44 3.44 17.57
CA ARG A 321 30.32 2.88 16.55
C ARG A 321 29.58 1.94 15.58
N HIS A 322 28.58 1.21 16.08
CA HIS A 322 27.86 0.27 15.21
C HIS A 322 26.99 0.95 14.12
N LEU A 323 26.66 2.22 14.30
CA LEU A 323 25.96 3.00 13.29
C LEU A 323 26.88 3.93 12.48
N LEU A 324 28.02 4.29 13.05
CA LEU A 324 28.95 5.19 12.36
C LEU A 324 29.56 4.48 11.15
N ARG A 325 29.63 5.20 10.04
CA ARG A 325 30.32 4.73 8.85
C ARG A 325 31.38 5.76 8.47
N CYS A 326 32.45 5.82 9.26
CA CYS A 326 33.58 6.74 9.06
C CYS A 326 33.29 8.22 9.29
N ALA A 327 34.38 8.97 9.52
CA ALA A 327 34.36 10.42 9.50
C ALA A 327 35.21 10.89 8.32
N LEU A 328 34.75 11.95 7.64
CA LEU A 328 35.51 12.53 6.54
C LEU A 328 36.71 13.30 7.07
N ASP A 329 37.89 12.94 6.59
CA ASP A 329 39.11 13.67 6.92
C ASP A 329 39.32 14.67 5.80
N THR A 330 38.89 15.91 6.03
CA THR A 330 38.96 16.95 5.01
C THR A 330 40.38 17.37 4.64
N ARG A 331 41.37 16.99 5.46
CA ARG A 331 42.76 17.38 5.21
C ARG A 331 43.30 16.69 3.95
N ALA A 332 42.72 15.54 3.60
CA ALA A 332 43.06 14.85 2.35
C ALA A 332 42.40 15.49 1.10
N MET A 333 41.45 16.40 1.32
CA MET A 333 40.70 16.99 0.22
C MET A 333 41.25 18.35 -0.22
N THR A 334 41.87 19.08 0.71
CA THR A 334 42.46 20.38 0.38
C THR A 334 43.84 20.59 1.00
N THR A 335 44.61 21.49 0.40
CA THR A 335 45.92 21.89 0.90
C THR A 335 45.85 22.99 1.96
N ALA A 336 44.65 23.43 2.33
CA ALA A 336 44.50 24.53 3.30
C ALA A 336 45.09 24.26 4.69
N GLU A 337 45.67 25.30 5.28
CA GLU A 337 46.23 25.25 6.64
C GLU A 337 45.74 26.44 7.46
N LEU A 338 44.49 26.37 7.93
CA LEU A 338 43.86 27.50 8.61
C LEU A 338 43.95 27.42 10.13
N ALA A 339 44.19 26.22 10.63
CA ALA A 339 44.26 26.00 12.07
C ALA A 339 45.04 24.73 12.37
N GLU A 340 45.57 24.65 13.58
CA GLU A 340 46.13 23.41 14.11
C GLU A 340 45.09 22.63 14.92
N ILE A 341 45.08 21.32 14.71
CA ILE A 341 44.34 20.38 15.55
C ILE A 341 45.19 19.12 15.76
N ASP A 342 45.28 18.66 16.99
CA ASP A 342 46.06 17.47 17.28
C ASP A 342 45.17 16.24 17.14
N ALA A 343 45.11 15.70 15.92
CA ALA A 343 44.31 14.53 15.63
C ALA A 343 44.91 13.78 14.42
N PRO A 344 46.13 13.24 14.59
CA PRO A 344 46.77 12.58 13.44
C PRO A 344 46.17 11.21 13.18
N LEU A 345 46.38 10.70 11.97
CA LEU A 345 45.94 9.34 11.63
C LEU A 345 46.82 8.29 12.29
N ARG A 346 46.25 7.56 13.24
CA ARG A 346 46.98 6.56 14.01
C ARG A 346 46.02 5.61 14.72
N ASP A 347 46.47 4.37 14.92
CA ASP A 347 45.68 3.32 15.59
C ASP A 347 44.34 3.01 14.91
N GLY A 348 44.29 3.21 13.59
CA GLY A 348 43.11 2.86 12.79
C GLY A 348 42.23 4.03 12.37
N GLY A 349 42.64 5.25 12.74
CA GLY A 349 41.91 6.47 12.36
C GLY A 349 42.29 7.71 13.13
N ALA A 350 41.31 8.57 13.39
CA ALA A 350 41.54 9.83 14.09
C ALA A 350 40.73 9.89 15.39
N SER A 351 41.32 10.49 16.42
CA SER A 351 40.68 10.65 17.73
C SER A 351 40.54 12.12 18.05
N ALA A 352 39.35 12.52 18.48
CA ALA A 352 39.10 13.92 18.86
C ALA A 352 40.05 14.34 19.99
N PRO A 353 40.65 15.54 19.90
CA PRO A 353 41.53 15.96 21.00
C PRO A 353 40.74 16.19 22.30
N SER A 354 41.45 16.34 23.41
CA SER A 354 40.83 16.47 24.72
C SER A 354 40.69 17.91 25.23
N ASP A 355 41.25 18.88 24.47
CA ASP A 355 41.18 20.31 24.84
C ASP A 355 39.72 20.76 24.86
N PRO A 356 39.38 21.74 25.75
CA PRO A 356 38.01 22.27 25.76
C PRO A 356 37.63 22.93 24.43
N GLY A 357 36.37 22.82 24.05
CA GLY A 357 35.90 23.35 22.76
C GLY A 357 36.19 22.40 21.61
N LEU A 358 36.40 22.98 20.42
CA LEU A 358 36.72 22.19 19.21
C LEU A 358 38.18 21.69 19.20
N GLY A 359 39.01 22.31 20.03
CA GLY A 359 40.42 21.93 20.15
C GLY A 359 41.29 22.53 19.07
N LEU A 360 40.85 23.67 18.54
CA LEU A 360 41.54 24.34 17.44
C LEU A 360 42.53 25.39 17.94
N ARG A 361 43.63 25.54 17.22
CA ARG A 361 44.51 26.70 17.37
C ARG A 361 44.48 27.41 16.02
N VAL A 362 43.62 28.42 15.93
CA VAL A 362 43.35 29.08 14.65
C VAL A 362 44.44 30.11 14.33
N ASN A 363 44.92 30.04 13.10
CA ASN A 363 45.84 31.04 12.60
C ASN A 363 45.05 32.22 12.04
N ARG A 364 44.82 33.22 12.90
CA ARG A 364 44.04 34.40 12.54
C ARG A 364 44.58 35.13 11.31
N ASP A 365 45.91 35.17 11.18
CA ASP A 365 46.60 35.77 10.03
C ASP A 365 46.25 35.09 8.71
N ALA A 366 46.04 33.78 8.75
CA ALA A 366 45.72 33.01 7.55
C ALA A 366 44.30 33.27 7.02
N LEU A 367 43.48 33.98 7.78
CA LEU A 367 42.06 34.16 7.44
C LEU A 367 41.75 35.48 6.73
N GLY A 368 42.70 36.39 6.75
CA GLY A 368 42.54 37.69 6.15
C GLY A 368 41.81 38.63 7.09
N THR A 369 41.80 39.91 6.72
CA THR A 369 40.90 40.91 7.29
C THR A 369 39.48 40.39 7.11
N PRO A 370 38.66 40.41 8.19
CA PRO A 370 37.26 39.99 8.02
C PRO A 370 36.57 40.81 6.94
N VAL A 371 35.74 40.14 6.14
CA VAL A 371 34.97 40.79 5.10
C VAL A 371 33.81 41.60 5.69
N LYS A 372 33.35 41.20 6.87
CA LYS A 372 32.31 41.90 7.59
C LYS A 372 32.40 41.61 9.09
N THR A 373 32.04 42.60 9.90
CA THR A 373 32.02 42.46 11.35
C THR A 373 30.69 42.97 11.91
N PHE A 374 30.14 42.22 12.87
CA PHE A 374 28.91 42.62 13.56
C PHE A 374 29.15 42.79 15.05
N GLY A 375 28.59 43.85 15.62
CA GLY A 375 28.63 44.08 17.07
C GLY A 375 29.91 44.72 17.57
N LEU B 3 -22.63 -22.99 -42.41
CA LEU B 3 -23.05 -21.56 -42.37
C LEU B 3 -21.90 -20.59 -42.66
N LYS B 4 -22.12 -19.75 -43.67
CA LYS B 4 -21.09 -18.87 -44.19
C LYS B 4 -21.66 -17.45 -44.36
N ILE B 5 -20.90 -16.44 -43.96
CA ILE B 5 -21.19 -15.04 -44.29
C ILE B 5 -20.88 -14.83 -45.78
N THR B 6 -21.83 -14.30 -46.54
CA THR B 6 -21.66 -14.10 -48.00
C THR B 6 -21.75 -12.66 -48.50
N ARG B 7 -22.42 -11.79 -47.74
CA ARG B 7 -22.60 -10.40 -48.17
C ARG B 7 -22.79 -9.52 -46.96
N ILE B 8 -22.16 -8.35 -47.00
CA ILE B 8 -22.28 -7.35 -45.94
C ILE B 8 -22.62 -6.01 -46.58
N ASP B 9 -23.73 -5.41 -46.15
CA ASP B 9 -24.14 -4.09 -46.62
C ASP B 9 -23.96 -3.06 -45.52
N ILE B 10 -23.25 -1.98 -45.83
CA ILE B 10 -23.04 -0.88 -44.89
C ILE B 10 -23.95 0.27 -45.29
N HIS B 11 -24.77 0.75 -44.36
CA HIS B 11 -25.68 1.86 -44.63
C HIS B 11 -25.31 3.06 -43.76
N ARG B 12 -25.60 4.25 -44.26
CA ARG B 12 -25.50 5.49 -43.49
C ARG B 12 -26.88 6.14 -43.44
N THR B 13 -27.33 6.49 -42.24
CA THR B 13 -28.61 7.22 -42.13
C THR B 13 -28.66 8.21 -40.99
N ASP B 14 -29.29 9.35 -41.26
CA ASP B 14 -29.41 10.43 -40.28
C ASP B 14 -30.57 10.18 -39.29
N LEU B 15 -30.29 10.24 -37.99
CA LEU B 15 -31.33 10.09 -36.97
C LEU B 15 -31.59 11.45 -36.33
N PRO B 16 -32.66 12.16 -36.75
CA PRO B 16 -32.94 13.47 -36.15
C PRO B 16 -33.23 13.36 -34.66
N VAL B 17 -32.73 14.32 -33.89
CA VAL B 17 -33.02 14.39 -32.46
C VAL B 17 -34.52 14.55 -32.20
N ARG B 18 -35.03 13.76 -31.26
CA ARG B 18 -36.40 13.90 -30.81
C ARG B 18 -36.44 15.02 -29.78
N GLY B 19 -37.20 16.08 -30.08
CA GLY B 19 -37.28 17.24 -29.21
C GLY B 19 -36.46 18.40 -29.75
N HIS B 31 -29.45 18.16 -32.45
CA HIS B 31 -29.29 18.32 -33.89
C HIS B 31 -29.73 17.03 -34.63
N SER B 32 -28.76 16.13 -34.88
CA SER B 32 -29.06 14.79 -35.40
C SER B 32 -27.87 13.85 -35.13
N TYR B 33 -28.09 12.56 -35.32
CA TYR B 33 -27.03 11.57 -35.12
C TYR B 33 -26.77 10.80 -36.41
N ASP B 34 -25.49 10.59 -36.69
CA ASP B 34 -25.07 9.92 -37.91
C ASP B 34 -24.94 8.41 -37.63
N ALA B 35 -25.91 7.63 -38.10
CA ALA B 35 -25.93 6.19 -37.81
C ALA B 35 -25.32 5.35 -38.92
N THR B 36 -24.63 4.28 -38.52
CA THR B 36 -24.17 3.28 -39.47
C THR B 36 -24.92 1.98 -39.15
N ILE B 37 -25.68 1.48 -40.13
CA ILE B 37 -26.45 0.24 -39.98
C ILE B 37 -25.91 -0.82 -40.94
N VAL B 38 -25.65 -2.01 -40.41
CA VAL B 38 -25.06 -3.07 -41.20
C VAL B 38 -26.02 -4.25 -41.33
N SER B 39 -26.18 -4.78 -42.54
CA SER B 39 -26.81 -6.08 -42.71
C SER B 39 -25.77 -7.13 -43.11
N ILE B 40 -25.91 -8.34 -42.56
CA ILE B 40 -25.05 -9.46 -42.94
C ILE B 40 -25.95 -10.56 -43.46
N GLU B 41 -25.62 -11.08 -44.65
CA GLU B 41 -26.37 -12.21 -45.23
C GLU B 41 -25.54 -13.48 -45.20
N THR B 42 -26.22 -14.62 -45.04
CA THR B 42 -25.55 -15.92 -45.05
C THR B 42 -25.88 -16.68 -46.33
N ASP B 43 -25.15 -17.76 -46.58
CA ASP B 43 -25.43 -18.64 -47.71
C ASP B 43 -26.77 -19.36 -47.57
N THR B 44 -27.26 -19.53 -46.34
CA THR B 44 -28.58 -20.13 -46.10
C THR B 44 -29.74 -19.15 -46.23
N GLY B 45 -29.43 -17.87 -46.40
CA GLY B 45 -30.47 -16.85 -46.61
C GLY B 45 -30.98 -16.16 -45.36
N LEU B 46 -30.23 -16.26 -44.26
CA LEU B 46 -30.50 -15.46 -43.07
C LEU B 46 -29.91 -14.07 -43.23
N THR B 47 -30.60 -13.08 -42.64
CA THR B 47 -30.08 -11.72 -42.56
C THR B 47 -30.03 -11.32 -41.08
N GLY B 48 -28.88 -10.80 -40.67
CA GLY B 48 -28.72 -10.23 -39.34
C GLY B 48 -28.47 -8.74 -39.48
N TRP B 49 -28.87 -7.98 -38.47
CA TRP B 49 -28.73 -6.52 -38.49
C TRP B 49 -27.97 -6.03 -37.26
N GLY B 50 -27.20 -4.96 -37.44
CA GLY B 50 -26.47 -4.34 -36.32
C GLY B 50 -26.35 -2.85 -36.56
N GLU B 51 -26.34 -2.08 -35.48
CA GLU B 51 -26.21 -0.63 -35.57
C GLU B 51 -25.06 -0.12 -34.72
N SER B 52 -24.32 0.83 -35.26
CA SER B 52 -23.39 1.60 -34.44
C SER B 52 -23.46 3.09 -34.77
N THR B 53 -23.91 3.86 -33.79
CA THR B 53 -23.95 5.32 -33.94
C THR B 53 -23.34 6.03 -32.73
N PRO B 54 -22.12 6.55 -32.92
CA PRO B 54 -21.44 7.30 -31.88
C PRO B 54 -22.24 8.52 -31.48
N PHE B 55 -22.19 8.86 -30.19
CA PHE B 55 -22.86 10.04 -29.71
C PHE B 55 -22.00 11.24 -30.06
N GLY B 56 -22.30 11.88 -31.18
CA GLY B 56 -21.43 12.92 -31.72
C GLY B 56 -20.00 12.40 -31.84
N SER B 57 -19.03 13.29 -31.70
CA SER B 57 -17.63 12.92 -31.85
C SER B 57 -16.78 13.22 -30.62
N THR B 58 -17.42 13.60 -29.52
CA THR B 58 -16.66 13.95 -28.30
C THR B 58 -17.14 13.22 -27.04
N TYR B 59 -17.97 12.19 -27.21
CA TYR B 59 -18.34 11.36 -26.08
C TYR B 59 -17.16 10.45 -25.70
N ILE B 60 -16.71 9.65 -26.67
CA ILE B 60 -15.45 8.91 -26.57
C ILE B 60 -14.70 9.06 -27.91
N ALA B 61 -13.55 8.40 -28.05
CA ALA B 61 -12.76 8.53 -29.29
C ALA B 61 -13.39 7.72 -30.41
N ALA B 62 -14.48 8.26 -30.96
CA ALA B 62 -15.24 7.61 -32.03
C ALA B 62 -16.10 8.66 -32.73
N HIS B 63 -16.27 8.50 -34.04
CA HIS B 63 -17.20 9.31 -34.81
C HIS B 63 -17.69 8.48 -36.00
N ALA B 64 -18.86 8.82 -36.54
CA ALA B 64 -19.47 8.04 -37.64
C ALA B 64 -18.57 7.82 -38.86
N GLY B 65 -17.90 8.87 -39.32
CA GLY B 65 -16.95 8.73 -40.43
C GLY B 65 -15.83 7.73 -40.13
N GLY B 66 -15.46 7.65 -38.85
CA GLY B 66 -14.45 6.72 -38.36
C GLY B 66 -14.96 5.29 -38.32
N THR B 67 -16.21 5.13 -37.92
CA THR B 67 -16.88 3.84 -37.91
C THR B 67 -16.90 3.23 -39.32
N ARG B 68 -17.30 4.02 -40.29
CA ARG B 68 -17.37 3.58 -41.68
C ARG B 68 -15.97 3.33 -42.27
N ALA B 69 -15.00 4.17 -41.92
CA ALA B 69 -13.64 3.95 -42.40
C ALA B 69 -13.03 2.64 -41.86
N ALA B 70 -13.34 2.31 -40.60
CA ALA B 70 -12.89 1.05 -40.00
C ALA B 70 -13.58 -0.18 -40.61
N LEU B 71 -14.85 -0.03 -40.98
CA LEU B 71 -15.61 -1.11 -41.60
C LEU B 71 -15.04 -1.50 -42.96
N GLU B 72 -14.41 -0.55 -43.64
CA GLU B 72 -13.70 -0.82 -44.89
C GLU B 72 -12.65 -1.93 -44.69
N LEU B 73 -12.06 -1.98 -43.49
CA LEU B 73 -11.10 -3.05 -43.16
C LEU B 73 -11.79 -4.27 -42.54
N LEU B 74 -12.73 -4.04 -41.63
CA LEU B 74 -13.36 -5.15 -40.90
C LEU B 74 -14.30 -6.04 -41.70
N ALA B 75 -15.16 -5.43 -42.52
CA ALA B 75 -16.16 -6.20 -43.27
C ALA B 75 -15.54 -7.24 -44.24
N PRO B 76 -14.58 -6.83 -45.10
CA PRO B 76 -13.98 -7.85 -45.98
C PRO B 76 -13.26 -8.96 -45.23
N ALA B 77 -12.74 -8.66 -44.05
CA ALA B 77 -11.99 -9.64 -43.25
C ALA B 77 -12.83 -10.79 -42.69
N ILE B 78 -14.14 -10.58 -42.51
CA ILE B 78 -15.00 -11.60 -41.88
C ILE B 78 -15.87 -12.35 -42.88
N LEU B 79 -15.84 -11.92 -44.14
CA LEU B 79 -16.50 -12.65 -45.23
C LEU B 79 -16.06 -14.12 -45.25
N GLY B 80 -17.03 -15.01 -45.45
CA GLY B 80 -16.77 -16.45 -45.47
C GLY B 80 -16.70 -17.13 -44.10
N MET B 81 -16.71 -16.36 -43.01
CA MET B 81 -16.67 -16.96 -41.67
C MET B 81 -18.04 -17.47 -41.24
N ASP B 82 -18.07 -18.35 -40.24
CA ASP B 82 -19.32 -18.84 -39.65
C ASP B 82 -19.76 -17.83 -38.57
N PRO B 83 -20.90 -17.14 -38.79
CA PRO B 83 -21.34 -16.05 -37.90
C PRO B 83 -21.68 -16.51 -36.48
N ARG B 84 -21.71 -17.82 -36.24
CA ARG B 84 -21.98 -18.34 -34.90
C ARG B 84 -20.72 -18.41 -34.03
N GLN B 85 -19.56 -18.29 -34.66
CA GLN B 85 -18.28 -18.46 -33.96
C GLN B 85 -17.78 -17.09 -33.50
N HIS B 86 -18.53 -16.53 -32.55
CA HIS B 86 -18.35 -15.16 -32.08
C HIS B 86 -16.93 -14.81 -31.59
N ASP B 87 -16.26 -15.72 -30.90
CA ASP B 87 -14.88 -15.44 -30.42
C ASP B 87 -13.86 -15.44 -31.56
N ARG B 88 -14.03 -16.35 -32.52
CA ARG B 88 -13.10 -16.39 -33.67
C ARG B 88 -13.32 -15.21 -34.62
N ILE B 89 -14.57 -14.80 -34.80
CA ILE B 89 -14.86 -13.58 -35.56
C ILE B 89 -14.26 -12.36 -34.84
N TRP B 90 -14.41 -12.31 -33.51
CA TRP B 90 -13.81 -11.25 -32.71
C TRP B 90 -12.29 -11.17 -32.90
N ASP B 91 -11.63 -12.34 -32.82
CA ASP B 91 -10.19 -12.44 -33.06
C ASP B 91 -9.79 -11.96 -34.45
N ARG B 92 -10.57 -12.31 -35.46
CA ARG B 92 -10.28 -11.89 -36.83
C ARG B 92 -10.34 -10.36 -36.92
N MET B 93 -11.29 -9.75 -36.22
CA MET B 93 -11.44 -8.29 -36.22
C MET B 93 -10.25 -7.63 -35.49
N ARG B 94 -9.85 -8.19 -34.36
CA ARG B 94 -8.71 -7.69 -33.59
C ARG B 94 -7.41 -7.77 -34.38
N ASP B 95 -7.24 -8.87 -35.11
CA ASP B 95 -6.03 -9.11 -35.91
C ASP B 95 -5.98 -8.22 -37.14
N THR B 96 -7.14 -7.69 -37.53
CA THR B 96 -7.29 -6.78 -38.67
C THR B 96 -7.08 -5.30 -38.31
N LEU B 97 -7.61 -4.88 -37.17
CA LEU B 97 -7.57 -3.48 -36.75
C LEU B 97 -7.72 -3.35 -35.23
N LYS B 98 -6.74 -2.71 -34.61
CA LYS B 98 -6.77 -2.48 -33.16
C LYS B 98 -7.83 -1.44 -32.81
N GLY B 99 -8.52 -1.66 -31.69
CA GLY B 99 -9.56 -0.74 -31.24
C GLY B 99 -10.72 -0.66 -32.20
N HIS B 100 -11.24 0.55 -32.38
CA HIS B 100 -12.41 0.79 -33.23
C HIS B 100 -13.56 -0.16 -32.93
N ARG B 101 -13.88 -0.29 -31.64
CA ARG B 101 -14.93 -1.18 -31.17
C ARG B 101 -16.31 -0.73 -31.67
N ASP B 102 -16.45 0.58 -31.96
CA ASP B 102 -17.65 1.11 -32.62
C ASP B 102 -17.95 0.40 -33.96
N ALA B 103 -16.89 0.16 -34.73
CA ALA B 103 -17.03 -0.55 -36.01
C ALA B 103 -17.28 -2.05 -35.79
N ARG B 104 -16.56 -2.65 -34.85
CA ARG B 104 -16.77 -4.06 -34.50
C ARG B 104 -18.22 -4.31 -34.11
N ALA B 105 -18.81 -3.36 -33.38
CA ALA B 105 -20.14 -3.54 -32.80
C ALA B 105 -21.20 -3.90 -33.82
N ALA B 106 -21.28 -3.14 -34.92
CA ALA B 106 -22.33 -3.37 -35.92
C ALA B 106 -22.24 -4.76 -36.53
N LEU B 107 -21.02 -5.22 -36.83
CA LEU B 107 -20.80 -6.55 -37.41
C LEU B 107 -21.07 -7.67 -36.42
N ASP B 108 -20.59 -7.48 -35.19
CA ASP B 108 -20.79 -8.45 -34.12
C ASP B 108 -22.27 -8.65 -33.80
N ILE B 109 -23.02 -7.55 -33.70
CA ILE B 109 -24.46 -7.62 -33.41
C ILE B 109 -25.20 -8.39 -34.50
N ALA B 110 -24.88 -8.09 -35.75
CA ALA B 110 -25.51 -8.78 -36.88
C ALA B 110 -25.24 -10.29 -36.85
N CYS B 111 -24.03 -10.69 -36.47
CA CYS B 111 -23.70 -12.12 -36.40
C CYS B 111 -24.47 -12.82 -35.29
N TRP B 112 -24.62 -12.15 -34.15
CA TRP B 112 -25.44 -12.70 -33.06
C TRP B 112 -26.92 -12.81 -33.43
N ASP B 113 -27.42 -11.84 -34.20
CA ASP B 113 -28.80 -11.83 -34.69
C ASP B 113 -29.02 -13.12 -35.52
N ILE B 114 -28.12 -13.34 -36.49
CA ILE B 114 -28.11 -14.57 -37.28
C ILE B 114 -28.04 -15.82 -36.40
N ALA B 115 -27.10 -15.84 -35.47
CA ALA B 115 -26.85 -17.02 -34.63
C ALA B 115 -28.09 -17.40 -33.82
N ALA B 116 -28.74 -16.38 -33.24
CA ALA B 116 -29.96 -16.60 -32.47
C ALA B 116 -31.10 -17.09 -33.37
N GLN B 117 -31.18 -16.54 -34.59
CA GLN B 117 -32.16 -17.00 -35.59
C GLN B 117 -31.94 -18.48 -35.94
N ALA B 118 -30.68 -18.86 -36.15
CA ALA B 118 -30.37 -20.24 -36.55
C ALA B 118 -30.67 -21.22 -35.42
N ALA B 119 -30.60 -20.73 -34.19
CA ALA B 119 -30.87 -21.54 -33.00
C ALA B 119 -32.35 -21.53 -32.62
N GLY B 120 -33.13 -20.68 -33.29
CA GLY B 120 -34.55 -20.55 -33.02
C GLY B 120 -34.85 -19.92 -31.67
N LEU B 121 -34.02 -18.98 -31.25
CA LEU B 121 -34.17 -18.34 -29.94
C LEU B 121 -34.19 -16.82 -30.04
N PRO B 122 -34.96 -16.16 -29.17
CA PRO B 122 -34.70 -14.72 -29.02
C PRO B 122 -33.30 -14.53 -28.42
N LEU B 123 -32.67 -13.40 -28.72
CA LEU B 123 -31.31 -13.15 -28.25
C LEU B 123 -31.19 -13.24 -26.74
N CYS B 124 -32.21 -12.77 -26.02
CA CYS B 124 -32.19 -12.84 -24.55
C CYS B 124 -32.11 -14.28 -24.06
N ASP B 125 -32.68 -15.22 -24.82
CA ASP B 125 -32.60 -16.64 -24.45
C ASP B 125 -31.31 -17.31 -24.93
N MET B 126 -30.61 -16.68 -25.87
CA MET B 126 -29.29 -17.13 -26.33
C MET B 126 -28.15 -16.57 -25.45
N THR B 127 -28.45 -15.57 -24.64
CA THR B 127 -27.43 -14.90 -23.83
C THR B 127 -27.66 -15.13 -22.34
N GLY B 128 -28.12 -16.35 -22.01
CA GLY B 128 -28.27 -16.77 -20.62
C GLY B 128 -29.68 -17.18 -20.24
N GLY B 129 -30.67 -16.54 -20.86
CA GLY B 129 -32.08 -16.79 -20.58
C GLY B 129 -32.78 -15.57 -20.03
N ARG B 130 -34.05 -15.41 -20.42
CA ARG B 130 -34.92 -14.33 -19.94
C ARG B 130 -35.06 -14.33 -18.41
N VAL B 131 -34.70 -13.22 -17.79
CA VAL B 131 -35.02 -12.95 -16.39
C VAL B 131 -36.47 -12.44 -16.38
N ALA B 132 -37.26 -12.94 -15.43
CA ALA B 132 -38.69 -12.64 -15.36
C ALA B 132 -39.00 -11.16 -15.21
N GLY B 133 -40.07 -10.74 -15.88
CA GLY B 133 -40.60 -9.40 -15.76
C GLY B 133 -39.95 -8.41 -16.70
N PRO B 134 -40.54 -7.21 -16.84
CA PRO B 134 -39.98 -6.19 -17.71
C PRO B 134 -38.69 -5.61 -17.13
N VAL B 135 -37.86 -5.10 -18.03
CA VAL B 135 -36.66 -4.37 -17.69
C VAL B 135 -37.04 -2.92 -17.37
N PRO B 136 -36.60 -2.42 -16.19
CA PRO B 136 -36.81 -1.00 -15.89
C PRO B 136 -36.06 -0.14 -16.90
N VAL B 137 -36.73 0.89 -17.40
CA VAL B 137 -36.11 1.79 -18.38
C VAL B 137 -35.71 3.09 -17.69
N ILE B 138 -34.52 3.61 -18.01
CA ILE B 138 -34.03 4.83 -17.36
C ILE B 138 -34.68 6.11 -17.92
N SER B 139 -34.99 7.05 -17.02
CA SER B 139 -35.41 8.39 -17.42
C SER B 139 -34.19 9.29 -17.48
N SER B 140 -34.09 10.10 -18.53
CA SER B 140 -32.94 10.98 -18.71
C SER B 140 -33.33 12.43 -18.41
N ILE B 141 -32.57 13.07 -17.52
CA ILE B 141 -32.84 14.45 -17.10
C ILE B 141 -31.69 15.35 -17.52
N GLY B 142 -31.91 16.13 -18.59
CA GLY B 142 -30.88 16.98 -19.16
C GLY B 142 -30.49 18.14 -18.28
N GLY B 143 -29.28 18.65 -18.46
CA GLY B 143 -28.77 19.79 -17.68
C GLY B 143 -29.63 21.04 -17.80
N ASP B 144 -30.05 21.61 -16.66
CA ASP B 144 -30.93 22.78 -16.60
C ASP B 144 -30.91 23.30 -15.15
N THR B 145 -31.75 24.29 -14.86
CA THR B 145 -31.87 24.83 -13.51
C THR B 145 -32.39 23.74 -12.56
N PRO B 146 -32.06 23.83 -11.26
CA PRO B 146 -32.54 22.84 -10.32
C PRO B 146 -34.05 22.61 -10.37
N GLU B 147 -34.82 23.69 -10.39
CA GLU B 147 -36.28 23.58 -10.40
C GLU B 147 -36.84 22.95 -11.68
N ALA B 148 -36.24 23.28 -12.83
CA ALA B 148 -36.62 22.69 -14.12
C ALA B 148 -36.34 21.18 -14.17
N MET B 149 -35.16 20.77 -13.69
CA MET B 149 -34.80 19.36 -13.67
C MET B 149 -35.76 18.58 -12.75
N ARG B 150 -36.09 19.20 -11.62
CA ARG B 150 -37.00 18.63 -10.62
C ARG B 150 -38.39 18.38 -11.21
N ALA B 151 -38.86 19.31 -12.05
CA ALA B 151 -40.16 19.19 -12.69
C ALA B 151 -40.15 18.09 -13.74
N LYS B 152 -39.04 17.98 -14.47
CA LYS B 152 -38.89 16.93 -15.48
C LYS B 152 -38.90 15.56 -14.82
N VAL B 153 -38.19 15.42 -13.70
CA VAL B 153 -38.22 14.21 -12.89
C VAL B 153 -39.66 13.92 -12.47
N ALA B 154 -40.38 14.94 -12.04
CA ALA B 154 -41.80 14.81 -11.67
C ALA B 154 -42.68 14.33 -12.83
N ARG B 155 -42.43 14.87 -14.02
CA ARG B 155 -43.15 14.47 -15.23
C ARG B 155 -42.88 13.00 -15.58
N HIS B 156 -41.61 12.61 -15.48
CA HIS B 156 -41.20 11.25 -15.77
C HIS B 156 -41.73 10.29 -14.70
N ARG B 157 -41.78 10.75 -13.44
CA ARG B 157 -42.33 9.98 -12.33
C ARG B 157 -43.80 9.63 -12.63
N ALA B 158 -44.55 10.64 -13.05
CA ALA B 158 -45.96 10.47 -13.41
C ALA B 158 -46.17 9.43 -14.51
N GLN B 159 -45.18 9.29 -15.40
CA GLN B 159 -45.26 8.32 -16.51
C GLN B 159 -44.81 6.91 -16.12
N GLY B 160 -44.33 6.74 -14.89
CA GLY B 160 -44.02 5.41 -14.36
C GLY B 160 -42.54 5.09 -14.30
N PHE B 161 -41.69 6.04 -14.69
CA PHE B 161 -40.24 5.83 -14.61
C PHE B 161 -39.77 5.84 -13.16
N LYS B 162 -38.87 4.91 -12.82
CA LYS B 162 -38.32 4.79 -11.46
C LYS B 162 -36.87 5.23 -11.35
N GLY B 163 -36.09 4.98 -12.40
CA GLY B 163 -34.66 5.29 -12.43
C GLY B 163 -34.40 6.54 -13.26
N HIS B 164 -33.53 7.40 -12.75
CA HIS B 164 -33.23 8.65 -13.43
C HIS B 164 -31.73 8.87 -13.55
N SER B 165 -31.31 9.22 -14.76
CA SER B 165 -29.96 9.67 -14.99
C SER B 165 -29.98 11.19 -15.09
N ILE B 166 -29.36 11.86 -14.13
CA ILE B 166 -29.36 13.31 -14.06
C ILE B 166 -28.01 13.94 -14.41
N LYS B 167 -28.02 14.91 -15.32
CA LYS B 167 -26.77 15.48 -15.83
C LYS B 167 -26.23 16.60 -14.95
N ILE B 168 -24.94 16.51 -14.62
CA ILE B 168 -24.26 17.54 -13.84
C ILE B 168 -22.96 17.94 -14.55
N GLY B 169 -22.39 19.09 -14.19
CA GLY B 169 -21.13 19.54 -14.78
C GLY B 169 -21.12 21.03 -15.11
N ALA B 170 -21.28 21.85 -14.08
CA ALA B 170 -21.37 23.29 -14.23
C ALA B 170 -19.98 23.93 -14.24
N SER B 171 -19.77 24.87 -15.15
CA SER B 171 -18.58 25.72 -15.10
C SER B 171 -18.68 26.62 -13.86
N GLU B 172 -17.56 27.18 -13.41
CA GLU B 172 -17.58 28.11 -12.29
C GLU B 172 -18.55 29.28 -12.56
N ALA B 173 -18.49 29.82 -13.77
CA ALA B 173 -19.37 30.93 -14.17
C ALA B 173 -20.85 30.58 -14.00
N GLU B 174 -21.22 29.35 -14.35
CA GLU B 174 -22.60 28.88 -14.27
C GLU B 174 -23.06 28.67 -12.82
N GLY B 175 -22.10 28.56 -11.89
CA GLY B 175 -22.41 28.34 -10.49
C GLY B 175 -21.64 27.18 -9.87
N GLY B 176 -20.88 26.47 -10.70
CA GLY B 176 -19.95 25.44 -10.25
C GLY B 176 -20.54 24.29 -9.44
N PRO B 177 -19.75 23.78 -8.47
CA PRO B 177 -20.13 22.68 -7.57
C PRO B 177 -21.44 22.96 -6.83
N ALA B 178 -21.66 24.21 -6.41
CA ALA B 178 -22.89 24.58 -5.71
C ALA B 178 -24.12 24.34 -6.59
N LEU B 179 -24.03 24.74 -7.86
CA LEU B 179 -25.10 24.49 -8.82
C LEU B 179 -25.37 23.00 -9.01
N ASP B 180 -24.31 22.20 -9.19
CA ASP B 180 -24.49 20.77 -9.38
C ASP B 180 -25.09 20.11 -8.12
N ALA B 181 -24.65 20.58 -6.95
CA ALA B 181 -25.17 20.06 -5.68
C ALA B 181 -26.67 20.35 -5.53
N GLU B 182 -27.06 21.57 -5.89
CA GLU B 182 -28.46 21.98 -5.87
C GLU B 182 -29.30 21.23 -6.88
N ARG B 183 -28.73 20.91 -8.04
CA ARG B 183 -29.41 20.12 -9.07
C ARG B 183 -29.71 18.70 -8.57
N ILE B 184 -28.75 18.12 -7.84
CA ILE B 184 -28.93 16.80 -7.28
C ILE B 184 -29.99 16.82 -6.18
N THR B 185 -29.89 17.79 -5.27
CA THR B 185 -30.85 17.84 -4.16
C THR B 185 -32.27 18.06 -4.69
N ALA B 186 -32.40 18.92 -5.69
CA ALA B 186 -33.69 19.23 -6.31
C ALA B 186 -34.33 18.00 -6.96
N CYS B 187 -33.56 17.28 -7.77
CA CYS B 187 -34.06 16.08 -8.44
C CYS B 187 -34.52 14.98 -7.48
N LEU B 188 -33.95 14.95 -6.27
CA LEU B 188 -34.28 13.95 -5.26
C LEU B 188 -35.39 14.39 -4.31
N ALA B 189 -35.76 15.67 -4.37
CA ALA B 189 -36.61 16.30 -3.36
C ALA B 189 -38.01 15.68 -3.20
N ASP B 190 -38.56 15.19 -4.30
CA ASP B 190 -39.93 14.65 -4.31
C ASP B 190 -39.93 13.12 -4.44
N ARG B 191 -38.82 12.47 -4.10
CA ARG B 191 -38.66 11.05 -4.38
C ARG B 191 -39.62 10.15 -3.61
N GLN B 192 -40.06 9.09 -4.28
CA GLN B 192 -40.96 8.09 -3.74
C GLN B 192 -40.22 6.75 -3.58
N PRO B 193 -40.73 5.83 -2.75
CA PRO B 193 -40.07 4.54 -2.56
C PRO B 193 -39.79 3.79 -3.89
N GLY B 194 -38.64 3.13 -3.94
CA GLY B 194 -38.27 2.30 -5.08
C GLY B 194 -37.67 3.04 -6.26
N GLU B 195 -37.23 4.28 -6.02
CA GLU B 195 -36.57 5.05 -7.08
C GLU B 195 -35.05 4.98 -6.97
N TRP B 196 -34.38 5.31 -8.06
CA TRP B 196 -32.92 5.20 -8.15
C TRP B 196 -32.41 6.38 -8.98
N TYR B 197 -31.35 7.02 -8.49
CA TYR B 197 -30.78 8.20 -9.14
C TYR B 197 -29.26 8.11 -9.40
N LEU B 198 -28.87 8.57 -10.59
CA LEU B 198 -27.50 8.56 -11.06
C LEU B 198 -27.14 9.96 -11.55
N ALA B 199 -26.16 10.59 -10.91
CA ALA B 199 -25.64 11.88 -11.35
C ALA B 199 -24.50 11.68 -12.33
N ASP B 200 -24.76 11.95 -13.61
CA ASP B 200 -23.76 11.68 -14.66
C ASP B 200 -23.03 12.95 -15.06
N ALA B 201 -21.74 12.99 -14.77
CA ALA B 201 -20.91 14.17 -15.04
C ALA B 201 -20.25 14.09 -16.41
N ASN B 202 -20.47 13.00 -17.12
CA ASN B 202 -19.86 12.75 -18.42
C ASN B 202 -18.36 13.04 -18.51
N ASN B 203 -17.63 12.52 -17.52
CA ASN B 203 -16.16 12.67 -17.49
C ASN B 203 -15.70 14.13 -17.43
N GLY B 204 -16.52 15.02 -16.87
CA GLY B 204 -16.30 16.47 -17.03
C GLY B 204 -15.90 17.30 -15.81
N LEU B 205 -15.76 16.67 -14.64
CA LEU B 205 -15.41 17.41 -13.43
C LEU B 205 -13.93 17.30 -13.12
N THR B 206 -13.34 18.40 -12.63
CA THR B 206 -12.06 18.31 -11.97
C THR B 206 -12.31 17.62 -10.62
N VAL B 207 -11.24 17.06 -10.06
CA VAL B 207 -11.30 16.47 -8.73
C VAL B 207 -11.67 17.52 -7.69
N GLU B 208 -11.06 18.71 -7.79
CA GLU B 208 -11.41 19.84 -6.93
C GLU B 208 -12.92 20.17 -6.99
N HIS B 209 -13.49 20.21 -8.20
CA HIS B 209 -14.92 20.47 -8.37
C HIS B 209 -15.75 19.36 -7.73
N ALA B 210 -15.39 18.09 -7.98
CA ALA B 210 -16.13 16.96 -7.43
C ALA B 210 -16.09 16.95 -5.89
N LEU B 211 -14.91 17.20 -5.30
CA LEU B 211 -14.79 17.27 -3.84
C LEU B 211 -15.61 18.39 -3.21
N ARG B 212 -15.60 19.57 -3.81
CA ARG B 212 -16.40 20.68 -3.32
C ARG B 212 -17.89 20.35 -3.41
N MET B 213 -18.27 19.69 -4.51
CA MET B 213 -19.66 19.28 -4.74
C MET B 213 -20.12 18.28 -3.69
N LEU B 214 -19.26 17.30 -3.38
CA LEU B 214 -19.52 16.30 -2.34
C LEU B 214 -19.73 16.93 -0.96
N SER B 215 -18.94 17.95 -0.67
CA SER B 215 -19.02 18.67 0.60
C SER B 215 -20.31 19.47 0.72
N LEU B 216 -20.77 20.00 -0.41
CA LEU B 216 -21.98 20.81 -0.50
C LEU B 216 -23.29 20.03 -0.47
N LEU B 217 -23.23 18.74 -0.77
CA LEU B 217 -24.44 17.91 -0.72
C LEU B 217 -24.94 17.76 0.72
N PRO B 218 -26.27 17.87 0.94
CA PRO B 218 -26.80 17.62 2.27
C PRO B 218 -26.61 16.13 2.59
N PRO B 219 -26.52 15.78 3.88
CA PRO B 219 -26.38 14.35 4.22
C PRO B 219 -27.69 13.58 3.98
N GLY B 220 -27.58 12.26 3.86
CA GLY B 220 -28.74 11.38 3.78
C GLY B 220 -29.35 11.20 2.39
N LEU B 221 -28.59 11.53 1.35
CA LEU B 221 -29.04 11.35 -0.03
C LEU B 221 -28.69 9.96 -0.54
N ASP B 222 -29.61 9.36 -1.28
CA ASP B 222 -29.39 8.08 -1.95
C ASP B 222 -29.09 8.37 -3.42
N ILE B 223 -27.81 8.42 -3.76
CA ILE B 223 -27.35 8.87 -5.08
C ILE B 223 -26.08 8.12 -5.54
N VAL B 224 -26.02 7.76 -6.80
CA VAL B 224 -24.82 7.15 -7.39
C VAL B 224 -24.16 8.18 -8.31
N LEU B 225 -22.83 8.32 -8.24
CA LEU B 225 -22.10 9.27 -9.07
C LEU B 225 -21.48 8.56 -10.28
N GLU B 226 -21.75 9.04 -11.50
CA GLU B 226 -21.25 8.40 -12.72
C GLU B 226 -20.22 9.27 -13.42
N ALA B 227 -19.15 8.65 -13.90
CA ALA B 227 -18.16 9.29 -14.78
C ALA B 227 -17.75 10.69 -14.29
N PRO B 228 -17.18 10.77 -13.07
CA PRO B 228 -16.88 12.09 -12.53
C PRO B 228 -15.77 12.86 -13.28
N CYS B 229 -14.74 12.16 -13.75
CA CYS B 229 -13.51 12.79 -14.22
C CYS B 229 -13.06 12.28 -15.57
N ALA B 230 -12.21 13.07 -16.22
CA ALA B 230 -11.82 12.83 -17.62
C ALA B 230 -10.80 11.71 -17.79
N SER B 231 -10.04 11.40 -16.73
CA SER B 231 -8.95 10.44 -16.83
C SER B 231 -8.95 9.43 -15.69
N TRP B 232 -8.24 8.32 -15.91
CA TRP B 232 -8.07 7.29 -14.90
C TRP B 232 -7.41 7.79 -13.60
N ALA B 233 -6.32 8.55 -13.72
CA ALA B 233 -5.60 9.06 -12.54
C ALA B 233 -6.45 10.04 -11.73
N GLU B 234 -7.23 10.87 -12.41
CA GLU B 234 -8.10 11.80 -11.70
C GLU B 234 -9.20 11.01 -10.96
N THR B 235 -9.76 10.01 -11.63
CA THR B 235 -10.82 9.21 -11.05
C THR B 235 -10.32 8.43 -9.81
N LYS B 236 -9.11 7.89 -9.91
CA LYS B 236 -8.45 7.25 -8.76
C LYS B 236 -8.23 8.20 -7.56
N SER B 237 -7.86 9.46 -7.82
CA SER B 237 -7.71 10.44 -6.72
C SER B 237 -9.03 10.75 -6.03
N LEU B 238 -10.08 10.99 -6.83
CA LEU B 238 -11.41 11.18 -6.25
C LEU B 238 -11.87 9.97 -5.46
N ARG B 239 -11.69 8.78 -6.03
CA ARG B 239 -12.11 7.53 -5.39
C ARG B 239 -11.61 7.41 -3.95
N ALA B 240 -10.36 7.81 -3.72
CA ALA B 240 -9.74 7.78 -2.39
C ALA B 240 -10.45 8.66 -1.36
N ARG B 241 -11.22 9.63 -1.82
CA ARG B 241 -11.85 10.62 -0.95
C ARG B 241 -13.35 10.83 -1.26
N CYS B 242 -14.01 9.77 -1.74
CA CYS B 242 -15.43 9.80 -2.09
C CYS B 242 -16.14 8.59 -1.47
N ALA B 243 -17.17 8.85 -0.66
CA ALA B 243 -17.93 7.80 0.02
C ALA B 243 -19.16 7.34 -0.79
N LEU B 244 -19.44 8.02 -1.89
CA LEU B 244 -20.55 7.66 -2.78
C LEU B 244 -20.17 6.50 -3.68
N PRO B 245 -21.16 5.64 -4.00
CA PRO B 245 -20.89 4.64 -5.03
C PRO B 245 -20.57 5.33 -6.35
N LEU B 246 -19.63 4.74 -7.09
CA LEU B 246 -19.08 5.36 -8.28
C LEU B 246 -19.30 4.39 -9.43
N LEU B 247 -19.87 4.92 -10.51
CA LEU B 247 -20.07 4.15 -11.73
C LEU B 247 -19.19 4.75 -12.84
N LEU B 248 -18.46 3.91 -13.56
CA LEU B 248 -17.61 4.39 -14.66
C LEU B 248 -18.26 4.08 -15.99
N ASP B 249 -18.12 4.99 -16.95
CA ASP B 249 -18.79 4.85 -18.23
C ASP B 249 -17.76 4.98 -19.34
N GLU B 250 -17.44 6.22 -19.72
CA GLU B 250 -16.43 6.53 -20.74
C GLU B 250 -15.11 5.78 -20.54
N LEU B 251 -14.64 5.68 -19.30
CA LEU B 251 -13.36 5.03 -19.00
C LEU B 251 -13.36 3.51 -19.16
N ILE B 252 -14.55 2.90 -19.27
CA ILE B 252 -14.62 1.46 -19.47
C ILE B 252 -15.07 1.14 -20.90
N GLN B 253 -14.12 0.70 -21.71
CA GLN B 253 -14.40 0.32 -23.10
C GLN B 253 -14.02 -1.13 -23.39
N THR B 254 -12.85 -1.52 -22.90
CA THR B 254 -12.33 -2.87 -23.16
C THR B 254 -12.52 -3.78 -21.94
N GLU B 255 -12.29 -5.09 -22.12
CA GLU B 255 -12.31 -6.02 -21.00
C GLU B 255 -11.15 -5.73 -20.04
N THR B 256 -10.00 -5.35 -20.62
CA THR B 256 -8.82 -4.98 -19.81
C THR B 256 -9.07 -3.74 -18.95
N ASP B 257 -9.91 -2.82 -19.43
CA ASP B 257 -10.30 -1.66 -18.63
C ASP B 257 -10.93 -2.11 -17.32
N LEU B 258 -11.81 -3.10 -17.36
CA LEU B 258 -12.51 -3.59 -16.17
C LEU B 258 -11.56 -4.27 -15.18
N ILE B 259 -10.59 -5.00 -15.71
CA ILE B 259 -9.55 -5.62 -14.90
C ILE B 259 -8.74 -4.56 -14.15
N ALA B 260 -8.36 -3.50 -14.86
CA ALA B 260 -7.69 -2.36 -14.24
C ALA B 260 -8.54 -1.72 -13.16
N ALA B 261 -9.83 -1.58 -13.41
CA ALA B 261 -10.72 -1.01 -12.41
C ALA B 261 -10.80 -1.86 -11.15
N ILE B 262 -10.87 -3.18 -11.33
CA ILE B 262 -10.86 -4.12 -10.21
C ILE B 262 -9.56 -4.03 -9.43
N ARG B 263 -8.44 -4.03 -10.17
CA ARG B 263 -7.13 -3.94 -9.56
C ARG B 263 -6.98 -2.69 -8.70
N ASP B 264 -7.55 -1.59 -9.18
CA ASP B 264 -7.47 -0.29 -8.51
C ASP B 264 -8.61 -0.04 -7.56
N ASP B 265 -9.50 -1.03 -7.41
CA ASP B 265 -10.73 -0.88 -6.64
C ASP B 265 -11.43 0.45 -6.94
N LEU B 266 -11.65 0.70 -8.23
CA LEU B 266 -11.96 2.05 -8.70
C LEU B 266 -13.44 2.43 -8.71
N CYS B 267 -14.33 1.45 -8.76
CA CYS B 267 -15.75 1.71 -8.94
C CYS B 267 -16.65 0.57 -8.47
N ASP B 268 -17.94 0.89 -8.31
CA ASP B 268 -18.92 -0.05 -7.77
C ASP B 268 -19.95 -0.41 -8.81
N GLY B 269 -19.77 0.16 -10.01
CA GLY B 269 -20.68 -0.06 -11.11
C GLY B 269 -20.07 0.36 -12.44
N VAL B 270 -20.67 -0.08 -13.52
CA VAL B 270 -20.21 0.28 -14.86
C VAL B 270 -21.39 0.64 -15.76
N GLY B 271 -21.18 1.62 -16.63
CA GLY B 271 -22.13 1.96 -17.69
C GLY B 271 -21.74 1.21 -18.94
N LEU B 272 -22.45 0.13 -19.24
CA LEU B 272 -22.14 -0.70 -20.40
C LEU B 272 -22.99 -0.27 -21.59
N LYS B 273 -22.33 0.18 -22.66
CA LYS B 273 -23.01 0.66 -23.85
C LYS B 273 -22.62 -0.20 -25.04
N VAL B 274 -23.62 -0.79 -25.71
CA VAL B 274 -23.35 -1.83 -26.71
C VAL B 274 -22.20 -1.43 -27.65
N SER B 275 -22.32 -0.26 -28.28
CA SER B 275 -21.35 0.15 -29.29
C SER B 275 -20.04 0.72 -28.72
N LYS B 276 -20.05 1.12 -27.45
CA LYS B 276 -18.83 1.50 -26.77
C LYS B 276 -18.01 0.25 -26.43
N GLN B 277 -18.66 -0.79 -25.90
CA GLN B 277 -17.95 -2.01 -25.53
C GLN B 277 -17.57 -2.82 -26.75
N GLY B 278 -18.39 -2.72 -27.81
CA GLY B 278 -18.04 -3.30 -29.09
C GLY B 278 -18.93 -4.42 -29.60
N GLY B 279 -20.15 -4.52 -29.08
CA GLY B 279 -21.12 -5.47 -29.60
C GLY B 279 -21.55 -6.47 -28.55
N ILE B 280 -22.28 -7.51 -28.97
CA ILE B 280 -22.81 -8.48 -28.01
C ILE B 280 -21.68 -9.25 -27.33
N THR B 281 -20.68 -9.63 -28.13
CA THR B 281 -19.58 -10.46 -27.63
C THR B 281 -18.87 -9.83 -26.42
N PRO B 282 -18.38 -8.58 -26.57
CA PRO B 282 -17.75 -7.97 -25.38
C PRO B 282 -18.73 -7.51 -24.29
N MET B 283 -19.97 -7.20 -24.66
CA MET B 283 -21.00 -6.93 -23.63
C MET B 283 -21.12 -8.14 -22.69
N LEU B 284 -21.06 -9.33 -23.26
CA LEU B 284 -21.18 -10.57 -22.47
C LEU B 284 -19.95 -10.84 -21.62
N ARG B 285 -18.77 -10.64 -22.20
CA ARG B 285 -17.51 -10.76 -21.45
C ARG B 285 -17.48 -9.76 -20.29
N GLN B 286 -17.88 -8.53 -20.57
CA GLN B 286 -17.81 -7.48 -19.55
C GLN B 286 -18.88 -7.64 -18.49
N ARG B 287 -20.05 -8.13 -18.88
CA ARG B 287 -21.07 -8.51 -17.90
C ARG B 287 -20.59 -9.63 -16.98
N ALA B 288 -19.89 -10.62 -17.53
CA ALA B 288 -19.35 -11.72 -16.71
C ALA B 288 -18.32 -11.18 -15.70
N ILE B 289 -17.48 -10.26 -16.15
CA ILE B 289 -16.45 -9.69 -15.27
C ILE B 289 -17.12 -8.84 -14.17
N ALA B 290 -17.98 -7.92 -14.59
CA ALA B 290 -18.67 -7.04 -13.64
C ALA B 290 -19.47 -7.85 -12.62
N ALA B 291 -20.25 -8.82 -13.10
CA ALA B 291 -21.08 -9.67 -12.23
C ALA B 291 -20.23 -10.37 -11.18
N ALA B 292 -19.10 -10.91 -11.60
CA ALA B 292 -18.19 -11.58 -10.69
C ALA B 292 -17.65 -10.61 -9.63
N ALA B 293 -17.40 -9.36 -10.05
CA ALA B 293 -16.89 -8.32 -9.16
C ALA B 293 -18.01 -7.69 -8.29
N GLY B 294 -19.26 -8.04 -8.56
CA GLY B 294 -20.38 -7.49 -7.82
C GLY B 294 -20.72 -6.08 -8.23
N MET B 295 -20.27 -5.68 -9.43
CA MET B 295 -20.54 -4.33 -9.96
C MET B 295 -21.94 -4.26 -10.57
N VAL B 296 -22.68 -3.22 -10.22
CA VAL B 296 -23.99 -2.97 -10.84
C VAL B 296 -23.72 -2.44 -12.25
N MET B 297 -24.68 -2.64 -13.15
CA MET B 297 -24.50 -2.38 -14.57
C MET B 297 -25.71 -1.63 -15.09
N SER B 298 -25.49 -0.45 -15.68
CA SER B 298 -26.54 0.14 -16.52
C SER B 298 -26.32 -0.29 -17.97
N VAL B 299 -27.34 -0.84 -18.60
CA VAL B 299 -27.23 -1.43 -19.95
C VAL B 299 -27.85 -0.50 -20.96
N GLN B 300 -27.01 0.14 -21.75
CA GLN B 300 -27.43 1.22 -22.63
C GLN B 300 -26.72 1.10 -23.98
N ASP B 301 -26.78 2.17 -24.77
CA ASP B 301 -25.94 2.34 -25.93
C ASP B 301 -25.68 3.83 -26.00
N THR B 302 -24.76 4.23 -26.87
CA THR B 302 -24.47 5.65 -27.11
C THR B 302 -25.72 6.42 -27.51
N VAL B 303 -26.41 5.90 -28.52
CA VAL B 303 -27.62 6.47 -29.12
C VAL B 303 -27.93 5.55 -30.30
N GLY B 304 -29.18 5.56 -30.78
CA GLY B 304 -29.50 4.77 -31.96
C GLY B 304 -30.99 4.63 -32.24
N SER B 305 -31.29 3.82 -33.24
CA SER B 305 -32.66 3.53 -33.65
C SER B 305 -33.24 2.33 -32.89
N GLN B 306 -34.31 1.75 -33.44
CA GLN B 306 -34.88 0.50 -32.92
C GLN B 306 -33.87 -0.65 -32.95
N ILE B 307 -32.96 -0.63 -33.91
CA ILE B 307 -31.96 -1.68 -34.09
C ILE B 307 -31.01 -1.73 -32.90
N SER B 308 -30.49 -0.57 -32.52
CA SER B 308 -29.69 -0.40 -31.32
C SER B 308 -30.49 -0.79 -30.09
N PHE B 309 -31.76 -0.36 -30.04
CA PHE B 309 -32.60 -0.67 -28.89
C PHE B 309 -32.80 -2.18 -28.70
N ALA B 310 -32.94 -2.91 -29.80
CA ALA B 310 -33.08 -4.37 -29.76
C ALA B 310 -31.91 -5.06 -29.06
N ALA B 311 -30.69 -4.62 -29.35
CA ALA B 311 -29.50 -5.19 -28.72
C ALA B 311 -29.49 -4.87 -27.24
N ILE B 312 -29.81 -3.60 -26.91
CA ILE B 312 -29.84 -3.17 -25.52
C ILE B 312 -30.81 -4.01 -24.73
N LEU B 313 -32.03 -4.12 -25.26
CA LEU B 313 -33.14 -4.73 -24.54
C LEU B 313 -32.91 -6.22 -24.27
N HIS B 314 -32.48 -6.96 -25.29
CA HIS B 314 -32.21 -8.40 -25.14
C HIS B 314 -31.12 -8.68 -24.10
N LEU B 315 -30.05 -7.90 -24.14
CA LEU B 315 -28.98 -8.02 -23.14
C LEU B 315 -29.47 -7.64 -21.74
N ALA B 316 -30.19 -6.53 -21.63
CA ALA B 316 -30.77 -6.13 -20.34
C ALA B 316 -31.67 -7.23 -19.77
N GLN B 317 -32.48 -7.84 -20.66
CA GLN B 317 -33.42 -8.90 -20.30
C GLN B 317 -32.78 -10.17 -19.73
N SER B 318 -31.53 -10.44 -20.08
CA SER B 318 -30.81 -11.62 -19.57
C SER B 318 -29.81 -11.27 -18.46
N THR B 319 -29.79 -10.01 -18.03
CA THR B 319 -28.93 -9.57 -16.92
C THR B 319 -29.61 -9.84 -15.57
N PRO B 320 -28.88 -10.42 -14.58
CA PRO B 320 -29.43 -10.56 -13.22
C PRO B 320 -29.99 -9.24 -12.72
N ARG B 321 -31.22 -9.28 -12.21
CA ARG B 321 -31.96 -8.08 -11.84
C ARG B 321 -31.32 -7.29 -10.69
N HIS B 322 -30.67 -7.97 -9.75
CA HIS B 322 -30.07 -7.28 -8.61
C HIS B 322 -28.83 -6.47 -8.98
N LEU B 323 -28.26 -6.76 -10.16
CA LEU B 323 -27.12 -5.99 -10.68
C LEU B 323 -27.56 -4.97 -11.70
N LEU B 324 -28.68 -5.22 -12.35
CA LEU B 324 -29.13 -4.32 -13.40
C LEU B 324 -29.56 -2.96 -12.83
N ARG B 325 -29.14 -1.89 -13.50
CA ARG B 325 -29.56 -0.54 -13.14
C ARG B 325 -30.10 0.13 -14.41
N CYS B 326 -31.24 -0.39 -14.86
CA CYS B 326 -32.01 0.12 -15.99
C CYS B 326 -31.38 -0.15 -17.35
N ALA B 327 -32.25 -0.09 -18.36
CA ALA B 327 -31.83 -0.05 -19.75
C ALA B 327 -32.24 1.28 -20.36
N LEU B 328 -31.49 1.70 -21.38
CA LEU B 328 -31.83 2.90 -22.13
C LEU B 328 -32.76 2.56 -23.31
N ASP B 329 -33.88 3.28 -23.41
CA ASP B 329 -34.72 3.21 -24.60
C ASP B 329 -34.28 4.31 -25.57
N THR B 330 -33.44 3.93 -26.51
CA THR B 330 -32.92 4.85 -27.52
C THR B 330 -33.98 5.45 -28.45
N ARG B 331 -35.10 4.75 -28.62
CA ARG B 331 -36.21 5.28 -29.42
C ARG B 331 -36.68 6.66 -28.93
N ALA B 332 -36.49 6.94 -27.65
CA ALA B 332 -36.84 8.25 -27.09
C ALA B 332 -35.88 9.37 -27.50
N MET B 333 -34.73 9.01 -28.05
CA MET B 333 -33.66 9.98 -28.36
C MET B 333 -33.77 10.54 -29.78
N THR B 334 -34.32 9.76 -30.69
CA THR B 334 -34.38 10.17 -32.08
C THR B 334 -35.76 9.94 -32.67
N THR B 335 -36.04 10.63 -33.77
CA THR B 335 -37.29 10.46 -34.49
C THR B 335 -37.27 9.29 -35.51
N ALA B 336 -36.11 8.64 -35.66
CA ALA B 336 -35.95 7.61 -36.70
C ALA B 336 -36.89 6.41 -36.56
N GLU B 337 -37.38 5.93 -37.70
CA GLU B 337 -38.24 4.76 -37.80
C GLU B 337 -37.63 3.78 -38.77
N LEU B 338 -36.60 3.07 -38.32
CA LEU B 338 -35.82 2.20 -39.20
C LEU B 338 -36.29 0.76 -39.17
N ALA B 339 -37.07 0.43 -38.14
CA ALA B 339 -37.52 -0.94 -37.94
C ALA B 339 -38.70 -1.00 -36.99
N GLU B 340 -39.46 -2.09 -37.08
CA GLU B 340 -40.46 -2.42 -36.08
C GLU B 340 -39.90 -3.45 -35.10
N ILE B 341 -40.32 -3.34 -33.83
CA ILE B 341 -40.01 -4.32 -32.79
C ILE B 341 -41.13 -4.25 -31.75
N ASP B 342 -41.61 -5.41 -31.31
CA ASP B 342 -42.72 -5.48 -30.36
C ASP B 342 -42.20 -5.42 -28.93
N ALA B 343 -41.89 -4.22 -28.48
CA ALA B 343 -41.42 -4.01 -27.12
C ALA B 343 -41.86 -2.63 -26.65
N PRO B 344 -43.18 -2.45 -26.46
CA PRO B 344 -43.64 -1.12 -26.10
C PRO B 344 -43.21 -0.71 -24.70
N LEU B 345 -42.88 0.57 -24.57
CA LEU B 345 -42.58 1.17 -23.28
C LEU B 345 -43.89 1.32 -22.51
N ARG B 346 -44.01 0.57 -21.42
CA ARG B 346 -45.24 0.57 -20.61
C ARG B 346 -44.86 0.60 -19.14
N ASP B 347 -45.37 1.60 -18.41
CA ASP B 347 -45.15 1.71 -16.96
C ASP B 347 -43.67 1.84 -16.55
N GLY B 348 -42.89 2.59 -17.32
CA GLY B 348 -41.46 2.76 -17.05
C GLY B 348 -40.62 1.51 -17.31
N GLY B 349 -41.15 0.59 -18.13
CA GLY B 349 -40.43 -0.66 -18.43
C GLY B 349 -40.69 -1.22 -19.83
N ALA B 350 -39.86 -2.18 -20.23
CA ALA B 350 -39.99 -2.85 -21.53
C ALA B 350 -39.55 -4.32 -21.46
N SER B 351 -40.12 -5.14 -22.34
CA SER B 351 -39.84 -6.58 -22.36
C SER B 351 -39.31 -7.00 -23.72
N ALA B 352 -38.22 -7.76 -23.72
CA ALA B 352 -37.65 -8.27 -24.97
C ALA B 352 -38.68 -9.15 -25.67
N PRO B 353 -38.81 -9.01 -27.00
CA PRO B 353 -39.81 -9.86 -27.69
C PRO B 353 -39.34 -11.31 -27.74
N SER B 354 -40.22 -12.19 -28.18
CA SER B 354 -39.95 -13.63 -28.12
C SER B 354 -39.62 -14.22 -29.49
N ASP B 355 -39.66 -13.39 -30.53
CA ASP B 355 -39.27 -13.79 -31.89
C ASP B 355 -37.80 -14.21 -31.92
N PRO B 356 -37.44 -15.17 -32.79
CA PRO B 356 -36.02 -15.54 -32.86
C PRO B 356 -35.13 -14.38 -33.29
N GLY B 357 -33.90 -14.35 -32.77
CA GLY B 357 -32.96 -13.28 -33.07
C GLY B 357 -33.24 -12.03 -32.29
N LEU B 358 -32.95 -10.88 -32.91
CA LEU B 358 -33.18 -9.57 -32.29
C LEU B 358 -34.65 -9.21 -32.25
N GLY B 359 -35.44 -9.84 -33.10
CA GLY B 359 -36.88 -9.57 -33.16
C GLY B 359 -37.20 -8.32 -33.96
N LEU B 360 -36.30 -7.95 -34.87
CA LEU B 360 -36.50 -6.77 -35.72
C LEU B 360 -37.14 -7.10 -37.05
N ARG B 361 -38.00 -6.18 -37.51
CA ARG B 361 -38.45 -6.15 -38.90
C ARG B 361 -37.93 -4.84 -39.47
N VAL B 362 -36.83 -4.92 -40.20
CA VAL B 362 -36.12 -3.72 -40.63
C VAL B 362 -36.71 -3.18 -41.92
N ASN B 363 -36.93 -1.87 -41.96
CA ASN B 363 -37.36 -1.20 -43.18
C ASN B 363 -36.12 -0.85 -44.01
N ARG B 364 -35.76 -1.74 -44.93
CA ARG B 364 -34.53 -1.61 -45.71
C ARG B 364 -34.48 -0.31 -46.50
N ASP B 365 -35.61 0.08 -47.07
CA ASP B 365 -35.74 1.31 -47.83
C ASP B 365 -35.47 2.58 -47.01
N ALA B 366 -35.81 2.53 -45.71
CA ALA B 366 -35.63 3.67 -44.81
C ALA B 366 -34.16 4.00 -44.57
N LEU B 367 -33.27 3.09 -44.97
CA LEU B 367 -31.85 3.19 -44.65
C LEU B 367 -31.06 3.89 -45.76
N GLY B 368 -31.70 4.09 -46.91
CA GLY B 368 -31.02 4.58 -48.09
C GLY B 368 -30.20 3.47 -48.74
N THR B 369 -29.80 3.68 -49.99
CA THR B 369 -28.94 2.75 -50.70
C THR B 369 -27.63 2.57 -49.91
N PRO B 370 -27.13 1.33 -49.80
CA PRO B 370 -25.90 1.07 -49.07
C PRO B 370 -24.73 1.92 -49.56
N VAL B 371 -23.98 2.52 -48.64
CA VAL B 371 -22.77 3.26 -49.01
C VAL B 371 -21.67 2.30 -49.50
N LYS B 372 -21.68 1.07 -49.00
CA LYS B 372 -20.68 0.08 -49.38
C LYS B 372 -21.22 -1.35 -49.25
N THR B 373 -20.83 -2.20 -50.19
CA THR B 373 -21.20 -3.61 -50.18
C THR B 373 -19.95 -4.46 -50.36
N PHE B 374 -19.86 -5.52 -49.56
CA PHE B 374 -18.78 -6.50 -49.69
C PHE B 374 -19.38 -7.89 -49.90
N GLY B 375 -18.73 -8.68 -50.73
CA GLY B 375 -19.25 -9.98 -51.15
C GLY B 375 -19.96 -9.84 -52.47
N ASP B 376 -21.17 -10.39 -52.56
CA ASP B 376 -22.04 -10.22 -53.73
C ASP B 376 -23.49 -10.58 -53.43
N LEU C 3 -8.73 -44.97 27.24
CA LEU C 3 -10.03 -44.35 26.79
C LEU C 3 -10.15 -44.36 25.27
N LYS C 4 -11.26 -44.93 24.78
CA LYS C 4 -11.39 -45.29 23.38
C LYS C 4 -12.83 -45.08 22.90
N ILE C 5 -13.01 -44.45 21.73
CA ILE C 5 -14.33 -44.35 21.09
C ILE C 5 -14.72 -45.71 20.56
N THR C 6 -15.89 -46.20 20.95
CA THR C 6 -16.33 -47.54 20.55
C THR C 6 -17.52 -47.55 19.62
N ARG C 7 -18.41 -46.56 19.76
CA ARG C 7 -19.65 -46.53 18.98
C ARG C 7 -20.09 -45.09 18.71
N ILE C 8 -20.53 -44.84 17.48
CA ILE C 8 -21.03 -43.54 17.07
C ILE C 8 -22.41 -43.74 16.43
N ASP C 9 -23.41 -42.99 16.92
CA ASP C 9 -24.75 -43.06 16.35
C ASP C 9 -25.13 -41.71 15.72
N ILE C 10 -25.69 -41.78 14.50
CA ILE C 10 -26.15 -40.59 13.78
C ILE C 10 -27.68 -40.49 13.84
N HIS C 11 -28.21 -39.39 14.37
CA HIS C 11 -29.66 -39.17 14.41
C HIS C 11 -30.05 -38.06 13.45
N ARG C 12 -31.24 -38.16 12.89
CA ARG C 12 -31.82 -37.08 12.10
C ARG C 12 -33.18 -36.70 12.68
N THR C 13 -33.39 -35.41 12.91
CA THR C 13 -34.72 -34.94 13.28
C THR C 13 -35.02 -33.51 12.80
N ASP C 14 -36.30 -33.16 12.82
CA ASP C 14 -36.74 -31.86 12.36
C ASP C 14 -36.97 -30.87 13.51
N LEU C 15 -36.49 -29.65 13.34
CA LEU C 15 -36.68 -28.60 14.32
C LEU C 15 -37.64 -27.55 13.74
N PRO C 16 -38.88 -27.48 14.26
CA PRO C 16 -39.83 -26.50 13.74
C PRO C 16 -39.48 -25.08 14.18
N VAL C 17 -39.56 -24.12 13.27
CA VAL C 17 -39.33 -22.71 13.59
C VAL C 17 -40.29 -22.21 14.67
N ARG C 18 -39.75 -21.46 15.64
CA ARG C 18 -40.56 -20.75 16.62
C ARG C 18 -40.78 -19.30 16.19
N GLY C 19 -42.06 -18.92 16.01
CA GLY C 19 -42.42 -17.52 15.81
C GLY C 19 -42.70 -17.03 14.39
N GLY C 20 -42.91 -17.96 13.45
CA GLY C 20 -43.27 -17.57 12.09
C GLY C 20 -42.13 -17.68 11.10
N VAL C 21 -42.46 -17.68 9.81
CA VAL C 21 -41.46 -17.83 8.74
C VAL C 21 -40.24 -16.97 8.99
N TYR C 22 -39.07 -17.57 8.85
CA TYR C 22 -37.82 -16.86 9.05
C TYR C 22 -37.25 -16.45 7.70
N ARG C 23 -36.97 -15.17 7.54
CA ARG C 23 -36.54 -14.61 6.26
C ARG C 23 -35.11 -14.05 6.30
N LEU C 24 -34.35 -14.35 5.26
CA LEU C 24 -33.03 -13.72 5.03
C LEU C 24 -33.03 -12.98 3.71
N SER C 25 -31.94 -12.26 3.43
CA SER C 25 -31.77 -11.51 2.20
C SER C 25 -31.85 -12.42 0.99
N GLY C 26 -32.23 -11.86 -0.15
CA GLY C 26 -32.30 -12.61 -1.40
C GLY C 26 -33.47 -13.59 -1.51
N GLY C 27 -34.54 -13.32 -0.76
CA GLY C 27 -35.76 -14.13 -0.85
C GLY C 27 -35.69 -15.51 -0.21
N ARG C 28 -34.72 -15.72 0.69
CA ARG C 28 -34.58 -17.00 1.38
C ARG C 28 -35.57 -17.09 2.54
N GLU C 29 -36.26 -18.23 2.63
CA GLU C 29 -37.23 -18.47 3.70
C GLU C 29 -36.98 -19.82 4.36
N TYR C 30 -37.21 -19.87 5.68
CA TYR C 30 -37.00 -21.08 6.46
C TYR C 30 -38.22 -21.38 7.35
N HIS C 31 -38.72 -22.61 7.26
CA HIS C 31 -39.93 -23.04 7.97
C HIS C 31 -39.65 -24.06 9.06
N SER C 32 -38.58 -24.83 8.87
CA SER C 32 -38.09 -25.78 9.85
C SER C 32 -36.63 -26.10 9.52
N TYR C 33 -35.96 -26.78 10.43
CA TYR C 33 -34.54 -27.07 10.22
C TYR C 33 -34.27 -28.55 10.41
N ASP C 34 -33.50 -29.09 9.48
CA ASP C 34 -33.11 -30.49 9.47
C ASP C 34 -31.84 -30.68 10.31
N ALA C 35 -31.99 -31.25 11.50
CA ALA C 35 -30.88 -31.42 12.44
C ALA C 35 -30.22 -32.78 12.38
N THR C 36 -28.91 -32.81 12.58
CA THR C 36 -28.16 -34.05 12.71
C THR C 36 -27.56 -34.06 14.11
N ILE C 37 -27.93 -35.07 14.88
CA ILE C 37 -27.49 -35.20 16.27
C ILE C 37 -26.65 -36.47 16.39
N VAL C 38 -25.46 -36.34 16.97
CA VAL C 38 -24.54 -37.46 17.10
C VAL C 38 -24.29 -37.79 18.58
N SER C 39 -24.30 -39.08 18.90
CA SER C 39 -23.83 -39.56 20.20
C SER C 39 -22.60 -40.38 19.95
N ILE C 40 -21.62 -40.26 20.84
CA ILE C 40 -20.40 -41.07 20.79
C ILE C 40 -20.21 -41.78 22.14
N GLU C 41 -19.96 -43.09 22.08
CA GLU C 41 -19.75 -43.90 23.27
C GLU C 41 -18.29 -44.33 23.39
N THR C 42 -17.84 -44.50 24.63
CA THR C 42 -16.49 -44.98 24.90
C THR C 42 -16.50 -46.38 25.52
N ASP C 43 -15.32 -47.02 25.53
CA ASP C 43 -15.15 -48.33 26.18
C ASP C 43 -15.49 -48.27 27.68
N THR C 44 -15.29 -47.10 28.28
CA THR C 44 -15.53 -46.92 29.71
C THR C 44 -16.99 -46.65 30.03
N GLY C 45 -17.80 -46.50 28.99
CA GLY C 45 -19.25 -46.35 29.16
C GLY C 45 -19.76 -44.92 29.25
N LEU C 46 -18.96 -43.94 28.83
CA LEU C 46 -19.41 -42.55 28.77
C LEU C 46 -20.07 -42.25 27.43
N THR C 47 -21.04 -41.33 27.45
CA THR C 47 -21.72 -40.90 26.23
C THR C 47 -21.58 -39.39 26.07
N GLY C 48 -21.16 -38.98 24.87
CA GLY C 48 -21.05 -37.56 24.54
C GLY C 48 -21.99 -37.21 23.40
N TRP C 49 -22.48 -35.97 23.38
CA TRP C 49 -23.45 -35.53 22.38
C TRP C 49 -22.97 -34.31 21.59
N GLY C 50 -23.34 -34.26 20.31
CA GLY C 50 -23.00 -33.12 19.44
C GLY C 50 -24.10 -32.89 18.41
N GLU C 51 -24.35 -31.62 18.10
CA GLU C 51 -25.34 -31.25 17.08
C GLU C 51 -24.72 -30.44 15.91
N SER C 52 -25.17 -30.74 14.69
CA SER C 52 -24.86 -29.89 13.53
C SER C 52 -26.11 -29.73 12.67
N THR C 53 -26.61 -28.49 12.61
CA THR C 53 -27.84 -28.19 11.88
C THR C 53 -27.60 -27.01 10.94
N PRO C 54 -27.26 -27.30 9.66
CA PRO C 54 -27.05 -26.17 8.74
C PRO C 54 -28.27 -25.28 8.66
N PHE C 55 -28.05 -24.00 8.37
CA PHE C 55 -29.18 -23.08 8.25
C PHE C 55 -29.74 -23.22 6.84
N GLY C 56 -30.56 -24.26 6.66
CA GLY C 56 -30.95 -24.72 5.35
C GLY C 56 -29.74 -25.05 4.50
N SER C 57 -29.93 -24.99 3.18
CA SER C 57 -28.89 -25.29 2.21
C SER C 57 -28.38 -24.02 1.53
N THR C 58 -28.83 -22.88 2.03
CA THR C 58 -28.68 -21.60 1.34
C THR C 58 -27.96 -20.53 2.17
N TYR C 59 -27.31 -20.94 3.26
CA TYR C 59 -26.66 -19.99 4.14
C TYR C 59 -25.15 -19.96 3.82
N ILE C 60 -24.51 -21.13 3.91
CA ILE C 60 -23.14 -21.33 3.46
C ILE C 60 -23.13 -22.64 2.68
N ALA C 61 -21.96 -23.06 2.19
CA ALA C 61 -21.87 -24.29 1.38
C ALA C 61 -21.98 -25.54 2.24
N ALA C 62 -23.20 -25.80 2.70
CA ALA C 62 -23.50 -26.92 3.58
C ALA C 62 -25.01 -27.15 3.57
N HIS C 63 -25.38 -28.43 3.74
CA HIS C 63 -26.77 -28.83 3.88
C HIS C 63 -26.80 -30.13 4.68
N ALA C 64 -27.94 -30.40 5.30
CA ALA C 64 -28.05 -31.52 6.24
C ALA C 64 -27.72 -32.87 5.62
N GLY C 65 -28.21 -33.12 4.40
CA GLY C 65 -27.81 -34.29 3.62
C GLY C 65 -26.29 -34.40 3.39
N GLY C 66 -25.63 -33.25 3.21
CA GLY C 66 -24.17 -33.18 3.06
C GLY C 66 -23.43 -33.51 4.35
N THR C 67 -23.95 -33.01 5.47
CA THR C 67 -23.43 -33.34 6.80
C THR C 67 -23.43 -34.84 7.00
N ARG C 68 -24.56 -35.48 6.69
CA ARG C 68 -24.69 -36.91 6.89
C ARG C 68 -23.82 -37.71 5.93
N ALA C 69 -23.73 -37.26 4.67
CA ALA C 69 -22.85 -37.89 3.68
C ALA C 69 -21.36 -37.82 4.08
N ALA C 70 -20.97 -36.69 4.69
CA ALA C 70 -19.61 -36.51 5.17
C ALA C 70 -19.34 -37.41 6.37
N LEU C 71 -20.37 -37.64 7.20
CA LEU C 71 -20.20 -38.47 8.40
C LEU C 71 -19.89 -39.92 8.07
N GLU C 72 -20.30 -40.37 6.88
CA GLU C 72 -20.00 -41.73 6.40
C GLU C 72 -18.51 -42.00 6.30
N LEU C 73 -17.72 -40.95 6.05
CA LEU C 73 -16.25 -41.05 6.02
C LEU C 73 -15.62 -40.69 7.38
N LEU C 74 -16.13 -39.62 7.98
CA LEU C 74 -15.57 -39.12 9.24
C LEU C 74 -15.77 -40.01 10.47
N ALA C 75 -16.96 -40.56 10.64
CA ALA C 75 -17.23 -41.38 11.83
C ALA C 75 -16.33 -42.64 11.91
N PRO C 76 -16.27 -43.44 10.81
CA PRO C 76 -15.40 -44.64 10.87
C PRO C 76 -13.93 -44.29 11.05
N ALA C 77 -13.55 -43.09 10.62
CA ALA C 77 -12.15 -42.64 10.68
C ALA C 77 -11.66 -42.45 12.12
N ILE C 78 -12.56 -42.02 13.00
CA ILE C 78 -12.16 -41.70 14.39
C ILE C 78 -12.47 -42.80 15.41
N LEU C 79 -13.07 -43.91 14.96
CA LEU C 79 -13.27 -45.07 15.84
C LEU C 79 -11.94 -45.56 16.37
N GLY C 80 -11.91 -45.87 17.66
CA GLY C 80 -10.69 -46.36 18.32
C GLY C 80 -9.82 -45.26 18.90
N MET C 81 -10.06 -44.01 18.51
CA MET C 81 -9.25 -42.90 18.98
C MET C 81 -9.58 -42.53 20.42
N ASP C 82 -8.61 -41.94 21.13
CA ASP C 82 -8.84 -41.32 22.43
C ASP C 82 -9.58 -39.99 22.20
N PRO C 83 -10.81 -39.86 22.75
CA PRO C 83 -11.65 -38.67 22.54
C PRO C 83 -11.11 -37.39 23.21
N ARG C 84 -10.14 -37.52 24.11
CA ARG C 84 -9.56 -36.37 24.79
C ARG C 84 -8.51 -35.67 23.93
N GLN C 85 -8.02 -36.35 22.90
CA GLN C 85 -6.94 -35.83 22.06
C GLN C 85 -7.50 -35.01 20.89
N HIS C 86 -7.98 -33.81 21.21
CA HIS C 86 -8.77 -33.00 20.27
C HIS C 86 -8.02 -32.62 18.98
N ASP C 87 -6.72 -32.32 19.09
CA ASP C 87 -5.96 -31.88 17.92
C ASP C 87 -5.67 -33.04 16.98
N ARG C 88 -5.42 -34.21 17.56
CA ARG C 88 -5.12 -35.40 16.75
C ARG C 88 -6.37 -36.00 16.07
N ILE C 89 -7.51 -35.91 16.75
CA ILE C 89 -8.79 -36.30 16.13
C ILE C 89 -9.11 -35.35 14.97
N TRP C 90 -8.89 -34.06 15.19
CA TRP C 90 -9.05 -33.03 14.16
C TRP C 90 -8.15 -33.31 12.96
N ASP C 91 -6.89 -33.67 13.22
CA ASP C 91 -5.94 -34.03 12.16
C ASP C 91 -6.45 -35.24 11.37
N ARG C 92 -6.98 -36.22 12.09
CA ARG C 92 -7.54 -37.42 11.47
C ARG C 92 -8.67 -37.05 10.54
N MET C 93 -9.59 -36.20 11.02
CA MET C 93 -10.74 -35.76 10.19
C MET C 93 -10.29 -34.99 8.95
N ARG C 94 -9.37 -34.03 9.12
CA ARG C 94 -8.77 -33.31 7.99
C ARG C 94 -8.13 -34.24 6.96
N ASP C 95 -7.41 -35.24 7.45
CA ASP C 95 -6.72 -36.20 6.60
C ASP C 95 -7.70 -37.09 5.84
N THR C 96 -8.92 -37.20 6.36
CA THR C 96 -9.95 -38.06 5.77
C THR C 96 -10.77 -37.32 4.71
N LEU C 97 -11.13 -36.06 5.03
CA LEU C 97 -12.03 -35.28 4.18
C LEU C 97 -11.79 -33.78 4.38
N LYS C 98 -11.50 -33.09 3.29
CA LYS C 98 -11.25 -31.64 3.31
C LYS C 98 -12.57 -30.89 3.53
N GLY C 99 -12.52 -29.82 4.31
CA GLY C 99 -13.71 -29.01 4.55
C GLY C 99 -14.75 -29.76 5.35
N HIS C 100 -16.02 -29.58 4.98
CA HIS C 100 -17.13 -30.27 5.64
C HIS C 100 -17.01 -30.11 7.16
N ARG C 101 -16.77 -28.86 7.57
CA ARG C 101 -16.67 -28.56 8.99
C ARG C 101 -18.01 -28.77 9.72
N ASP C 102 -19.12 -28.69 8.98
CA ASP C 102 -20.43 -29.02 9.54
C ASP C 102 -20.46 -30.45 10.08
N ALA C 103 -19.81 -31.38 9.38
CA ALA C 103 -19.75 -32.77 9.78
C ALA C 103 -18.75 -33.00 10.91
N ARG C 104 -17.58 -32.33 10.83
CA ARG C 104 -16.59 -32.42 11.90
C ARG C 104 -17.21 -31.96 13.22
N ALA C 105 -18.03 -30.92 13.14
CA ALA C 105 -18.61 -30.28 14.32
C ALA C 105 -19.30 -31.23 15.31
N ALA C 106 -20.24 -32.02 14.81
CA ALA C 106 -21.01 -32.91 15.68
C ALA C 106 -20.12 -33.94 16.40
N LEU C 107 -19.14 -34.49 15.68
CA LEU C 107 -18.20 -35.44 16.27
C LEU C 107 -17.27 -34.77 17.26
N ASP C 108 -16.82 -33.57 16.93
CA ASP C 108 -15.87 -32.83 17.74
C ASP C 108 -16.49 -32.44 19.08
N ILE C 109 -17.75 -32.00 19.04
CA ILE C 109 -18.47 -31.60 20.26
C ILE C 109 -18.70 -32.80 21.17
N ALA C 110 -19.14 -33.92 20.58
CA ALA C 110 -19.34 -35.15 21.34
C ALA C 110 -18.07 -35.60 22.07
N CYS C 111 -16.91 -35.47 21.40
CA CYS C 111 -15.62 -35.81 22.01
C CYS C 111 -15.27 -34.93 23.20
N TRP C 112 -15.50 -33.62 23.06
CA TRP C 112 -15.29 -32.67 24.14
C TRP C 112 -16.23 -32.91 25.32
N ASP C 113 -17.49 -33.22 25.02
CA ASP C 113 -18.46 -33.63 26.04
C ASP C 113 -17.91 -34.80 26.87
N ILE C 114 -17.34 -35.79 26.17
CA ILE C 114 -16.74 -36.95 26.83
C ILE C 114 -15.53 -36.53 27.67
N ALA C 115 -14.62 -35.77 27.06
CA ALA C 115 -13.42 -35.25 27.75
C ALA C 115 -13.77 -34.54 29.06
N ALA C 116 -14.73 -33.62 28.98
CA ALA C 116 -15.19 -32.86 30.14
C ALA C 116 -15.82 -33.75 31.22
N GLN C 117 -16.67 -34.68 30.80
CA GLN C 117 -17.28 -35.67 31.71
C GLN C 117 -16.22 -36.50 32.43
N ALA C 118 -15.27 -37.03 31.66
CA ALA C 118 -14.16 -37.81 32.21
C ALA C 118 -13.41 -37.02 33.28
N ALA C 119 -13.15 -35.74 32.98
CA ALA C 119 -12.45 -34.85 33.91
C ALA C 119 -13.33 -34.32 35.06
N GLY C 120 -14.63 -34.61 35.01
CA GLY C 120 -15.57 -34.14 36.04
C GLY C 120 -15.71 -32.63 36.10
N LEU C 121 -15.73 -32.00 34.93
CA LEU C 121 -15.86 -30.54 34.81
C LEU C 121 -16.93 -30.16 33.79
N PRO C 122 -17.63 -29.03 34.02
CA PRO C 122 -18.48 -28.52 32.94
C PRO C 122 -17.58 -28.05 31.82
N LEU C 123 -18.06 -28.09 30.58
CA LEU C 123 -17.23 -27.72 29.43
C LEU C 123 -16.59 -26.33 29.55
N CYS C 124 -17.32 -25.38 30.13
CA CYS C 124 -16.78 -24.03 30.34
C CYS C 124 -15.52 -24.04 31.22
N ASP C 125 -15.42 -25.01 32.13
CA ASP C 125 -14.21 -25.20 32.96
C ASP C 125 -13.20 -26.18 32.38
N MET C 126 -13.36 -26.51 31.09
CA MET C 126 -12.39 -27.30 30.34
C MET C 126 -11.85 -26.46 29.17
N THR C 127 -12.44 -25.28 28.97
CA THR C 127 -12.10 -24.41 27.85
C THR C 127 -11.64 -23.03 28.35
N GLY C 128 -10.96 -23.02 29.49
CA GLY C 128 -10.34 -21.81 30.01
C GLY C 128 -10.81 -21.44 31.40
N GLY C 129 -12.06 -21.79 31.70
CA GLY C 129 -12.64 -21.49 33.01
C GLY C 129 -13.80 -20.51 32.93
N ARG C 130 -14.78 -20.71 33.82
CA ARG C 130 -15.98 -19.86 33.90
C ARG C 130 -15.63 -18.38 34.16
N VAL C 131 -16.12 -17.51 33.28
CA VAL C 131 -16.10 -16.06 33.52
C VAL C 131 -17.34 -15.74 34.36
N ALA C 132 -17.14 -14.98 35.44
CA ALA C 132 -18.21 -14.63 36.39
C ALA C 132 -19.44 -13.97 35.77
N GLY C 133 -20.62 -14.28 36.30
CA GLY C 133 -21.87 -13.67 35.84
C GLY C 133 -22.46 -14.31 34.59
N PRO C 134 -23.76 -14.04 34.33
CA PRO C 134 -24.40 -14.64 33.18
C PRO C 134 -23.90 -14.02 31.88
N VAL C 135 -24.07 -14.78 30.80
CA VAL C 135 -23.78 -14.33 29.45
C VAL C 135 -25.05 -13.68 28.88
N PRO C 136 -24.94 -12.42 28.37
CA PRO C 136 -26.03 -11.75 27.66
C PRO C 136 -26.43 -12.59 26.43
N VAL C 137 -27.73 -12.67 26.14
CA VAL C 137 -28.19 -13.47 25.01
C VAL C 137 -28.70 -12.59 23.87
N ILE C 138 -28.60 -13.10 22.65
CA ILE C 138 -28.96 -12.32 21.47
C ILE C 138 -30.11 -12.99 20.71
N SER C 139 -31.04 -12.16 20.22
CA SER C 139 -32.15 -12.60 19.41
C SER C 139 -31.77 -12.72 17.94
N SER C 140 -32.54 -13.52 17.21
CA SER C 140 -32.42 -13.62 15.77
C SER C 140 -33.70 -13.07 15.13
N ILE C 141 -33.62 -11.84 14.62
CA ILE C 141 -34.79 -11.13 14.12
C ILE C 141 -34.88 -11.26 12.60
N GLY C 142 -35.68 -12.25 12.16
CA GLY C 142 -35.84 -12.55 10.73
C GLY C 142 -36.50 -11.40 9.98
N GLY C 143 -36.30 -11.39 8.65
CA GLY C 143 -36.77 -10.32 7.79
C GLY C 143 -38.28 -10.13 7.78
N ASP C 144 -38.71 -8.87 7.78
CA ASP C 144 -40.12 -8.46 7.74
C ASP C 144 -40.20 -6.92 7.59
N THR C 145 -41.40 -6.34 7.69
CA THR C 145 -41.55 -4.89 7.70
C THR C 145 -40.85 -4.32 8.94
N PRO C 146 -40.45 -3.03 8.88
CA PRO C 146 -39.85 -2.34 10.03
C PRO C 146 -40.68 -2.45 11.32
N GLU C 147 -42.00 -2.31 11.22
CA GLU C 147 -42.84 -2.39 12.42
C GLU C 147 -43.00 -3.82 12.94
N ALA C 148 -42.99 -4.80 12.05
CA ALA C 148 -43.00 -6.22 12.45
C ALA C 148 -41.70 -6.64 13.16
N MET C 149 -40.58 -6.15 12.62
CA MET C 149 -39.26 -6.46 13.18
C MET C 149 -39.05 -5.78 14.53
N ARG C 150 -39.49 -4.53 14.63
CA ARG C 150 -39.41 -3.77 15.87
C ARG C 150 -40.22 -4.45 17.00
N ALA C 151 -41.37 -5.01 16.66
CA ALA C 151 -42.20 -5.73 17.64
C ALA C 151 -41.57 -7.03 18.11
N LYS C 152 -40.84 -7.70 17.21
CA LYS C 152 -40.09 -8.90 17.58
C LYS C 152 -38.95 -8.57 18.55
N VAL C 153 -38.27 -7.45 18.29
CA VAL C 153 -37.23 -6.93 19.19
C VAL C 153 -37.82 -6.66 20.58
N ALA C 154 -38.99 -6.01 20.62
CA ALA C 154 -39.69 -5.73 21.89
C ALA C 154 -40.01 -6.98 22.70
N ARG C 155 -40.50 -8.03 22.02
CA ARG C 155 -40.82 -9.31 22.68
C ARG C 155 -39.56 -9.94 23.29
N HIS C 156 -38.46 -9.93 22.53
CA HIS C 156 -37.19 -10.44 23.03
C HIS C 156 -36.66 -9.58 24.20
N ARG C 157 -36.88 -8.27 24.12
CA ARG C 157 -36.51 -7.34 25.20
C ARG C 157 -37.20 -7.72 26.52
N ALA C 158 -38.50 -8.02 26.44
CA ALA C 158 -39.30 -8.40 27.59
C ALA C 158 -38.88 -9.74 28.20
N GLN C 159 -38.24 -10.58 27.40
CA GLN C 159 -37.75 -11.89 27.85
C GLN C 159 -36.38 -11.85 28.53
N GLY C 160 -35.69 -10.72 28.43
CA GLY C 160 -34.36 -10.56 29.02
C GLY C 160 -33.20 -10.57 28.05
N PHE C 161 -33.49 -10.56 26.76
CA PHE C 161 -32.45 -10.45 25.72
C PHE C 161 -31.84 -9.05 25.70
N LYS C 162 -30.52 -8.97 25.46
CA LYS C 162 -29.82 -7.70 25.49
C LYS C 162 -29.26 -7.31 24.12
N GLY C 163 -28.95 -8.30 23.30
CA GLY C 163 -28.47 -8.06 21.94
C GLY C 163 -29.53 -8.45 20.94
N HIS C 164 -29.44 -7.88 19.74
CA HIS C 164 -30.38 -8.21 18.66
C HIS C 164 -29.68 -8.23 17.32
N SER C 165 -29.81 -9.34 16.62
CA SER C 165 -29.28 -9.49 15.28
C SER C 165 -30.46 -9.29 14.32
N ILE C 166 -30.43 -8.19 13.59
CA ILE C 166 -31.53 -7.81 12.71
C ILE C 166 -31.21 -8.06 11.23
N LYS C 167 -32.03 -8.90 10.60
CA LYS C 167 -31.75 -9.37 9.24
C LYS C 167 -32.24 -8.39 8.19
N ILE C 168 -31.29 -7.84 7.43
CA ILE C 168 -31.58 -6.84 6.38
C ILE C 168 -31.21 -7.38 5.00
N GLY C 169 -31.59 -6.65 3.96
CA GLY C 169 -31.21 -7.04 2.60
C GLY C 169 -32.38 -7.04 1.65
N ALA C 170 -32.85 -5.84 1.32
CA ALA C 170 -34.04 -5.64 0.50
C ALA C 170 -33.69 -5.51 -0.98
N SER C 171 -34.51 -6.12 -1.83
CA SER C 171 -34.36 -5.94 -3.28
C SER C 171 -34.77 -4.52 -3.67
N GLU C 172 -34.32 -4.06 -4.85
CA GLU C 172 -34.74 -2.75 -5.37
C GLU C 172 -36.29 -2.65 -5.43
N ALA C 173 -36.93 -3.73 -5.89
CA ALA C 173 -38.41 -3.76 -5.99
C ALA C 173 -39.08 -3.55 -4.64
N GLU C 174 -38.51 -4.12 -3.58
CA GLU C 174 -39.09 -4.02 -2.24
C GLU C 174 -38.85 -2.67 -1.58
N GLY C 175 -37.95 -1.86 -2.12
CA GLY C 175 -37.63 -0.56 -1.54
C GLY C 175 -36.16 -0.35 -1.27
N GLY C 176 -35.36 -1.39 -1.53
CA GLY C 176 -33.90 -1.32 -1.53
C GLY C 176 -33.28 -0.77 -0.26
N PRO C 177 -32.18 0.01 -0.40
CA PRO C 177 -31.42 0.52 0.75
C PRO C 177 -32.31 1.31 1.73
N ALA C 178 -33.30 2.04 1.22
CA ALA C 178 -34.20 2.82 2.07
C ALA C 178 -35.02 1.93 2.99
N LEU C 179 -35.49 0.79 2.50
CA LEU C 179 -36.21 -0.14 3.36
C LEU C 179 -35.29 -0.67 4.45
N ASP C 180 -34.08 -1.05 4.07
CA ASP C 180 -33.12 -1.58 5.04
C ASP C 180 -32.77 -0.53 6.09
N ALA C 181 -32.53 0.70 5.67
CA ALA C 181 -32.28 1.78 6.62
C ALA C 181 -33.48 1.99 7.56
N GLU C 182 -34.70 1.88 7.01
CA GLU C 182 -35.95 1.96 7.81
C GLU C 182 -36.05 0.80 8.79
N ARG C 183 -35.70 -0.40 8.34
CA ARG C 183 -35.68 -1.56 9.22
C ARG C 183 -34.74 -1.35 10.41
N ILE C 184 -33.54 -0.83 10.15
CA ILE C 184 -32.55 -0.57 11.20
C ILE C 184 -33.08 0.46 12.21
N THR C 185 -33.56 1.60 11.71
CA THR C 185 -34.06 2.67 12.59
C THR C 185 -35.24 2.21 13.44
N ALA C 186 -36.16 1.45 12.84
CA ALA C 186 -37.32 0.92 13.55
C ALA C 186 -36.91 -0.05 14.65
N CYS C 187 -35.94 -0.92 14.33
CA CYS C 187 -35.47 -1.92 15.29
C CYS C 187 -34.72 -1.30 16.47
N LEU C 188 -34.15 -0.12 16.27
CA LEU C 188 -33.42 0.57 17.34
C LEU C 188 -34.29 1.55 18.12
N ALA C 189 -35.49 1.80 17.62
CA ALA C 189 -36.34 2.88 18.14
C ALA C 189 -36.65 2.82 19.64
N ASP C 190 -36.83 1.62 20.19
CA ASP C 190 -37.22 1.44 21.60
C ASP C 190 -36.05 1.01 22.49
N ARG C 191 -34.84 1.30 22.02
CA ARG C 191 -33.61 0.84 22.64
C ARG C 191 -33.49 1.27 24.11
N GLN C 192 -33.13 0.30 24.97
CA GLN C 192 -32.84 0.55 26.39
C GLN C 192 -31.32 0.43 26.64
N PRO C 193 -30.82 1.00 27.76
CA PRO C 193 -29.37 1.01 28.04
C PRO C 193 -28.78 -0.39 28.12
N GLY C 194 -27.51 -0.51 27.72
CA GLY C 194 -26.79 -1.79 27.73
C GLY C 194 -27.30 -2.81 26.73
N GLU C 195 -27.78 -2.34 25.58
CA GLU C 195 -28.18 -3.23 24.50
C GLU C 195 -27.18 -3.10 23.35
N TRP C 196 -27.25 -4.04 22.42
CA TRP C 196 -26.26 -4.13 21.34
C TRP C 196 -26.94 -4.67 20.08
N TYR C 197 -26.68 -4.04 18.93
CA TYR C 197 -27.36 -4.39 17.69
C TYR C 197 -26.42 -4.74 16.55
N LEU C 198 -26.77 -5.81 15.84
CA LEU C 198 -26.08 -6.21 14.61
C LEU C 198 -27.06 -6.08 13.45
N ALA C 199 -26.67 -5.33 12.40
CA ALA C 199 -27.45 -5.35 11.17
C ALA C 199 -26.80 -6.38 10.26
N ASP C 200 -27.44 -7.55 10.15
CA ASP C 200 -26.89 -8.69 9.42
C ASP C 200 -27.51 -8.80 8.03
N ALA C 201 -26.72 -8.57 6.98
CA ALA C 201 -27.19 -8.70 5.59
C ALA C 201 -26.99 -10.09 5.01
N ASN C 202 -26.40 -10.99 5.79
CA ASN C 202 -26.18 -12.38 5.37
C ASN C 202 -25.63 -12.48 3.93
N ASN C 203 -24.57 -11.70 3.71
CA ASN C 203 -23.81 -11.72 2.46
C ASN C 203 -24.64 -11.29 1.25
N GLY C 204 -25.69 -10.51 1.50
CA GLY C 204 -26.69 -10.23 0.47
C GLY C 204 -26.70 -8.87 -0.21
N LEU C 205 -25.79 -7.97 0.15
CA LEU C 205 -25.80 -6.62 -0.48
C LEU C 205 -24.70 -6.47 -1.51
N THR C 206 -25.02 -5.78 -2.61
CA THR C 206 -23.99 -5.23 -3.49
C THR C 206 -23.31 -4.09 -2.74
N VAL C 207 -22.08 -3.77 -3.13
CA VAL C 207 -21.38 -2.64 -2.51
C VAL C 207 -22.15 -1.33 -2.75
N GLU C 208 -22.69 -1.17 -3.95
CA GLU C 208 -23.54 -0.02 -4.29
C GLU C 208 -24.71 0.13 -3.32
N HIS C 209 -25.42 -0.97 -3.05
CA HIS C 209 -26.58 -0.97 -2.12
C HIS C 209 -26.11 -0.61 -0.71
N ALA C 210 -25.02 -1.25 -0.26
CA ALA C 210 -24.47 -0.96 1.08
C ALA C 210 -24.09 0.50 1.26
N LEU C 211 -23.37 1.06 0.29
CA LEU C 211 -22.96 2.48 0.35
C LEU C 211 -24.17 3.43 0.37
N ARG C 212 -25.14 3.17 -0.50
CA ARG C 212 -26.39 3.93 -0.49
C ARG C 212 -27.08 3.81 0.87
N MET C 213 -27.15 2.60 1.42
CA MET C 213 -27.76 2.33 2.73
C MET C 213 -27.03 3.11 3.83
N LEU C 214 -25.70 3.06 3.80
CA LEU C 214 -24.86 3.81 4.74
C LEU C 214 -25.15 5.30 4.70
N SER C 215 -25.30 5.82 3.49
CA SER C 215 -25.57 7.24 3.28
C SER C 215 -26.94 7.63 3.83
N LEU C 216 -27.90 6.71 3.74
CA LEU C 216 -29.28 6.96 4.18
C LEU C 216 -29.47 6.91 5.68
N LEU C 217 -28.61 6.18 6.39
CA LEU C 217 -28.77 6.02 7.83
C LEU C 217 -28.63 7.37 8.53
N PRO C 218 -29.51 7.63 9.50
CA PRO C 218 -29.36 8.87 10.28
C PRO C 218 -28.04 8.86 11.07
N PRO C 219 -27.45 10.04 11.32
CA PRO C 219 -26.21 10.08 12.11
C PRO C 219 -26.44 9.73 13.59
N GLY C 220 -25.38 9.34 14.28
CA GLY C 220 -25.45 9.07 15.71
C GLY C 220 -26.03 7.72 16.12
N LEU C 221 -25.95 6.73 15.24
CA LEU C 221 -26.45 5.39 15.57
C LEU C 221 -25.34 4.50 16.11
N ASP C 222 -25.70 3.66 17.07
CA ASP C 222 -24.79 2.64 17.55
C ASP C 222 -25.22 1.30 16.95
N ILE C 223 -24.60 0.98 15.81
CA ILE C 223 -24.91 -0.24 15.06
C ILE C 223 -23.63 -0.91 14.53
N VAL C 224 -23.59 -2.23 14.56
CA VAL C 224 -22.51 -2.97 13.92
C VAL C 224 -23.05 -3.62 12.65
N LEU C 225 -22.34 -3.46 11.54
CA LEU C 225 -22.73 -4.07 10.27
C LEU C 225 -22.15 -5.48 10.15
N GLU C 226 -23.00 -6.44 9.79
CA GLU C 226 -22.58 -7.83 9.70
C GLU C 226 -22.78 -8.38 8.30
N ALA C 227 -21.75 -9.07 7.80
CA ALA C 227 -21.86 -9.88 6.60
C ALA C 227 -22.52 -9.09 5.45
N PRO C 228 -21.95 -7.93 5.11
CA PRO C 228 -22.63 -7.10 4.12
C PRO C 228 -22.66 -7.72 2.70
N CYS C 229 -21.60 -8.42 2.31
CA CYS C 229 -21.41 -8.77 0.89
C CYS C 229 -21.06 -10.23 0.68
N ALA C 230 -21.27 -10.69 -0.55
CA ALA C 230 -21.22 -12.11 -0.90
C ALA C 230 -19.80 -12.64 -1.05
N SER C 231 -18.85 -11.74 -1.27
CA SER C 231 -17.48 -12.16 -1.53
C SER C 231 -16.43 -11.37 -0.78
N TRP C 232 -15.26 -11.98 -0.71
CA TRP C 232 -14.10 -11.35 -0.11
C TRP C 232 -13.73 -10.01 -0.75
N ALA C 233 -13.67 -9.95 -2.09
CA ALA C 233 -13.28 -8.73 -2.81
C ALA C 233 -14.31 -7.59 -2.66
N GLU C 234 -15.60 -7.93 -2.63
CA GLU C 234 -16.65 -6.91 -2.42
C GLU C 234 -16.55 -6.35 -1.01
N THR C 235 -16.34 -7.24 -0.05
CA THR C 235 -16.22 -6.83 1.35
C THR C 235 -15.04 -5.89 1.57
N LYS C 236 -13.92 -6.17 0.93
CA LYS C 236 -12.76 -5.30 0.99
C LYS C 236 -13.05 -3.93 0.39
N SER C 237 -13.77 -3.92 -0.71
CA SER C 237 -14.09 -2.67 -1.36
C SER C 237 -14.96 -1.80 -0.45
N LEU C 238 -15.95 -2.41 0.21
CA LEU C 238 -16.84 -1.69 1.14
C LEU C 238 -16.07 -1.22 2.35
N ARG C 239 -15.21 -2.12 2.88
CA ARG C 239 -14.34 -1.81 4.02
C ARG C 239 -13.56 -0.50 3.82
N ALA C 240 -13.09 -0.25 2.61
CA ALA C 240 -12.32 0.96 2.29
C ALA C 240 -13.14 2.25 2.44
N ARG C 241 -14.46 2.12 2.43
CA ARG C 241 -15.35 3.28 2.42
C ARG C 241 -16.52 3.14 3.39
N CYS C 242 -16.26 2.47 4.52
CA CYS C 242 -17.28 2.27 5.56
C CYS C 242 -16.68 2.59 6.92
N ALA C 243 -17.31 3.53 7.63
CA ALA C 243 -16.82 3.99 8.94
C ALA C 243 -17.39 3.20 10.12
N LEU C 244 -18.41 2.39 9.85
CA LEU C 244 -19.06 1.57 10.89
C LEU C 244 -18.19 0.36 11.19
N PRO C 245 -18.28 -0.15 12.44
CA PRO C 245 -17.59 -1.40 12.72
C PRO C 245 -18.24 -2.52 11.91
N LEU C 246 -17.40 -3.45 11.45
CA LEU C 246 -17.82 -4.51 10.56
C LEU C 246 -17.51 -5.88 11.15
N LEU C 247 -18.51 -6.76 11.12
CA LEU C 247 -18.32 -8.13 11.60
C LEU C 247 -18.53 -9.08 10.43
N LEU C 248 -17.67 -10.09 10.33
CA LEU C 248 -17.83 -11.06 9.25
C LEU C 248 -18.31 -12.39 9.81
N ASP C 249 -19.10 -13.11 9.01
CA ASP C 249 -19.78 -14.32 9.48
C ASP C 249 -19.55 -15.46 8.48
N GLU C 250 -20.35 -15.48 7.42
CA GLU C 250 -20.21 -16.46 6.32
C GLU C 250 -18.80 -16.57 5.74
N LEU C 251 -18.09 -15.45 5.65
CA LEU C 251 -16.74 -15.46 5.08
C LEU C 251 -15.68 -16.02 6.01
N ILE C 252 -16.02 -16.18 7.29
CA ILE C 252 -15.08 -16.76 8.26
C ILE C 252 -15.53 -18.15 8.65
N GLN C 253 -14.89 -19.16 8.05
CA GLN C 253 -15.16 -20.56 8.38
C GLN C 253 -13.93 -21.25 8.98
N THR C 254 -12.76 -21.03 8.37
CA THR C 254 -11.55 -21.68 8.81
C THR C 254 -10.67 -20.72 9.61
N GLU C 255 -9.63 -21.28 10.25
CA GLU C 255 -8.64 -20.49 10.93
C GLU C 255 -7.90 -19.60 9.92
N THR C 256 -7.59 -20.15 8.75
CA THR C 256 -6.90 -19.39 7.70
C THR C 256 -7.73 -18.21 7.19
N ASP C 257 -9.07 -18.35 7.24
CA ASP C 257 -9.97 -17.24 6.92
C ASP C 257 -9.73 -16.04 7.84
N LEU C 258 -9.57 -16.30 9.14
CA LEU C 258 -9.34 -15.24 10.11
C LEU C 258 -7.98 -14.57 9.89
N ILE C 259 -6.97 -15.36 9.54
CA ILE C 259 -5.66 -14.81 9.19
C ILE C 259 -5.74 -13.85 7.99
N ALA C 260 -6.50 -14.25 6.97
CA ALA C 260 -6.64 -13.42 5.77
C ALA C 260 -7.35 -12.10 6.12
N ALA C 261 -8.34 -12.19 7.02
CA ALA C 261 -9.09 -11.03 7.50
C ALA C 261 -8.18 -10.07 8.25
N ILE C 262 -7.29 -10.61 9.09
CA ILE C 262 -6.33 -9.79 9.81
C ILE C 262 -5.35 -9.12 8.83
N ARG C 263 -4.81 -9.88 7.88
CA ARG C 263 -3.85 -9.37 6.90
C ARG C 263 -4.46 -8.24 6.09
N ASP C 264 -5.74 -8.38 5.76
CA ASP C 264 -6.45 -7.39 4.96
C ASP C 264 -7.09 -6.30 5.82
N ASP C 265 -6.94 -6.37 7.14
CA ASP C 265 -7.63 -5.47 8.09
C ASP C 265 -9.11 -5.34 7.71
N LEU C 266 -9.79 -6.47 7.57
CA LEU C 266 -11.09 -6.47 6.91
C LEU C 266 -12.28 -6.22 7.87
N CYS C 267 -12.07 -6.48 9.15
CA CYS C 267 -13.19 -6.46 10.08
C CYS C 267 -12.81 -6.25 11.54
N ASP C 268 -13.79 -5.87 12.36
CA ASP C 268 -13.55 -5.53 13.76
C ASP C 268 -14.15 -6.56 14.71
N GLY C 269 -14.80 -7.57 14.12
CA GLY C 269 -15.41 -8.66 14.88
C GLY C 269 -15.79 -9.82 13.98
N VAL C 270 -16.15 -10.94 14.59
CA VAL C 270 -16.41 -12.18 13.88
C VAL C 270 -17.62 -12.86 14.47
N GLY C 271 -18.48 -13.38 13.58
CA GLY C 271 -19.61 -14.23 13.98
C GLY C 271 -19.11 -15.66 14.02
N LEU C 272 -18.81 -16.15 15.22
CA LEU C 272 -18.33 -17.51 15.39
C LEU C 272 -19.50 -18.43 15.69
N LYS C 273 -19.81 -19.29 14.74
CA LYS C 273 -20.91 -20.25 14.86
C LYS C 273 -20.37 -21.66 15.01
N VAL C 274 -20.68 -22.30 16.14
CA VAL C 274 -20.08 -23.58 16.50
C VAL C 274 -19.95 -24.49 15.27
N SER C 275 -21.06 -24.74 14.57
CA SER C 275 -21.02 -25.72 13.47
C SER C 275 -20.46 -25.18 12.15
N LYS C 276 -20.38 -23.85 12.01
CA LYS C 276 -19.71 -23.25 10.83
C LYS C 276 -18.19 -23.38 10.97
N GLN C 277 -17.69 -23.16 12.19
CA GLN C 277 -16.25 -23.20 12.44
C GLN C 277 -15.79 -24.66 12.51
N GLY C 278 -16.69 -25.53 12.98
CA GLY C 278 -16.45 -26.97 12.96
C GLY C 278 -16.31 -27.62 14.31
N GLY C 279 -16.88 -27.00 15.34
CA GLY C 279 -16.96 -27.61 16.67
C GLY C 279 -16.14 -26.87 17.71
N ILE C 280 -15.96 -27.47 18.87
CA ILE C 280 -15.23 -26.85 19.97
C ILE C 280 -13.77 -26.56 19.60
N THR C 281 -13.11 -27.54 19.00
CA THR C 281 -11.70 -27.40 18.71
C THR C 281 -11.37 -26.15 17.88
N PRO C 282 -12.03 -25.96 16.71
CA PRO C 282 -11.79 -24.75 15.95
C PRO C 282 -12.41 -23.47 16.55
N MET C 283 -13.47 -23.60 17.36
CA MET C 283 -14.01 -22.41 18.05
C MET C 283 -12.95 -21.83 18.99
N LEU C 284 -12.21 -22.73 19.65
CA LEU C 284 -11.16 -22.33 20.55
C LEU C 284 -9.94 -21.73 19.83
N ARG C 285 -9.60 -22.32 18.68
CA ARG C 285 -8.48 -21.83 17.88
C ARG C 285 -8.82 -20.45 17.34
N GLN C 286 -10.03 -20.33 16.80
CA GLN C 286 -10.47 -19.08 16.24
C GLN C 286 -10.68 -18.02 17.32
N ARG C 287 -11.10 -18.44 18.52
CA ARG C 287 -11.17 -17.52 19.65
C ARG C 287 -9.80 -16.94 20.01
N ALA C 288 -8.77 -17.80 20.01
CA ALA C 288 -7.42 -17.36 20.36
C ALA C 288 -6.91 -16.34 19.33
N ILE C 289 -7.17 -16.61 18.04
CA ILE C 289 -6.79 -15.68 16.98
C ILE C 289 -7.56 -14.35 17.09
N ALA C 290 -8.89 -14.44 17.16
CA ALA C 290 -9.71 -13.23 17.29
C ALA C 290 -9.35 -12.41 18.53
N ALA C 291 -9.18 -13.08 19.68
CA ALA C 291 -8.89 -12.40 20.92
C ALA C 291 -7.56 -11.65 20.84
N ALA C 292 -6.56 -12.28 20.23
CA ALA C 292 -5.23 -11.66 20.08
C ALA C 292 -5.33 -10.45 19.18
N ALA C 293 -6.17 -10.52 18.16
CA ALA C 293 -6.39 -9.40 17.23
C ALA C 293 -7.33 -8.31 17.77
N GLY C 294 -7.94 -8.55 18.93
CA GLY C 294 -8.87 -7.58 19.53
C GLY C 294 -10.23 -7.55 18.84
N MET C 295 -10.57 -8.61 18.10
CA MET C 295 -11.86 -8.68 17.41
C MET C 295 -12.94 -9.14 18.38
N VAL C 296 -14.04 -8.40 18.47
CA VAL C 296 -15.19 -8.87 19.24
C VAL C 296 -15.79 -10.13 18.56
N MET C 297 -16.48 -10.93 19.35
CA MET C 297 -16.97 -12.24 18.92
C MET C 297 -18.42 -12.44 19.37
N SER C 298 -19.33 -12.62 18.42
CA SER C 298 -20.65 -13.11 18.77
C SER C 298 -20.63 -14.63 18.72
N VAL C 299 -20.89 -15.28 19.84
CA VAL C 299 -20.79 -16.74 19.94
C VAL C 299 -22.17 -17.32 19.70
N GLN C 300 -22.30 -18.00 18.56
CA GLN C 300 -23.60 -18.45 18.09
C GLN C 300 -23.48 -19.85 17.54
N ASP C 301 -24.55 -20.27 16.86
CA ASP C 301 -24.51 -21.41 15.98
C ASP C 301 -25.37 -21.00 14.78
N THR C 302 -25.39 -21.82 13.75
CA THR C 302 -26.33 -21.61 12.63
C THR C 302 -27.77 -21.55 13.17
N VAL C 303 -28.15 -22.60 13.89
CA VAL C 303 -29.43 -22.76 14.58
C VAL C 303 -29.35 -24.12 15.28
N GLY C 304 -30.29 -24.42 16.16
CA GLY C 304 -30.27 -25.73 16.78
C GLY C 304 -31.16 -25.88 17.98
N SER C 305 -31.09 -27.05 18.58
CA SER C 305 -31.83 -27.37 19.79
C SER C 305 -31.03 -26.97 21.02
N GLN C 306 -31.42 -27.56 22.16
CA GLN C 306 -30.72 -27.36 23.41
C GLN C 306 -29.30 -27.92 23.35
N ILE C 307 -29.07 -28.88 22.46
CA ILE C 307 -27.77 -29.53 22.31
C ILE C 307 -26.77 -28.55 21.68
N SER C 308 -27.20 -27.90 20.60
CA SER C 308 -26.47 -26.76 20.04
C SER C 308 -26.28 -25.70 21.11
N PHE C 309 -27.35 -25.36 21.82
CA PHE C 309 -27.27 -24.31 22.85
C PHE C 309 -26.24 -24.58 23.96
N ALA C 310 -26.10 -25.84 24.38
CA ALA C 310 -25.09 -26.18 25.40
C ALA C 310 -23.66 -25.87 24.94
N ALA C 311 -23.31 -26.25 23.71
CA ALA C 311 -22.01 -25.88 23.12
C ALA C 311 -21.80 -24.36 23.04
N ILE C 312 -22.79 -23.65 22.51
CA ILE C 312 -22.74 -22.18 22.43
C ILE C 312 -22.51 -21.58 23.82
N LEU C 313 -23.34 -21.98 24.79
CA LEU C 313 -23.32 -21.40 26.13
C LEU C 313 -22.00 -21.62 26.88
N HIS C 314 -21.49 -22.84 26.86
CA HIS C 314 -20.26 -23.17 27.57
C HIS C 314 -19.07 -22.41 26.96
N LEU C 315 -19.05 -22.29 25.64
CA LEU C 315 -18.02 -21.49 24.96
C LEU C 315 -18.13 -20.00 25.29
N ALA C 316 -19.35 -19.45 25.22
CA ALA C 316 -19.54 -18.04 25.57
C ALA C 316 -19.15 -17.79 27.03
N GLN C 317 -19.44 -18.77 27.89
CA GLN C 317 -19.19 -18.66 29.34
C GLN C 317 -17.70 -18.53 29.68
N SER C 318 -16.84 -19.07 28.81
CA SER C 318 -15.40 -19.00 29.03
C SER C 318 -14.70 -17.95 28.16
N THR C 319 -15.50 -17.13 27.48
CA THR C 319 -14.98 -16.07 26.61
C THR C 319 -14.81 -14.79 27.43
N PRO C 320 -13.68 -14.08 27.25
CA PRO C 320 -13.49 -12.81 27.96
C PRO C 320 -14.65 -11.89 27.68
N ARG C 321 -15.19 -11.28 28.73
CA ARG C 321 -16.47 -10.58 28.62
C ARG C 321 -16.36 -9.32 27.76
N HIS C 322 -15.21 -8.66 27.81
CA HIS C 322 -15.03 -7.42 27.05
C HIS C 322 -14.99 -7.66 25.54
N LEU C 323 -14.67 -8.87 25.11
CA LEU C 323 -14.71 -9.23 23.67
C LEU C 323 -16.01 -9.92 23.26
N LEU C 324 -16.67 -10.56 24.21
CA LEU C 324 -17.94 -11.25 23.92
C LEU C 324 -19.03 -10.27 23.51
N ARG C 325 -19.75 -10.61 22.45
CA ARG C 325 -20.93 -9.87 22.05
C ARG C 325 -22.12 -10.84 22.02
N CYS C 326 -22.53 -11.28 23.21
CA CYS C 326 -23.71 -12.14 23.40
C CYS C 326 -23.53 -13.59 22.96
N ALA C 327 -24.41 -14.45 23.50
CA ALA C 327 -24.53 -15.82 23.06
C ALA C 327 -25.89 -15.97 22.43
N LEU C 328 -25.98 -16.77 21.36
CA LEU C 328 -27.26 -17.04 20.73
C LEU C 328 -28.07 -18.04 21.57
N ASP C 329 -29.27 -17.64 21.99
CA ASP C 329 -30.18 -18.58 22.63
C ASP C 329 -31.11 -19.16 21.58
N THR C 330 -30.74 -20.35 21.10
CA THR C 330 -31.45 -21.04 20.02
C THR C 330 -32.83 -21.57 20.45
N ARG C 331 -33.07 -21.63 21.75
CA ARG C 331 -34.37 -22.04 22.28
C ARG C 331 -35.48 -21.13 21.76
N ALA C 332 -35.16 -19.85 21.53
CA ALA C 332 -36.07 -18.89 20.92
C ALA C 332 -36.27 -19.08 19.40
N MET C 333 -35.42 -19.90 18.77
CA MET C 333 -35.49 -20.09 17.32
C MET C 333 -36.29 -21.32 16.86
N THR C 334 -36.42 -22.33 17.73
CA THR C 334 -37.20 -23.53 17.38
C THR C 334 -38.03 -24.01 18.56
N THR C 335 -39.05 -24.81 18.27
CA THR C 335 -39.90 -25.34 19.34
C THR C 335 -39.46 -26.73 19.81
N ALA C 336 -38.38 -27.25 19.22
CA ALA C 336 -37.87 -28.57 19.59
C ALA C 336 -37.42 -28.65 21.05
N GLU C 337 -37.53 -29.86 21.60
CA GLU C 337 -37.21 -30.15 23.00
C GLU C 337 -36.43 -31.44 23.02
N LEU C 338 -35.22 -31.40 22.46
CA LEU C 338 -34.37 -32.58 22.31
C LEU C 338 -33.59 -32.90 23.59
N ALA C 339 -33.49 -31.90 24.48
CA ALA C 339 -32.79 -32.08 25.75
C ALA C 339 -33.19 -31.01 26.76
N GLU C 340 -33.02 -31.34 28.04
CA GLU C 340 -33.13 -30.34 29.10
C GLU C 340 -31.74 -29.80 29.44
N ILE C 341 -31.68 -28.50 29.70
CA ILE C 341 -30.49 -27.87 30.26
C ILE C 341 -30.95 -26.86 31.30
N ASP C 342 -30.33 -26.90 32.47
CA ASP C 342 -30.65 -25.94 33.51
C ASP C 342 -29.89 -24.64 33.26
N ALA C 343 -30.44 -23.82 32.36
CA ALA C 343 -29.86 -22.54 32.00
C ALA C 343 -30.96 -21.52 31.68
N PRO C 344 -31.73 -21.10 32.71
CA PRO C 344 -32.82 -20.17 32.42
C PRO C 344 -32.32 -18.73 32.24
N LEU C 345 -33.10 -17.94 31.52
CA LEU C 345 -32.86 -16.51 31.36
C LEU C 345 -33.19 -15.75 32.65
N ARG C 346 -32.14 -15.29 33.34
CA ARG C 346 -32.26 -14.55 34.62
C ARG C 346 -30.96 -13.84 34.99
N ASP C 347 -31.07 -12.80 35.81
CA ASP C 347 -29.94 -11.95 36.23
C ASP C 347 -29.15 -11.35 35.05
N GLY C 348 -29.81 -11.14 33.91
CA GLY C 348 -29.20 -10.47 32.77
C GLY C 348 -28.83 -11.36 31.59
N GLY C 349 -29.13 -12.65 31.68
CA GLY C 349 -28.86 -13.58 30.58
C GLY C 349 -28.84 -15.03 31.03
N ALA C 350 -28.01 -15.84 30.38
CA ALA C 350 -27.96 -17.28 30.68
C ALA C 350 -26.60 -17.71 31.22
N SER C 351 -26.60 -18.61 32.20
CA SER C 351 -25.35 -19.08 32.82
C SER C 351 -25.15 -20.57 32.58
N ALA C 352 -23.95 -20.95 32.11
CA ALA C 352 -23.62 -22.36 31.90
C ALA C 352 -23.85 -23.19 33.16
N PRO C 353 -24.43 -24.39 33.03
CA PRO C 353 -24.61 -25.25 34.20
C PRO C 353 -23.28 -25.73 34.78
N SER C 354 -23.31 -26.25 36.00
CA SER C 354 -22.11 -26.68 36.69
C SER C 354 -21.88 -28.19 36.59
N ASP C 355 -22.82 -28.90 35.99
CA ASP C 355 -22.72 -30.35 35.75
C ASP C 355 -21.53 -30.68 34.84
N PRO C 356 -20.90 -31.85 35.03
CA PRO C 356 -19.81 -32.22 34.11
C PRO C 356 -20.30 -32.36 32.67
N GLY C 357 -19.41 -32.06 31.72
CA GLY C 357 -19.75 -32.14 30.30
C GLY C 357 -20.54 -30.94 29.83
N LEU C 358 -21.42 -31.15 28.87
CA LEU C 358 -22.29 -30.09 28.33
C LEU C 358 -23.43 -29.74 29.30
N GLY C 359 -23.74 -30.67 30.21
CA GLY C 359 -24.79 -30.44 31.19
C GLY C 359 -26.17 -30.75 30.64
N LEU C 360 -26.22 -31.66 29.66
CA LEU C 360 -27.48 -32.03 29.00
C LEU C 360 -28.09 -33.30 29.57
N ARG C 361 -29.42 -33.34 29.58
CA ARG C 361 -30.15 -34.59 29.80
C ARG C 361 -30.93 -34.81 28.50
N VAL C 362 -30.38 -35.68 27.65
CA VAL C 362 -30.88 -35.83 26.30
C VAL C 362 -32.16 -36.66 26.31
N ASN C 363 -33.19 -36.13 25.66
CA ASN C 363 -34.46 -36.85 25.46
C ASN C 363 -34.35 -37.69 24.20
N ARG C 364 -33.91 -38.93 24.36
CA ARG C 364 -33.75 -39.82 23.21
C ARG C 364 -35.07 -40.03 22.46
N ASP C 365 -36.20 -39.96 23.17
CA ASP C 365 -37.53 -40.12 22.57
C ASP C 365 -37.93 -38.97 21.63
N ALA C 366 -37.14 -37.90 21.65
CA ALA C 366 -37.37 -36.75 20.79
C ALA C 366 -36.49 -36.79 19.53
N LEU C 367 -35.60 -37.77 19.43
CA LEU C 367 -34.56 -37.77 18.40
C LEU C 367 -34.85 -38.73 17.24
N GLY C 368 -35.77 -39.66 17.46
CA GLY C 368 -35.98 -40.76 16.53
C GLY C 368 -34.87 -41.79 16.65
N THR C 369 -35.14 -43.00 16.19
CA THR C 369 -34.14 -44.07 16.08
C THR C 369 -32.96 -43.59 15.21
N PRO C 370 -31.72 -43.99 15.56
CA PRO C 370 -30.55 -43.57 14.76
C PRO C 370 -30.69 -43.98 13.29
N VAL C 371 -30.18 -43.15 12.37
CA VAL C 371 -30.19 -43.47 10.94
C VAL C 371 -28.97 -44.27 10.49
N LYS C 372 -27.89 -44.16 11.27
CA LYS C 372 -26.67 -44.90 10.99
C LYS C 372 -25.87 -45.11 12.28
N THR C 373 -25.22 -46.25 12.38
CA THR C 373 -24.36 -46.60 13.51
C THR C 373 -23.02 -47.10 12.99
N PHE C 374 -21.94 -46.74 13.67
CA PHE C 374 -20.58 -47.15 13.31
C PHE C 374 -19.88 -47.80 14.49
N GLY C 375 -19.10 -48.84 14.20
CA GLY C 375 -18.33 -49.55 15.21
C GLY C 375 -18.46 -51.05 15.12
N LEU D 3 35.34 14.70 36.87
CA LEU D 3 34.02 14.52 37.54
C LEU D 3 33.56 13.07 37.48
N LYS D 4 33.37 12.46 38.65
CA LYS D 4 33.05 11.03 38.77
C LYS D 4 31.85 10.83 39.68
N ILE D 5 31.00 9.87 39.34
CA ILE D 5 29.97 9.37 40.25
C ILE D 5 30.63 8.54 41.37
N THR D 6 30.40 8.90 42.63
CA THR D 6 31.05 8.21 43.75
C THR D 6 30.09 7.42 44.63
N ARG D 7 28.82 7.83 44.67
CA ARG D 7 27.83 7.21 45.57
C ARG D 7 26.41 7.34 45.03
N ILE D 8 25.66 6.23 45.08
CA ILE D 8 24.25 6.23 44.69
C ILE D 8 23.38 5.69 45.85
N ASP D 9 22.39 6.47 46.26
CA ASP D 9 21.46 6.05 47.31
C ASP D 9 20.07 5.81 46.72
N ILE D 10 19.49 4.66 47.04
CA ILE D 10 18.13 4.33 46.59
C ILE D 10 17.19 4.46 47.77
N HIS D 11 16.16 5.28 47.63
CA HIS D 11 15.17 5.49 48.67
C HIS D 11 13.84 4.96 48.21
N ARG D 12 13.06 4.44 49.14
CA ARG D 12 11.69 4.02 48.85
C ARG D 12 10.77 4.78 49.76
N THR D 13 9.72 5.38 49.21
CA THR D 13 8.75 6.09 50.02
C THR D 13 7.36 6.07 49.43
N ASP D 14 6.37 6.07 50.31
CA ASP D 14 4.98 6.01 49.95
C ASP D 14 4.43 7.42 49.68
N LEU D 15 3.73 7.62 48.57
CA LEU D 15 3.07 8.90 48.28
C LEU D 15 1.55 8.73 48.39
N PRO D 16 0.93 9.29 49.44
CA PRO D 16 -0.53 9.15 49.62
C PRO D 16 -1.28 9.97 48.57
N VAL D 17 -2.33 9.40 47.99
CA VAL D 17 -3.13 10.10 46.98
C VAL D 17 -3.73 11.40 47.54
N ARG D 18 -3.74 12.43 46.71
CA ARG D 18 -4.42 13.69 46.98
C ARG D 18 -5.73 13.72 46.20
N GLY D 19 -6.86 13.84 46.89
CA GLY D 19 -8.16 13.84 46.22
C GLY D 19 -8.51 12.45 45.69
N GLY D 20 -9.57 12.36 44.90
CA GLY D 20 -10.09 11.07 44.44
C GLY D 20 -9.09 10.10 43.80
N VAL D 21 -9.17 8.83 44.19
CA VAL D 21 -8.39 7.76 43.56
C VAL D 21 -8.75 7.59 42.08
N TYR D 22 -7.75 7.26 41.28
CA TYR D 22 -7.92 7.08 39.84
C TYR D 22 -8.63 5.80 39.48
N ARG D 23 -9.55 5.92 38.52
CA ARG D 23 -10.17 4.77 37.87
C ARG D 23 -9.91 4.86 36.36
N LEU D 24 -9.04 3.99 35.87
CA LEU D 24 -8.81 3.84 34.44
C LEU D 24 -9.67 2.68 33.94
N SER D 25 -9.75 2.53 32.62
CA SER D 25 -10.59 1.49 31.98
C SER D 25 -10.19 0.06 32.40
N GLY D 26 -11.18 -0.84 32.40
CA GLY D 26 -10.98 -2.22 32.84
C GLY D 26 -11.10 -2.42 34.36
N GLY D 27 -11.59 -1.39 35.05
CA GLY D 27 -11.75 -1.43 36.50
C GLY D 27 -10.46 -1.32 37.30
N ARG D 28 -9.49 -0.62 36.72
CA ARG D 28 -8.19 -0.39 37.38
C ARG D 28 -8.31 0.78 38.37
N GLU D 29 -7.91 0.53 39.62
CA GLU D 29 -7.94 1.53 40.69
C GLU D 29 -6.58 1.65 41.39
N TYR D 30 -6.29 2.84 41.91
CA TYR D 30 -4.95 3.17 42.42
C TYR D 30 -5.01 3.99 43.72
N HIS D 31 -4.60 3.38 44.84
CA HIS D 31 -4.88 3.95 46.16
C HIS D 31 -3.67 4.53 46.91
N SER D 32 -2.47 4.26 46.41
CA SER D 32 -1.22 4.77 47.00
C SER D 32 -0.11 4.53 45.99
N TYR D 33 0.92 5.37 45.99
CA TYR D 33 2.00 5.24 45.00
C TYR D 33 3.34 4.96 45.62
N ASP D 34 3.97 3.88 45.15
CA ASP D 34 5.24 3.42 45.67
C ASP D 34 6.39 4.09 44.90
N ALA D 35 7.01 5.08 45.53
CA ALA D 35 8.04 5.86 44.87
C ALA D 35 9.44 5.35 45.14
N THR D 36 10.28 5.37 44.10
CA THR D 36 11.71 5.16 44.23
C THR D 36 12.44 6.47 43.91
N ILE D 37 13.21 6.95 44.89
CA ILE D 37 13.94 8.20 44.76
C ILE D 37 15.43 7.92 44.85
N VAL D 38 16.19 8.40 43.85
CA VAL D 38 17.62 8.18 43.83
C VAL D 38 18.38 9.49 44.07
N SER D 39 19.44 9.44 44.87
CA SER D 39 20.42 10.52 44.85
C SER D 39 21.73 9.99 44.33
N ILE D 40 22.44 10.85 43.59
CA ILE D 40 23.76 10.51 43.04
C ILE D 40 24.74 11.60 43.46
N GLU D 41 25.85 11.18 44.06
CA GLU D 41 26.89 12.10 44.55
C GLU D 41 28.14 11.99 43.70
N THR D 42 28.86 13.11 43.56
CA THR D 42 30.10 13.16 42.81
C THR D 42 31.30 13.36 43.74
N ASP D 43 32.50 13.16 43.20
CA ASP D 43 33.73 13.45 43.93
C ASP D 43 33.88 14.96 44.28
N THR D 44 33.19 15.81 43.53
CA THR D 44 33.22 17.26 43.76
C THR D 44 32.09 17.73 44.67
N GLY D 45 31.33 16.78 45.22
CA GLY D 45 30.30 17.10 46.17
C GLY D 45 29.00 17.63 45.59
N LEU D 46 28.73 17.32 44.32
CA LEU D 46 27.42 17.61 43.72
C LEU D 46 26.46 16.45 43.96
N THR D 47 25.24 16.78 44.36
CA THR D 47 24.19 15.78 44.52
C THR D 47 23.10 16.03 43.48
N GLY D 48 22.73 14.98 42.76
CA GLY D 48 21.63 15.02 41.81
C GLY D 48 20.51 14.12 42.27
N TRP D 49 19.29 14.48 41.92
CA TRP D 49 18.12 13.74 42.35
C TRP D 49 17.29 13.27 41.16
N GLY D 50 16.67 12.10 41.28
CA GLY D 50 15.79 11.54 40.25
C GLY D 50 14.71 10.66 40.88
N GLU D 51 13.51 10.70 40.31
CA GLU D 51 12.38 9.90 40.80
C GLU D 51 11.84 8.99 39.69
N SER D 52 11.50 7.77 40.07
CA SER D 52 10.71 6.91 39.19
C SER D 52 9.63 6.23 40.00
N THR D 53 8.38 6.53 39.66
CA THR D 53 7.24 6.02 40.40
C THR D 53 6.23 5.48 39.41
N PRO D 54 6.26 4.15 39.17
CA PRO D 54 5.28 3.59 38.23
C PRO D 54 3.86 3.88 38.71
N PHE D 55 2.96 4.11 37.76
CA PHE D 55 1.55 4.25 38.10
C PHE D 55 0.97 2.85 38.35
N GLY D 56 1.00 2.41 39.61
CA GLY D 56 0.64 1.04 39.93
C GLY D 56 1.46 0.03 39.15
N SER D 57 0.85 -1.11 38.84
CA SER D 57 1.55 -2.21 38.17
C SER D 57 0.83 -2.62 36.89
N THR D 58 -0.18 -1.85 36.52
CA THR D 58 -1.06 -2.20 35.40
C THR D 58 -1.08 -1.14 34.29
N TYR D 59 -0.41 -0.02 34.52
CA TYR D 59 -0.39 1.06 33.53
C TYR D 59 0.43 0.68 32.28
N ILE D 60 1.70 0.34 32.51
CA ILE D 60 2.58 -0.30 31.54
C ILE D 60 3.32 -1.45 32.25
N ALA D 61 4.19 -2.17 31.54
CA ALA D 61 4.93 -3.28 32.16
C ALA D 61 6.06 -2.72 33.03
N ALA D 62 5.67 -2.30 34.23
CA ALA D 62 6.58 -1.70 35.21
C ALA D 62 5.87 -1.70 36.55
N HIS D 63 6.64 -1.89 37.61
CA HIS D 63 6.14 -1.81 38.98
C HIS D 63 7.31 -1.42 39.89
N ALA D 64 7.00 -0.78 41.01
CA ALA D 64 8.03 -0.27 41.94
C ALA D 64 9.06 -1.31 42.37
N GLY D 65 8.60 -2.51 42.73
CA GLY D 65 9.51 -3.59 43.10
C GLY D 65 10.46 -3.97 41.96
N GLY D 66 9.95 -3.86 40.73
CA GLY D 66 10.75 -4.09 39.51
C GLY D 66 11.76 -2.99 39.25
N THR D 67 11.34 -1.74 39.48
CA THR D 67 12.22 -0.58 39.39
C THR D 67 13.44 -0.78 40.29
N ARG D 68 13.17 -1.15 41.54
CA ARG D 68 14.24 -1.34 42.52
C ARG D 68 15.10 -2.57 42.19
N ALA D 69 14.47 -3.64 41.70
CA ALA D 69 15.23 -4.84 41.30
C ALA D 69 16.18 -4.55 40.12
N ALA D 70 15.73 -3.72 39.17
CA ALA D 70 16.58 -3.31 38.05
C ALA D 70 17.72 -2.39 38.48
N LEU D 71 17.45 -1.50 39.45
CA LEU D 71 18.50 -0.64 40.01
C LEU D 71 19.66 -1.40 40.65
N GLU D 72 19.39 -2.60 41.18
CA GLU D 72 20.46 -3.46 41.71
C GLU D 72 21.53 -3.74 40.65
N LEU D 73 21.12 -3.80 39.38
CA LEU D 73 22.09 -3.99 38.28
C LEU D 73 22.61 -2.67 37.72
N LEU D 74 21.72 -1.70 37.59
CA LEU D 74 22.05 -0.45 36.91
C LEU D 74 22.98 0.47 37.71
N ALA D 75 22.65 0.63 38.99
CA ALA D 75 23.36 1.57 39.84
C ALA D 75 24.86 1.24 39.95
N PRO D 76 25.22 -0.01 40.33
CA PRO D 76 26.67 -0.33 40.37
C PRO D 76 27.37 -0.20 39.02
N ALA D 77 26.62 -0.34 37.94
CA ALA D 77 27.14 -0.29 36.58
C ALA D 77 27.66 1.10 36.17
N ILE D 78 27.08 2.16 36.73
CA ILE D 78 27.46 3.52 36.33
C ILE D 78 28.36 4.25 37.34
N LEU D 79 28.73 3.57 38.43
CA LEU D 79 29.70 4.11 39.39
C LEU D 79 31.02 4.46 38.71
N GLY D 80 31.58 5.60 39.10
CA GLY D 80 32.85 6.08 38.54
C GLY D 80 32.77 6.72 37.15
N MET D 81 31.58 6.75 36.55
CA MET D 81 31.41 7.39 35.23
C MET D 81 31.28 8.88 35.40
N ASP D 82 31.56 9.64 34.33
CA ASP D 82 31.35 11.07 34.31
C ASP D 82 29.86 11.32 34.06
N PRO D 83 29.14 11.91 35.04
CA PRO D 83 27.69 12.12 34.95
C PRO D 83 27.22 13.06 33.85
N ARG D 84 28.13 13.81 33.25
CA ARG D 84 27.80 14.71 32.14
C ARG D 84 27.70 13.99 30.78
N GLN D 85 28.21 12.77 30.70
CA GLN D 85 28.25 12.05 29.42
C GLN D 85 26.99 11.19 29.23
N HIS D 86 25.86 11.86 29.00
CA HIS D 86 24.55 11.24 29.04
C HIS D 86 24.36 10.05 28.10
N ASP D 87 24.88 10.16 26.87
CA ASP D 87 24.75 9.08 25.89
C ASP D 87 25.58 7.85 26.30
N ARG D 88 26.78 8.10 26.85
CA ARG D 88 27.63 6.98 27.25
C ARG D 88 27.14 6.30 28.53
N ILE D 89 26.54 7.06 29.44
CA ILE D 89 25.85 6.50 30.62
C ILE D 89 24.64 5.68 30.15
N TRP D 90 23.89 6.24 29.21
CA TRP D 90 22.78 5.52 28.58
C TRP D 90 23.24 4.18 28.00
N ASP D 91 24.31 4.19 27.21
CA ASP D 91 24.84 2.96 26.60
C ASP D 91 25.25 1.90 27.64
N ARG D 92 25.89 2.36 28.71
CA ARG D 92 26.28 1.48 29.81
C ARG D 92 25.06 0.77 30.44
N MET D 93 23.99 1.54 30.66
CA MET D 93 22.73 0.99 31.22
C MET D 93 22.09 0.02 30.24
N ARG D 94 22.00 0.41 28.96
CA ARG D 94 21.52 -0.49 27.89
C ARG D 94 22.31 -1.79 27.83
N ASP D 95 23.64 -1.68 27.96
CA ASP D 95 24.52 -2.86 27.90
C ASP D 95 24.39 -3.75 29.13
N THR D 96 23.91 -3.18 30.22
CA THR D 96 23.74 -3.90 31.47
C THR D 96 22.39 -4.63 31.55
N LEU D 97 21.34 -3.97 31.08
CA LEU D 97 19.98 -4.49 31.23
C LEU D 97 19.07 -3.92 30.15
N LYS D 98 18.47 -4.82 29.38
CA LYS D 98 17.55 -4.42 28.30
C LYS D 98 16.25 -3.90 28.91
N GLY D 99 15.64 -2.90 28.28
CA GLY D 99 14.40 -2.32 28.78
C GLY D 99 14.53 -1.70 30.16
N HIS D 100 13.51 -1.87 31.00
CA HIS D 100 13.49 -1.30 32.35
C HIS D 100 13.83 0.19 32.35
N ARG D 101 13.16 0.94 31.49
CA ARG D 101 13.35 2.38 31.40
C ARG D 101 12.93 3.11 32.66
N ASP D 102 11.96 2.56 33.39
CA ASP D 102 11.59 3.09 34.71
C ASP D 102 12.80 3.19 35.64
N ALA D 103 13.70 2.20 35.55
CA ALA D 103 14.89 2.16 36.41
C ALA D 103 15.97 3.12 35.92
N ARG D 104 16.19 3.13 34.61
CA ARG D 104 17.12 4.07 33.99
C ARG D 104 16.77 5.51 34.32
N ALA D 105 15.46 5.81 34.35
CA ALA D 105 14.95 7.16 34.53
C ALA D 105 15.50 7.84 35.78
N ALA D 106 15.36 7.20 36.93
CA ALA D 106 15.78 7.82 38.18
C ALA D 106 17.27 8.18 38.14
N LEU D 107 18.10 7.28 37.61
CA LEU D 107 19.55 7.55 37.50
C LEU D 107 19.86 8.64 36.48
N ASP D 108 19.16 8.58 35.35
CA ASP D 108 19.39 9.50 34.23
C ASP D 108 19.09 10.94 34.60
N ILE D 109 17.96 11.15 35.27
CA ILE D 109 17.55 12.47 35.77
C ILE D 109 18.59 13.02 36.75
N ALA D 110 19.04 12.19 37.70
CA ALA D 110 19.98 12.66 38.72
C ALA D 110 21.31 13.07 38.09
N CYS D 111 21.77 12.34 37.06
CA CYS D 111 22.94 12.71 36.28
C CYS D 111 22.79 14.05 35.55
N TRP D 112 21.62 14.29 34.94
CA TRP D 112 21.34 15.60 34.31
C TRP D 112 21.27 16.75 35.31
N ASP D 113 20.72 16.47 36.49
CA ASP D 113 20.67 17.43 37.60
C ASP D 113 22.10 17.87 37.94
N ILE D 114 22.99 16.90 38.15
CA ILE D 114 24.42 17.18 38.41
C ILE D 114 25.05 18.00 37.28
N ALA D 115 24.90 17.53 36.05
CA ALA D 115 25.45 18.18 34.85
C ALA D 115 25.02 19.64 34.72
N ALA D 116 23.72 19.89 34.94
CA ALA D 116 23.17 21.25 34.93
C ALA D 116 23.76 22.13 36.04
N GLN D 117 23.89 21.57 37.24
CA GLN D 117 24.54 22.28 38.37
C GLN D 117 25.99 22.64 38.06
N ALA D 118 26.75 21.67 37.55
CA ALA D 118 28.16 21.86 37.18
C ALA D 118 28.33 22.96 36.13
N ALA D 119 27.33 23.10 35.25
CA ALA D 119 27.35 24.11 34.20
C ALA D 119 26.75 25.44 34.65
N GLY D 120 26.18 25.46 35.86
CA GLY D 120 25.56 26.66 36.44
C GLY D 120 24.27 27.08 35.76
N LEU D 121 23.51 26.10 35.27
CA LEU D 121 22.28 26.39 34.53
C LEU D 121 21.09 25.62 35.09
N PRO D 122 19.90 26.26 35.12
CA PRO D 122 18.70 25.45 35.36
C PRO D 122 18.58 24.47 34.21
N LEU D 123 17.99 23.30 34.48
CA LEU D 123 17.86 22.25 33.46
C LEU D 123 17.20 22.72 32.15
N CYS D 124 16.23 23.63 32.23
CA CYS D 124 15.54 24.10 31.02
C CYS D 124 16.51 24.81 30.09
N ASP D 125 17.55 25.41 30.66
CA ASP D 125 18.57 26.10 29.89
C ASP D 125 19.65 25.16 29.40
N MET D 126 19.75 23.99 30.02
CA MET D 126 20.65 22.92 29.56
C MET D 126 20.01 22.05 28.46
N THR D 127 18.68 22.15 28.31
CA THR D 127 17.97 21.32 27.35
C THR D 127 17.39 22.15 26.19
N GLY D 128 18.15 23.14 25.75
CA GLY D 128 17.77 23.95 24.58
C GLY D 128 17.59 25.44 24.84
N GLY D 129 17.18 25.76 26.08
CA GLY D 129 16.90 27.13 26.49
C GLY D 129 15.43 27.35 26.85
N ARG D 130 15.20 28.13 27.90
CA ARG D 130 13.86 28.50 28.35
C ARG D 130 13.05 29.15 27.23
N VAL D 131 11.85 28.61 26.99
CA VAL D 131 10.83 29.24 26.13
C VAL D 131 10.04 30.21 27.02
N ALA D 132 9.77 31.40 26.49
CA ALA D 132 9.16 32.49 27.26
C ALA D 132 7.77 32.16 27.80
N GLY D 133 7.48 32.64 29.01
CA GLY D 133 6.14 32.50 29.57
C GLY D 133 5.91 31.17 30.26
N PRO D 134 4.84 31.09 31.08
CA PRO D 134 4.49 29.89 31.83
C PRO D 134 4.13 28.73 30.90
N VAL D 135 4.41 27.52 31.38
CA VAL D 135 3.96 26.28 30.76
C VAL D 135 2.53 26.05 31.23
N PRO D 136 1.59 25.78 30.29
CA PRO D 136 0.22 25.44 30.71
C PRO D 136 0.16 24.09 31.41
N VAL D 137 -0.61 24.02 32.49
CA VAL D 137 -0.72 22.79 33.28
C VAL D 137 -2.04 22.07 32.99
N ILE D 138 -2.00 20.75 32.88
CA ILE D 138 -3.18 19.95 32.54
C ILE D 138 -4.15 19.77 33.71
N SER D 139 -5.43 19.83 33.42
CA SER D 139 -6.50 19.50 34.35
C SER D 139 -6.92 18.04 34.14
N SER D 140 -7.00 17.27 35.21
CA SER D 140 -7.39 15.85 35.09
C SER D 140 -8.84 15.66 35.49
N ILE D 141 -9.56 14.88 34.68
CA ILE D 141 -10.96 14.53 34.97
C ILE D 141 -11.14 13.02 34.96
N GLY D 142 -11.21 12.43 36.15
CA GLY D 142 -11.34 10.98 36.30
C GLY D 142 -12.70 10.45 35.88
N GLY D 143 -12.75 9.14 35.61
CA GLY D 143 -13.99 8.45 35.24
C GLY D 143 -15.14 8.68 36.20
N ASP D 144 -16.28 9.12 35.67
CA ASP D 144 -17.49 9.45 36.45
C ASP D 144 -18.65 9.66 35.47
N THR D 145 -19.78 10.17 35.96
CA THR D 145 -20.92 10.47 35.10
C THR D 145 -20.66 11.70 34.23
N PRO D 146 -21.34 11.80 33.07
CA PRO D 146 -21.20 13.02 32.26
C PRO D 146 -21.44 14.31 33.05
N GLU D 147 -22.53 14.37 33.81
CA GLU D 147 -22.83 15.56 34.64
C GLU D 147 -21.73 15.87 35.67
N ALA D 148 -21.17 14.84 36.31
CA ALA D 148 -20.12 15.00 37.30
C ALA D 148 -18.79 15.44 36.68
N MET D 149 -18.48 14.87 35.52
CA MET D 149 -17.28 15.25 34.80
C MET D 149 -17.41 16.70 34.31
N ARG D 150 -18.60 17.06 33.85
CA ARG D 150 -18.90 18.41 33.35
C ARG D 150 -18.65 19.47 34.42
N ALA D 151 -19.15 19.19 35.63
CA ALA D 151 -19.00 20.08 36.78
C ALA D 151 -17.53 20.25 37.19
N LYS D 152 -16.80 19.12 37.25
CA LYS D 152 -15.36 19.15 37.57
C LYS D 152 -14.56 19.99 36.55
N VAL D 153 -14.89 19.85 35.26
CA VAL D 153 -14.32 20.70 34.20
C VAL D 153 -14.60 22.18 34.50
N ALA D 154 -15.85 22.46 34.88
CA ALA D 154 -16.23 23.82 35.29
C ALA D 154 -15.44 24.31 36.52
N ARG D 155 -15.17 23.42 37.47
CA ARG D 155 -14.36 23.77 38.64
C ARG D 155 -12.93 24.14 38.24
N HIS D 156 -12.32 23.30 37.41
CA HIS D 156 -10.97 23.54 36.93
C HIS D 156 -10.86 24.78 36.04
N ARG D 157 -11.85 24.98 35.18
CA ARG D 157 -11.98 26.19 34.34
C ARG D 157 -11.94 27.48 35.17
N ALA D 158 -12.64 27.47 36.31
CA ALA D 158 -12.69 28.61 37.21
C ALA D 158 -11.36 28.82 37.96
N GLN D 159 -10.58 27.74 38.10
CA GLN D 159 -9.23 27.80 38.67
C GLN D 159 -8.18 28.26 37.65
N GLY D 160 -8.59 28.41 36.39
CA GLY D 160 -7.75 28.96 35.33
C GLY D 160 -7.13 27.99 34.35
N PHE D 161 -7.47 26.71 34.47
CA PHE D 161 -6.97 25.66 33.58
C PHE D 161 -7.65 25.76 32.23
N LYS D 162 -6.89 25.46 31.17
CA LYS D 162 -7.42 25.57 29.81
C LYS D 162 -7.42 24.20 29.13
N GLY D 163 -6.45 23.36 29.47
CA GLY D 163 -6.35 22.02 28.90
C GLY D 163 -6.80 20.94 29.87
N HIS D 164 -7.60 20.00 29.37
CA HIS D 164 -8.22 18.97 30.21
C HIS D 164 -8.02 17.57 29.63
N SER D 165 -7.60 16.65 30.49
CA SER D 165 -7.49 15.24 30.13
C SER D 165 -8.65 14.49 30.77
N ILE D 166 -9.52 13.93 29.93
CA ILE D 166 -10.73 13.27 30.41
C ILE D 166 -10.68 11.76 30.17
N LYS D 167 -10.93 11.01 31.23
CA LYS D 167 -10.82 9.56 31.19
C LYS D 167 -12.10 8.93 30.61
N ILE D 168 -11.90 8.00 29.67
CA ILE D 168 -12.99 7.25 29.06
C ILE D 168 -12.67 5.75 29.05
N GLY D 169 -13.68 4.91 28.84
CA GLY D 169 -13.46 3.47 28.69
C GLY D 169 -14.44 2.67 29.51
N ALA D 170 -15.72 2.75 29.13
CA ALA D 170 -16.79 2.04 29.83
C ALA D 170 -16.92 0.60 29.35
N SER D 171 -17.21 -0.33 30.27
CA SER D 171 -17.57 -1.68 29.88
C SER D 171 -18.97 -1.65 29.26
N GLU D 172 -19.32 -2.69 28.52
CA GLU D 172 -20.68 -2.81 27.98
C GLU D 172 -21.72 -2.74 29.11
N ALA D 173 -21.46 -3.46 30.20
CA ALA D 173 -22.38 -3.48 31.34
C ALA D 173 -22.60 -2.07 31.90
N GLU D 174 -21.55 -1.26 31.90
CA GLU D 174 -21.58 0.12 32.44
C GLU D 174 -22.25 1.13 31.53
N GLY D 175 -22.51 0.77 30.28
CA GLY D 175 -23.12 1.70 29.32
C GLY D 175 -22.36 1.83 28.00
N GLY D 176 -21.21 1.18 27.90
CA GLY D 176 -20.45 1.08 26.65
C GLY D 176 -20.03 2.39 26.00
N PRO D 177 -19.95 2.40 24.64
CA PRO D 177 -19.62 3.57 23.82
C PRO D 177 -20.54 4.76 24.08
N ALA D 178 -21.81 4.49 24.39
CA ALA D 178 -22.78 5.56 24.64
C ALA D 178 -22.39 6.42 25.84
N LEU D 179 -21.97 5.79 26.94
CA LEU D 179 -21.53 6.53 28.12
C LEU D 179 -20.30 7.37 27.80
N ASP D 180 -19.32 6.77 27.11
CA ASP D 180 -18.11 7.50 26.75
C ASP D 180 -18.39 8.69 25.84
N ALA D 181 -19.29 8.52 24.88
CA ALA D 181 -19.72 9.62 24.02
C ALA D 181 -20.44 10.72 24.80
N GLU D 182 -21.27 10.31 25.77
CA GLU D 182 -21.98 11.26 26.64
C GLU D 182 -20.99 12.02 27.52
N ARG D 183 -20.07 11.29 28.13
CA ARG D 183 -18.97 11.86 28.93
C ARG D 183 -18.16 12.91 28.18
N ILE D 184 -17.79 12.62 26.93
CA ILE D 184 -17.05 13.58 26.11
C ILE D 184 -17.89 14.83 25.80
N THR D 185 -19.14 14.62 25.35
CA THR D 185 -20.01 15.74 24.96
C THR D 185 -20.25 16.69 26.13
N ALA D 186 -20.45 16.11 27.32
CA ALA D 186 -20.67 16.87 28.53
C ALA D 186 -19.46 17.72 28.89
N CYS D 187 -18.27 17.09 28.89
CA CYS D 187 -17.05 17.81 29.27
C CYS D 187 -16.77 19.00 28.36
N LEU D 188 -17.27 18.96 27.12
CA LEU D 188 -17.07 20.04 26.16
C LEU D 188 -18.24 21.02 26.10
N ALA D 189 -19.31 20.74 26.83
CA ALA D 189 -20.56 21.50 26.71
C ALA D 189 -20.48 22.96 27.15
N ASP D 190 -19.65 23.24 28.16
CA ASP D 190 -19.46 24.61 28.68
C ASP D 190 -18.18 25.26 28.13
N ARG D 191 -17.65 24.63 27.08
CA ARG D 191 -16.48 25.08 26.32
C ARG D 191 -16.30 26.59 26.19
N GLN D 192 -15.19 27.10 26.72
CA GLN D 192 -14.83 28.50 26.54
C GLN D 192 -13.65 28.61 25.58
N PRO D 193 -13.51 29.78 24.91
CA PRO D 193 -12.38 30.02 24.00
C PRO D 193 -11.01 29.59 24.55
N GLY D 194 -10.19 29.01 23.68
CA GLY D 194 -8.79 28.70 23.98
C GLY D 194 -8.54 27.48 24.84
N GLU D 195 -9.53 26.59 24.91
CA GLU D 195 -9.39 25.35 25.69
C GLU D 195 -8.96 24.15 24.82
N TRP D 196 -8.45 23.10 25.47
CA TRP D 196 -7.97 21.90 24.78
C TRP D 196 -8.44 20.65 25.53
N TYR D 197 -8.96 19.67 24.80
CA TYR D 197 -9.49 18.45 25.42
C TYR D 197 -8.91 17.19 24.84
N LEU D 198 -8.56 16.27 25.73
CA LEU D 198 -7.92 15.02 25.37
C LEU D 198 -8.68 13.88 26.05
N ALA D 199 -9.33 13.04 25.25
CA ALA D 199 -10.03 11.88 25.79
C ALA D 199 -9.06 10.71 25.88
N ASP D 200 -8.68 10.35 27.10
CA ASP D 200 -7.72 9.30 27.33
C ASP D 200 -8.42 7.99 27.72
N ALA D 201 -8.29 7.00 26.84
CA ALA D 201 -8.88 5.68 27.07
C ALA D 201 -7.92 4.71 27.75
N ASN D 202 -6.69 5.16 27.97
CA ASN D 202 -5.64 4.32 28.58
C ASN D 202 -5.56 2.90 28.00
N ASN D 203 -5.45 2.83 26.67
CA ASN D 203 -5.28 1.57 25.94
C ASN D 203 -6.44 0.56 26.13
N GLY D 204 -7.64 1.07 26.46
CA GLY D 204 -8.72 0.19 26.94
C GLY D 204 -9.91 -0.11 26.05
N LEU D 205 -9.93 0.43 24.83
CA LEU D 205 -11.09 0.20 23.95
C LEU D 205 -10.76 -0.86 22.92
N THR D 206 -11.75 -1.68 22.61
CA THR D 206 -11.68 -2.46 21.39
C THR D 206 -11.92 -1.49 20.24
N VAL D 207 -11.48 -1.88 19.06
CA VAL D 207 -11.74 -1.09 17.86
C VAL D 207 -13.26 -0.93 17.63
N GLU D 208 -13.99 -2.02 17.81
CA GLU D 208 -15.46 -1.98 17.71
C GLU D 208 -16.04 -0.89 18.63
N HIS D 209 -15.65 -0.90 19.90
CA HIS D 209 -16.09 0.13 20.87
C HIS D 209 -15.77 1.55 20.37
N ALA D 210 -14.53 1.76 19.96
CA ALA D 210 -14.08 3.07 19.51
C ALA D 210 -14.87 3.58 18.31
N LEU D 211 -15.09 2.72 17.33
CA LEU D 211 -15.85 3.11 16.14
C LEU D 211 -17.31 3.43 16.48
N ARG D 212 -17.89 2.67 17.40
CA ARG D 212 -19.26 2.96 17.88
C ARG D 212 -19.29 4.31 18.60
N MET D 213 -18.31 4.54 19.46
CA MET D 213 -18.17 5.82 20.18
C MET D 213 -18.08 7.00 19.20
N LEU D 214 -17.21 6.86 18.21
CA LEU D 214 -17.01 7.87 17.17
C LEU D 214 -18.29 8.19 16.40
N SER D 215 -19.11 7.16 16.14
CA SER D 215 -20.37 7.33 15.42
C SER D 215 -21.40 8.04 16.31
N LEU D 216 -21.32 7.79 17.60
CA LEU D 216 -22.26 8.33 18.58
C LEU D 216 -21.99 9.78 18.97
N LEU D 217 -20.75 10.23 18.80
CA LEU D 217 -20.40 11.63 19.09
C LEU D 217 -21.11 12.57 18.13
N PRO D 218 -21.56 13.75 18.63
CA PRO D 218 -22.15 14.73 17.71
C PRO D 218 -21.07 15.37 16.84
N PRO D 219 -21.44 15.87 15.65
CA PRO D 219 -20.46 16.56 14.82
C PRO D 219 -19.96 17.85 15.47
N GLY D 220 -18.81 18.34 15.01
CA GLY D 220 -18.35 19.66 15.39
C GLY D 220 -17.65 19.78 16.73
N LEU D 221 -17.04 18.69 17.18
CA LEU D 221 -16.31 18.71 18.46
C LEU D 221 -14.81 18.92 18.26
N ASP D 222 -14.20 19.61 19.21
CA ASP D 222 -12.76 19.78 19.23
C ASP D 222 -12.17 18.86 20.30
N ILE D 223 -11.84 17.63 19.88
CA ILE D 223 -11.35 16.60 20.79
C ILE D 223 -10.19 15.80 20.18
N VAL D 224 -9.21 15.48 21.00
CA VAL D 224 -8.12 14.58 20.62
C VAL D 224 -8.29 13.24 21.35
N LEU D 225 -8.11 12.13 20.65
CA LEU D 225 -8.25 10.81 21.24
C LEU D 225 -6.88 10.26 21.65
N GLU D 226 -6.73 9.90 22.92
CA GLU D 226 -5.47 9.39 23.43
C GLU D 226 -5.56 7.91 23.74
N ALA D 227 -4.55 7.17 23.31
CA ALA D 227 -4.36 5.77 23.73
C ALA D 227 -5.62 4.91 23.59
N PRO D 228 -6.19 4.83 22.37
CA PRO D 228 -7.48 4.16 22.20
C PRO D 228 -7.46 2.65 22.46
N CYS D 229 -6.39 1.98 22.04
CA CYS D 229 -6.39 0.52 21.98
C CYS D 229 -5.19 -0.11 22.67
N ALA D 230 -5.28 -1.41 22.94
CA ALA D 230 -4.29 -2.11 23.77
C ALA D 230 -3.04 -2.52 23.00
N SER D 231 -3.12 -2.52 21.68
CA SER D 231 -1.95 -2.95 20.89
C SER D 231 -1.75 -2.13 19.63
N TRP D 232 -0.55 -2.24 19.07
CA TRP D 232 -0.19 -1.62 17.80
C TRP D 232 -1.16 -1.96 16.67
N ALA D 233 -1.46 -3.24 16.49
CA ALA D 233 -2.30 -3.67 15.36
C ALA D 233 -3.74 -3.15 15.48
N GLU D 234 -4.28 -3.15 16.70
CA GLU D 234 -5.63 -2.58 16.93
C GLU D 234 -5.63 -1.09 16.64
N THR D 235 -4.62 -0.38 17.14
CA THR D 235 -4.48 1.06 16.92
C THR D 235 -4.36 1.40 15.42
N LYS D 236 -3.60 0.61 14.67
CA LYS D 236 -3.52 0.78 13.21
C LYS D 236 -4.85 0.64 12.52
N SER D 237 -5.62 -0.36 12.95
CA SER D 237 -6.94 -0.61 12.39
C SER D 237 -7.87 0.59 12.63
N LEU D 238 -7.92 1.06 13.88
CA LEU D 238 -8.69 2.26 14.20
C LEU D 238 -8.21 3.48 13.41
N ARG D 239 -6.90 3.64 13.28
CA ARG D 239 -6.33 4.77 12.54
C ARG D 239 -6.87 4.89 11.10
N ALA D 240 -7.03 3.77 10.42
CA ALA D 240 -7.55 3.72 9.06
C ALA D 240 -8.97 4.28 8.93
N ARG D 241 -9.70 4.34 10.04
CA ARG D 241 -11.12 4.73 10.03
C ARG D 241 -11.48 5.76 11.12
N CYS D 242 -10.52 6.60 11.48
CA CYS D 242 -10.76 7.64 12.48
C CYS D 242 -10.24 8.99 11.98
N ALA D 243 -11.13 9.99 11.96
CA ALA D 243 -10.77 11.32 11.47
C ALA D 243 -10.28 12.29 12.55
N LEU D 244 -10.35 11.86 13.81
CA LEU D 244 -9.88 12.65 14.94
C LEU D 244 -8.38 12.49 15.10
N PRO D 245 -7.70 13.53 15.62
CA PRO D 245 -6.28 13.40 15.92
C PRO D 245 -6.07 12.37 17.02
N LEU D 246 -4.99 11.61 16.89
CA LEU D 246 -4.70 10.46 17.75
C LEU D 246 -3.37 10.71 18.44
N LEU D 247 -3.35 10.50 19.75
CA LEU D 247 -2.14 10.65 20.54
C LEU D 247 -1.89 9.31 21.20
N LEU D 248 -0.66 8.80 21.07
CA LEU D 248 -0.31 7.53 21.69
C LEU D 248 0.48 7.80 22.96
N ASP D 249 0.29 6.95 23.96
CA ASP D 249 0.90 7.14 25.27
C ASP D 249 1.58 5.82 25.67
N GLU D 250 0.81 4.88 26.21
CA GLU D 250 1.35 3.57 26.61
C GLU D 250 2.19 2.93 25.50
N LEU D 251 1.75 3.06 24.25
CA LEU D 251 2.45 2.40 23.15
C LEU D 251 3.80 3.03 22.76
N ILE D 252 4.08 4.24 23.23
CA ILE D 252 5.35 4.90 22.92
C ILE D 252 6.21 4.92 24.16
N GLN D 253 7.19 4.02 24.21
CA GLN D 253 8.15 3.99 25.31
C GLN D 253 9.59 4.23 24.83
N THR D 254 9.96 3.58 23.72
CA THR D 254 11.33 3.68 23.20
C THR D 254 11.38 4.64 22.03
N GLU D 255 12.61 4.99 21.61
CA GLU D 255 12.79 5.78 20.38
C GLU D 255 12.32 5.01 19.15
N THR D 256 12.58 3.69 19.13
CA THR D 256 12.18 2.86 17.99
C THR D 256 10.67 2.78 17.86
N ASP D 257 9.93 2.83 18.99
CA ASP D 257 8.46 2.95 18.95
C ASP D 257 7.98 4.17 18.16
N LEU D 258 8.65 5.31 18.33
CA LEU D 258 8.24 6.53 17.62
C LEU D 258 8.53 6.40 16.13
N ILE D 259 9.65 5.75 15.80
CA ILE D 259 9.96 5.45 14.39
C ILE D 259 8.89 4.55 13.76
N ALA D 260 8.45 3.54 14.51
CA ALA D 260 7.39 2.65 14.02
C ALA D 260 6.09 3.42 13.79
N ALA D 261 5.75 4.35 14.70
CA ALA D 261 4.57 5.22 14.55
C ALA D 261 4.62 6.11 13.30
N ILE D 262 5.80 6.67 13.04
CA ILE D 262 6.02 7.48 11.83
C ILE D 262 5.89 6.63 10.56
N ARG D 263 6.53 5.45 10.55
CA ARG D 263 6.45 4.54 9.41
C ARG D 263 4.99 4.18 9.08
N ASP D 264 4.21 3.95 10.14
CA ASP D 264 2.81 3.52 10.03
C ASP D 264 1.83 4.69 9.95
N ASP D 265 2.37 5.92 9.99
CA ASP D 265 1.58 7.17 10.05
C ASP D 265 0.45 7.02 11.08
N LEU D 266 0.82 6.67 12.30
CA LEU D 266 -0.13 6.08 13.23
C LEU D 266 -0.77 7.11 14.17
N CYS D 267 -0.10 8.25 14.35
CA CYS D 267 -0.60 9.24 15.29
C CYS D 267 -0.16 10.67 15.01
N ASP D 268 -0.82 11.63 15.66
CA ASP D 268 -0.57 13.05 15.43
C ASP D 268 0.07 13.69 16.66
N GLY D 269 0.24 12.88 17.71
CA GLY D 269 0.75 13.38 18.96
C GLY D 269 1.21 12.25 19.85
N VAL D 270 1.99 12.59 20.87
CA VAL D 270 2.53 11.61 21.77
C VAL D 270 2.47 12.13 23.19
N GLY D 271 2.14 11.21 24.10
CA GLY D 271 2.16 11.47 25.53
C GLY D 271 3.51 10.99 26.05
N LEU D 272 4.39 11.95 26.33
CA LEU D 272 5.72 11.64 26.82
C LEU D 272 5.73 11.74 28.34
N LYS D 273 6.11 10.64 28.99
CA LYS D 273 6.21 10.61 30.45
C LYS D 273 7.63 10.25 30.84
N VAL D 274 8.23 11.11 31.64
CA VAL D 274 9.66 11.03 31.93
C VAL D 274 10.08 9.58 32.27
N SER D 275 9.41 8.95 33.24
CA SER D 275 9.80 7.62 33.69
C SER D 275 9.37 6.48 32.74
N LYS D 276 8.40 6.74 31.87
CA LYS D 276 8.05 5.79 30.80
C LYS D 276 9.09 5.79 29.68
N GLN D 277 9.51 6.98 29.28
CA GLN D 277 10.53 7.14 28.23
C GLN D 277 11.91 6.75 28.73
N GLY D 278 12.18 7.00 30.01
CA GLY D 278 13.41 6.54 30.67
C GLY D 278 14.35 7.64 31.14
N GLY D 279 13.81 8.84 31.32
CA GLY D 279 14.57 9.95 31.91
C GLY D 279 14.77 11.10 30.93
N ILE D 280 15.67 12.02 31.28
CA ILE D 280 15.89 13.22 30.46
C ILE D 280 16.48 12.87 29.09
N THR D 281 17.48 11.99 29.05
CA THR D 281 18.12 11.63 27.79
C THR D 281 17.10 11.16 26.71
N PRO D 282 16.28 10.14 27.03
CA PRO D 282 15.33 9.73 26.00
C PRO D 282 14.17 10.72 25.78
N MET D 283 13.80 11.50 26.79
CA MET D 283 12.78 12.55 26.57
C MET D 283 13.25 13.50 25.46
N LEU D 284 14.54 13.84 25.48
CA LEU D 284 15.13 14.75 24.51
C LEU D 284 15.22 14.11 23.12
N ARG D 285 15.61 12.84 23.07
CA ARG D 285 15.68 12.11 21.79
C ARG D 285 14.30 12.03 21.18
N GLN D 286 13.32 11.71 22.02
CA GLN D 286 11.97 11.49 21.53
C GLN D 286 11.32 12.85 21.19
N ARG D 287 11.68 13.90 21.93
CA ARG D 287 11.26 15.25 21.54
C ARG D 287 11.81 15.65 20.15
N ALA D 288 13.07 15.35 19.90
CA ALA D 288 13.65 15.65 18.59
C ALA D 288 12.90 14.93 17.47
N ILE D 289 12.57 13.66 17.69
CA ILE D 289 11.90 12.87 16.65
C ILE D 289 10.47 13.38 16.48
N ALA D 290 9.77 13.56 17.59
CA ALA D 290 8.38 14.05 17.53
C ALA D 290 8.29 15.45 16.88
N ALA D 291 9.19 16.35 17.29
CA ALA D 291 9.23 17.70 16.75
C ALA D 291 9.46 17.71 15.24
N ALA D 292 10.38 16.86 14.79
CA ALA D 292 10.66 16.73 13.35
C ALA D 292 9.43 16.22 12.57
N ALA D 293 8.66 15.35 13.20
CA ALA D 293 7.45 14.78 12.58
C ALA D 293 6.23 15.71 12.68
N GLY D 294 6.38 16.81 13.42
CA GLY D 294 5.27 17.73 13.66
C GLY D 294 4.23 17.20 14.64
N MET D 295 4.63 16.22 15.44
CA MET D 295 3.76 15.60 16.45
C MET D 295 3.68 16.50 17.66
N VAL D 296 2.47 16.79 18.11
CA VAL D 296 2.29 17.54 19.36
C VAL D 296 2.67 16.62 20.53
N MET D 297 3.00 17.20 21.68
CA MET D 297 3.54 16.45 22.82
C MET D 297 2.93 16.94 24.11
N SER D 298 2.35 16.03 24.88
CA SER D 298 2.00 16.32 26.26
C SER D 298 3.21 15.89 27.11
N VAL D 299 3.70 16.76 27.99
CA VAL D 299 4.91 16.47 28.77
C VAL D 299 4.50 16.18 30.21
N GLN D 300 4.61 14.91 30.60
CA GLN D 300 4.10 14.46 31.88
C GLN D 300 5.05 13.46 32.53
N ASP D 301 4.56 12.77 33.55
CA ASP D 301 5.20 11.58 34.11
C ASP D 301 4.07 10.65 34.55
N THR D 302 4.41 9.43 34.93
CA THR D 302 3.42 8.47 35.41
C THR D 302 2.65 9.07 36.59
N VAL D 303 3.41 9.46 37.62
CA VAL D 303 2.95 10.07 38.86
C VAL D 303 4.23 10.35 39.66
N GLY D 304 4.15 11.17 40.70
CA GLY D 304 5.33 11.42 41.51
C GLY D 304 5.21 12.60 42.43
N SER D 305 6.32 12.92 43.08
CA SER D 305 6.39 14.04 44.03
C SER D 305 6.89 15.30 43.32
N GLN D 306 7.42 16.23 44.11
CA GLN D 306 8.04 17.45 43.58
C GLN D 306 9.27 17.14 42.73
N ILE D 307 9.92 16.00 43.00
CA ILE D 307 11.14 15.57 42.30
C ILE D 307 10.82 15.16 40.85
N SER D 308 9.79 14.32 40.69
CA SER D 308 9.25 14.00 39.38
C SER D 308 8.81 15.30 38.67
N PHE D 309 8.08 16.15 39.39
CA PHE D 309 7.59 17.42 38.83
C PHE D 309 8.70 18.33 38.31
N ALA D 310 9.83 18.41 39.02
CA ALA D 310 10.94 19.26 38.56
C ALA D 310 11.42 18.84 37.17
N ALA D 311 11.60 17.53 36.96
CA ALA D 311 11.99 16.98 35.64
C ALA D 311 10.97 17.32 34.56
N ILE D 312 9.69 17.04 34.83
CA ILE D 312 8.59 17.38 33.91
C ILE D 312 8.64 18.85 33.52
N LEU D 313 8.76 19.72 34.52
CA LEU D 313 8.60 21.16 34.32
C LEU D 313 9.73 21.76 33.49
N HIS D 314 10.97 21.37 33.80
CA HIS D 314 12.12 21.89 33.05
C HIS D 314 12.06 21.48 31.58
N LEU D 315 11.70 20.22 31.33
CA LEU D 315 11.54 19.72 29.96
C LEU D 315 10.42 20.41 29.21
N ALA D 316 9.29 20.60 29.88
CA ALA D 316 8.18 21.32 29.27
C ALA D 316 8.55 22.78 28.97
N GLN D 317 9.38 23.37 29.85
CA GLN D 317 9.83 24.75 29.69
C GLN D 317 10.72 24.97 28.45
N SER D 318 11.42 23.93 28.01
CA SER D 318 12.30 24.04 26.85
C SER D 318 11.67 23.46 25.57
N THR D 319 10.42 23.04 25.67
CA THR D 319 9.66 22.52 24.51
C THR D 319 9.02 23.65 23.69
N PRO D 320 9.12 23.59 22.34
CA PRO D 320 8.45 24.61 21.51
C PRO D 320 6.95 24.69 21.80
N ARG D 321 6.47 25.91 21.99
CA ARG D 321 5.15 26.12 22.57
C ARG D 321 4.03 25.64 21.66
N HIS D 322 4.24 25.72 20.35
CA HIS D 322 3.22 25.30 19.37
C HIS D 322 3.01 23.77 19.32
N LEU D 323 4.04 23.00 19.70
CA LEU D 323 3.92 21.54 19.84
C LEU D 323 3.52 21.09 21.25
N LEU D 324 3.78 21.92 22.26
CA LEU D 324 3.46 21.53 23.63
C LEU D 324 1.95 21.45 23.84
N ARG D 325 1.51 20.37 24.47
CA ARG D 325 0.13 20.23 24.92
C ARG D 325 0.09 19.96 26.44
N CYS D 326 0.48 20.98 27.19
CA CYS D 326 0.46 20.99 28.66
C CYS D 326 1.52 20.13 29.34
N ALA D 327 1.80 20.49 30.59
CA ALA D 327 2.57 19.68 31.53
C ALA D 327 1.67 19.18 32.65
N LEU D 328 2.04 18.06 33.25
CA LEU D 328 1.31 17.52 34.40
C LEU D 328 1.97 18.01 35.68
N ASP D 329 1.18 18.58 36.58
CA ASP D 329 1.67 18.94 37.90
C ASP D 329 1.41 17.78 38.85
N THR D 330 2.44 16.95 39.02
CA THR D 330 2.33 15.74 39.83
C THR D 330 2.10 16.05 41.32
N ARG D 331 2.40 17.27 41.75
CA ARG D 331 2.19 17.71 43.13
C ARG D 331 0.71 17.66 43.52
N ALA D 332 -0.15 17.81 42.52
CA ALA D 332 -1.59 17.74 42.71
C ALA D 332 -2.09 16.30 42.91
N MET D 333 -1.25 15.33 42.54
CA MET D 333 -1.63 13.92 42.56
C MET D 333 -1.39 13.23 43.90
N THR D 334 -0.45 13.76 44.69
CA THR D 334 -0.15 13.19 46.00
C THR D 334 0.01 14.25 47.09
N THR D 335 -0.08 13.82 48.34
CA THR D 335 0.09 14.72 49.48
C THR D 335 1.55 14.81 49.93
N ALA D 336 2.44 14.06 49.27
CA ALA D 336 3.84 14.02 49.68
C ALA D 336 4.51 15.38 49.59
N GLU D 337 5.42 15.64 50.54
CA GLU D 337 6.19 16.86 50.60
C GLU D 337 7.66 16.48 50.70
N LEU D 338 8.19 15.91 49.62
CA LEU D 338 9.54 15.37 49.63
C LEU D 338 10.62 16.42 49.35
N ALA D 339 10.19 17.54 48.76
CA ALA D 339 11.12 18.59 48.34
C ALA D 339 10.39 19.89 48.11
N GLU D 340 11.13 20.99 48.23
CA GLU D 340 10.66 22.31 47.83
C GLU D 340 11.15 22.64 46.42
N ILE D 341 10.30 23.31 45.67
CA ILE D 341 10.65 23.87 44.36
C ILE D 341 9.83 25.13 44.14
N ASP D 342 10.50 26.21 43.73
CA ASP D 342 9.83 27.50 43.52
C ASP D 342 9.21 27.58 42.14
N ALA D 343 8.04 26.96 42.01
CA ALA D 343 7.29 26.96 40.76
C ALA D 343 5.81 26.84 41.11
N PRO D 344 5.20 27.93 41.60
CA PRO D 344 3.81 27.82 42.00
C PRO D 344 2.86 27.75 40.80
N LEU D 345 1.79 27.00 40.96
CA LEU D 345 0.72 26.97 39.99
C LEU D 345 -0.06 28.27 40.13
N ARG D 346 -0.01 29.12 39.09
CA ARG D 346 -0.77 30.37 39.03
C ARG D 346 -1.61 30.38 37.77
N ASP D 347 -2.90 30.68 37.92
CA ASP D 347 -3.90 30.57 36.84
C ASP D 347 -3.55 29.58 35.73
N GLY D 348 -3.50 28.30 36.12
CA GLY D 348 -3.37 27.20 35.15
C GLY D 348 -2.02 27.07 34.48
N GLY D 349 -1.00 27.71 35.05
CA GLY D 349 0.37 27.66 34.51
C GLY D 349 1.46 27.62 35.55
N ALA D 350 2.65 27.16 35.17
CA ALA D 350 3.82 27.16 36.07
C ALA D 350 5.09 27.42 35.27
N SER D 351 6.09 28.03 35.92
CA SER D 351 7.35 28.34 35.25
C SER D 351 8.51 27.66 35.97
N ALA D 352 9.40 27.04 35.20
CA ALA D 352 10.61 26.43 35.75
C ALA D 352 11.44 27.48 36.50
N PRO D 353 11.97 27.12 37.68
CA PRO D 353 12.80 28.08 38.44
C PRO D 353 14.13 28.35 37.75
N SER D 354 14.84 29.37 38.22
CA SER D 354 16.13 29.76 37.62
C SER D 354 17.36 29.16 38.33
N ASP D 355 17.15 28.44 39.43
CA ASP D 355 18.27 27.81 40.17
C ASP D 355 18.99 26.80 39.29
N PRO D 356 20.31 26.65 39.47
CA PRO D 356 20.99 25.62 38.67
C PRO D 356 20.47 24.22 38.99
N GLY D 357 20.50 23.32 38.00
CA GLY D 357 20.02 21.97 38.19
C GLY D 357 18.52 21.88 38.10
N LEU D 358 17.94 20.92 38.81
CA LEU D 358 16.47 20.77 38.85
C LEU D 358 15.81 21.85 39.70
N GLY D 359 16.60 22.50 40.56
CA GLY D 359 16.12 23.52 41.47
C GLY D 359 15.36 23.00 42.68
N LEU D 360 15.65 21.76 43.08
CA LEU D 360 14.98 21.14 44.22
C LEU D 360 15.73 21.38 45.52
N ARG D 361 14.98 21.51 46.61
CA ARG D 361 15.54 21.45 47.96
C ARG D 361 14.90 20.24 48.66
N VAL D 362 15.58 19.11 48.60
CA VAL D 362 15.03 17.83 49.01
C VAL D 362 15.04 17.70 50.53
N ASN D 363 13.91 17.29 51.11
CA ASN D 363 13.85 16.95 52.54
C ASN D 363 14.25 15.49 52.72
N ARG D 364 15.51 15.27 53.05
CA ARG D 364 16.07 13.93 53.18
C ARG D 364 15.39 13.10 54.28
N ASP D 365 14.85 13.77 55.29
CA ASP D 365 14.13 13.10 56.38
C ASP D 365 12.77 12.55 55.93
N ALA D 366 12.21 13.14 54.87
CA ALA D 366 10.91 12.73 54.34
C ALA D 366 11.03 11.45 53.51
N LEU D 367 12.25 11.10 53.12
CA LEU D 367 12.50 9.99 52.21
C LEU D 367 12.68 8.66 52.93
N GLY D 368 13.04 8.73 54.20
CA GLY D 368 13.45 7.55 54.97
C GLY D 368 14.90 7.23 54.70
N THR D 369 15.47 6.32 55.49
CA THR D 369 16.85 5.85 55.29
C THR D 369 16.96 5.07 53.97
N PRO D 370 18.10 5.21 53.24
CA PRO D 370 18.19 4.53 51.94
C PRO D 370 18.00 3.02 52.09
N VAL D 371 17.20 2.44 51.20
CA VAL D 371 17.00 0.98 51.22
C VAL D 371 18.22 0.25 50.67
N LYS D 372 19.01 0.97 49.87
CA LYS D 372 20.27 0.45 49.33
C LYS D 372 21.23 1.58 48.97
N THR D 373 22.52 1.34 49.20
CA THR D 373 23.56 2.29 48.81
C THR D 373 24.63 1.57 48.00
N PHE D 374 25.14 2.25 46.97
CA PHE D 374 26.22 1.74 46.15
C PHE D 374 27.37 2.75 46.12
N GLY D 375 28.60 2.24 46.21
CA GLY D 375 29.79 3.08 46.16
C GLY D 375 30.69 2.80 47.33
N LEU E 3 20.62 36.80 -32.73
CA LEU E 3 20.17 37.47 -31.47
C LEU E 3 20.99 37.02 -30.27
N LYS E 4 21.64 37.99 -29.61
CA LYS E 4 22.51 37.74 -28.45
C LYS E 4 22.20 38.69 -27.29
N ILE E 5 22.28 38.18 -26.06
CA ILE E 5 22.27 39.02 -24.86
C ILE E 5 23.60 39.77 -24.74
N THR E 6 23.52 41.10 -24.69
CA THR E 6 24.71 41.94 -24.58
C THR E 6 24.86 42.66 -23.25
N ARG E 7 23.76 42.91 -22.54
CA ARG E 7 23.82 43.70 -21.30
C ARG E 7 22.71 43.33 -20.34
N ILE E 8 23.07 43.22 -19.07
CA ILE E 8 22.13 42.86 -18.00
C ILE E 8 22.28 43.84 -16.86
N ASP E 9 21.20 44.54 -16.50
CA ASP E 9 21.25 45.51 -15.40
C ASP E 9 20.41 45.01 -14.25
N ILE E 10 20.97 45.04 -13.05
CA ILE E 10 20.26 44.61 -11.83
C ILE E 10 19.87 45.83 -11.02
N HIS E 11 18.58 45.98 -10.71
CA HIS E 11 18.10 47.13 -9.93
C HIS E 11 17.53 46.63 -8.60
N ARG E 12 17.65 47.46 -7.56
CA ARG E 12 17.07 47.19 -6.25
C ARG E 12 16.12 48.34 -5.92
N THR E 13 14.89 48.00 -5.51
CA THR E 13 13.88 49.02 -5.22
C THR E 13 12.92 48.58 -4.10
N ASP E 14 12.54 49.51 -3.25
CA ASP E 14 11.67 49.20 -2.12
C ASP E 14 10.19 49.35 -2.51
N LEU E 15 9.38 48.36 -2.17
CA LEU E 15 7.94 48.46 -2.44
C LEU E 15 7.13 48.52 -1.13
N PRO E 16 6.69 49.72 -0.72
CA PRO E 16 5.88 49.86 0.50
C PRO E 16 4.58 49.06 0.44
N VAL E 17 4.20 48.46 1.55
CA VAL E 17 2.95 47.69 1.66
C VAL E 17 1.77 48.64 1.43
N ARG E 18 0.83 48.22 0.58
CA ARG E 18 -0.40 48.97 0.39
C ARG E 18 -1.34 48.68 1.56
N GLY E 19 -1.68 49.72 2.30
CA GLY E 19 -2.54 49.62 3.47
C GLY E 19 -1.74 49.44 4.75
N GLY E 20 -2.34 48.70 5.69
CA GLY E 20 -1.73 48.39 6.99
C GLY E 20 -0.87 47.13 7.00
N VAL E 21 -0.10 46.98 8.07
CA VAL E 21 0.85 45.89 8.23
C VAL E 21 0.28 44.54 7.78
N TYR E 22 0.99 43.88 6.89
CA TYR E 22 0.55 42.59 6.38
C TYR E 22 1.05 41.48 7.31
N ARG E 23 0.15 40.54 7.66
CA ARG E 23 0.47 39.47 8.61
C ARG E 23 0.25 38.06 8.04
N LEU E 24 1.16 37.15 8.37
CA LEU E 24 1.00 35.72 8.06
C LEU E 24 0.97 34.89 9.35
N SER E 25 0.84 33.57 9.19
CA SER E 25 0.87 32.65 10.33
C SER E 25 2.26 32.62 10.99
N GLY E 26 2.29 32.36 12.29
CA GLY E 26 3.54 32.27 13.04
C GLY E 26 4.21 33.62 13.30
N GLY E 27 3.40 34.66 13.49
CA GLY E 27 3.88 35.99 13.87
C GLY E 27 4.69 36.75 12.83
N ARG E 28 4.67 36.28 11.59
CA ARG E 28 5.37 36.95 10.48
C ARG E 28 4.65 38.26 10.10
N GLU E 29 5.41 39.35 10.00
CA GLU E 29 4.86 40.70 9.71
C GLU E 29 5.68 41.53 8.69
N TYR E 30 5.03 42.49 8.01
CA TYR E 30 5.64 43.20 6.85
C TYR E 30 5.22 44.67 6.65
N HIS E 31 6.17 45.53 6.28
CA HIS E 31 5.94 46.97 6.05
C HIS E 31 6.41 47.47 4.66
N SER E 32 7.33 46.72 4.04
CA SER E 32 7.70 46.93 2.63
C SER E 32 8.40 45.68 2.12
N TYR E 33 8.60 45.61 0.80
CA TYR E 33 9.21 44.46 0.14
C TYR E 33 10.41 44.93 -0.68
N ASP E 34 11.47 44.13 -0.66
CA ASP E 34 12.74 44.48 -1.27
C ASP E 34 12.78 43.80 -2.64
N ALA E 35 12.54 44.60 -3.69
CA ALA E 35 12.42 44.07 -5.04
C ALA E 35 13.74 44.10 -5.82
N THR E 36 13.96 43.06 -6.62
CA THR E 36 15.04 43.04 -7.59
C THR E 36 14.43 43.05 -8.96
N ILE E 37 14.82 44.03 -9.77
CA ILE E 37 14.29 44.15 -11.12
C ILE E 37 15.46 44.12 -12.10
N VAL E 38 15.35 43.28 -13.12
CA VAL E 38 16.42 43.10 -14.10
C VAL E 38 15.95 43.56 -15.48
N SER E 39 16.83 44.24 -16.20
CA SER E 39 16.62 44.45 -17.63
C SER E 39 17.71 43.70 -18.39
N ILE E 40 17.36 43.22 -19.58
CA ILE E 40 18.29 42.50 -20.44
C ILE E 40 18.20 43.15 -21.80
N GLU E 41 19.35 43.54 -22.35
CA GLU E 41 19.42 44.13 -23.70
C GLU E 41 20.03 43.15 -24.70
N THR E 42 19.62 43.26 -25.96
CA THR E 42 20.16 42.41 -27.02
C THR E 42 21.01 43.24 -27.97
N ASP E 43 21.77 42.57 -28.83
CA ASP E 43 22.55 43.26 -29.86
C ASP E 43 21.64 44.03 -30.83
N THR E 44 20.41 43.57 -30.98
CA THR E 44 19.45 44.20 -31.89
C THR E 44 18.69 45.40 -31.32
N GLY E 45 18.91 45.69 -30.03
CA GLY E 45 18.30 46.85 -29.37
C GLY E 45 16.99 46.60 -28.64
N LEU E 46 16.65 45.33 -28.41
CA LEU E 46 15.47 44.99 -27.62
C LEU E 46 15.85 44.96 -26.13
N THR E 47 14.89 45.33 -25.28
CA THR E 47 15.05 45.26 -23.84
C THR E 47 13.89 44.46 -23.30
N GLY E 48 14.22 43.52 -22.41
CA GLY E 48 13.23 42.76 -21.69
C GLY E 48 13.34 43.04 -20.20
N TRP E 49 12.25 42.83 -19.48
CA TRP E 49 12.19 43.13 -18.05
C TRP E 49 11.69 41.93 -17.26
N GLY E 50 12.15 41.80 -16.03
CA GLY E 50 11.70 40.72 -15.14
C GLY E 50 11.90 41.10 -13.69
N GLU E 51 10.98 40.68 -12.83
CA GLU E 51 11.05 41.03 -11.42
C GLU E 51 11.10 39.78 -10.54
N SER E 52 11.91 39.83 -9.50
CA SER E 52 11.86 38.82 -8.46
C SER E 52 11.90 39.48 -7.09
N THR E 53 10.79 39.35 -6.37
CA THR E 53 10.65 39.96 -5.05
C THR E 53 10.21 38.92 -4.02
N PRO E 54 11.17 38.31 -3.28
CA PRO E 54 10.75 37.34 -2.26
C PRO E 54 9.78 37.98 -1.27
N PHE E 55 8.86 37.19 -0.74
CA PHE E 55 7.95 37.71 0.25
C PHE E 55 8.66 37.63 1.61
N GLY E 56 9.32 38.73 1.99
CA GLY E 56 10.20 38.73 3.16
C GLY E 56 11.24 37.63 3.02
N SER E 57 11.67 37.11 4.15
CA SER E 57 12.75 36.13 4.16
C SER E 57 12.31 34.81 4.81
N THR E 58 11.02 34.70 5.14
CA THR E 58 10.51 33.49 5.81
C THR E 58 9.32 32.82 5.13
N TYR E 59 9.00 33.23 3.90
CA TYR E 59 7.94 32.56 3.18
C TYR E 59 8.45 31.22 2.64
N ILE E 60 9.50 31.28 1.82
CA ILE E 60 10.28 30.10 1.42
C ILE E 60 11.78 30.43 1.61
N ALA E 61 12.65 29.50 1.24
CA ALA E 61 14.09 29.65 1.42
C ALA E 61 14.66 30.58 0.35
N ALA E 62 14.36 31.87 0.52
CA ALA E 62 14.72 32.94 -0.40
C ALA E 62 14.67 34.28 0.34
N HIS E 63 15.58 35.18 -0.03
CA HIS E 63 15.53 36.57 0.44
C HIS E 63 16.21 37.43 -0.62
N ALA E 64 15.86 38.71 -0.62
CA ALA E 64 16.32 39.65 -1.65
C ALA E 64 17.85 39.70 -1.80
N GLY E 65 18.58 39.76 -0.69
CA GLY E 65 20.06 39.72 -0.71
C GLY E 65 20.58 38.43 -1.35
N GLY E 66 19.84 37.34 -1.15
CA GLY E 66 20.15 36.03 -1.75
C GLY E 66 19.90 36.02 -3.24
N THR E 67 18.80 36.65 -3.66
CA THR E 67 18.45 36.78 -5.07
C THR E 67 19.59 37.49 -5.80
N ARG E 68 20.03 38.63 -5.22
CA ARG E 68 21.10 39.42 -5.81
C ARG E 68 22.46 38.71 -5.77
N ALA E 69 22.76 37.99 -4.67
CA ALA E 69 24.02 37.22 -4.59
C ALA E 69 24.08 36.12 -5.66
N ALA E 70 22.93 35.48 -5.90
CA ALA E 70 22.80 34.44 -6.94
C ALA E 70 22.93 35.02 -8.36
N LEU E 71 22.40 36.22 -8.55
CA LEU E 71 22.53 36.94 -9.82
C LEU E 71 24.00 37.25 -10.21
N GLU E 72 24.86 37.47 -9.21
CA GLU E 72 26.30 37.63 -9.44
C GLU E 72 26.89 36.44 -10.22
N LEU E 73 26.31 35.25 -10.02
CA LEU E 73 26.73 34.05 -10.75
C LEU E 73 25.97 33.84 -12.06
N LEU E 74 24.65 33.95 -12.01
CA LEU E 74 23.78 33.65 -13.16
C LEU E 74 23.86 34.65 -14.31
N ALA E 75 23.88 35.94 -13.99
CA ALA E 75 23.88 36.98 -15.04
C ALA E 75 25.06 36.85 -16.00
N PRO E 76 26.33 36.80 -15.50
CA PRO E 76 27.47 36.63 -16.41
C PRO E 76 27.40 35.34 -17.22
N ALA E 77 26.83 34.28 -16.63
CA ALA E 77 26.78 32.97 -17.27
C ALA E 77 25.89 32.92 -18.51
N ILE E 78 24.92 33.83 -18.61
CA ILE E 78 24.01 33.86 -19.78
C ILE E 78 24.29 34.98 -20.79
N LEU E 79 25.30 35.81 -20.52
CA LEU E 79 25.78 36.75 -21.55
C LEU E 79 26.15 36.05 -22.84
N GLY E 80 25.75 36.62 -23.96
CA GLY E 80 26.08 36.06 -25.27
C GLY E 80 25.09 35.02 -25.77
N MET E 81 24.22 34.53 -24.88
CA MET E 81 23.23 33.53 -25.27
C MET E 81 22.09 34.13 -26.11
N ASP E 82 21.43 33.27 -26.88
CA ASP E 82 20.24 33.64 -27.63
C ASP E 82 19.07 33.61 -26.65
N PRO E 83 18.47 34.79 -26.33
CA PRO E 83 17.38 34.84 -25.33
C PRO E 83 16.13 34.05 -25.73
N ARG E 84 16.06 33.56 -26.96
CA ARG E 84 14.88 32.79 -27.41
C ARG E 84 14.93 31.30 -27.01
N GLN E 85 16.14 30.81 -26.73
CA GLN E 85 16.38 29.40 -26.46
C GLN E 85 16.21 29.12 -24.97
N HIS E 86 14.94 29.18 -24.52
CA HIS E 86 14.61 29.18 -23.10
C HIS E 86 15.11 27.96 -22.33
N ASP E 87 15.07 26.78 -22.95
CA ASP E 87 15.55 25.56 -22.28
C ASP E 87 17.07 25.52 -22.13
N ARG E 88 17.80 26.01 -23.14
CA ARG E 88 19.26 26.00 -23.05
C ARG E 88 19.78 27.05 -22.07
N ILE E 89 19.12 28.21 -21.99
CA ILE E 89 19.43 29.22 -20.96
C ILE E 89 19.12 28.67 -19.56
N TRP E 90 17.96 28.03 -19.40
CA TRP E 90 17.61 27.31 -18.17
C TRP E 90 18.71 26.31 -17.77
N ASP E 91 19.15 25.48 -18.73
CA ASP E 91 20.22 24.50 -18.46
C ASP E 91 21.51 25.19 -18.03
N ARG E 92 21.87 26.29 -18.71
CA ARG E 92 23.06 27.07 -18.35
C ARG E 92 22.95 27.58 -16.91
N MET E 93 21.77 28.04 -16.53
CA MET E 93 21.57 28.55 -15.17
C MET E 93 21.64 27.41 -14.14
N ARG E 94 20.98 26.27 -14.42
CA ARG E 94 21.07 25.08 -13.52
C ARG E 94 22.53 24.58 -13.40
N ASP E 95 23.27 24.59 -14.51
CA ASP E 95 24.68 24.18 -14.52
C ASP E 95 25.58 25.12 -13.71
N THR E 96 25.17 26.38 -13.58
CA THR E 96 25.93 27.41 -12.89
C THR E 96 25.68 27.38 -11.36
N LEU E 97 24.44 27.14 -10.96
CA LEU E 97 24.01 27.23 -9.57
C LEU E 97 22.73 26.44 -9.34
N LYS E 98 22.79 25.46 -8.43
CA LYS E 98 21.63 24.69 -8.01
C LYS E 98 20.60 25.57 -7.29
N GLY E 99 19.33 25.30 -7.55
CA GLY E 99 18.20 26.00 -6.92
C GLY E 99 18.23 27.49 -7.20
N HIS E 100 17.94 28.31 -6.18
CA HIS E 100 17.88 29.77 -6.34
C HIS E 100 16.99 30.19 -7.51
N ARG E 101 15.79 29.61 -7.53
CA ARG E 101 14.83 29.88 -8.59
C ARG E 101 14.34 31.33 -8.60
N ASP E 102 14.35 31.97 -7.42
CA ASP E 102 14.07 33.41 -7.30
C ASP E 102 14.96 34.23 -8.25
N ALA E 103 16.26 33.91 -8.28
CA ALA E 103 17.22 34.62 -9.14
C ALA E 103 17.07 34.24 -10.61
N ARG E 104 16.88 32.94 -10.88
CA ARG E 104 16.59 32.51 -12.25
C ARG E 104 15.38 33.27 -12.82
N ALA E 105 14.37 33.49 -11.97
CA ALA E 105 13.10 34.04 -12.46
C ALA E 105 13.23 35.37 -13.18
N ALA E 106 13.93 36.32 -12.56
CA ALA E 106 14.04 37.66 -13.12
C ALA E 106 14.72 37.65 -14.50
N LEU E 107 15.77 36.84 -14.64
CA LEU E 107 16.45 36.65 -15.93
C LEU E 107 15.61 35.91 -16.96
N ASP E 108 14.98 34.81 -16.54
CA ASP E 108 14.11 34.01 -17.40
C ASP E 108 12.96 34.83 -17.98
N ILE E 109 12.33 35.63 -17.12
CA ILE E 109 11.19 36.45 -17.55
C ILE E 109 11.60 37.49 -18.60
N ALA E 110 12.68 38.23 -18.33
CA ALA E 110 13.18 39.23 -19.28
C ALA E 110 13.52 38.61 -20.65
N CYS E 111 14.05 37.39 -20.65
CA CYS E 111 14.35 36.69 -21.92
C CYS E 111 13.07 36.38 -22.72
N TRP E 112 12.04 35.92 -22.03
CA TRP E 112 10.73 35.69 -22.67
C TRP E 112 10.10 37.00 -23.17
N ASP E 113 10.27 38.06 -22.40
CA ASP E 113 9.83 39.40 -22.82
C ASP E 113 10.46 39.70 -24.20
N ILE E 114 11.77 39.52 -24.30
CA ILE E 114 12.49 39.75 -25.57
C ILE E 114 12.01 38.81 -26.67
N ALA E 115 11.88 37.53 -26.35
CA ALA E 115 11.46 36.51 -27.32
C ALA E 115 10.07 36.83 -27.88
N ALA E 116 9.15 37.18 -27.00
CA ALA E 116 7.79 37.59 -27.43
C ALA E 116 7.84 38.83 -28.32
N GLN E 117 8.63 39.82 -27.92
CA GLN E 117 8.81 41.01 -28.76
C GLN E 117 9.38 40.70 -30.13
N ALA E 118 10.40 39.84 -30.18
CA ALA E 118 11.03 39.49 -31.47
C ALA E 118 10.06 38.73 -32.37
N ALA E 119 9.16 37.95 -31.79
CA ALA E 119 8.11 37.24 -32.54
C ALA E 119 6.88 38.10 -32.87
N GLY E 120 6.83 39.33 -32.37
CA GLY E 120 5.69 40.23 -32.57
C GLY E 120 4.41 39.85 -31.83
N LEU E 121 4.56 39.17 -30.68
CA LEU E 121 3.40 38.66 -29.93
C LEU E 121 3.40 39.12 -28.48
N PRO E 122 2.22 39.40 -27.91
CA PRO E 122 2.12 39.50 -26.45
C PRO E 122 2.43 38.15 -25.83
N LEU E 123 2.97 38.14 -24.61
CA LEU E 123 3.37 36.90 -23.97
C LEU E 123 2.26 35.81 -23.92
N CYS E 124 1.03 36.20 -23.65
CA CYS E 124 -0.08 35.23 -23.59
C CYS E 124 -0.23 34.45 -24.91
N ASP E 125 0.08 35.10 -26.02
CA ASP E 125 -0.02 34.46 -27.34
C ASP E 125 1.20 33.62 -27.69
N MET E 126 2.35 33.90 -27.04
CA MET E 126 3.56 33.06 -27.15
C MET E 126 3.52 31.84 -26.24
N THR E 127 2.66 31.87 -25.23
CA THR E 127 2.59 30.78 -24.25
C THR E 127 1.31 29.96 -24.44
N GLY E 128 0.91 29.79 -25.70
CA GLY E 128 -0.20 28.90 -26.07
C GLY E 128 -1.37 29.59 -26.73
N GLY E 129 -1.52 30.89 -26.47
CA GLY E 129 -2.61 31.67 -27.04
C GLY E 129 -3.56 32.17 -25.97
N ARG E 130 -4.08 33.38 -26.17
CA ARG E 130 -5.06 34.00 -25.28
C ARG E 130 -6.35 33.18 -25.14
N VAL E 131 -6.73 32.86 -23.91
CA VAL E 131 -8.07 32.28 -23.60
C VAL E 131 -9.09 33.41 -23.50
N ALA E 132 -10.28 33.22 -24.09
CA ALA E 132 -11.27 34.29 -24.21
C ALA E 132 -11.69 34.84 -22.85
N GLY E 133 -11.84 36.16 -22.79
CA GLY E 133 -12.37 36.80 -21.59
C GLY E 133 -11.30 37.20 -20.59
N PRO E 134 -11.66 38.07 -19.64
CA PRO E 134 -10.71 38.47 -18.58
C PRO E 134 -10.46 37.33 -17.60
N VAL E 135 -9.28 37.35 -17.01
CA VAL E 135 -8.88 36.44 -15.94
C VAL E 135 -9.48 36.98 -14.63
N PRO E 136 -10.25 36.14 -13.88
CA PRO E 136 -10.66 36.53 -12.53
C PRO E 136 -9.45 36.78 -11.62
N VAL E 137 -9.50 37.83 -10.83
CA VAL E 137 -8.41 38.20 -9.94
C VAL E 137 -8.79 37.82 -8.51
N ILE E 138 -7.84 37.33 -7.71
CA ILE E 138 -8.16 36.82 -6.36
C ILE E 138 -8.41 37.91 -5.29
N SER E 139 -9.47 37.74 -4.48
CA SER E 139 -9.68 38.64 -3.34
C SER E 139 -8.92 38.11 -2.11
N SER E 140 -8.21 39.00 -1.42
CA SER E 140 -7.39 38.64 -0.24
C SER E 140 -8.05 39.07 1.09
N ILE E 141 -8.22 38.11 2.01
CA ILE E 141 -8.84 38.36 3.32
C ILE E 141 -7.79 38.10 4.39
N GLY E 142 -7.32 39.18 5.04
CA GLY E 142 -6.01 39.22 5.72
C GLY E 142 -5.68 38.61 7.07
N GLY E 143 -6.68 38.10 7.80
CA GLY E 143 -6.42 37.52 9.13
C GLY E 143 -6.84 38.41 10.30
N ASP E 144 -7.95 38.05 10.96
CA ASP E 144 -8.70 38.93 11.86
C ASP E 144 -9.83 38.11 12.53
N THR E 145 -10.70 38.80 13.27
CA THR E 145 -11.91 38.20 13.83
C THR E 145 -12.78 37.61 12.71
N PRO E 146 -13.55 36.54 13.01
CA PRO E 146 -14.53 36.03 12.05
C PRO E 146 -15.50 37.12 11.49
N GLU E 147 -15.96 38.02 12.35
CA GLU E 147 -16.84 39.14 11.94
C GLU E 147 -16.18 40.13 10.97
N ALA E 148 -14.93 40.55 11.25
CA ALA E 148 -14.21 41.46 10.33
C ALA E 148 -13.90 40.75 9.01
N MET E 149 -13.43 39.50 9.08
CA MET E 149 -13.12 38.74 7.85
C MET E 149 -14.34 38.67 6.93
N ARG E 150 -15.49 38.30 7.52
CA ARG E 150 -16.78 38.23 6.83
C ARG E 150 -17.13 39.57 6.14
N ALA E 151 -16.85 40.68 6.83
CA ALA E 151 -17.15 42.02 6.30
C ALA E 151 -16.24 42.40 5.12
N LYS E 152 -14.98 41.94 5.18
CA LYS E 152 -14.06 42.16 4.05
C LYS E 152 -14.51 41.40 2.82
N VAL E 153 -14.90 40.14 3.02
CA VAL E 153 -15.54 39.32 1.97
C VAL E 153 -16.74 40.09 1.41
N ALA E 154 -17.62 40.56 2.28
CA ALA E 154 -18.81 41.31 1.84
C ALA E 154 -18.45 42.59 1.05
N ARG E 155 -17.30 43.17 1.39
CA ARG E 155 -16.81 44.41 0.77
C ARG E 155 -16.19 44.08 -0.59
N HIS E 156 -15.45 42.98 -0.64
CA HIS E 156 -14.82 42.52 -1.88
C HIS E 156 -15.87 41.96 -2.85
N ARG E 157 -16.88 41.30 -2.31
CA ARG E 157 -18.02 40.80 -3.10
C ARG E 157 -18.73 41.95 -3.83
N ALA E 158 -18.93 43.06 -3.11
CA ALA E 158 -19.55 44.27 -3.68
C ALA E 158 -18.72 44.87 -4.83
N GLN E 159 -17.40 44.77 -4.72
CA GLN E 159 -16.46 45.25 -5.75
C GLN E 159 -16.34 44.28 -6.95
N GLY E 160 -17.10 43.18 -6.90
CA GLY E 160 -17.19 42.23 -8.01
C GLY E 160 -16.26 41.02 -7.96
N PHE E 161 -15.49 40.89 -6.88
CA PHE E 161 -14.56 39.74 -6.74
C PHE E 161 -15.33 38.45 -6.45
N LYS E 162 -14.96 37.36 -7.13
CA LYS E 162 -15.71 36.10 -7.03
C LYS E 162 -14.98 35.09 -6.16
N GLY E 163 -13.64 35.12 -6.24
CA GLY E 163 -12.78 34.20 -5.49
C GLY E 163 -11.97 34.84 -4.38
N HIS E 164 -11.87 34.13 -3.24
CA HIS E 164 -11.29 34.68 -2.01
C HIS E 164 -10.24 33.75 -1.39
N SER E 165 -9.06 34.31 -1.12
CA SER E 165 -8.00 33.66 -0.37
C SER E 165 -8.07 34.15 1.09
N ILE E 166 -8.38 33.24 2.00
CA ILE E 166 -8.57 33.63 3.40
C ILE E 166 -7.44 33.10 4.29
N LYS E 167 -6.84 33.97 5.10
CA LYS E 167 -5.74 33.54 5.96
C LYS E 167 -6.21 32.85 7.24
N ILE E 168 -5.60 31.69 7.51
CA ILE E 168 -5.81 30.96 8.74
C ILE E 168 -4.47 30.59 9.40
N GLY E 169 -4.52 30.19 10.67
CA GLY E 169 -3.32 29.77 11.38
C GLY E 169 -3.17 30.46 12.72
N ALA E 170 -4.10 30.17 13.62
CA ALA E 170 -4.10 30.80 14.96
C ALA E 170 -3.34 29.94 15.96
N SER E 171 -2.57 30.59 16.83
CA SER E 171 -1.95 29.87 17.95
C SER E 171 -3.02 29.45 18.95
N GLU E 172 -2.68 28.55 19.86
CA GLU E 172 -3.63 28.13 20.90
C GLU E 172 -4.11 29.31 21.76
N ALA E 173 -3.17 30.16 22.17
CA ALA E 173 -3.51 31.33 23.01
C ALA E 173 -4.49 32.28 22.33
N GLU E 174 -4.49 32.28 20.99
CA GLU E 174 -5.38 33.13 20.20
C GLU E 174 -6.77 32.52 20.02
N GLY E 175 -6.89 31.22 20.25
CA GLY E 175 -8.15 30.53 20.03
C GLY E 175 -8.02 29.29 19.13
N GLY E 176 -6.82 29.10 18.58
CA GLY E 176 -6.49 27.86 17.87
C GLY E 176 -7.46 27.48 16.76
N PRO E 177 -7.71 26.16 16.59
CA PRO E 177 -8.57 25.62 15.51
C PRO E 177 -10.02 26.12 15.53
N ALA E 178 -10.58 26.37 16.72
CA ALA E 178 -11.97 26.84 16.81
C ALA E 178 -12.09 28.22 16.18
N LEU E 179 -11.07 29.05 16.36
CA LEU E 179 -11.05 30.37 15.76
C LEU E 179 -10.98 30.27 14.22
N ASP E 180 -10.03 29.49 13.73
CA ASP E 180 -9.90 29.29 12.29
C ASP E 180 -11.18 28.67 11.71
N ALA E 181 -11.84 27.78 12.45
CA ALA E 181 -13.07 27.16 11.98
C ALA E 181 -14.22 28.15 11.91
N GLU E 182 -14.34 28.98 12.96
CA GLU E 182 -15.31 30.08 12.98
C GLU E 182 -15.06 31.10 11.85
N ARG E 183 -13.79 31.46 11.64
CA ARG E 183 -13.41 32.35 10.54
C ARG E 183 -13.88 31.80 9.18
N ILE E 184 -13.50 30.55 8.88
CA ILE E 184 -13.95 29.93 7.63
C ILE E 184 -15.50 29.97 7.52
N THR E 185 -16.20 29.57 8.59
CA THR E 185 -17.66 29.53 8.56
C THR E 185 -18.24 30.94 8.30
N ALA E 186 -17.67 31.94 8.97
CA ALA E 186 -18.12 33.33 8.81
C ALA E 186 -17.87 33.89 7.40
N CYS E 187 -16.71 33.61 6.83
CA CYS E 187 -16.39 34.10 5.47
C CYS E 187 -17.27 33.48 4.38
N LEU E 188 -17.84 32.30 4.67
CA LEU E 188 -18.75 31.60 3.75
C LEU E 188 -20.22 31.93 3.99
N ALA E 189 -20.51 32.57 5.14
CA ALA E 189 -21.89 32.77 5.62
C ALA E 189 -22.83 33.52 4.67
N ASP E 190 -22.27 34.33 3.76
CA ASP E 190 -23.09 35.13 2.84
C ASP E 190 -22.91 34.68 1.39
N ARG E 191 -22.31 33.49 1.20
CA ARG E 191 -22.01 32.92 -0.11
C ARG E 191 -23.10 33.16 -1.14
N GLN E 192 -22.70 33.67 -2.30
CA GLN E 192 -23.59 33.92 -3.44
C GLN E 192 -23.17 32.98 -4.58
N PRO E 193 -24.08 32.71 -5.54
CA PRO E 193 -23.70 31.82 -6.65
C PRO E 193 -22.38 32.19 -7.35
N GLY E 194 -21.62 31.16 -7.76
CA GLY E 194 -20.42 31.33 -8.57
C GLY E 194 -19.16 31.78 -7.86
N GLU E 195 -19.14 31.67 -6.54
CA GLU E 195 -18.02 32.16 -5.72
C GLU E 195 -17.01 31.04 -5.37
N TRP E 196 -15.75 31.40 -5.16
CA TRP E 196 -14.67 30.42 -4.81
C TRP E 196 -13.88 30.79 -3.54
N TYR E 197 -13.70 29.82 -2.63
CA TYR E 197 -13.02 30.09 -1.33
C TYR E 197 -11.77 29.21 -1.06
N LEU E 198 -10.64 29.85 -0.79
CA LEU E 198 -9.36 29.20 -0.41
C LEU E 198 -8.86 29.62 1.00
N ALA E 199 -8.73 28.66 1.92
CA ALA E 199 -8.15 28.96 3.23
C ALA E 199 -6.64 28.64 3.23
N ASP E 200 -5.82 29.68 3.26
CA ASP E 200 -4.37 29.51 3.16
C ASP E 200 -3.75 29.56 4.56
N ALA E 201 -3.16 28.44 4.99
CA ALA E 201 -2.50 28.38 6.30
C ALA E 201 -1.00 28.73 6.24
N ASN E 202 -0.49 29.03 5.05
CA ASN E 202 0.96 29.24 4.80
C ASN E 202 1.90 28.26 5.50
N ASN E 203 1.61 26.97 5.36
CA ASN E 203 2.46 25.92 5.91
C ASN E 203 2.53 26.00 7.44
N GLY E 204 1.50 26.56 8.06
CA GLY E 204 1.57 26.91 9.49
C GLY E 204 0.84 26.07 10.51
N LEU E 205 0.10 25.04 10.09
CA LEU E 205 -0.66 24.22 11.04
C LEU E 205 0.05 22.91 11.35
N THR E 206 -0.03 22.48 12.60
CA THR E 206 0.29 21.09 12.90
C THR E 206 -0.88 20.29 12.36
N VAL E 207 -0.64 19.02 12.10
CA VAL E 207 -1.71 18.10 11.69
C VAL E 207 -2.83 18.02 12.74
N GLU E 208 -2.49 18.00 14.02
CA GLU E 208 -3.49 17.94 15.09
C GLU E 208 -4.43 19.16 15.02
N HIS E 209 -3.84 20.33 14.81
CA HIS E 209 -4.59 21.59 14.66
C HIS E 209 -5.51 21.49 13.45
N ALA E 210 -4.94 21.05 12.33
CA ALA E 210 -5.72 20.91 11.10
C ALA E 210 -6.89 19.95 11.27
N LEU E 211 -6.65 18.80 11.90
CA LEU E 211 -7.70 17.79 12.11
C LEU E 211 -8.78 18.29 13.06
N ARG E 212 -8.38 19.00 14.11
CA ARG E 212 -9.34 19.61 15.03
C ARG E 212 -10.20 20.63 14.28
N MET E 213 -9.55 21.45 13.46
CA MET E 213 -10.19 22.49 12.66
C MET E 213 -11.22 21.90 11.67
N LEU E 214 -10.83 20.83 10.99
CA LEU E 214 -11.73 20.09 10.10
C LEU E 214 -12.95 19.54 10.84
N SER E 215 -12.74 19.01 12.04
CA SER E 215 -13.83 18.48 12.85
C SER E 215 -14.83 19.56 13.26
N LEU E 216 -14.30 20.77 13.47
CA LEU E 216 -15.10 21.90 13.94
C LEU E 216 -15.97 22.55 12.88
N LEU E 217 -15.51 22.50 11.63
CA LEU E 217 -16.26 23.00 10.47
C LEU E 217 -17.66 22.40 10.37
N PRO E 218 -18.68 23.24 10.15
CA PRO E 218 -20.03 22.72 9.93
C PRO E 218 -20.13 22.03 8.57
N PRO E 219 -21.07 21.09 8.41
CA PRO E 219 -21.22 20.46 7.08
C PRO E 219 -21.61 21.48 6.02
N GLY E 220 -21.51 21.10 4.75
CA GLY E 220 -22.04 21.92 3.65
C GLY E 220 -21.28 23.17 3.27
N LEU E 221 -19.96 23.18 3.49
CA LEU E 221 -19.15 24.33 3.09
C LEU E 221 -18.43 24.12 1.74
N ASP E 222 -18.29 25.20 0.98
CA ASP E 222 -17.51 25.22 -0.28
C ASP E 222 -16.13 25.83 -0.05
N ILE E 223 -15.20 25.00 0.39
CA ILE E 223 -13.89 25.49 0.82
C ILE E 223 -12.72 24.62 0.32
N VAL E 224 -11.64 25.26 -0.13
CA VAL E 224 -10.39 24.59 -0.53
C VAL E 224 -9.26 24.96 0.46
N LEU E 225 -8.51 23.96 0.92
CA LEU E 225 -7.48 24.18 1.92
C LEU E 225 -6.11 24.32 1.23
N GLU E 226 -5.40 25.40 1.52
CA GLU E 226 -4.08 25.65 0.92
C GLU E 226 -2.99 25.57 1.96
N ALA E 227 -1.91 24.85 1.60
CA ALA E 227 -0.65 24.85 2.35
C ALA E 227 -0.84 24.64 3.85
N PRO E 228 -1.47 23.51 4.24
CA PRO E 228 -1.80 23.35 5.64
C PRO E 228 -0.60 23.15 6.59
N CYS E 229 0.43 22.46 6.12
CA CYS E 229 1.51 22.02 7.02
C CYS E 229 2.92 22.39 6.53
N ALA E 230 3.88 22.38 7.44
CA ALA E 230 5.24 22.84 7.12
C ALA E 230 6.07 21.85 6.31
N SER E 231 5.70 20.57 6.31
CA SER E 231 6.53 19.57 5.64
C SER E 231 5.74 18.59 4.79
N TRP E 232 6.45 17.91 3.90
CA TRP E 232 5.88 16.84 3.08
C TRP E 232 5.23 15.73 3.90
N ALA E 233 5.93 15.25 4.92
CA ALA E 233 5.44 14.12 5.70
C ALA E 233 4.17 14.47 6.45
N GLU E 234 4.12 15.70 6.98
CA GLU E 234 2.92 16.15 7.68
C GLU E 234 1.77 16.31 6.71
N THR E 235 2.03 16.89 5.55
CA THR E 235 0.98 17.07 4.56
C THR E 235 0.37 15.73 4.11
N LYS E 236 1.22 14.73 3.89
CA LYS E 236 0.75 13.39 3.54
C LYS E 236 -0.12 12.79 4.63
N SER E 237 0.25 13.03 5.88
CA SER E 237 -0.51 12.50 6.99
C SER E 237 -1.91 13.11 7.03
N LEU E 238 -1.98 14.43 6.86
CA LEU E 238 -3.28 15.09 6.85
C LEU E 238 -4.13 14.66 5.64
N ARG E 239 -3.49 14.59 4.45
CA ARG E 239 -4.15 14.12 3.23
C ARG E 239 -4.93 12.82 3.40
N ALA E 240 -4.37 11.91 4.20
CA ALA E 240 -4.97 10.61 4.45
C ALA E 240 -6.30 10.74 5.19
N ARG E 241 -6.50 11.87 5.88
CA ARG E 241 -7.66 12.05 6.74
C ARG E 241 -8.36 13.40 6.50
N CYS E 242 -8.29 13.89 5.27
CA CYS E 242 -8.91 15.16 4.89
C CYS E 242 -9.73 14.97 3.61
N ALA E 243 -11.01 15.34 3.69
CA ALA E 243 -11.93 15.18 2.57
C ALA E 243 -12.02 16.42 1.67
N LEU E 244 -11.47 17.54 2.15
CA LEU E 244 -11.45 18.79 1.39
C LEU E 244 -10.41 18.77 0.28
N PRO E 245 -10.66 19.50 -0.83
CA PRO E 245 -9.57 19.66 -1.81
C PRO E 245 -8.39 20.35 -1.15
N LEU E 246 -7.20 19.90 -1.51
CA LEU E 246 -5.95 20.40 -0.95
C LEU E 246 -5.14 21.06 -2.05
N LEU E 247 -4.66 22.28 -1.79
CA LEU E 247 -3.79 22.95 -2.74
C LEU E 247 -2.43 23.18 -2.07
N LEU E 248 -1.37 22.84 -2.78
CA LEU E 248 -0.02 23.02 -2.24
C LEU E 248 0.65 24.22 -2.85
N ASP E 249 1.47 24.91 -2.05
CA ASP E 249 2.06 26.18 -2.47
C ASP E 249 3.55 26.18 -2.16
N GLU E 250 3.93 26.49 -0.92
CA GLU E 250 5.34 26.46 -0.50
C GLU E 250 6.07 25.17 -0.89
N LEU E 251 5.39 24.04 -0.77
CA LEU E 251 6.02 22.73 -1.03
C LEU E 251 6.25 22.44 -2.50
N ILE E 252 5.63 23.20 -3.41
CA ILE E 252 5.88 23.02 -4.83
C ILE E 252 6.74 24.15 -5.37
N GLN E 253 8.02 23.86 -5.58
CA GLN E 253 8.93 24.84 -6.18
C GLN E 253 9.49 24.34 -7.53
N THR E 254 9.89 23.07 -7.56
CA THR E 254 10.50 22.46 -8.73
C THR E 254 9.51 21.61 -9.52
N GLU E 255 9.90 21.23 -10.73
CA GLU E 255 9.07 20.30 -11.51
C GLU E 255 9.03 18.96 -10.80
N THR E 256 10.14 18.57 -10.20
CA THR E 256 10.22 17.27 -9.51
C THR E 256 9.30 17.24 -8.28
N ASP E 257 9.09 18.40 -7.66
CA ASP E 257 8.13 18.52 -6.56
C ASP E 257 6.73 18.11 -7.00
N LEU E 258 6.27 18.60 -8.15
CA LEU E 258 4.97 18.23 -8.69
C LEU E 258 4.86 16.74 -8.98
N ILE E 259 5.94 16.17 -9.52
CA ILE E 259 6.01 14.72 -9.73
C ILE E 259 5.85 13.93 -8.42
N ALA E 260 6.54 14.37 -7.37
CA ALA E 260 6.40 13.73 -6.06
C ALA E 260 4.95 13.83 -5.56
N ALA E 261 4.31 14.99 -5.78
CA ALA E 261 2.92 15.20 -5.33
C ALA E 261 1.96 14.28 -6.08
N ILE E 262 2.17 14.11 -7.38
CA ILE E 262 1.41 13.14 -8.17
C ILE E 262 1.61 11.70 -7.68
N ARG E 263 2.87 11.28 -7.50
CA ARG E 263 3.17 9.94 -6.98
C ARG E 263 2.50 9.66 -5.64
N ASP E 264 2.49 10.66 -4.76
CA ASP E 264 1.88 10.54 -3.43
C ASP E 264 0.38 10.85 -3.39
N ASP E 265 -0.23 11.11 -4.56
CA ASP E 265 -1.61 11.62 -4.68
C ASP E 265 -1.91 12.68 -3.60
N LEU E 266 -1.04 13.68 -3.52
CA LEU E 266 -0.98 14.52 -2.34
C LEU E 266 -1.94 15.70 -2.41
N CYS E 267 -2.27 16.16 -3.62
CA CYS E 267 -3.08 17.38 -3.74
C CYS E 267 -3.95 17.46 -4.99
N ASP E 268 -4.90 18.37 -4.96
CA ASP E 268 -5.86 18.51 -6.04
C ASP E 268 -5.64 19.81 -6.79
N GLY E 269 -4.69 20.60 -6.29
CA GLY E 269 -4.31 21.84 -6.95
C GLY E 269 -2.97 22.37 -6.47
N VAL E 270 -2.48 23.39 -7.16
CA VAL E 270 -1.16 23.96 -6.87
C VAL E 270 -1.21 25.49 -6.98
N GLY E 271 -0.53 26.16 -6.05
CA GLY E 271 -0.34 27.61 -6.13
C GLY E 271 0.96 27.87 -6.85
N LEU E 272 0.87 28.28 -8.12
CA LEU E 272 2.04 28.57 -8.91
C LEU E 272 2.36 30.07 -8.80
N LYS E 273 3.56 30.36 -8.32
CA LYS E 273 4.03 31.73 -8.14
C LYS E 273 5.25 31.94 -9.02
N VAL E 274 5.18 32.91 -9.93
CA VAL E 274 6.21 33.07 -10.96
C VAL E 274 7.63 32.92 -10.38
N SER E 275 7.95 33.68 -9.33
CA SER E 275 9.33 33.71 -8.84
C SER E 275 9.65 32.56 -7.87
N LYS E 276 8.64 31.87 -7.36
CA LYS E 276 8.88 30.63 -6.61
C LYS E 276 9.26 29.47 -7.56
N GLN E 277 8.52 29.36 -8.68
CA GLN E 277 8.76 28.29 -9.64
C GLN E 277 10.02 28.58 -10.46
N GLY E 278 10.30 29.86 -10.67
CA GLY E 278 11.56 30.28 -11.27
C GLY E 278 11.47 30.97 -12.61
N GLY E 279 10.30 31.50 -12.95
CA GLY E 279 10.11 32.27 -14.19
C GLY E 279 9.07 31.68 -15.14
N ILE E 280 9.02 32.20 -16.36
CA ILE E 280 8.06 31.70 -17.36
C ILE E 280 8.37 30.24 -17.73
N THR E 281 9.64 29.93 -17.95
CA THR E 281 10.02 28.56 -18.36
C THR E 281 9.47 27.47 -17.43
N PRO E 282 9.78 27.55 -16.12
CA PRO E 282 9.21 26.54 -15.25
C PRO E 282 7.72 26.67 -15.00
N MET E 283 7.18 27.89 -15.05
CA MET E 283 5.72 28.05 -14.96
C MET E 283 5.04 27.22 -16.07
N LEU E 284 5.65 27.20 -17.25
CA LEU E 284 5.06 26.48 -18.39
C LEU E 284 5.20 24.99 -18.22
N ARG E 285 6.37 24.54 -17.75
CA ARG E 285 6.58 23.12 -17.47
C ARG E 285 5.61 22.64 -16.40
N GLN E 286 5.51 23.42 -15.32
CA GLN E 286 4.67 23.01 -14.21
C GLN E 286 3.20 23.09 -14.58
N ARG E 287 2.83 24.06 -15.41
CA ARG E 287 1.46 24.08 -15.95
C ARG E 287 1.13 22.81 -16.76
N ALA E 288 2.05 22.36 -17.60
CA ALA E 288 1.83 21.16 -18.42
C ALA E 288 1.60 19.94 -17.55
N ILE E 289 2.41 19.83 -16.50
CA ILE E 289 2.32 18.71 -15.56
C ILE E 289 1.00 18.77 -14.81
N ALA E 290 0.74 19.92 -14.19
CA ALA E 290 -0.47 20.11 -13.40
C ALA E 290 -1.72 19.90 -14.25
N ALA E 291 -1.74 20.47 -15.46
CA ALA E 291 -2.91 20.35 -16.34
C ALA E 291 -3.14 18.89 -16.74
N ALA E 292 -2.06 18.16 -17.02
CA ALA E 292 -2.19 16.73 -17.33
C ALA E 292 -2.78 15.95 -16.14
N ALA E 293 -2.41 16.33 -14.92
CA ALA E 293 -2.93 15.68 -13.70
C ALA E 293 -4.35 16.15 -13.32
N GLY E 294 -4.86 17.15 -14.02
CA GLY E 294 -6.17 17.74 -13.71
C GLY E 294 -6.14 18.57 -12.43
N MET E 295 -4.96 19.03 -12.03
CA MET E 295 -4.81 19.91 -10.88
C MET E 295 -5.26 21.33 -11.23
N VAL E 296 -6.10 21.91 -10.38
CA VAL E 296 -6.40 23.32 -10.54
C VAL E 296 -5.15 24.13 -10.15
N MET E 297 -5.05 25.35 -10.67
CA MET E 297 -3.84 26.17 -10.56
C MET E 297 -4.23 27.61 -10.21
N SER E 298 -3.75 28.13 -9.10
CA SER E 298 -3.90 29.57 -8.89
C SER E 298 -2.59 30.23 -9.37
N VAL E 299 -2.71 31.22 -10.26
CA VAL E 299 -1.51 31.79 -10.89
C VAL E 299 -1.16 33.12 -10.20
N GLN E 300 -0.07 33.11 -9.44
CA GLN E 300 0.25 34.25 -8.59
C GLN E 300 1.74 34.59 -8.67
N ASP E 301 2.20 35.40 -7.72
CA ASP E 301 3.62 35.56 -7.46
C ASP E 301 3.72 35.76 -5.97
N THR E 302 4.94 35.79 -5.45
CA THR E 302 5.19 36.05 -4.04
C THR E 302 4.59 37.41 -3.67
N VAL E 303 4.99 38.42 -4.45
CA VAL E 303 4.61 39.83 -4.29
C VAL E 303 5.42 40.57 -5.37
N GLY E 304 5.02 41.80 -5.70
CA GLY E 304 5.83 42.59 -6.62
C GLY E 304 5.11 43.82 -7.14
N SER E 305 5.69 44.43 -8.17
CA SER E 305 5.12 45.63 -8.76
C SER E 305 4.32 45.27 -10.01
N GLN E 306 4.11 46.26 -10.88
CA GLN E 306 3.45 46.01 -12.15
C GLN E 306 4.26 45.03 -13.00
N ILE E 307 5.57 44.99 -12.79
CA ILE E 307 6.45 44.13 -13.57
C ILE E 307 6.14 42.65 -13.28
N SER E 308 6.09 42.32 -11.98
CA SER E 308 5.65 40.99 -11.55
C SER E 308 4.25 40.69 -12.13
N PHE E 309 3.35 41.66 -12.01
CA PHE E 309 1.97 41.48 -12.47
C PHE E 309 1.85 41.14 -13.95
N ALA E 310 2.70 41.74 -14.77
CA ALA E 310 2.67 41.49 -16.21
C ALA E 310 2.89 40.00 -16.50
N ALA E 311 3.88 39.39 -15.85
CA ALA E 311 4.16 37.96 -16.01
C ALA E 311 2.98 37.09 -15.54
N ILE E 312 2.50 37.40 -14.34
CA ILE E 312 1.34 36.72 -13.79
C ILE E 312 0.20 36.71 -14.79
N LEU E 313 -0.17 37.90 -15.26
CA LEU E 313 -1.37 38.06 -16.05
C LEU E 313 -1.29 37.36 -17.40
N HIS E 314 -0.16 37.50 -18.10
CA HIS E 314 0.03 36.82 -19.38
C HIS E 314 -0.06 35.29 -19.26
N LEU E 315 0.56 34.73 -18.22
CA LEU E 315 0.47 33.29 -17.97
C LEU E 315 -0.95 32.86 -17.63
N ALA E 316 -1.61 33.60 -16.74
CA ALA E 316 -3.01 33.32 -16.38
C ALA E 316 -3.92 33.36 -17.61
N GLN E 317 -3.63 34.30 -18.51
CA GLN E 317 -4.41 34.55 -19.70
C GLN E 317 -4.36 33.41 -20.72
N SER E 318 -3.28 32.62 -20.70
CA SER E 318 -3.15 31.47 -21.60
C SER E 318 -3.41 30.14 -20.88
N THR E 319 -3.84 30.20 -19.62
CA THR E 319 -4.19 29.02 -18.83
C THR E 319 -5.64 28.60 -19.12
N PRO E 320 -5.90 27.28 -19.33
CA PRO E 320 -7.27 26.81 -19.57
C PRO E 320 -8.17 27.21 -18.41
N ARG E 321 -9.29 27.88 -18.74
CA ARG E 321 -10.11 28.55 -17.74
C ARG E 321 -10.68 27.59 -16.69
N HIS E 322 -11.02 26.36 -17.07
CA HIS E 322 -11.62 25.41 -16.12
C HIS E 322 -10.65 24.94 -15.03
N LEU E 323 -9.34 25.10 -15.27
CA LEU E 323 -8.31 24.74 -14.29
C LEU E 323 -7.78 25.94 -13.51
N LEU E 324 -7.96 27.12 -14.08
CA LEU E 324 -7.45 28.33 -13.45
C LEU E 324 -8.29 28.66 -12.24
N ARG E 325 -7.61 29.04 -11.17
CA ARG E 325 -8.29 29.52 -9.99
C ARG E 325 -7.72 30.90 -9.62
N CYS E 326 -7.98 31.86 -10.49
CA CYS E 326 -7.62 33.27 -10.33
C CYS E 326 -6.14 33.60 -10.56
N ALA E 327 -5.90 34.87 -10.88
CA ALA E 327 -4.57 35.47 -10.85
C ALA E 327 -4.48 36.45 -9.69
N LEU E 328 -3.27 36.66 -9.18
CA LEU E 328 -3.04 37.61 -8.10
C LEU E 328 -2.74 38.97 -8.74
N ASP E 329 -3.44 40.01 -8.30
CA ASP E 329 -3.10 41.37 -8.72
C ASP E 329 -2.15 41.99 -7.69
N THR E 330 -0.86 41.91 -7.97
CA THR E 330 0.18 42.38 -7.06
C THR E 330 0.15 43.91 -6.88
N ARG E 331 -0.52 44.62 -7.80
CA ARG E 331 -0.70 46.07 -7.64
C ARG E 331 -1.58 46.43 -6.42
N ALA E 332 -2.35 45.47 -5.92
CA ALA E 332 -3.10 45.70 -4.70
C ALA E 332 -2.27 45.45 -3.43
N MET E 333 -1.06 44.89 -3.59
CA MET E 333 -0.20 44.55 -2.43
C MET E 333 0.80 45.65 -2.07
N THR E 334 1.21 46.46 -3.05
CA THR E 334 2.19 47.51 -2.82
C THR E 334 1.79 48.86 -3.47
N THR E 335 2.41 49.93 -3.00
CA THR E 335 2.14 51.28 -3.53
C THR E 335 3.10 51.71 -4.65
N ALA E 336 4.04 50.85 -5.01
CA ALA E 336 5.05 51.22 -6.00
C ALA E 336 4.43 51.44 -7.38
N GLU E 337 5.03 52.32 -8.16
CA GLU E 337 4.59 52.60 -9.52
C GLU E 337 5.82 52.51 -10.43
N LEU E 338 6.25 51.27 -10.67
CA LEU E 338 7.49 51.04 -11.39
C LEU E 338 7.29 51.03 -12.90
N ALA E 339 6.04 50.80 -13.33
CA ALA E 339 5.75 50.66 -14.75
C ALA E 339 4.29 50.86 -15.04
N GLU E 340 3.98 51.22 -16.27
CA GLU E 340 2.62 51.21 -16.78
C GLU E 340 2.31 49.90 -17.52
N ILE E 341 1.07 49.42 -17.36
CA ILE E 341 0.53 48.30 -18.13
C ILE E 341 -0.98 48.52 -18.25
N ASP E 342 -1.52 48.36 -19.46
CA ASP E 342 -2.95 48.58 -19.64
C ASP E 342 -3.74 47.32 -19.38
N ALA E 343 -4.00 47.09 -18.11
CA ALA E 343 -4.72 45.91 -17.70
C ALA E 343 -5.55 46.27 -16.48
N PRO E 344 -6.56 47.14 -16.67
CA PRO E 344 -7.28 47.63 -15.50
C PRO E 344 -8.14 46.53 -14.86
N LEU E 345 -8.20 46.57 -13.52
CA LEU E 345 -9.03 45.68 -12.75
C LEU E 345 -10.43 46.19 -12.89
N ARG E 346 -11.27 45.42 -13.57
CA ARG E 346 -12.67 45.73 -13.78
C ARG E 346 -13.50 44.52 -13.33
N ASP E 347 -14.50 44.76 -12.47
CA ASP E 347 -15.49 43.74 -12.14
C ASP E 347 -14.85 42.41 -11.69
N GLY E 348 -13.80 42.49 -10.87
CA GLY E 348 -13.15 41.29 -10.33
C GLY E 348 -12.21 40.56 -11.29
N GLY E 349 -11.86 41.21 -12.41
CA GLY E 349 -10.99 40.63 -13.45
C GLY E 349 -10.07 41.58 -14.22
N ALA E 350 -9.13 41.01 -14.97
CA ALA E 350 -8.19 41.77 -15.80
C ALA E 350 -7.84 40.97 -17.05
N SER E 351 -7.56 41.67 -18.14
CA SER E 351 -7.17 41.03 -19.40
C SER E 351 -5.77 41.47 -19.77
N ALA E 352 -4.96 40.52 -20.21
CA ALA E 352 -3.60 40.82 -20.65
C ALA E 352 -3.62 41.75 -21.86
N PRO E 353 -2.68 42.72 -21.91
CA PRO E 353 -2.69 43.66 -23.04
C PRO E 353 -2.26 42.99 -24.34
N SER E 354 -2.52 43.64 -25.47
CA SER E 354 -2.19 43.07 -26.78
C SER E 354 -0.81 43.48 -27.33
N ASP E 355 -0.10 44.37 -26.63
CA ASP E 355 1.25 44.78 -27.04
C ASP E 355 2.22 43.59 -27.07
N PRO E 356 3.19 43.59 -28.02
CA PRO E 356 4.18 42.50 -28.00
C PRO E 356 5.02 42.49 -26.72
N GLY E 357 5.41 41.30 -26.27
CA GLY E 357 6.17 41.17 -25.02
C GLY E 357 5.25 41.19 -23.80
N LEU E 358 5.76 41.70 -22.67
CA LEU E 358 4.97 41.81 -21.44
C LEU E 358 3.98 42.97 -21.50
N GLY E 359 4.23 43.92 -22.39
CA GLY E 359 3.38 45.09 -22.55
C GLY E 359 3.61 46.14 -21.47
N LEU E 360 4.81 46.15 -20.92
CA LEU E 360 5.19 47.12 -19.89
C LEU E 360 5.80 48.37 -20.50
N ARG E 361 5.57 49.51 -19.83
CA ARG E 361 6.31 50.73 -20.10
C ARG E 361 7.00 51.09 -18.77
N VAL E 362 8.25 50.69 -18.66
CA VAL E 362 8.95 50.75 -17.38
C VAL E 362 9.45 52.17 -17.10
N ASN E 363 9.23 52.65 -15.88
CA ASN E 363 9.77 53.93 -15.43
C ASN E 363 11.14 53.71 -14.79
N ARG E 364 12.19 53.91 -15.59
CA ARG E 364 13.56 53.68 -15.17
C ARG E 364 13.97 54.55 -13.97
N ASP E 365 13.45 55.79 -13.91
CA ASP E 365 13.72 56.71 -12.80
C ASP E 365 13.26 56.14 -11.46
N ALA E 366 12.15 55.39 -11.49
CA ALA E 366 11.56 54.82 -10.27
C ALA E 366 12.39 53.66 -9.71
N LEU E 367 13.28 53.10 -10.53
CA LEU E 367 14.03 51.92 -10.13
C LEU E 367 15.29 52.27 -9.37
N GLY E 368 15.79 53.49 -9.60
CA GLY E 368 17.10 53.87 -9.12
C GLY E 368 18.16 53.37 -10.08
N THR E 369 19.36 53.90 -9.94
CA THR E 369 20.52 53.45 -10.71
C THR E 369 20.81 51.95 -10.46
N PRO E 370 21.19 51.19 -11.51
CA PRO E 370 21.43 49.76 -11.30
C PRO E 370 22.49 49.54 -10.22
N VAL E 371 22.30 48.53 -9.38
CA VAL E 371 23.28 48.19 -8.35
C VAL E 371 24.43 47.39 -8.96
N LYS E 372 24.18 46.80 -10.12
CA LYS E 372 25.19 46.03 -10.82
C LYS E 372 24.83 45.88 -12.28
N THR E 373 25.84 45.95 -13.14
CA THR E 373 25.68 45.77 -14.57
C THR E 373 26.66 44.71 -15.05
N PHE E 374 26.22 43.86 -15.96
CA PHE E 374 27.09 42.88 -16.59
C PHE E 374 27.05 43.07 -18.10
N GLY E 375 28.19 42.87 -18.75
CA GLY E 375 28.29 42.91 -20.20
C GLY E 375 28.92 44.19 -20.72
N LEU F 3 -2.08 36.87 -38.47
CA LEU F 3 -1.79 35.56 -39.12
C LEU F 3 -2.95 34.59 -38.98
N LYS F 4 -3.29 33.94 -40.09
CA LYS F 4 -4.55 33.20 -40.24
C LYS F 4 -4.33 32.00 -41.15
N ILE F 5 -4.86 30.84 -40.77
CA ILE F 5 -4.90 29.68 -41.67
C ILE F 5 -5.99 29.89 -42.73
N THR F 6 -5.62 29.78 -43.99
CA THR F 6 -6.60 30.02 -45.08
C THR F 6 -6.91 28.79 -45.94
N ARG F 7 -5.96 27.87 -46.05
CA ARG F 7 -6.15 26.67 -46.87
C ARG F 7 -5.44 25.46 -46.26
N ILE F 8 -6.11 24.32 -46.28
CA ILE F 8 -5.50 23.06 -45.85
C ILE F 8 -5.65 22.00 -46.94
N ASP F 9 -4.53 21.39 -47.35
CA ASP F 9 -4.55 20.33 -48.35
C ASP F 9 -4.19 18.98 -47.77
N ILE F 10 -5.02 17.98 -48.06
CA ILE F 10 -4.77 16.62 -47.59
C ILE F 10 -4.30 15.75 -48.74
N HIS F 11 -3.13 15.15 -48.57
CA HIS F 11 -2.54 14.28 -49.60
C HIS F 11 -2.45 12.86 -49.08
N ARG F 12 -2.56 11.90 -49.98
CA ARG F 12 -2.37 10.49 -49.65
C ARG F 12 -1.29 9.89 -50.56
N THR F 13 -0.29 9.25 -49.97
CA THR F 13 0.74 8.62 -50.79
C THR F 13 1.29 7.31 -50.21
N ASP F 14 1.65 6.41 -51.10
CA ASP F 14 2.24 5.13 -50.73
C ASP F 14 3.75 5.29 -50.49
N LEU F 15 4.25 4.72 -49.39
CA LEU F 15 5.68 4.70 -49.09
C LEU F 15 6.23 3.27 -49.11
N PRO F 16 6.95 2.90 -50.18
CA PRO F 16 7.45 1.52 -50.29
C PRO F 16 8.51 1.21 -49.23
N VAL F 17 8.52 -0.03 -48.75
CA VAL F 17 9.50 -0.45 -47.74
C VAL F 17 10.92 -0.43 -48.31
N ARG F 18 11.87 0.05 -47.50
CA ARG F 18 13.29 -0.02 -47.82
C ARG F 18 13.89 -1.26 -47.16
N GLY F 19 14.50 -2.12 -47.97
CA GLY F 19 15.07 -3.38 -47.47
C GLY F 19 14.02 -4.43 -47.13
N GLY F 20 14.20 -5.09 -45.99
CA GLY F 20 13.38 -6.23 -45.58
C GLY F 20 11.89 -5.95 -45.48
N GLU F 29 2.27 -8.59 -42.52
CA GLU F 29 3.55 -8.20 -43.10
C GLU F 29 3.38 -7.14 -44.19
N TYR F 30 3.98 -5.97 -43.96
CA TYR F 30 3.75 -4.77 -44.77
C TYR F 30 4.84 -4.57 -45.81
N HIS F 31 4.43 -4.34 -47.05
CA HIS F 31 5.35 -4.06 -48.16
C HIS F 31 5.38 -2.58 -48.56
N SER F 32 4.44 -1.81 -48.03
CA SER F 32 4.46 -0.35 -48.12
C SER F 32 3.59 0.24 -47.01
N TYR F 33 3.76 1.53 -46.75
CA TYR F 33 2.96 2.20 -45.74
C TYR F 33 2.11 3.28 -46.40
N ASP F 34 0.89 3.42 -45.90
CA ASP F 34 -0.08 4.38 -46.43
C ASP F 34 0.07 5.68 -45.67
N ALA F 35 0.56 6.72 -46.35
CA ALA F 35 0.89 7.99 -45.70
C ALA F 35 -0.12 9.11 -45.97
N THR F 36 -0.36 9.92 -44.95
CA THR F 36 -1.17 11.12 -45.11
C THR F 36 -0.25 12.31 -44.87
N ILE F 37 -0.21 13.24 -45.83
CA ILE F 37 0.63 14.43 -45.72
C ILE F 37 -0.26 15.67 -45.86
N VAL F 38 -0.07 16.60 -44.94
CA VAL F 38 -0.91 17.81 -44.88
C VAL F 38 -0.07 19.07 -45.12
N SER F 39 -0.53 19.95 -46.01
CA SER F 39 0.00 21.32 -46.09
C SER F 39 -1.01 22.33 -45.55
N ILE F 40 -0.49 23.35 -44.88
CA ILE F 40 -1.31 24.44 -44.34
C ILE F 40 -0.79 25.77 -44.87
N GLU F 41 -1.67 26.55 -45.47
CA GLU F 41 -1.32 27.85 -46.02
C GLU F 41 -1.83 28.96 -45.11
N THR F 42 -1.10 30.08 -45.08
CA THR F 42 -1.53 31.26 -44.33
C THR F 42 -1.87 32.42 -45.27
N ASP F 43 -2.51 33.44 -44.71
CA ASP F 43 -2.85 34.67 -45.45
C ASP F 43 -1.61 35.46 -45.86
N THR F 44 -0.48 35.24 -45.17
CA THR F 44 0.78 35.91 -45.52
C THR F 44 1.64 35.10 -46.51
N GLY F 45 1.14 33.94 -46.91
CA GLY F 45 1.82 33.11 -47.91
C GLY F 45 2.87 32.13 -47.37
N LEU F 46 2.79 31.82 -46.09
CA LEU F 46 3.62 30.76 -45.53
C LEU F 46 2.93 29.42 -45.74
N THR F 47 3.75 28.38 -45.94
CA THR F 47 3.23 27.01 -46.02
C THR F 47 3.92 26.15 -44.96
N GLY F 48 3.13 25.38 -44.24
CA GLY F 48 3.65 24.39 -43.29
C GLY F 48 3.28 22.98 -43.70
N TRP F 49 4.14 22.03 -43.34
CA TRP F 49 3.91 20.62 -43.68
C TRP F 49 3.90 19.72 -42.44
N GLY F 50 3.12 18.65 -42.51
CA GLY F 50 3.09 17.64 -41.45
C GLY F 50 2.66 16.28 -41.98
N GLU F 51 3.20 15.22 -41.37
CA GLU F 51 2.92 13.85 -41.80
C GLU F 51 2.33 13.00 -40.67
N SER F 52 1.37 12.15 -41.01
CA SER F 52 0.90 11.11 -40.09
C SER F 52 0.75 9.79 -40.85
N THR F 53 1.59 8.83 -40.51
CA THR F 53 1.57 7.54 -41.17
C THR F 53 1.53 6.47 -40.10
N PRO F 54 0.32 5.95 -39.82
CA PRO F 54 0.19 4.84 -38.89
C PRO F 54 1.02 3.65 -39.37
N PHE F 55 1.63 2.94 -38.43
CA PHE F 55 2.32 1.71 -38.77
C PHE F 55 1.26 0.62 -38.89
N GLY F 56 0.81 0.37 -40.12
CA GLY F 56 -0.24 -0.63 -40.35
C GLY F 56 -1.48 -0.25 -39.55
N SER F 57 -2.25 -1.25 -39.12
CA SER F 57 -3.50 -0.99 -38.43
C SER F 57 -3.62 -1.72 -37.09
N THR F 58 -2.53 -2.33 -36.63
CA THR F 58 -2.56 -3.07 -35.37
C THR F 58 -1.44 -2.70 -34.40
N TYR F 59 -0.69 -1.65 -34.71
CA TYR F 59 0.30 -1.14 -33.77
C TYR F 59 -0.40 -0.50 -32.57
N ILE F 60 -1.21 0.52 -32.87
CA ILE F 60 -2.13 1.14 -31.91
C ILE F 60 -3.48 1.30 -32.63
N ALA F 61 -4.48 1.84 -31.93
CA ALA F 61 -5.81 2.01 -32.52
C ALA F 61 -5.82 3.20 -33.47
N ALA F 62 -5.25 2.95 -34.65
CA ALA F 62 -5.11 3.96 -35.71
C ALA F 62 -4.86 3.24 -37.02
N HIS F 63 -5.32 3.84 -38.10
CA HIS F 63 -5.05 3.36 -39.45
C HIS F 63 -5.23 4.54 -40.41
N ALA F 64 -4.56 4.48 -41.55
CA ALA F 64 -4.56 5.56 -42.53
C ALA F 64 -5.96 6.08 -42.95
N GLY F 65 -6.86 5.17 -43.29
CA GLY F 65 -8.26 5.54 -43.58
C GLY F 65 -8.90 6.31 -42.42
N GLY F 66 -8.55 5.94 -41.19
CA GLY F 66 -9.02 6.61 -39.98
C GLY F 66 -8.43 8.00 -39.81
N THR F 67 -7.15 8.14 -40.13
CA THR F 67 -6.47 9.44 -40.10
C THR F 67 -7.20 10.43 -41.01
N ARG F 68 -7.49 9.98 -42.23
CA ARG F 68 -8.11 10.85 -43.23
C ARG F 68 -9.57 11.13 -42.89
N ALA F 69 -10.29 10.14 -42.38
CA ALA F 69 -11.69 10.34 -41.95
C ALA F 69 -11.77 11.36 -40.81
N ALA F 70 -10.77 11.32 -39.93
CA ALA F 70 -10.69 12.23 -38.79
C ALA F 70 -10.33 13.66 -39.23
N LEU F 71 -9.44 13.77 -40.20
CA LEU F 71 -9.08 15.07 -40.76
C LEU F 71 -10.25 15.80 -41.41
N GLU F 72 -11.23 15.05 -41.91
CA GLU F 72 -12.47 15.64 -42.44
C GLU F 72 -13.19 16.53 -41.43
N LEU F 73 -13.06 16.19 -40.14
CA LEU F 73 -13.62 17.02 -39.06
C LEU F 73 -12.63 18.07 -38.57
N LEU F 74 -11.38 17.67 -38.39
CA LEU F 74 -10.37 18.54 -37.77
C LEU F 74 -9.93 19.72 -38.63
N ALA F 75 -9.65 19.47 -39.91
CA ALA F 75 -9.16 20.53 -40.80
C ALA F 75 -10.08 21.76 -40.94
N PRO F 76 -11.40 21.56 -41.20
CA PRO F 76 -12.31 22.72 -41.28
C PRO F 76 -12.37 23.50 -39.98
N ALA F 77 -12.24 22.78 -38.86
CA ALA F 77 -12.39 23.36 -37.53
C ALA F 77 -11.30 24.35 -37.20
N ILE F 78 -10.12 24.22 -37.81
CA ILE F 78 -9.03 25.15 -37.50
C ILE F 78 -8.80 26.25 -38.54
N LEU F 79 -9.54 26.23 -39.65
CA LEU F 79 -9.50 27.34 -40.61
C LEU F 79 -9.79 28.64 -39.88
N GLY F 80 -9.07 29.69 -40.24
CA GLY F 80 -9.24 31.00 -39.62
C GLY F 80 -8.39 31.24 -38.38
N MET F 81 -7.90 30.18 -37.75
CA MET F 81 -7.11 30.33 -36.52
C MET F 81 -5.69 30.81 -36.80
N ASP F 82 -5.07 31.40 -35.78
CA ASP F 82 -3.68 31.82 -35.88
C ASP F 82 -2.82 30.59 -35.58
N PRO F 83 -1.98 30.16 -36.55
CA PRO F 83 -1.23 28.91 -36.41
C PRO F 83 -0.14 28.93 -35.32
N ARG F 84 0.15 30.11 -34.78
CA ARG F 84 1.11 30.25 -33.67
C ARG F 84 0.54 29.90 -32.28
N GLN F 85 -0.79 29.89 -32.15
CA GLN F 85 -1.43 29.68 -30.85
C GLN F 85 -1.68 28.18 -30.63
N HIS F 86 -0.60 27.45 -30.37
CA HIS F 86 -0.62 25.99 -30.37
C HIS F 86 -1.62 25.37 -29.39
N ASP F 87 -1.73 25.94 -28.19
CA ASP F 87 -2.65 25.40 -27.18
C ASP F 87 -4.10 25.64 -27.54
N ARG F 88 -4.39 26.79 -28.17
CA ARG F 88 -5.78 27.09 -28.52
C ARG F 88 -6.24 26.29 -29.73
N ILE F 89 -5.34 26.08 -30.68
CA ILE F 89 -5.60 25.15 -31.79
C ILE F 89 -5.81 23.72 -31.25
N TRP F 90 -4.95 23.32 -30.32
CA TRP F 90 -5.09 22.01 -29.67
C TRP F 90 -6.47 21.84 -29.03
N ASP F 91 -6.87 22.85 -28.26
CA ASP F 91 -8.21 22.91 -27.65
C ASP F 91 -9.36 22.79 -28.65
N ARG F 92 -9.26 23.51 -29.78
CA ARG F 92 -10.27 23.41 -30.84
C ARG F 92 -10.38 21.99 -31.40
N MET F 93 -9.25 21.35 -31.64
CA MET F 93 -9.24 19.98 -32.14
C MET F 93 -9.86 19.00 -31.13
N ARG F 94 -9.49 19.13 -29.86
CA ARG F 94 -10.12 18.35 -28.78
C ARG F 94 -11.63 18.56 -28.70
N ASP F 95 -12.07 19.81 -28.83
CA ASP F 95 -13.49 20.16 -28.77
C ASP F 95 -14.28 19.61 -29.96
N THR F 96 -13.58 19.29 -31.05
CA THR F 96 -14.18 18.81 -32.30
C THR F 96 -14.26 17.28 -32.36
N LEU F 97 -13.21 16.61 -31.88
CA LEU F 97 -13.08 15.16 -31.98
C LEU F 97 -12.14 14.62 -30.90
N LYS F 98 -12.69 13.76 -30.04
CA LYS F 98 -11.94 13.13 -28.97
C LYS F 98 -10.95 12.09 -29.54
N GLY F 99 -9.75 12.04 -28.97
CA GLY F 99 -8.74 11.08 -29.44
C GLY F 99 -8.25 11.41 -30.85
N HIS F 100 -8.02 10.38 -31.66
CA HIS F 100 -7.53 10.55 -33.04
C HIS F 100 -6.31 11.47 -33.12
N ARG F 101 -5.34 11.21 -32.24
CA ARG F 101 -4.12 11.99 -32.17
C ARG F 101 -3.26 11.85 -33.43
N ASP F 102 -3.44 10.74 -34.16
CA ASP F 102 -2.79 10.57 -35.47
C ASP F 102 -3.19 11.71 -36.43
N ALA F 103 -4.46 12.11 -36.39
CA ALA F 103 -4.99 13.14 -37.30
C ALA F 103 -4.56 14.53 -36.85
N ARG F 104 -4.63 14.76 -35.54
CA ARG F 104 -4.16 16.01 -34.97
C ARG F 104 -2.72 16.29 -35.34
N ALA F 105 -1.89 15.24 -35.32
CA ALA F 105 -0.45 15.36 -35.51
C ALA F 105 -0.06 16.11 -36.79
N ALA F 106 -0.61 15.68 -37.92
CA ALA F 106 -0.28 16.31 -39.20
C ALA F 106 -0.63 17.80 -39.26
N LEU F 107 -1.80 18.17 -38.72
CA LEU F 107 -2.19 19.58 -38.65
C LEU F 107 -1.31 20.34 -37.66
N ASP F 108 -1.04 19.72 -36.52
CA ASP F 108 -0.29 20.38 -35.45
C ASP F 108 1.15 20.64 -35.89
N ILE F 109 1.77 19.65 -36.54
CA ILE F 109 3.14 19.78 -37.03
C ILE F 109 3.23 20.92 -38.05
N ALA F 110 2.27 20.98 -38.97
CA ALA F 110 2.25 22.01 -40.01
C ALA F 110 2.12 23.42 -39.42
N CYS F 111 1.33 23.56 -38.36
CA CYS F 111 1.21 24.84 -37.65
C CYS F 111 2.53 25.25 -36.99
N TRP F 112 3.23 24.28 -36.40
CA TRP F 112 4.54 24.59 -35.79
C TRP F 112 5.60 24.95 -36.84
N ASP F 113 5.53 24.30 -38.00
CA ASP F 113 6.39 24.60 -39.15
C ASP F 113 6.25 26.09 -39.51
N ILE F 114 5.00 26.52 -39.69
CA ILE F 114 4.67 27.92 -39.96
C ILE F 114 5.15 28.87 -38.86
N ALA F 115 4.84 28.52 -37.61
CA ALA F 115 5.18 29.39 -36.48
C ALA F 115 6.69 29.58 -36.41
N ALA F 116 7.45 28.50 -36.62
CA ALA F 116 8.90 28.57 -36.62
C ALA F 116 9.45 29.39 -37.80
N GLN F 117 8.81 29.26 -38.97
CA GLN F 117 9.19 30.06 -40.13
C GLN F 117 8.94 31.54 -39.86
N ALA F 118 7.75 31.86 -39.33
CA ALA F 118 7.40 33.23 -38.94
C ALA F 118 8.37 33.86 -37.94
N ALA F 119 8.85 33.06 -36.98
CA ALA F 119 9.78 33.52 -35.95
C ALA F 119 11.24 33.55 -36.41
N GLY F 120 11.50 33.04 -37.61
CA GLY F 120 12.84 32.94 -38.19
C GLY F 120 13.78 31.95 -37.52
N LEU F 121 13.23 30.83 -37.06
CA LEU F 121 14.00 29.82 -36.32
C LEU F 121 13.80 28.41 -36.86
N PRO F 122 14.84 27.58 -36.83
CA PRO F 122 14.60 26.15 -37.08
C PRO F 122 13.78 25.61 -35.91
N LEU F 123 13.00 24.55 -36.14
CA LEU F 123 12.13 24.03 -35.08
C LEU F 123 12.85 23.66 -33.79
N CYS F 124 14.06 23.09 -33.87
CA CYS F 124 14.80 22.74 -32.65
C CYS F 124 15.05 23.98 -31.78
N ASP F 125 15.21 25.14 -32.42
CA ASP F 125 15.46 26.39 -31.67
C ASP F 125 14.19 27.03 -31.13
N MET F 126 13.04 26.69 -31.71
CA MET F 126 11.73 27.13 -31.22
C MET F 126 11.19 26.22 -30.10
N THR F 127 11.74 25.01 -29.99
CA THR F 127 11.28 24.06 -28.98
C THR F 127 12.30 23.92 -27.85
N GLY F 128 12.88 25.05 -27.44
CA GLY F 128 13.79 25.10 -26.30
C GLY F 128 15.23 25.45 -26.63
N GLY F 129 15.66 25.12 -27.84
CA GLY F 129 17.04 25.38 -28.29
C GLY F 129 17.86 24.14 -28.60
N ARG F 130 18.66 24.23 -29.65
CA ARG F 130 19.53 23.13 -30.05
C ARG F 130 20.48 22.69 -28.93
N VAL F 131 20.43 21.41 -28.60
CA VAL F 131 21.43 20.78 -27.72
C VAL F 131 22.65 20.40 -28.58
N ALA F 132 23.85 20.70 -28.09
CA ALA F 132 25.08 20.54 -28.87
C ALA F 132 25.37 19.12 -29.32
N GLY F 133 25.81 19.00 -30.56
CA GLY F 133 26.23 17.71 -31.11
C GLY F 133 25.10 16.99 -31.80
N PRO F 134 25.43 15.96 -32.60
CA PRO F 134 24.40 15.21 -33.29
C PRO F 134 23.59 14.35 -32.33
N VAL F 135 22.34 14.12 -32.69
CA VAL F 135 21.47 13.15 -32.05
C VAL F 135 21.89 11.71 -32.46
N PRO F 136 22.13 10.82 -31.47
CA PRO F 136 22.33 9.41 -31.79
C PRO F 136 21.09 8.77 -32.43
N VAL F 137 21.29 8.00 -33.50
CA VAL F 137 20.18 7.38 -34.24
C VAL F 137 20.10 5.88 -33.95
N ILE F 138 18.88 5.38 -33.74
CA ILE F 138 18.71 3.99 -33.34
C ILE F 138 18.82 3.05 -34.54
N SER F 139 19.43 1.88 -34.29
CA SER F 139 19.43 0.78 -35.25
C SER F 139 18.25 -0.15 -34.95
N SER F 140 17.55 -0.58 -35.99
CA SER F 140 16.39 -1.45 -35.81
C SER F 140 16.67 -2.89 -36.22
N ILE F 141 16.53 -3.84 -35.27
CA ILE F 141 16.79 -5.26 -35.54
C ILE F 141 15.48 -6.05 -35.53
N GLY F 142 14.94 -6.34 -36.71
CA GLY F 142 13.69 -7.11 -36.82
C GLY F 142 13.79 -8.54 -36.34
N GLY F 143 12.68 -9.09 -35.85
CA GLY F 143 12.63 -10.47 -35.35
C GLY F 143 13.11 -11.49 -36.38
N ASP F 144 14.00 -12.38 -35.93
CA ASP F 144 14.59 -13.45 -36.76
C ASP F 144 15.23 -14.44 -35.80
N THR F 145 16.07 -15.34 -36.32
CA THR F 145 16.85 -16.24 -35.49
C THR F 145 17.89 -15.44 -34.68
N PRO F 146 18.29 -15.95 -33.51
CA PRO F 146 19.29 -15.26 -32.70
C PRO F 146 20.59 -14.94 -33.47
N GLU F 147 21.07 -15.87 -34.29
CA GLU F 147 22.31 -15.63 -35.00
C GLU F 147 22.15 -14.61 -36.14
N ALA F 148 20.98 -14.61 -36.78
CA ALA F 148 20.69 -13.64 -37.84
C ALA F 148 20.55 -12.23 -37.26
N MET F 149 19.86 -12.13 -36.11
CA MET F 149 19.71 -10.85 -35.42
C MET F 149 21.10 -10.35 -34.99
N ARG F 150 21.92 -11.25 -34.44
CA ARG F 150 23.29 -10.93 -34.02
C ARG F 150 24.12 -10.39 -35.18
N ALA F 151 23.98 -11.01 -36.35
CA ALA F 151 24.71 -10.59 -37.56
C ALA F 151 24.30 -9.18 -37.99
N LYS F 152 23.00 -8.92 -37.99
CA LYS F 152 22.50 -7.59 -38.34
C LYS F 152 22.95 -6.51 -37.34
N VAL F 153 22.99 -6.85 -36.04
CA VAL F 153 23.60 -5.95 -35.04
C VAL F 153 25.05 -5.62 -35.43
N ALA F 154 25.81 -6.64 -35.82
CA ALA F 154 27.22 -6.44 -36.18
C ALA F 154 27.42 -5.56 -37.41
N ARG F 155 26.52 -5.69 -38.40
CA ARG F 155 26.53 -4.84 -39.59
C ARG F 155 26.26 -3.38 -39.22
N HIS F 156 25.22 -3.16 -38.41
CA HIS F 156 24.87 -1.83 -37.93
C HIS F 156 25.99 -1.23 -37.07
N ARG F 157 26.59 -2.05 -36.20
CA ARG F 157 27.75 -1.63 -35.41
C ARG F 157 28.89 -1.11 -36.30
N ALA F 158 29.16 -1.82 -37.40
CA ALA F 158 30.21 -1.43 -38.36
C ALA F 158 29.87 -0.13 -39.08
N GLN F 159 28.58 0.18 -39.20
CA GLN F 159 28.12 1.42 -39.83
C GLN F 159 28.15 2.62 -38.88
N GLY F 160 28.40 2.36 -37.59
CA GLY F 160 28.55 3.43 -36.60
C GLY F 160 27.41 3.57 -35.61
N PHE F 161 26.37 2.73 -35.74
CA PHE F 161 25.23 2.79 -34.81
C PHE F 161 25.60 2.23 -33.45
N LYS F 162 25.11 2.90 -32.40
CA LYS F 162 25.43 2.49 -31.03
C LYS F 162 24.23 1.96 -30.27
N GLY F 163 23.05 2.53 -30.55
CA GLY F 163 21.81 2.09 -29.90
C GLY F 163 21.03 1.14 -30.80
N HIS F 164 20.47 0.08 -30.22
CA HIS F 164 19.72 -0.91 -30.99
C HIS F 164 18.36 -1.22 -30.38
N SER F 165 17.34 -1.26 -31.23
CA SER F 165 16.03 -1.76 -30.83
C SER F 165 15.86 -3.14 -31.42
N ILE F 166 15.67 -4.14 -30.56
CA ILE F 166 15.58 -5.55 -30.96
C ILE F 166 14.19 -6.17 -30.70
N LYS F 167 13.61 -6.77 -31.74
CA LYS F 167 12.23 -7.28 -31.63
C LYS F 167 12.20 -8.67 -30.99
N ILE F 168 11.36 -8.81 -29.97
CA ILE F 168 11.13 -10.10 -29.33
C ILE F 168 9.63 -10.36 -29.33
N GLY F 169 9.25 -11.60 -29.05
CA GLY F 169 7.83 -11.94 -28.91
C GLY F 169 7.50 -13.23 -29.66
N ALA F 170 8.01 -14.34 -29.14
CA ALA F 170 7.84 -15.65 -29.77
C ALA F 170 6.61 -16.35 -29.21
N SER F 171 5.86 -17.02 -30.09
CA SER F 171 4.79 -17.91 -29.63
C SER F 171 5.42 -19.16 -29.01
N GLU F 172 4.63 -19.89 -28.22
CA GLU F 172 5.10 -21.12 -27.59
C GLU F 172 5.63 -22.11 -28.65
N ALA F 173 4.89 -22.22 -29.74
CA ALA F 173 5.25 -23.11 -30.86
C ALA F 173 6.63 -22.77 -31.44
N GLU F 174 6.91 -21.46 -31.56
CA GLU F 174 8.16 -20.98 -32.16
C GLU F 174 9.37 -21.12 -31.24
N GLY F 175 9.13 -21.48 -29.99
CA GLY F 175 10.20 -21.59 -29.01
C GLY F 175 9.97 -20.75 -27.75
N GLY F 176 8.96 -19.88 -27.77
CA GLY F 176 8.54 -19.07 -26.62
C GLY F 176 9.61 -18.22 -25.93
N PRO F 177 9.53 -18.11 -24.58
CA PRO F 177 10.48 -17.32 -23.78
C PRO F 177 11.94 -17.70 -24.02
N ALA F 178 12.22 -18.98 -24.25
CA ALA F 178 13.58 -19.44 -24.50
C ALA F 178 14.15 -18.84 -25.80
N LEU F 179 13.31 -18.74 -26.84
CA LEU F 179 13.75 -18.14 -28.09
C LEU F 179 14.02 -16.65 -27.90
N ASP F 180 13.15 -15.99 -27.14
CA ASP F 180 13.33 -14.57 -26.90
C ASP F 180 14.57 -14.27 -26.06
N ALA F 181 14.83 -15.11 -25.05
CA ALA F 181 16.01 -14.96 -24.20
C ALA F 181 17.27 -15.15 -25.03
N GLU F 182 17.24 -16.16 -25.90
CA GLU F 182 18.31 -16.44 -26.87
C GLU F 182 18.59 -15.23 -27.78
N ARG F 183 17.52 -14.68 -28.35
CA ARG F 183 17.61 -13.49 -29.22
C ARG F 183 18.32 -12.34 -28.52
N ILE F 184 17.94 -12.08 -27.26
CA ILE F 184 18.53 -10.97 -26.50
C ILE F 184 20.01 -11.25 -26.27
N THR F 185 20.32 -12.46 -25.80
CA THR F 185 21.70 -12.80 -25.47
C THR F 185 22.61 -12.74 -26.70
N ALA F 186 22.08 -13.20 -27.83
CA ALA F 186 22.82 -13.16 -29.10
C ALA F 186 23.08 -11.73 -29.57
N CYS F 187 22.05 -10.88 -29.47
CA CYS F 187 22.16 -9.51 -29.93
C CYS F 187 23.20 -8.70 -29.14
N LEU F 188 23.40 -9.07 -27.88
CA LEU F 188 24.34 -8.37 -27.01
C LEU F 188 25.72 -9.02 -26.98
N ALA F 189 25.83 -10.20 -27.59
CA ALA F 189 27.04 -11.04 -27.48
C ALA F 189 28.38 -10.38 -27.87
N ASP F 190 28.34 -9.45 -28.83
CA ASP F 190 29.54 -8.81 -29.36
C ASP F 190 29.62 -7.31 -29.03
N ARG F 191 28.89 -6.90 -27.98
CA ARG F 191 28.79 -5.48 -27.66
C ARG F 191 30.12 -4.83 -27.30
N GLN F 192 30.30 -3.63 -27.82
CA GLN F 192 31.49 -2.81 -27.56
C GLN F 192 31.08 -1.66 -26.64
N PRO F 193 32.04 -1.04 -25.94
CA PRO F 193 31.68 0.05 -25.03
C PRO F 193 30.81 1.15 -25.66
N GLY F 194 29.88 1.67 -24.87
CA GLY F 194 29.07 2.82 -25.27
C GLY F 194 27.81 2.45 -26.04
N GLU F 195 27.44 1.17 -26.03
CA GLU F 195 26.23 0.74 -26.75
C GLU F 195 25.02 0.63 -25.83
N TRP F 196 23.84 0.52 -26.43
CA TRP F 196 22.57 0.56 -25.66
C TRP F 196 21.55 -0.29 -26.39
N TYR F 197 20.83 -1.14 -25.65
CA TYR F 197 19.88 -2.07 -26.24
C TYR F 197 18.50 -2.02 -25.60
N LEU F 198 17.49 -1.98 -26.47
CA LEU F 198 16.08 -2.01 -26.10
C LEU F 198 15.47 -3.28 -26.68
N ALA F 199 14.93 -4.15 -25.83
CA ALA F 199 14.20 -5.30 -26.33
C ALA F 199 12.72 -4.92 -26.38
N ASP F 200 12.19 -4.81 -27.59
CA ASP F 200 10.82 -4.35 -27.82
C ASP F 200 9.85 -5.49 -28.13
N ALA F 201 8.92 -5.75 -27.21
CA ALA F 201 7.96 -6.85 -27.36
C ALA F 201 6.67 -6.43 -28.04
N ASN F 202 6.58 -5.15 -28.41
CA ASN F 202 5.36 -4.59 -29.01
C ASN F 202 4.06 -5.02 -28.35
N ASN F 203 4.02 -4.87 -27.02
CA ASN F 203 2.80 -5.13 -26.24
C ASN F 203 2.33 -6.57 -26.38
N GLY F 204 3.26 -7.48 -26.66
CA GLY F 204 2.92 -8.82 -27.09
C GLY F 204 3.13 -10.00 -26.17
N LEU F 205 3.67 -9.79 -24.96
CA LEU F 205 3.94 -10.92 -24.05
C LEU F 205 2.86 -11.03 -22.98
N THR F 206 2.45 -12.25 -22.63
CA THR F 206 1.74 -12.45 -21.37
C THR F 206 2.75 -12.23 -20.24
N VAL F 207 2.25 -11.97 -19.04
CA VAL F 207 3.13 -11.79 -17.89
C VAL F 207 3.89 -13.10 -17.63
N GLU F 208 3.20 -14.23 -17.74
CA GLU F 208 3.86 -15.53 -17.57
C GLU F 208 5.06 -15.69 -18.53
N HIS F 209 4.87 -15.32 -19.80
CA HIS F 209 5.95 -15.41 -20.81
C HIS F 209 7.10 -14.53 -20.38
N ALA F 210 6.77 -13.30 -20.02
CA ALA F 210 7.77 -12.31 -19.63
C ALA F 210 8.57 -12.77 -18.43
N LEU F 211 7.89 -13.24 -17.36
CA LEU F 211 8.59 -13.74 -16.17
C LEU F 211 9.49 -14.94 -16.48
N ARG F 212 9.01 -15.87 -17.30
CA ARG F 212 9.84 -17.02 -17.75
C ARG F 212 11.09 -16.55 -18.50
N MET F 213 10.91 -15.61 -19.42
CA MET F 213 12.00 -15.02 -20.20
C MET F 213 13.05 -14.34 -19.30
N LEU F 214 12.58 -13.60 -18.30
CA LEU F 214 13.46 -12.93 -17.33
C LEU F 214 14.30 -13.94 -16.54
N SER F 215 13.67 -15.07 -16.18
CA SER F 215 14.37 -16.12 -15.47
C SER F 215 15.41 -16.79 -16.37
N LEU F 216 15.10 -16.92 -17.66
CA LEU F 216 16.00 -17.54 -18.64
C LEU F 216 17.22 -16.69 -19.00
N LEU F 217 17.12 -15.37 -18.86
CA LEU F 217 18.23 -14.51 -19.22
C LEU F 217 19.44 -14.76 -18.32
N PRO F 218 20.65 -14.76 -18.90
CA PRO F 218 21.84 -14.84 -18.07
C PRO F 218 21.99 -13.58 -17.22
N PRO F 219 22.68 -13.69 -16.09
CA PRO F 219 22.93 -12.50 -15.28
C PRO F 219 23.92 -11.58 -15.96
N GLY F 220 23.86 -10.30 -15.60
CA GLY F 220 24.88 -9.33 -16.01
C GLY F 220 24.66 -8.61 -17.31
N LEU F 221 23.43 -8.66 -17.83
CA LEU F 221 23.11 -7.95 -19.08
C LEU F 221 22.71 -6.50 -18.84
N ASP F 222 23.09 -5.65 -19.79
CA ASP F 222 22.67 -4.26 -19.82
C ASP F 222 21.59 -4.15 -20.90
N ILE F 223 20.33 -4.29 -20.48
CA ILE F 223 19.19 -4.32 -21.41
C ILE F 223 17.98 -3.55 -20.83
N VAL F 224 17.28 -2.83 -21.70
CA VAL F 224 16.03 -2.17 -21.34
C VAL F 224 14.86 -2.91 -22.00
N LEU F 225 13.79 -3.17 -21.24
CA LEU F 225 12.61 -3.84 -21.79
C LEU F 225 11.53 -2.82 -22.19
N GLU F 226 11.10 -2.89 -23.46
CA GLU F 226 10.07 -1.99 -23.99
C GLU F 226 8.72 -2.72 -24.23
N ALA F 227 7.64 -2.08 -23.82
CA ALA F 227 6.29 -2.51 -24.19
C ALA F 227 6.10 -4.03 -23.99
N PRO F 228 6.25 -4.51 -22.76
CA PRO F 228 6.18 -5.96 -22.61
C PRO F 228 4.77 -6.55 -22.80
N CYS F 229 3.73 -5.82 -22.38
CA CYS F 229 2.39 -6.41 -22.27
C CYS F 229 1.33 -5.58 -22.96
N ALA F 230 0.18 -6.21 -23.24
CA ALA F 230 -0.87 -5.55 -24.02
C ALA F 230 -1.76 -4.55 -23.24
N SER F 231 -1.77 -4.64 -21.93
CA SER F 231 -2.64 -3.78 -21.15
C SER F 231 -1.91 -3.20 -19.94
N TRP F 232 -2.52 -2.15 -19.40
CA TRP F 232 -2.00 -1.47 -18.24
C TRP F 232 -1.90 -2.42 -17.03
N ALA F 233 -2.98 -3.15 -16.75
CA ALA F 233 -3.01 -4.06 -15.59
C ALA F 233 -1.98 -5.19 -15.69
N GLU F 234 -1.78 -5.71 -16.88
CA GLU F 234 -0.73 -6.73 -17.10
C GLU F 234 0.63 -6.13 -16.85
N THR F 235 0.86 -4.93 -17.40
CA THR F 235 2.14 -4.25 -17.23
C THR F 235 2.41 -3.97 -15.75
N LYS F 236 1.38 -3.55 -15.02
CA LYS F 236 1.52 -3.28 -13.59
C LYS F 236 1.93 -4.54 -12.82
N SER F 237 1.39 -5.70 -13.22
CA SER F 237 1.75 -6.98 -12.57
C SER F 237 3.21 -7.34 -12.83
N LEU F 238 3.64 -7.19 -14.08
CA LEU F 238 5.04 -7.48 -14.42
C LEU F 238 6.00 -6.55 -13.68
N ARG F 239 5.66 -5.26 -13.66
CA ARG F 239 6.47 -4.25 -12.98
C ARG F 239 6.83 -4.65 -11.55
N ALA F 240 5.87 -5.23 -10.82
CA ALA F 240 6.11 -5.67 -9.44
C ALA F 240 7.22 -6.72 -9.31
N ARG F 241 7.44 -7.48 -10.37
CA ARG F 241 8.38 -8.62 -10.33
C ARG F 241 9.47 -8.57 -11.42
N CYS F 242 9.84 -7.36 -11.81
CA CYS F 242 10.82 -7.14 -12.90
C CYS F 242 11.89 -6.12 -12.48
N ALA F 243 13.15 -6.54 -12.50
CA ALA F 243 14.25 -5.69 -12.06
C ALA F 243 14.87 -4.85 -13.20
N LEU F 244 14.49 -5.16 -14.44
CA LEU F 244 14.98 -4.42 -15.61
C LEU F 244 14.28 -3.08 -15.73
N PRO F 245 14.98 -2.06 -16.26
CA PRO F 245 14.25 -0.84 -16.59
C PRO F 245 13.17 -1.16 -17.62
N LEU F 246 12.01 -0.53 -17.43
CA LEU F 246 10.86 -0.74 -18.30
C LEU F 246 10.57 0.56 -19.07
N LEU F 247 10.37 0.43 -20.37
CA LEU F 247 9.97 1.58 -21.21
C LEU F 247 8.62 1.33 -21.84
N LEU F 248 7.69 2.27 -21.69
CA LEU F 248 6.37 2.07 -22.27
C LEU F 248 6.19 2.82 -23.58
N ASP F 249 5.51 2.20 -24.51
CA ASP F 249 5.37 2.77 -25.86
C ASP F 249 3.89 2.89 -26.24
N GLU F 250 3.30 1.79 -26.74
CA GLU F 250 1.86 1.72 -27.06
C GLU F 250 0.93 2.30 -25.98
N LEU F 251 1.21 1.97 -24.72
CA LEU F 251 0.36 2.39 -23.59
C LEU F 251 0.45 3.89 -23.23
N ILE F 252 1.40 4.61 -23.83
CA ILE F 252 1.52 6.05 -23.57
C ILE F 252 1.18 6.81 -24.84
N GLN F 253 0.01 7.43 -24.85
CA GLN F 253 -0.46 8.19 -25.99
C GLN F 253 -0.83 9.62 -25.59
N THR F 254 -1.49 9.76 -24.44
CA THR F 254 -1.94 11.06 -23.93
C THR F 254 -1.08 11.54 -22.74
N GLU F 255 -1.22 12.82 -22.40
CA GLU F 255 -0.53 13.38 -21.25
C GLU F 255 -1.03 12.69 -19.97
N THR F 256 -2.34 12.42 -19.91
CA THR F 256 -2.92 11.74 -18.74
C THR F 256 -2.36 10.32 -18.53
N ASP F 257 -2.01 9.64 -19.63
CA ASP F 257 -1.34 8.33 -19.55
C ASP F 257 -0.03 8.42 -18.77
N LEU F 258 0.72 9.48 -19.00
CA LEU F 258 1.99 9.69 -18.32
C LEU F 258 1.78 9.92 -16.83
N ILE F 259 0.77 10.72 -16.50
CA ILE F 259 0.36 10.89 -15.12
C ILE F 259 0.03 9.55 -14.46
N ALA F 260 -0.73 8.72 -15.17
CA ALA F 260 -1.12 7.41 -14.62
C ALA F 260 0.12 6.57 -14.35
N ALA F 261 1.10 6.63 -15.27
CA ALA F 261 2.37 5.88 -15.14
C ALA F 261 3.19 6.31 -13.92
N ILE F 262 3.23 7.62 -13.67
CA ILE F 262 3.89 8.17 -12.49
C ILE F 262 3.17 7.71 -11.22
N ARG F 263 1.84 7.87 -11.19
CA ARG F 263 1.05 7.45 -10.01
C ARG F 263 1.28 5.97 -9.69
N ASP F 264 1.40 5.15 -10.74
CA ASP F 264 1.59 3.71 -10.60
C ASP F 264 3.05 3.25 -10.54
N ASP F 265 3.99 4.21 -10.59
CA ASP F 265 5.43 3.93 -10.68
C ASP F 265 5.72 2.82 -11.69
N LEU F 266 5.14 2.99 -12.89
CA LEU F 266 5.02 1.89 -13.85
C LEU F 266 6.25 1.71 -14.76
N CYS F 267 7.00 2.77 -15.02
CA CYS F 267 8.11 2.69 -15.98
C CYS F 267 9.24 3.70 -15.74
N ASP F 268 10.37 3.45 -16.38
CA ASP F 268 11.58 4.27 -16.22
C ASP F 268 11.89 5.01 -17.51
N GLY F 269 11.06 4.81 -18.52
CA GLY F 269 11.30 5.41 -19.83
C GLY F 269 10.04 5.34 -20.69
N VAL F 270 10.00 6.17 -21.73
CA VAL F 270 8.88 6.19 -22.66
C VAL F 270 9.35 6.27 -24.10
N GLY F 271 8.62 5.58 -24.98
CA GLY F 271 8.82 5.66 -26.42
C GLY F 271 7.87 6.73 -26.92
N LEU F 272 8.40 7.91 -27.20
CA LEU F 272 7.58 9.01 -27.68
C LEU F 272 7.60 9.02 -29.20
N LYS F 273 6.44 8.81 -29.80
CA LYS F 273 6.35 8.82 -31.27
C LYS F 273 5.49 9.97 -31.72
N VAL F 274 6.03 10.84 -32.57
CA VAL F 274 5.35 12.08 -32.95
C VAL F 274 3.84 11.89 -33.21
N SER F 275 3.48 10.99 -34.13
CA SER F 275 2.08 10.89 -34.54
C SER F 275 1.23 10.08 -33.55
N LYS F 276 1.88 9.26 -32.72
CA LYS F 276 1.19 8.58 -31.62
C LYS F 276 0.79 9.57 -30.52
N GLN F 277 1.71 10.46 -30.14
CA GLN F 277 1.40 11.45 -29.07
C GLN F 277 0.52 12.56 -29.59
N GLY F 278 0.62 12.85 -30.90
CA GLY F 278 -0.31 13.75 -31.57
C GLY F 278 0.24 15.06 -32.11
N GLY F 279 1.57 15.12 -32.32
CA GLY F 279 2.20 16.29 -32.95
C GLY F 279 3.23 16.94 -32.04
N ILE F 280 3.72 18.11 -32.44
CA ILE F 280 4.73 18.83 -31.63
C ILE F 280 4.19 19.26 -30.26
N THR F 281 2.96 19.78 -30.26
CA THR F 281 2.34 20.29 -29.03
C THR F 281 2.34 19.24 -27.92
N PRO F 282 1.75 18.06 -28.17
CA PRO F 282 1.79 17.09 -27.07
C PRO F 282 3.14 16.43 -26.86
N MET F 283 4.01 16.38 -27.89
CA MET F 283 5.38 15.90 -27.68
C MET F 283 6.10 16.76 -26.63
N LEU F 284 5.92 18.08 -26.72
CA LEU F 284 6.52 19.01 -25.76
C LEU F 284 5.92 18.89 -24.37
N ARG F 285 4.60 18.72 -24.29
CA ARG F 285 3.93 18.50 -22.99
C ARG F 285 4.43 17.23 -22.31
N GLN F 286 4.54 16.17 -23.10
CA GLN F 286 4.91 14.86 -22.58
C GLN F 286 6.40 14.79 -22.28
N ARG F 287 7.21 15.50 -23.08
CA ARG F 287 8.62 15.70 -22.73
C ARG F 287 8.78 16.40 -21.38
N ALA F 288 7.98 17.43 -21.13
CA ALA F 288 8.08 18.17 -19.86
C ALA F 288 7.74 17.28 -18.67
N ILE F 289 6.74 16.43 -18.82
CA ILE F 289 6.31 15.51 -17.79
C ILE F 289 7.33 14.40 -17.58
N ALA F 290 7.76 13.76 -18.67
CA ALA F 290 8.74 12.67 -18.59
C ALA F 290 10.07 13.17 -18.01
N ALA F 291 10.52 14.35 -18.44
CA ALA F 291 11.79 14.90 -17.95
C ALA F 291 11.73 15.22 -16.47
N ALA F 292 10.58 15.74 -16.02
CA ALA F 292 10.42 16.03 -14.60
C ALA F 292 10.43 14.74 -13.77
N ALA F 293 9.94 13.64 -14.36
CA ALA F 293 9.90 12.33 -13.70
C ALA F 293 11.23 11.58 -13.80
N GLY F 294 12.16 12.12 -14.59
CA GLY F 294 13.44 11.44 -14.79
C GLY F 294 13.31 10.25 -15.72
N MET F 295 12.25 10.21 -16.52
CA MET F 295 12.06 9.11 -17.50
C MET F 295 12.90 9.36 -18.73
N VAL F 296 13.64 8.35 -19.17
CA VAL F 296 14.36 8.43 -20.44
C VAL F 296 13.34 8.40 -21.57
N MET F 297 13.73 8.91 -22.74
CA MET F 297 12.78 9.12 -23.82
C MET F 297 13.46 8.72 -25.13
N SER F 298 12.88 7.76 -25.85
CA SER F 298 13.32 7.52 -27.22
C SER F 298 12.40 8.32 -28.13
N VAL F 299 12.96 9.17 -28.99
CA VAL F 299 12.17 10.09 -29.82
C VAL F 299 12.06 9.53 -31.23
N GLN F 300 10.86 9.11 -31.62
CA GLN F 300 10.64 8.35 -32.85
C GLN F 300 9.35 8.79 -33.54
N ASP F 301 8.92 8.02 -34.52
CA ASP F 301 7.56 8.10 -35.05
C ASP F 301 7.14 6.67 -35.41
N THR F 302 5.86 6.49 -35.70
CA THR F 302 5.35 5.21 -36.16
C THR F 302 6.18 4.69 -37.34
N VAL F 303 6.27 5.53 -38.37
CA VAL F 303 6.98 5.26 -39.62
C VAL F 303 6.68 6.49 -40.47
N GLY F 304 7.49 6.74 -41.48
CA GLY F 304 7.18 7.83 -42.40
C GLY F 304 8.30 8.18 -43.33
N SER F 305 8.18 9.37 -43.90
CA SER F 305 9.12 9.85 -44.91
C SER F 305 10.06 10.89 -44.30
N GLN F 306 10.65 11.73 -45.14
CA GLN F 306 11.51 12.81 -44.67
C GLN F 306 10.73 13.84 -43.85
N ILE F 307 9.43 13.94 -44.11
CA ILE F 307 8.56 14.91 -43.45
C ILE F 307 8.37 14.52 -41.97
N SER F 308 8.03 13.27 -41.73
CA SER F 308 8.03 12.70 -40.37
C SER F 308 9.39 12.84 -39.70
N PHE F 309 10.46 12.51 -40.43
CA PHE F 309 11.82 12.60 -39.89
C PHE F 309 12.20 14.00 -39.41
N ALA F 310 11.80 15.04 -40.15
CA ALA F 310 12.09 16.41 -39.76
C ALA F 310 11.53 16.76 -38.38
N ALA F 311 10.30 16.33 -38.10
CA ALA F 311 9.69 16.57 -36.80
C ALA F 311 10.40 15.79 -35.69
N ILE F 312 10.71 14.52 -35.96
CA ILE F 312 11.46 13.69 -35.03
C ILE F 312 12.79 14.33 -34.71
N LEU F 313 13.50 14.77 -35.75
CA LEU F 313 14.88 15.21 -35.60
C LEU F 313 14.96 16.51 -34.83
N HIS F 314 14.11 17.49 -35.17
CA HIS F 314 14.10 18.76 -34.46
C HIS F 314 13.75 18.59 -32.97
N LEU F 315 12.79 17.72 -32.68
CA LEU F 315 12.42 17.47 -31.28
C LEU F 315 13.56 16.79 -30.54
N ALA F 316 14.15 15.76 -31.16
CA ALA F 316 15.27 15.07 -30.52
C ALA F 316 16.43 16.02 -30.27
N GLN F 317 16.61 16.99 -31.17
CA GLN F 317 17.74 17.92 -31.12
C GLN F 317 17.64 18.90 -29.93
N SER F 318 16.42 19.13 -29.44
CA SER F 318 16.22 20.01 -28.29
C SER F 318 15.93 19.23 -27.00
N THR F 319 16.14 17.92 -27.03
CA THR F 319 15.94 17.04 -25.86
C THR F 319 17.25 16.94 -25.08
N PRO F 320 17.19 17.11 -23.73
CA PRO F 320 18.37 16.92 -22.89
C PRO F 320 19.00 15.57 -23.19
N ARG F 321 20.30 15.61 -23.51
CA ARG F 321 21.02 14.43 -24.00
C ARG F 321 20.98 13.27 -23.01
N HIS F 322 21.12 13.56 -21.72
CA HIS F 322 21.13 12.51 -20.71
C HIS F 322 19.80 11.76 -20.56
N LEU F 323 18.70 12.36 -21.00
CA LEU F 323 17.40 11.65 -21.03
C LEU F 323 17.11 11.01 -22.38
N LEU F 324 17.79 11.49 -23.43
CA LEU F 324 17.51 10.99 -24.78
C LEU F 324 18.05 9.57 -24.97
N ARG F 325 17.25 8.73 -25.64
CA ARG F 325 17.69 7.37 -25.99
C ARG F 325 17.41 7.16 -27.47
N CYS F 326 18.14 7.91 -28.28
CA CYS F 326 18.09 7.85 -29.74
C CYS F 326 16.86 8.46 -30.38
N ALA F 327 17.04 8.84 -31.64
CA ALA F 327 15.94 9.16 -32.54
C ALA F 327 15.88 8.11 -33.65
N LEU F 328 14.70 7.94 -34.22
CA LEU F 328 14.52 7.05 -35.36
C LEU F 328 14.66 7.82 -36.66
N ASP F 329 15.45 7.28 -37.59
CA ASP F 329 15.52 7.82 -38.93
C ASP F 329 14.54 7.03 -39.79
N THR F 330 13.35 7.62 -39.99
CA THR F 330 12.30 7.00 -40.78
C THR F 330 12.67 6.89 -42.27
N ARG F 331 13.68 7.65 -42.69
CA ARG F 331 14.12 7.59 -44.09
C ARG F 331 14.72 6.21 -44.42
N ALA F 332 15.22 5.53 -43.39
CA ALA F 332 15.78 4.19 -43.54
C ALA F 332 14.68 3.11 -43.69
N MET F 333 13.44 3.46 -43.36
CA MET F 333 12.33 2.48 -43.37
C MET F 333 11.63 2.45 -44.72
N THR F 334 11.76 3.54 -45.47
CA THR F 334 11.03 3.72 -46.73
C THR F 334 11.94 4.20 -47.85
N THR F 335 11.58 3.84 -49.08
CA THR F 335 12.26 4.27 -50.30
C THR F 335 11.77 5.62 -50.84
N ALA F 336 10.77 6.20 -50.20
CA ALA F 336 10.10 7.39 -50.73
C ALA F 336 10.98 8.65 -50.70
N GLU F 337 10.67 9.58 -51.60
CA GLU F 337 11.40 10.85 -51.75
C GLU F 337 10.41 12.04 -51.74
N LEU F 338 9.70 12.20 -50.62
CA LEU F 338 8.65 13.23 -50.53
C LEU F 338 9.20 14.63 -50.28
N ALA F 339 10.43 14.72 -49.78
CA ALA F 339 11.04 16.00 -49.46
C ALA F 339 12.53 15.85 -49.31
N GLU F 340 13.25 16.96 -49.50
CA GLU F 340 14.67 17.03 -49.21
C GLU F 340 14.86 17.66 -47.83
N ILE F 341 15.91 17.23 -47.12
CA ILE F 341 16.31 17.81 -45.84
C ILE F 341 17.80 17.59 -45.65
N ASP F 342 18.54 18.64 -45.30
CA ASP F 342 19.97 18.52 -45.08
C ASP F 342 20.26 18.01 -43.67
N ALA F 343 20.21 16.69 -43.52
CA ALA F 343 20.50 16.04 -42.24
C ALA F 343 21.05 14.63 -42.46
N PRO F 344 22.25 14.51 -43.05
CA PRO F 344 22.80 13.19 -43.36
C PRO F 344 23.13 12.35 -42.13
N LEU F 345 22.82 11.05 -42.20
CA LEU F 345 23.25 10.10 -41.19
C LEU F 345 24.74 9.94 -41.31
N ARG F 346 25.45 10.32 -40.25
CA ARG F 346 26.91 10.28 -40.21
C ARG F 346 27.35 9.67 -38.89
N ASP F 347 28.11 8.56 -38.97
CA ASP F 347 28.66 7.91 -37.79
C ASP F 347 27.57 7.68 -36.71
N GLY F 348 26.43 7.12 -37.15
CA GLY F 348 25.35 6.73 -36.25
C GLY F 348 24.56 7.87 -35.63
N GLY F 349 24.67 9.07 -36.20
CA GLY F 349 23.97 10.24 -35.69
C GLY F 349 23.52 11.19 -36.78
N ALA F 350 22.65 12.14 -36.40
CA ALA F 350 22.20 13.20 -37.34
C ALA F 350 21.96 14.51 -36.57
N SER F 351 22.18 15.63 -37.26
CA SER F 351 21.93 16.95 -36.68
C SER F 351 20.82 17.67 -37.46
N ALA F 352 19.89 18.27 -36.71
CA ALA F 352 18.82 19.08 -37.30
C ALA F 352 19.42 20.21 -38.14
N PRO F 353 18.80 20.51 -39.30
CA PRO F 353 19.28 21.64 -40.13
C PRO F 353 18.98 22.99 -39.46
N SER F 354 19.58 24.05 -39.99
CA SER F 354 19.47 25.38 -39.38
C SER F 354 18.51 26.33 -40.11
N ASP F 355 17.88 25.81 -41.18
CA ASP F 355 16.85 26.56 -41.91
C ASP F 355 15.62 26.80 -41.04
N PRO F 356 14.91 27.93 -41.26
CA PRO F 356 13.69 28.18 -40.49
C PRO F 356 12.62 27.11 -40.72
N GLY F 357 11.83 26.81 -39.70
CA GLY F 357 10.80 25.79 -39.81
C GLY F 357 11.37 24.39 -39.64
N LEU F 358 10.74 23.41 -40.30
CA LEU F 358 11.18 22.02 -40.26
C LEU F 358 12.41 21.80 -41.13
N GLY F 359 12.65 22.72 -42.07
CA GLY F 359 13.81 22.69 -42.94
C GLY F 359 13.66 21.76 -44.14
N LEU F 360 12.42 21.49 -44.54
CA LEU F 360 12.12 20.62 -45.68
C LEU F 360 12.04 21.41 -46.98
N ARG F 361 12.37 20.73 -48.08
CA ARG F 361 12.00 21.20 -49.40
C ARG F 361 11.12 20.09 -49.97
N VAL F 362 9.82 20.32 -49.95
CA VAL F 362 8.85 19.27 -50.28
C VAL F 362 8.69 19.11 -51.79
N ASN F 363 8.70 17.85 -52.24
CA ASN F 363 8.47 17.50 -53.64
C ASN F 363 6.97 17.31 -53.84
N ARG F 364 6.29 18.40 -54.18
CA ARG F 364 4.83 18.43 -54.25
C ARG F 364 4.30 17.38 -55.23
N ASP F 365 5.08 17.13 -56.27
CA ASP F 365 4.73 16.19 -57.34
C ASP F 365 4.77 14.72 -56.86
N ALA F 366 5.57 14.45 -55.83
CA ALA F 366 5.66 13.11 -55.24
C ALA F 366 4.47 12.78 -54.31
N LEU F 367 3.64 13.77 -54.02
CA LEU F 367 2.51 13.62 -53.09
C LEU F 367 1.23 13.21 -53.80
N GLY F 368 1.14 13.47 -55.10
CA GLY F 368 -0.11 13.28 -55.84
C GLY F 368 -1.01 14.48 -55.65
N THR F 369 -2.02 14.62 -56.51
CA THR F 369 -3.09 15.61 -56.33
C THR F 369 -3.71 15.46 -54.91
N PRO F 370 -4.08 16.58 -54.26
CA PRO F 370 -4.70 16.45 -52.93
C PRO F 370 -6.01 15.68 -53.01
N VAL F 371 -6.29 14.84 -52.01
CA VAL F 371 -7.55 14.10 -51.98
C VAL F 371 -8.67 14.96 -51.38
N LYS F 372 -8.28 15.98 -50.64
CA LYS F 372 -9.24 16.92 -50.06
C LYS F 372 -8.58 18.27 -49.76
N THR F 373 -9.34 19.33 -50.02
CA THR F 373 -8.92 20.68 -49.74
C THR F 373 -9.99 21.38 -48.93
N PHE F 374 -9.56 22.13 -47.91
CA PHE F 374 -10.47 22.94 -47.12
C PHE F 374 -9.97 24.38 -47.16
N GLY F 375 -10.91 25.33 -47.23
CA GLY F 375 -10.56 26.75 -47.21
C GLY F 375 -11.37 27.56 -48.19
N LEU G 3 -38.61 -26.50 -25.48
CA LEU G 3 -37.55 -27.43 -24.95
C LEU G 3 -37.55 -27.48 -23.43
N LYS G 4 -37.61 -28.69 -22.91
CA LYS G 4 -37.91 -28.94 -21.52
C LYS G 4 -37.05 -30.10 -21.06
N ILE G 5 -36.43 -29.99 -19.88
CA ILE G 5 -35.79 -31.15 -19.25
C ILE G 5 -36.90 -32.04 -18.65
N THR G 6 -36.90 -33.33 -19.02
CA THR G 6 -37.93 -34.26 -18.55
C THR G 6 -37.45 -35.34 -17.59
N ARG G 7 -36.18 -35.74 -17.72
CA ARG G 7 -35.64 -36.84 -16.91
C ARG G 7 -34.15 -36.72 -16.65
N ILE G 8 -33.75 -37.00 -15.42
CA ILE G 8 -32.34 -36.96 -15.00
C ILE G 8 -31.97 -38.28 -14.33
N ASP G 9 -30.94 -38.94 -14.84
CA ASP G 9 -30.43 -40.17 -14.26
C ASP G 9 -29.05 -39.98 -13.62
N ILE G 10 -28.93 -40.44 -12.39
CA ILE G 10 -27.67 -40.36 -11.66
C ILE G 10 -27.06 -41.75 -11.66
N HIS G 11 -25.86 -41.87 -12.20
CA HIS G 11 -25.15 -43.14 -12.23
C HIS G 11 -23.91 -43.02 -11.35
N ARG G 12 -23.56 -44.11 -10.67
CA ARG G 12 -22.32 -44.17 -9.93
C ARG G 12 -21.49 -45.30 -10.52
N THR G 13 -20.26 -45.00 -10.91
CA THR G 13 -19.39 -46.03 -11.44
C THR G 13 -17.94 -45.86 -10.98
N ASP G 14 -17.28 -47.00 -10.79
CA ASP G 14 -15.89 -47.03 -10.38
C ASP G 14 -14.97 -46.83 -11.59
N LEU G 15 -13.89 -46.07 -11.39
CA LEU G 15 -12.91 -45.84 -12.45
C LEU G 15 -11.55 -46.33 -11.98
N PRO G 16 -11.14 -47.56 -12.40
CA PRO G 16 -9.85 -48.09 -11.98
C PRO G 16 -8.71 -47.24 -12.53
N VAL G 17 -7.68 -47.01 -11.71
CA VAL G 17 -6.51 -46.23 -12.12
C VAL G 17 -5.69 -46.94 -13.20
N ARG G 18 -5.10 -46.16 -14.09
CA ARG G 18 -4.21 -46.67 -15.13
C ARG G 18 -2.75 -46.60 -14.68
N GLY G 19 -2.13 -47.78 -14.50
CA GLY G 19 -0.73 -47.87 -14.15
C GLY G 19 -0.47 -48.09 -12.66
N GLY G 20 0.34 -47.21 -12.07
CA GLY G 20 0.79 -47.37 -10.68
C GLY G 20 0.23 -46.37 -9.68
N VAL G 21 0.61 -46.54 -8.42
CA VAL G 21 0.13 -45.69 -7.32
C VAL G 21 0.45 -44.22 -7.58
N TYR G 22 -0.56 -43.35 -7.40
CA TYR G 22 -0.41 -41.92 -7.66
C TYR G 22 -0.14 -41.15 -6.36
N ARG G 23 0.94 -40.36 -6.35
CA ARG G 23 1.38 -39.69 -5.13
C ARG G 23 1.38 -38.16 -5.21
N LEU G 24 0.68 -37.52 -4.27
CA LEU G 24 0.70 -36.07 -4.09
C LEU G 24 1.37 -35.70 -2.76
N SER G 25 1.61 -34.41 -2.54
CA SER G 25 2.27 -33.93 -1.32
C SER G 25 1.44 -34.20 -0.05
N GLY G 26 2.11 -34.28 1.10
CA GLY G 26 1.46 -34.55 2.37
C GLY G 26 0.98 -35.99 2.54
N GLY G 27 1.71 -36.93 1.93
CA GLY G 27 1.41 -38.37 2.06
C GLY G 27 0.06 -38.80 1.49
N ARG G 28 -0.36 -38.16 0.40
CA ARG G 28 -1.62 -38.51 -0.27
C ARG G 28 -1.40 -39.50 -1.41
N GLU G 29 -1.96 -40.71 -1.25
CA GLU G 29 -1.87 -41.76 -2.27
C GLU G 29 -3.25 -42.12 -2.83
N TYR G 30 -3.29 -42.51 -4.10
CA TYR G 30 -4.55 -42.76 -4.81
C TYR G 30 -4.49 -43.99 -5.73
N HIS G 31 -5.54 -44.81 -5.68
CA HIS G 31 -5.56 -46.13 -6.32
C HIS G 31 -6.76 -46.40 -7.25
N SER G 32 -7.83 -45.62 -7.11
CA SER G 32 -9.08 -45.76 -7.93
C SER G 32 -10.01 -44.56 -7.74
N TYR G 33 -10.96 -44.35 -8.65
CA TYR G 33 -11.83 -43.15 -8.59
C TYR G 33 -13.33 -43.40 -8.65
N ASP G 34 -14.04 -42.71 -7.75
CA ASP G 34 -15.47 -42.86 -7.62
C ASP G 34 -16.18 -41.77 -8.43
N ALA G 35 -16.64 -42.14 -9.63
CA ALA G 35 -17.26 -41.19 -10.55
C ALA G 35 -18.78 -41.17 -10.43
N THR G 36 -19.34 -39.98 -10.63
CA THR G 36 -20.77 -39.79 -10.79
C THR G 36 -21.01 -39.27 -12.21
N ILE G 37 -21.90 -39.95 -12.93
CA ILE G 37 -22.21 -39.65 -14.33
C ILE G 37 -23.71 -39.36 -14.44
N VAL G 38 -24.05 -38.26 -15.10
CA VAL G 38 -25.43 -37.81 -15.17
C VAL G 38 -25.91 -37.79 -16.61
N SER G 39 -27.09 -38.35 -16.85
CA SER G 39 -27.76 -38.16 -18.14
C SER G 39 -28.98 -37.27 -17.98
N ILE G 40 -29.18 -36.36 -18.93
CA ILE G 40 -30.34 -35.49 -18.95
C ILE G 40 -31.11 -35.70 -20.27
N GLU G 41 -32.41 -35.99 -20.16
CA GLU G 41 -33.26 -36.17 -21.33
C GLU G 41 -34.22 -35.00 -21.47
N THR G 42 -34.59 -34.68 -22.70
CA THR G 42 -35.56 -33.64 -22.98
C THR G 42 -36.86 -34.22 -23.54
N ASP G 43 -37.89 -33.39 -23.61
CA ASP G 43 -39.18 -33.77 -24.18
C ASP G 43 -39.08 -34.06 -25.68
N THR G 44 -38.01 -33.58 -26.31
CA THR G 44 -37.80 -33.75 -27.74
C THR G 44 -36.95 -34.97 -28.09
N GLY G 45 -36.47 -35.68 -27.08
CA GLY G 45 -35.70 -36.91 -27.30
C GLY G 45 -34.20 -36.74 -27.43
N LEU G 46 -33.68 -35.62 -26.92
CA LEU G 46 -32.24 -35.42 -26.84
C LEU G 46 -31.71 -35.89 -25.49
N THR G 47 -30.51 -36.46 -25.48
CA THR G 47 -29.83 -36.85 -24.24
C THR G 47 -28.47 -36.13 -24.13
N GLY G 48 -28.25 -35.46 -23.00
CA GLY G 48 -26.96 -34.83 -22.71
C GLY G 48 -26.28 -35.55 -21.56
N TRP G 49 -24.94 -35.54 -21.56
CA TRP G 49 -24.14 -36.26 -20.57
C TRP G 49 -23.16 -35.35 -19.85
N GLY G 50 -22.92 -35.65 -18.57
CA GLY G 50 -21.98 -34.88 -17.75
C GLY G 50 -21.33 -35.75 -16.68
N GLU G 51 -20.06 -35.47 -16.38
CA GLU G 51 -19.33 -36.23 -15.36
C GLU G 51 -18.75 -35.34 -14.26
N SER G 52 -18.85 -35.81 -13.01
CA SER G 52 -18.15 -35.20 -11.90
C SER G 52 -17.51 -36.27 -11.01
N THR G 53 -16.18 -36.25 -10.97
CA THR G 53 -15.43 -37.23 -10.21
C THR G 53 -14.41 -36.49 -9.37
N PRO G 54 -14.76 -36.22 -8.10
CA PRO G 54 -13.78 -35.63 -7.20
C PRO G 54 -12.50 -36.44 -7.16
N PHE G 55 -11.38 -35.75 -7.04
CA PHE G 55 -10.11 -36.44 -6.93
C PHE G 55 -9.96 -36.84 -5.46
N GLY G 56 -10.44 -38.04 -5.15
CA GLY G 56 -10.53 -38.50 -3.75
C GLY G 56 -11.31 -37.50 -2.92
N SER G 57 -11.01 -37.43 -1.63
CA SER G 57 -11.77 -36.55 -0.72
C SER G 57 -10.91 -35.46 -0.06
N THR G 58 -9.67 -35.31 -0.51
CA THR G 58 -8.77 -34.34 0.12
C THR G 58 -8.09 -33.38 -0.86
N TYR G 59 -8.53 -33.36 -2.11
CA TYR G 59 -7.96 -32.41 -3.06
C TYR G 59 -8.56 -31.02 -2.82
N ILE G 60 -9.89 -30.95 -2.87
CA ILE G 60 -10.66 -29.79 -2.43
C ILE G 60 -11.82 -30.28 -1.55
N ALA G 61 -12.64 -29.37 -1.05
CA ALA G 61 -13.75 -29.75 -0.18
C ALA G 61 -14.86 -30.37 -1.02
N ALA G 62 -14.65 -31.61 -1.41
CA ALA G 62 -15.55 -32.35 -2.31
C ALA G 62 -15.24 -33.84 -2.22
N HIS G 63 -16.29 -34.65 -2.27
CA HIS G 63 -16.16 -36.09 -2.32
C HIS G 63 -17.37 -36.68 -3.04
N ALA G 64 -17.21 -37.84 -3.65
CA ALA G 64 -18.24 -38.44 -4.48
C ALA G 64 -19.60 -38.62 -3.78
N GLY G 65 -19.56 -39.05 -2.52
CA GLY G 65 -20.78 -39.15 -1.71
C GLY G 65 -21.45 -37.80 -1.53
N GLY G 66 -20.62 -36.75 -1.41
CA GLY G 66 -21.09 -35.36 -1.29
C GLY G 66 -21.70 -34.87 -2.59
N THR G 67 -21.03 -35.16 -3.70
CA THR G 67 -21.54 -34.90 -5.05
C THR G 67 -22.96 -35.47 -5.23
N ARG G 68 -23.13 -36.74 -4.88
CA ARG G 68 -24.42 -37.40 -5.00
C ARG G 68 -25.47 -36.85 -4.03
N ALA G 69 -25.07 -36.57 -2.78
CA ALA G 69 -25.97 -35.94 -1.80
C ALA G 69 -26.49 -34.58 -2.28
N ALA G 70 -25.61 -33.78 -2.87
CA ALA G 70 -25.96 -32.47 -3.43
C ALA G 70 -26.91 -32.58 -4.62
N LEU G 71 -26.70 -33.59 -5.47
CA LEU G 71 -27.55 -33.85 -6.63
C LEU G 71 -29.00 -34.22 -6.24
N GLU G 72 -29.18 -34.82 -5.07
CA GLU G 72 -30.50 -35.06 -4.49
C GLU G 72 -31.33 -33.76 -4.39
N LEU G 73 -30.64 -32.64 -4.15
CA LEU G 73 -31.29 -31.33 -4.14
C LEU G 73 -31.31 -30.66 -5.50
N LEU G 74 -30.21 -30.77 -6.25
CA LEU G 74 -30.05 -30.03 -7.49
C LEU G 74 -30.89 -30.56 -8.66
N ALA G 75 -30.85 -31.88 -8.84
CA ALA G 75 -31.50 -32.49 -9.99
C ALA G 75 -33.01 -32.20 -10.06
N PRO G 76 -33.77 -32.46 -8.96
CA PRO G 76 -35.20 -32.15 -9.03
C PRO G 76 -35.50 -30.66 -9.21
N ALA G 77 -34.58 -29.80 -8.78
CA ALA G 77 -34.80 -28.34 -8.90
C ALA G 77 -34.77 -27.81 -10.33
N ILE G 78 -34.11 -28.53 -11.25
CA ILE G 78 -33.99 -28.07 -12.64
C ILE G 78 -34.96 -28.78 -13.61
N LEU G 79 -35.74 -29.72 -13.10
CA LEU G 79 -36.77 -30.37 -13.89
C LEU G 79 -37.70 -29.33 -14.50
N GLY G 80 -38.05 -29.53 -15.76
CA GLY G 80 -38.97 -28.64 -16.44
C GLY G 80 -38.32 -27.42 -17.09
N MET G 81 -37.08 -27.10 -16.71
CA MET G 81 -36.36 -25.96 -17.26
C MET G 81 -35.87 -26.22 -18.69
N ASP G 82 -35.68 -25.13 -19.44
CA ASP G 82 -35.10 -25.18 -20.79
C ASP G 82 -33.59 -25.33 -20.66
N PRO G 83 -33.02 -26.46 -21.14
CA PRO G 83 -31.59 -26.75 -20.97
C PRO G 83 -30.66 -25.75 -21.66
N ARG G 84 -31.23 -24.89 -22.51
CA ARG G 84 -30.45 -23.93 -23.27
C ARG G 84 -30.18 -22.64 -22.48
N GLN G 85 -30.91 -22.42 -21.39
CA GLN G 85 -30.83 -21.17 -20.64
C GLN G 85 -29.84 -21.34 -19.48
N HIS G 86 -28.57 -21.42 -19.86
CA HIS G 86 -27.50 -21.80 -18.92
CA HIS G 86 -27.52 -21.83 -18.93
C HIS G 86 -27.39 -20.93 -17.68
N ASP G 87 -27.61 -19.62 -17.84
CA ASP G 87 -27.51 -18.70 -16.69
C ASP G 87 -28.69 -18.85 -15.74
N ARG G 88 -29.88 -19.08 -16.29
CA ARG G 88 -31.07 -19.21 -15.44
C ARG G 88 -31.08 -20.57 -14.72
N ILE G 89 -30.60 -21.60 -15.40
CA ILE G 89 -30.39 -22.92 -14.76
C ILE G 89 -29.32 -22.79 -13.66
N TRP G 90 -28.26 -22.03 -13.95
CA TRP G 90 -27.20 -21.76 -12.95
C TRP G 90 -27.76 -21.08 -11.70
N ASP G 91 -28.56 -20.04 -11.92
CA ASP G 91 -29.23 -19.32 -10.83
C ASP G 91 -30.14 -20.22 -10.00
N ARG G 92 -30.93 -21.06 -10.67
CA ARG G 92 -31.77 -22.04 -9.99
C ARG G 92 -30.93 -22.92 -9.04
N MET G 93 -29.84 -23.47 -9.56
CA MET G 93 -28.93 -24.30 -8.75
C MET G 93 -28.34 -23.54 -7.54
N ARG G 94 -27.90 -22.30 -7.76
CA ARG G 94 -27.39 -21.45 -6.65
C ARG G 94 -28.44 -21.15 -5.59
N ASP G 95 -29.66 -20.86 -6.05
CA ASP G 95 -30.80 -20.62 -5.15
C ASP G 95 -31.17 -21.88 -4.35
N THR G 96 -30.79 -23.06 -4.87
CA THR G 96 -31.15 -24.33 -4.24
C THR G 96 -30.14 -24.76 -3.17
N LEU G 97 -28.86 -24.56 -3.47
CA LEU G 97 -27.76 -25.03 -2.62
C LEU G 97 -26.53 -24.20 -2.89
N LYS G 98 -25.98 -23.57 -1.85
CA LYS G 98 -24.73 -22.82 -2.00
C LYS G 98 -23.55 -23.76 -2.20
N GLY G 99 -22.60 -23.35 -3.02
CA GLY G 99 -21.41 -24.12 -3.31
C GLY G 99 -21.72 -25.42 -4.02
N HIS G 100 -20.99 -26.47 -3.67
CA HIS G 100 -21.15 -27.80 -4.27
C HIS G 100 -21.10 -27.73 -5.79
N ARG G 101 -20.10 -27.01 -6.30
CA ARG G 101 -19.92 -26.89 -7.75
C ARG G 101 -19.60 -28.22 -8.41
N ASP G 102 -19.04 -29.16 -7.65
CA ASP G 102 -18.86 -30.53 -8.13
C ASP G 102 -20.21 -31.13 -8.60
N ALA G 103 -21.28 -30.89 -7.84
CA ALA G 103 -22.59 -31.43 -8.20
C ALA G 103 -23.25 -30.64 -9.35
N ARG G 104 -23.08 -29.32 -9.33
CA ARG G 104 -23.53 -28.46 -10.43
C ARG G 104 -22.92 -28.90 -11.76
N ALA G 105 -21.63 -29.24 -11.72
CA ALA G 105 -20.86 -29.58 -12.93
C ALA G 105 -21.51 -30.64 -13.82
N ALA G 106 -21.90 -31.77 -13.23
CA ALA G 106 -22.46 -32.85 -14.06
C ALA G 106 -23.77 -32.43 -14.76
N LEU G 107 -24.64 -31.74 -14.03
CA LEU G 107 -25.89 -31.23 -14.59
C LEU G 107 -25.67 -30.13 -15.63
N ASP G 108 -24.80 -29.18 -15.30
CA ASP G 108 -24.49 -28.08 -16.20
C ASP G 108 -23.93 -28.57 -17.53
N ILE G 109 -23.02 -29.54 -17.48
CA ILE G 109 -22.35 -30.08 -18.68
C ILE G 109 -23.36 -30.81 -19.60
N ALA G 110 -24.24 -31.58 -18.99
CA ALA G 110 -25.29 -32.30 -19.72
C ALA G 110 -26.24 -31.33 -20.43
N CYS G 111 -26.54 -30.20 -19.80
CA CYS G 111 -27.37 -29.18 -20.44
C CYS G 111 -26.67 -28.56 -21.65
N TRP G 112 -25.37 -28.27 -21.51
CA TRP G 112 -24.60 -27.74 -22.64
C TRP G 112 -24.49 -28.75 -23.78
N ASP G 113 -24.35 -30.02 -23.43
CA ASP G 113 -24.33 -31.11 -24.43
C ASP G 113 -25.61 -31.06 -25.26
N ILE G 114 -26.75 -30.98 -24.57
CA ILE G 114 -28.07 -30.88 -25.21
C ILE G 114 -28.19 -29.63 -26.09
N ALA G 115 -27.81 -28.48 -25.53
CA ALA G 115 -27.93 -27.19 -26.23
C ALA G 115 -27.12 -27.15 -27.52
N ALA G 116 -25.87 -27.65 -27.45
CA ALA G 116 -25.00 -27.75 -28.62
C ALA G 116 -25.55 -28.73 -29.68
N GLN G 117 -26.19 -29.80 -29.24
CA GLN G 117 -26.88 -30.71 -30.16
C GLN G 117 -28.04 -30.02 -30.85
N ALA G 118 -28.85 -29.28 -30.08
CA ALA G 118 -30.03 -28.60 -30.62
C ALA G 118 -29.66 -27.52 -31.62
N ALA G 119 -28.49 -26.91 -31.42
CA ALA G 119 -27.96 -25.88 -32.34
C ALA G 119 -27.20 -26.49 -33.53
N GLY G 120 -26.98 -27.80 -33.49
CA GLY G 120 -26.26 -28.50 -34.55
C GLY G 120 -24.77 -28.21 -34.59
N LEU G 121 -24.17 -28.06 -33.41
CA LEU G 121 -22.76 -27.67 -33.31
C LEU G 121 -21.99 -28.52 -32.31
N PRO G 122 -20.71 -28.81 -32.61
CA PRO G 122 -19.86 -29.35 -31.54
C PRO G 122 -19.66 -28.29 -30.47
N LEU G 123 -19.47 -28.71 -29.23
CA LEU G 123 -19.40 -27.75 -28.12
C LEU G 123 -18.34 -26.66 -28.33
N CYS G 124 -17.21 -27.00 -28.96
CA CYS G 124 -16.16 -26.02 -29.23
C CYS G 124 -16.62 -24.91 -30.17
N ASP G 125 -17.59 -25.21 -31.03
CA ASP G 125 -18.12 -24.19 -31.93
C ASP G 125 -19.24 -23.38 -31.30
N MET G 126 -19.85 -23.92 -30.25
CA MET G 126 -20.87 -23.22 -29.45
C MET G 126 -20.22 -22.35 -28.36
N THR G 127 -18.94 -22.60 -28.07
CA THR G 127 -18.26 -21.85 -27.00
C THR G 127 -17.21 -20.86 -27.53
N GLY G 128 -17.54 -20.19 -28.62
CA GLY G 128 -16.65 -19.20 -29.23
C GLY G 128 -16.11 -19.59 -30.59
N GLY G 129 -15.96 -20.90 -30.80
CA GLY G 129 -15.49 -21.41 -32.10
C GLY G 129 -14.13 -22.10 -32.00
N ARG G 130 -13.96 -23.13 -32.82
CA ARG G 130 -12.73 -23.90 -32.87
C ARG G 130 -11.51 -23.03 -33.21
N VAL G 131 -10.50 -23.07 -32.34
CA VAL G 131 -9.21 -22.48 -32.62
C VAL G 131 -8.42 -23.53 -33.42
N ALA G 132 -7.72 -23.08 -34.45
CA ALA G 132 -7.07 -23.98 -35.42
C ALA G 132 -6.00 -24.86 -34.81
N GLY G 133 -5.94 -26.11 -35.28
CA GLY G 133 -4.92 -27.06 -34.85
C GLY G 133 -5.26 -27.77 -33.55
N PRO G 134 -4.56 -28.89 -33.28
CA PRO G 134 -4.76 -29.67 -32.06
C PRO G 134 -4.39 -28.90 -30.80
N VAL G 135 -5.02 -29.25 -29.69
CA VAL G 135 -4.68 -28.71 -28.38
C VAL G 135 -3.55 -29.57 -27.83
N PRO G 136 -2.43 -28.94 -27.39
CA PRO G 136 -1.36 -29.71 -26.73
C PRO G 136 -1.86 -30.32 -25.42
N VAL G 137 -1.45 -31.54 -25.13
CA VAL G 137 -1.88 -32.23 -23.92
C VAL G 137 -0.79 -32.25 -22.86
N ILE G 138 -1.20 -32.16 -21.60
CA ILE G 138 -0.28 -32.15 -20.49
C ILE G 138 -0.18 -33.53 -19.85
N SER G 139 1.03 -33.92 -19.48
CA SER G 139 1.26 -35.12 -18.71
C SER G 139 1.09 -34.85 -17.22
N SER G 140 0.89 -35.90 -16.44
CA SER G 140 0.68 -35.76 -15.01
C SER G 140 1.67 -36.64 -14.27
N ILE G 141 2.82 -36.04 -13.91
CA ILE G 141 3.97 -36.75 -13.35
C ILE G 141 3.92 -36.83 -11.80
N GLY G 142 3.41 -37.95 -11.30
CA GLY G 142 3.24 -38.20 -9.87
C GLY G 142 4.53 -38.22 -9.08
N GLY G 143 4.40 -38.06 -7.77
CA GLY G 143 5.55 -38.00 -6.86
C GLY G 143 6.39 -39.27 -6.83
N ASP G 144 7.71 -39.10 -6.98
CA ASP G 144 8.70 -40.18 -6.93
C ASP G 144 10.08 -39.54 -6.71
N THR G 145 11.12 -40.36 -6.77
CA THR G 145 12.51 -39.89 -6.78
C THR G 145 12.75 -39.10 -8.06
N PRO G 146 13.77 -38.20 -8.07
CA PRO G 146 14.03 -37.40 -9.26
C PRO G 146 14.22 -38.24 -10.54
N GLU G 147 15.03 -39.29 -10.46
CA GLU G 147 15.36 -40.14 -11.61
C GLU G 147 14.12 -40.79 -12.20
N ALA G 148 13.23 -41.26 -11.31
CA ALA G 148 12.00 -41.91 -11.73
C ALA G 148 11.07 -40.92 -12.42
N MET G 149 11.02 -39.70 -11.90
CA MET G 149 10.26 -38.60 -12.48
C MET G 149 10.74 -38.23 -13.88
N ARG G 150 12.03 -37.96 -13.99
CA ARG G 150 12.70 -37.73 -15.27
C ARG G 150 12.35 -38.80 -16.32
N ALA G 151 12.38 -40.07 -15.92
CA ALA G 151 12.04 -41.18 -16.81
C ALA G 151 10.56 -41.19 -17.20
N LYS G 152 9.70 -40.77 -16.28
CA LYS G 152 8.26 -40.70 -16.55
C LYS G 152 7.98 -39.55 -17.54
N VAL G 153 8.77 -38.47 -17.42
CA VAL G 153 8.75 -37.36 -18.39
C VAL G 153 9.11 -37.85 -19.80
N ALA G 154 10.05 -38.79 -19.88
CA ALA G 154 10.48 -39.36 -21.15
C ALA G 154 9.36 -40.15 -21.88
N ARG G 155 8.75 -41.12 -21.20
CA ARG G 155 7.59 -41.85 -21.76
C ARG G 155 6.60 -40.88 -22.40
N HIS G 156 6.19 -39.86 -21.64
CA HIS G 156 5.23 -38.88 -22.13
C HIS G 156 5.78 -38.07 -23.30
N ARG G 157 7.06 -37.71 -23.23
CA ARG G 157 7.69 -36.96 -24.33
C ARG G 157 7.59 -37.73 -25.66
N ALA G 158 7.95 -39.03 -25.61
CA ALA G 158 7.92 -39.91 -26.78
C ALA G 158 6.50 -40.08 -27.33
N GLN G 159 5.51 -39.93 -26.44
CA GLN G 159 4.09 -40.08 -26.80
C GLN G 159 3.46 -38.81 -27.39
N GLY G 160 4.27 -37.75 -27.50
CA GLY G 160 3.85 -36.50 -28.12
C GLY G 160 3.35 -35.44 -27.15
N PHE G 161 3.81 -35.51 -25.91
CA PHE G 161 3.47 -34.51 -24.89
C PHE G 161 4.47 -33.36 -24.91
N LYS G 162 3.96 -32.13 -24.81
CA LYS G 162 4.83 -30.95 -24.76
C LYS G 162 4.77 -30.25 -23.40
N GLY G 163 3.70 -30.49 -22.64
CA GLY G 163 3.55 -29.93 -21.30
C GLY G 163 3.65 -31.01 -20.24
N HIS G 164 4.25 -30.65 -19.10
CA HIS G 164 4.38 -31.58 -17.98
C HIS G 164 4.02 -30.92 -16.66
N SER G 165 3.12 -31.57 -15.92
CA SER G 165 2.79 -31.18 -14.56
C SER G 165 3.54 -32.09 -13.61
N ILE G 166 4.49 -31.52 -12.89
CA ILE G 166 5.35 -32.32 -12.04
C ILE G 166 5.02 -32.11 -10.56
N LYS G 167 4.73 -33.20 -9.85
CA LYS G 167 4.26 -33.09 -8.48
C LYS G 167 5.44 -32.96 -7.51
N ILE G 168 5.37 -31.94 -6.67
CA ILE G 168 6.39 -31.64 -5.67
C ILE G 168 5.74 -31.51 -4.29
N GLY G 169 6.55 -31.54 -3.23
CA GLY G 169 6.05 -31.31 -1.88
C GLY G 169 6.56 -32.33 -0.89
N ALA G 170 7.88 -32.38 -0.74
CA ALA G 170 8.54 -33.33 0.16
C ALA G 170 8.49 -32.85 1.60
N SER G 171 8.27 -33.78 2.53
CA SER G 171 8.42 -33.49 3.96
C SER G 171 9.90 -33.31 4.31
N GLU G 172 10.19 -32.74 5.47
CA GLU G 172 11.58 -32.56 5.91
C GLU G 172 12.30 -33.90 6.00
N ALA G 173 11.64 -34.91 6.55
CA ALA G 173 12.19 -36.27 6.66
C ALA G 173 12.58 -36.84 5.29
N GLU G 174 11.78 -36.54 4.28
CA GLU G 174 11.99 -37.03 2.92
C GLU G 174 13.10 -36.31 2.17
N GLY G 175 13.44 -35.10 2.63
CA GLY G 175 14.52 -34.32 2.03
C GLY G 175 14.13 -32.87 1.79
N GLY G 176 12.87 -32.55 2.07
CA GLY G 176 12.36 -31.17 2.05
C GLY G 176 12.59 -30.43 0.74
N PRO G 177 12.86 -29.12 0.83
CA PRO G 177 13.01 -28.25 -0.34
C PRO G 177 14.12 -28.70 -1.30
N ALA G 178 15.23 -29.22 -0.77
CA ALA G 178 16.32 -29.77 -1.59
C ALA G 178 15.80 -30.86 -2.51
N LEU G 179 15.00 -31.79 -1.97
CA LEU G 179 14.47 -32.88 -2.79
C LEU G 179 13.56 -32.32 -3.88
N ASP G 180 12.68 -31.39 -3.52
CA ASP G 180 11.81 -30.77 -4.50
C ASP G 180 12.58 -30.02 -5.57
N ALA G 181 13.64 -29.30 -5.17
CA ALA G 181 14.51 -28.62 -6.14
C ALA G 181 15.19 -29.60 -7.10
N GLU G 182 15.67 -30.73 -6.55
CA GLU G 182 16.27 -31.79 -7.36
C GLU G 182 15.27 -32.42 -8.32
N ARG G 183 14.04 -32.63 -7.84
CA ARG G 183 12.96 -33.16 -8.68
C ARG G 183 12.68 -32.25 -9.88
N ILE G 184 12.68 -30.94 -9.64
CA ILE G 184 12.46 -29.97 -10.69
C ILE G 184 13.62 -29.97 -11.71
N THR G 185 14.86 -29.87 -11.25
CA THR G 185 16.00 -29.78 -12.17
C THR G 185 16.11 -31.04 -13.03
N ALA G 186 15.87 -32.19 -12.41
CA ALA G 186 15.88 -33.49 -13.09
C ALA G 186 14.80 -33.61 -14.19
N CYS G 187 13.58 -33.17 -13.87
CA CYS G 187 12.48 -33.22 -14.84
C CYS G 187 12.71 -32.30 -16.06
N LEU G 188 13.51 -31.25 -15.89
CA LEU G 188 13.77 -30.31 -16.98
C LEU G 188 15.05 -30.66 -17.74
N ALA G 189 15.82 -31.59 -17.19
CA ALA G 189 17.17 -31.90 -17.66
C ALA G 189 17.26 -32.27 -19.15
N ASP G 190 16.22 -32.89 -19.68
CA ASP G 190 16.23 -33.38 -21.06
C ASP G 190 15.28 -32.62 -21.99
N ARG G 191 14.93 -31.38 -21.62
CA ARG G 191 13.91 -30.64 -22.34
C ARG G 191 14.32 -30.28 -23.77
N GLN G 192 13.36 -30.36 -24.68
CA GLN G 192 13.52 -30.00 -26.08
C GLN G 192 12.72 -28.73 -26.33
N PRO G 193 13.12 -27.93 -27.34
CA PRO G 193 12.38 -26.68 -27.62
C PRO G 193 10.87 -26.87 -27.67
N GLY G 194 10.12 -25.89 -27.17
CA GLY G 194 8.66 -25.89 -27.24
C GLY G 194 7.95 -26.57 -26.08
N GLU G 195 8.67 -26.93 -25.04
CA GLU G 195 8.06 -27.64 -23.91
C GLU G 195 7.68 -26.69 -22.77
N TRP G 196 6.83 -27.16 -21.85
CA TRP G 196 6.36 -26.29 -20.77
C TRP G 196 6.20 -27.10 -19.49
N TYR G 197 6.69 -26.55 -18.38
CA TYR G 197 6.69 -27.27 -17.11
C TYR G 197 5.99 -26.52 -15.99
N LEU G 198 5.13 -27.25 -15.27
CA LEU G 198 4.48 -26.77 -14.06
C LEU G 198 4.97 -27.58 -12.88
N ALA G 199 5.40 -26.90 -11.82
CA ALA G 199 5.72 -27.61 -10.58
C ALA G 199 4.51 -27.47 -9.65
N ASP G 200 3.74 -28.56 -9.53
CA ASP G 200 2.50 -28.54 -8.76
C ASP G 200 2.71 -29.06 -7.36
N ALA G 201 2.53 -28.18 -6.38
CA ALA G 201 2.70 -28.52 -4.97
C ALA G 201 1.38 -28.92 -4.31
N ASN G 202 0.29 -28.76 -5.04
CA ASN G 202 -1.03 -29.15 -4.55
C ASN G 202 -1.34 -28.56 -3.18
N ASN G 203 -1.09 -27.25 -3.08
CA ASN G 203 -1.40 -26.46 -1.88
C ASN G 203 -0.65 -26.94 -0.64
N GLY G 204 0.51 -27.57 -0.82
CA GLY G 204 1.14 -28.30 0.28
C GLY G 204 2.45 -27.79 0.86
N LEU G 205 2.93 -26.63 0.40
CA LEU G 205 4.18 -26.10 0.94
C LEU G 205 3.93 -25.01 1.97
N THR G 206 4.74 -25.00 3.02
CA THR G 206 4.79 -23.80 3.82
C THR G 206 5.54 -22.75 3.02
N VAL G 207 5.32 -21.50 3.39
CA VAL G 207 6.02 -20.39 2.73
C VAL G 207 7.53 -20.55 2.94
N GLU G 208 7.92 -20.98 4.15
CA GLU G 208 9.32 -21.20 4.46
C GLU G 208 9.93 -22.24 3.53
N HIS G 209 9.19 -23.32 3.28
CA HIS G 209 9.63 -24.40 2.39
C HIS G 209 9.76 -23.88 0.97
N ALA G 210 8.74 -23.15 0.50
CA ALA G 210 8.74 -22.60 -0.84
C ALA G 210 9.93 -21.64 -1.07
N LEU G 211 10.21 -20.76 -0.10
CA LEU G 211 11.31 -19.80 -0.24
C LEU G 211 12.65 -20.52 -0.24
N ARG G 212 12.80 -21.51 0.64
CA ARG G 212 14.00 -22.35 0.65
C ARG G 212 14.21 -23.05 -0.69
N MET G 213 13.14 -23.62 -1.25
CA MET G 213 13.18 -24.31 -2.54
C MET G 213 13.58 -23.35 -3.66
N LEU G 214 12.98 -22.16 -3.65
CA LEU G 214 13.29 -21.13 -4.65
C LEU G 214 14.76 -20.74 -4.60
N SER G 215 15.28 -20.61 -3.38
CA SER G 215 16.70 -20.36 -3.17
C SER G 215 17.59 -21.47 -3.72
N LEU G 216 17.13 -22.72 -3.58
CA LEU G 216 17.92 -23.89 -3.98
C LEU G 216 17.91 -24.16 -5.48
N LEU G 217 16.88 -23.69 -6.19
CA LEU G 217 16.83 -23.87 -7.64
C LEU G 217 17.99 -23.18 -8.35
N PRO G 218 18.57 -23.83 -9.37
CA PRO G 218 19.63 -23.17 -10.12
C PRO G 218 19.04 -22.01 -10.92
N PRO G 219 19.86 -21.00 -11.24
CA PRO G 219 19.38 -19.90 -12.09
C PRO G 219 19.08 -20.39 -13.51
N GLY G 220 18.23 -19.65 -14.23
CA GLY G 220 18.01 -19.91 -15.65
C GLY G 220 17.03 -21.00 -16.01
N LEU G 221 16.16 -21.38 -15.09
CA LEU G 221 15.14 -22.40 -15.39
C LEU G 221 13.88 -21.76 -15.92
N ASP G 222 13.21 -22.49 -16.81
CA ASP G 222 11.90 -22.10 -17.29
C ASP G 222 10.86 -22.98 -16.60
N ILE G 223 10.29 -22.46 -15.52
CA ILE G 223 9.37 -23.24 -14.69
C ILE G 223 8.24 -22.35 -14.17
N VAL G 224 7.04 -22.91 -14.12
CA VAL G 224 5.89 -22.22 -13.54
C VAL G 224 5.53 -22.94 -12.22
N LEU G 225 5.31 -22.17 -11.16
CA LEU G 225 4.95 -22.75 -9.87
C LEU G 225 3.44 -22.75 -9.70
N GLU G 226 2.88 -23.93 -9.45
CA GLU G 226 1.44 -24.08 -9.27
C GLU G 226 1.06 -24.43 -7.82
N ALA G 227 0.03 -23.74 -7.30
CA ALA G 227 -0.59 -24.12 -6.02
C ALA G 227 0.44 -24.35 -4.88
N PRO G 228 1.28 -23.33 -4.60
CA PRO G 228 2.34 -23.56 -3.60
C PRO G 228 1.84 -23.79 -2.17
N CYS G 229 0.77 -23.09 -1.77
CA CYS G 229 0.38 -23.01 -0.37
C CYS G 229 -1.10 -23.30 -0.12
N ALA G 230 -1.44 -23.63 1.12
CA ALA G 230 -2.78 -24.10 1.50
C ALA G 230 -3.83 -23.02 1.63
N SER G 231 -3.41 -21.77 1.79
CA SER G 231 -4.33 -20.68 2.03
C SER G 231 -4.01 -19.45 1.23
N TRP G 232 -5.01 -18.59 1.07
CA TRP G 232 -4.87 -17.29 0.43
C TRP G 232 -3.77 -16.43 1.06
N ALA G 233 -3.77 -16.28 2.40
CA ALA G 233 -2.80 -15.43 3.10
C ALA G 233 -1.36 -15.92 2.89
N GLU G 234 -1.17 -17.23 2.94
CA GLU G 234 0.16 -17.82 2.73
C GLU G 234 0.62 -17.54 1.30
N THR G 235 -0.28 -17.74 0.35
CA THR G 235 0.05 -17.53 -1.05
C THR G 235 0.38 -16.07 -1.31
N LYS G 236 -0.35 -15.15 -0.68
CA LYS G 236 -0.06 -13.73 -0.82
C LYS G 236 1.34 -13.42 -0.30
N SER G 237 1.73 -14.09 0.79
CA SER G 237 3.03 -13.83 1.41
C SER G 237 4.15 -14.32 0.50
N LEU G 238 3.98 -15.51 -0.07
CA LEU G 238 4.96 -16.05 -1.02
C LEU G 238 5.07 -15.15 -2.24
N ARG G 239 3.92 -14.74 -2.79
CA ARG G 239 3.88 -13.91 -3.99
C ARG G 239 4.75 -12.66 -3.90
N ALA G 240 4.79 -12.05 -2.71
CA ALA G 240 5.56 -10.84 -2.46
C ALA G 240 7.06 -11.06 -2.66
N ARG G 241 7.52 -12.30 -2.53
CA ARG G 241 8.95 -12.64 -2.58
C ARG G 241 9.26 -13.79 -3.57
N CYS G 242 8.46 -13.91 -4.63
CA CYS G 242 8.66 -14.96 -5.64
C CYS G 242 8.68 -14.33 -7.03
N ALA G 243 9.74 -14.58 -7.80
CA ALA G 243 9.86 -14.02 -9.14
C ALA G 243 9.33 -14.95 -10.23
N LEU G 244 9.04 -16.20 -9.87
CA LEU G 244 8.50 -17.17 -10.82
C LEU G 244 7.04 -16.89 -11.09
N PRO G 245 6.57 -17.19 -12.31
CA PRO G 245 5.14 -17.12 -12.55
C PRO G 245 4.41 -18.07 -11.61
N LEU G 246 3.28 -17.63 -11.11
CA LEU G 246 2.49 -18.39 -10.16
C LEU G 246 1.16 -18.72 -10.78
N LEU G 247 0.75 -19.97 -10.64
CA LEU G 247 -0.55 -20.40 -11.12
C LEU G 247 -1.35 -20.95 -9.95
N LEU G 248 -2.59 -20.50 -9.79
CA LEU G 248 -3.42 -21.00 -8.69
C LEU G 248 -4.40 -22.04 -9.18
N ASP G 249 -4.63 -23.04 -8.33
CA ASP G 249 -5.48 -24.18 -8.71
C ASP G 249 -6.58 -24.34 -7.68
N GLU G 250 -6.30 -25.03 -6.58
CA GLU G 250 -7.27 -25.28 -5.50
C GLU G 250 -7.96 -24.00 -5.00
N LEU G 251 -7.21 -22.89 -4.94
CA LEU G 251 -7.75 -21.63 -4.41
C LEU G 251 -8.71 -20.90 -5.37
N ILE G 252 -8.76 -21.34 -6.62
CA ILE G 252 -9.71 -20.74 -7.56
C ILE G 252 -10.83 -21.72 -7.88
N GLN G 253 -11.99 -21.46 -7.31
CA GLN G 253 -13.14 -22.32 -7.54
C GLN G 253 -14.30 -21.52 -8.12
N THR G 254 -14.52 -20.31 -7.58
CA THR G 254 -15.64 -19.45 -8.01
C THR G 254 -15.14 -18.32 -8.89
N GLU G 255 -16.07 -17.62 -9.53
CA GLU G 255 -15.73 -16.38 -10.27
C GLU G 255 -15.21 -15.31 -9.31
N THR G 256 -15.79 -15.22 -8.12
CA THR G 256 -15.35 -14.23 -7.13
C THR G 256 -13.90 -14.50 -6.64
N ASP G 257 -13.50 -15.78 -6.59
CA ASP G 257 -12.12 -16.14 -6.26
C ASP G 257 -11.17 -15.47 -7.26
N LEU G 258 -11.52 -15.52 -8.53
CA LEU G 258 -10.67 -14.96 -9.58
C LEU G 258 -10.56 -13.44 -9.44
N ILE G 259 -11.67 -12.79 -9.06
CA ILE G 259 -11.67 -11.34 -8.82
C ILE G 259 -10.75 -10.98 -7.66
N ALA G 260 -10.79 -11.78 -6.60
CA ALA G 260 -9.91 -11.58 -5.46
C ALA G 260 -8.44 -11.74 -5.87
N ALA G 261 -8.13 -12.68 -6.76
CA ALA G 261 -6.75 -12.90 -7.23
C ALA G 261 -6.27 -11.69 -8.03
N ILE G 262 -7.15 -11.15 -8.85
CA ILE G 262 -6.86 -9.93 -9.60
C ILE G 262 -6.63 -8.74 -8.67
N ARG G 263 -7.55 -8.54 -7.73
CA ARG G 263 -7.43 -7.45 -6.75
C ARG G 263 -6.11 -7.47 -5.99
N ASP G 264 -5.69 -8.68 -5.62
CA ASP G 264 -4.47 -8.90 -4.84
C ASP G 264 -3.25 -9.10 -5.75
N ASP G 265 -3.45 -8.99 -7.06
CA ASP G 265 -2.41 -9.31 -8.07
C ASP G 265 -1.65 -10.57 -7.67
N LEU G 266 -2.39 -11.66 -7.49
CA LEU G 266 -1.85 -12.81 -6.77
C LEU G 266 -1.18 -13.85 -7.67
N CYS G 267 -1.57 -13.90 -8.95
CA CYS G 267 -1.09 -14.97 -9.82
C CYS G 267 -1.08 -14.58 -11.29
N ASP G 268 -0.41 -15.39 -12.10
CA ASP G 268 -0.22 -15.09 -13.51
C ASP G 268 -0.92 -16.13 -14.35
N GLY G 269 -1.52 -17.12 -13.69
CA GLY G 269 -2.25 -18.18 -14.37
C GLY G 269 -3.21 -18.89 -13.44
N VAL G 270 -4.07 -19.72 -14.02
CA VAL G 270 -5.05 -20.45 -13.24
C VAL G 270 -5.21 -21.85 -13.81
N GLY G 271 -5.31 -22.84 -12.93
CA GLY G 271 -5.61 -24.20 -13.35
C GLY G 271 -7.11 -24.31 -13.32
N LEU G 272 -7.73 -24.32 -14.49
CA LEU G 272 -9.18 -24.45 -14.56
C LEU G 272 -9.57 -25.90 -14.76
N LYS G 273 -10.27 -26.45 -13.76
CA LYS G 273 -10.73 -27.82 -13.77
C LYS G 273 -12.25 -27.86 -13.87
N VAL G 274 -12.76 -28.50 -14.92
CA VAL G 274 -14.18 -28.41 -15.24
C VAL G 274 -15.08 -28.60 -14.00
N SER G 275 -14.89 -29.71 -13.27
CA SER G 275 -15.74 -30.01 -12.13
C SER G 275 -15.40 -29.23 -10.86
N LYS G 276 -14.20 -28.62 -10.81
CA LYS G 276 -13.86 -27.68 -9.71
C LYS G 276 -14.59 -26.34 -9.86
N GLN G 277 -14.58 -25.79 -11.08
CA GLN G 277 -15.26 -24.51 -11.32
C GLN G 277 -16.78 -24.67 -11.40
N GLY G 278 -17.26 -25.86 -11.74
CA GLY G 278 -18.68 -26.19 -11.71
C GLY G 278 -19.38 -26.42 -13.05
N GLY G 279 -18.61 -26.74 -14.09
CA GLY G 279 -19.20 -27.04 -15.39
C GLY G 279 -18.83 -26.09 -16.51
N ILE G 280 -19.54 -26.16 -17.63
CA ILE G 280 -19.23 -25.33 -18.79
C ILE G 280 -19.50 -23.85 -18.54
N THR G 281 -20.64 -23.55 -17.92
CA THR G 281 -21.05 -22.17 -17.61
C THR G 281 -19.97 -21.38 -16.81
N PRO G 282 -19.55 -21.89 -15.64
CA PRO G 282 -18.50 -21.16 -14.93
C PRO G 282 -17.15 -21.24 -15.62
N MET G 283 -16.85 -22.33 -16.33
CA MET G 283 -15.60 -22.37 -17.12
C MET G 283 -15.55 -21.19 -18.09
N LEU G 284 -16.66 -20.91 -18.77
CA LEU G 284 -16.75 -19.79 -19.71
C LEU G 284 -16.63 -18.44 -19.01
N ARG G 285 -17.32 -18.29 -17.88
CA ARG G 285 -17.21 -17.05 -17.10
C ARG G 285 -15.77 -16.81 -16.64
N GLN G 286 -15.16 -17.85 -16.08
CA GLN G 286 -13.81 -17.73 -15.53
C GLN G 286 -12.76 -17.59 -16.64
N ARG G 287 -13.01 -18.17 -17.81
CA ARG G 287 -12.14 -17.95 -18.98
C ARG G 287 -12.19 -16.48 -19.43
N ALA G 288 -13.38 -15.88 -19.42
CA ALA G 288 -13.55 -14.48 -19.81
C ALA G 288 -12.78 -13.57 -18.88
N ILE G 289 -12.89 -13.83 -17.57
CA ILE G 289 -12.15 -13.07 -16.55
C ILE G 289 -10.64 -13.30 -16.68
N ALA G 290 -10.22 -14.56 -16.76
CA ALA G 290 -8.78 -14.86 -16.87
C ALA G 290 -8.19 -14.21 -18.12
N ALA G 291 -8.88 -14.35 -19.25
CA ALA G 291 -8.37 -13.83 -20.52
C ALA G 291 -8.26 -12.30 -20.48
N ALA G 292 -9.28 -11.64 -19.92
CA ALA G 292 -9.23 -10.18 -19.79
C ALA G 292 -8.03 -9.73 -18.95
N ALA G 293 -7.69 -10.50 -17.91
CA ALA G 293 -6.52 -10.20 -17.07
C ALA G 293 -5.19 -10.72 -17.65
N GLY G 294 -5.27 -11.40 -18.80
CA GLY G 294 -4.08 -11.97 -19.44
C GLY G 294 -3.43 -13.12 -18.67
N MET G 295 -4.23 -13.80 -17.84
CA MET G 295 -3.77 -14.96 -17.09
C MET G 295 -3.76 -16.16 -18.03
N VAL G 296 -2.68 -16.93 -18.02
CA VAL G 296 -2.64 -18.19 -18.75
C VAL G 296 -3.56 -19.20 -18.04
N MET G 297 -4.03 -20.20 -18.80
CA MET G 297 -5.00 -21.14 -18.27
C MET G 297 -4.61 -22.55 -18.66
N SER G 298 -4.48 -23.45 -17.67
CA SER G 298 -4.39 -24.87 -17.98
C SER G 298 -5.78 -25.46 -17.84
N VAL G 299 -6.27 -26.10 -18.91
CA VAL G 299 -7.66 -26.59 -18.94
C VAL G 299 -7.67 -28.07 -18.63
N GLN G 300 -8.20 -28.41 -17.46
CA GLN G 300 -8.12 -29.79 -16.96
C GLN G 300 -9.43 -30.21 -16.30
N ASP G 301 -9.41 -31.32 -15.58
CA ASP G 301 -10.48 -31.67 -14.65
C ASP G 301 -9.78 -32.32 -13.46
N THR G 302 -10.52 -32.61 -12.40
CA THR G 302 -10.01 -33.35 -11.26
C THR G 302 -9.43 -34.68 -11.72
N VAL G 303 -10.28 -35.42 -12.43
CA VAL G 303 -10.02 -36.75 -12.95
C VAL G 303 -11.34 -37.20 -13.60
N GLY G 304 -11.28 -38.18 -14.49
CA GLY G 304 -12.51 -38.71 -15.07
C GLY G 304 -12.35 -39.63 -16.26
N SER G 305 -13.47 -40.05 -16.81
CA SER G 305 -13.49 -40.87 -18.01
C SER G 305 -13.46 -40.02 -19.27
N GLN G 306 -13.86 -40.64 -20.38
CA GLN G 306 -14.02 -39.97 -21.67
C GLN G 306 -15.07 -38.85 -21.59
N ILE G 307 -16.01 -38.96 -20.66
CA ILE G 307 -17.08 -37.97 -20.51
C ILE G 307 -16.53 -36.65 -19.96
N SER G 308 -15.74 -36.74 -18.88
CA SER G 308 -14.94 -35.62 -18.41
C SER G 308 -14.05 -35.08 -19.54
N PHE G 309 -13.32 -35.96 -20.21
CA PHE G 309 -12.40 -35.55 -21.27
C PHE G 309 -13.07 -34.75 -22.40
N ALA G 310 -14.28 -35.16 -22.79
CA ALA G 310 -15.04 -34.43 -23.82
C ALA G 310 -15.18 -32.95 -23.46
N ALA G 311 -15.60 -32.68 -22.22
CA ALA G 311 -15.82 -31.32 -21.74
C ALA G 311 -14.52 -30.51 -21.71
N ILE G 312 -13.47 -31.10 -21.14
CA ILE G 312 -12.12 -30.52 -21.15
C ILE G 312 -11.69 -30.12 -22.57
N LEU G 313 -11.82 -31.04 -23.49
CA LEU G 313 -11.26 -30.89 -24.84
C LEU G 313 -11.95 -29.82 -25.68
N HIS G 314 -13.28 -29.85 -25.70
CA HIS G 314 -14.04 -28.82 -26.40
C HIS G 314 -13.74 -27.43 -25.83
N LEU G 315 -13.66 -27.31 -24.50
CA LEU G 315 -13.35 -26.00 -23.89
C LEU G 315 -11.95 -25.54 -24.26
N ALA G 316 -10.98 -26.46 -24.18
CA ALA G 316 -9.60 -26.13 -24.55
C ALA G 316 -9.50 -25.72 -26.03
N GLN G 317 -10.29 -26.37 -26.87
CA GLN G 317 -10.30 -26.13 -28.32
C GLN G 317 -10.79 -24.74 -28.72
N SER G 318 -11.63 -24.13 -27.91
CA SER G 318 -12.10 -22.74 -28.16
C SER G 318 -11.35 -21.67 -27.35
N THR G 319 -10.31 -22.09 -26.62
CA THR G 319 -9.47 -21.17 -25.84
C THR G 319 -8.36 -20.59 -26.72
N PRO G 320 -8.16 -19.25 -26.68
CA PRO G 320 -7.07 -18.61 -27.44
C PRO G 320 -5.73 -19.27 -27.13
N ARG G 321 -5.04 -19.72 -28.16
CA ARG G 321 -3.85 -20.57 -28.01
C ARG G 321 -2.71 -19.89 -27.23
N HIS G 322 -2.59 -18.57 -27.32
CA HIS G 322 -1.51 -17.88 -26.60
C HIS G 322 -1.70 -17.85 -25.08
N LEU G 323 -2.94 -18.04 -24.62
CA LEU G 323 -3.23 -18.13 -23.18
C LEU G 323 -3.32 -19.58 -22.69
N LEU G 324 -3.56 -20.52 -23.60
CA LEU G 324 -3.76 -21.90 -23.22
C LEU G 324 -2.43 -22.55 -22.80
N ARG G 325 -2.48 -23.30 -21.70
CA ARG G 325 -1.31 -24.07 -21.25
C ARG G 325 -1.74 -25.53 -21.06
N CYS G 326 -2.08 -26.15 -22.19
CA CYS G 326 -2.42 -27.59 -22.33
C CYS G 326 -3.79 -27.99 -21.80
N ALA G 327 -4.25 -29.14 -22.32
CA ALA G 327 -5.42 -29.81 -21.79
C ALA G 327 -4.98 -31.10 -21.13
N LEU G 328 -5.66 -31.47 -20.05
CA LEU G 328 -5.46 -32.76 -19.41
C LEU G 328 -6.21 -33.84 -20.18
N ASP G 329 -5.51 -34.89 -20.56
CA ASP G 329 -6.15 -36.06 -21.15
C ASP G 329 -6.45 -37.09 -20.06
N THR G 330 -7.71 -37.15 -19.62
CA THR G 330 -8.07 -37.99 -18.47
C THR G 330 -8.00 -39.49 -18.78
N ARG G 331 -7.97 -39.83 -20.07
CA ARG G 331 -7.94 -41.24 -20.48
C ARG G 331 -6.63 -41.92 -20.08
N ALA G 332 -5.56 -41.14 -19.93
CA ALA G 332 -4.28 -41.62 -19.43
C ALA G 332 -4.31 -41.95 -17.92
N MET G 333 -5.33 -41.47 -17.21
CA MET G 333 -5.37 -41.62 -15.76
C MET G 333 -6.33 -42.74 -15.31
N THR G 334 -7.28 -43.10 -16.17
CA THR G 334 -8.27 -44.13 -15.84
CA THR G 334 -8.27 -44.14 -15.85
C THR G 334 -8.29 -45.26 -16.88
N THR G 335 -8.86 -46.40 -16.48
CA THR G 335 -9.01 -47.57 -17.33
C THR G 335 -10.45 -47.72 -17.82
N ALA G 336 -11.33 -46.83 -17.34
CA ALA G 336 -12.75 -46.90 -17.66
C ALA G 336 -13.01 -46.75 -19.16
N GLU G 337 -14.02 -47.46 -19.65
CA GLU G 337 -14.46 -47.29 -21.02
C GLU G 337 -15.94 -46.92 -21.05
N LEU G 338 -16.25 -45.75 -20.50
CA LEU G 338 -17.63 -45.33 -20.30
C LEU G 338 -18.27 -44.82 -21.58
N ALA G 339 -17.43 -44.37 -22.51
CA ALA G 339 -17.91 -43.77 -23.75
C ALA G 339 -16.84 -43.76 -24.83
N GLU G 340 -17.30 -43.74 -26.08
CA GLU G 340 -16.46 -43.51 -27.24
C GLU G 340 -16.41 -42.01 -27.57
N ILE G 341 -15.22 -41.51 -27.87
CA ILE G 341 -15.04 -40.17 -28.45
C ILE G 341 -13.90 -40.22 -29.48
N ASP G 342 -14.12 -39.63 -30.66
CA ASP G 342 -13.07 -39.63 -31.68
C ASP G 342 -12.15 -38.43 -31.51
N ALA G 343 -11.16 -38.58 -30.63
CA ALA G 343 -10.16 -37.54 -30.38
C ALA G 343 -8.83 -38.14 -29.89
N PRO G 344 -8.08 -38.79 -30.78
CA PRO G 344 -6.80 -39.39 -30.38
C PRO G 344 -5.65 -38.39 -30.32
N LEU G 345 -4.59 -38.74 -29.58
CA LEU G 345 -3.34 -37.97 -29.60
C LEU G 345 -2.59 -38.14 -30.91
N ARG G 346 -2.59 -37.10 -31.73
CA ARG G 346 -1.78 -37.07 -32.96
C ARG G 346 -1.43 -35.65 -33.45
N ASP G 347 -0.27 -35.55 -34.09
CA ASP G 347 0.28 -34.30 -34.65
C ASP G 347 0.21 -33.04 -33.78
N GLY G 348 0.60 -33.15 -32.51
CA GLY G 348 0.65 -31.98 -31.64
C GLY G 348 -0.20 -31.99 -30.39
N GLY G 349 -1.21 -32.87 -30.36
CA GLY G 349 -2.10 -33.03 -29.19
C GLY G 349 -3.38 -33.80 -29.46
N ALA G 350 -4.52 -33.22 -29.08
CA ALA G 350 -5.82 -33.78 -29.45
C ALA G 350 -6.75 -32.71 -30.01
N SER G 351 -7.60 -33.10 -30.96
CA SER G 351 -8.59 -32.21 -31.56
C SER G 351 -10.00 -32.62 -31.22
N ALA G 352 -10.80 -31.64 -30.79
CA ALA G 352 -12.20 -31.88 -30.51
C ALA G 352 -12.90 -32.43 -31.75
N PRO G 353 -13.77 -33.45 -31.57
CA PRO G 353 -14.50 -34.00 -32.71
C PRO G 353 -15.51 -32.98 -33.25
N SER G 354 -16.08 -33.26 -34.42
CA SER G 354 -16.94 -32.29 -35.08
C SER G 354 -18.44 -32.63 -34.97
N ASP G 355 -18.75 -33.75 -34.32
CA ASP G 355 -20.14 -34.16 -34.09
C ASP G 355 -20.83 -33.13 -33.22
N PRO G 356 -22.15 -32.89 -33.44
CA PRO G 356 -22.83 -31.94 -32.56
C PRO G 356 -22.85 -32.41 -31.10
N GLY G 357 -22.71 -31.46 -30.17
CA GLY G 357 -22.66 -31.77 -28.75
C GLY G 357 -21.25 -32.06 -28.28
N LEU G 358 -21.13 -32.90 -27.25
CA LEU G 358 -19.82 -33.29 -26.72
C LEU G 358 -19.12 -34.30 -27.62
N GLY G 359 -19.88 -34.92 -28.51
CA GLY G 359 -19.36 -35.96 -29.40
C GLY G 359 -19.16 -37.30 -28.72
N LEU G 360 -19.94 -37.53 -27.65
CA LEU G 360 -19.87 -38.80 -26.92
C LEU G 360 -20.83 -39.86 -27.45
N ARG G 361 -20.34 -41.09 -27.49
CA ARG G 361 -21.17 -42.28 -27.64
C ARG G 361 -20.99 -43.05 -26.34
N VAL G 362 -22.03 -42.99 -25.50
CA VAL G 362 -21.95 -43.52 -24.14
C VAL G 362 -22.31 -45.01 -24.07
N ASN G 363 -21.41 -45.77 -23.47
CA ASN G 363 -21.61 -47.18 -23.14
C ASN G 363 -22.53 -47.23 -21.94
N ARG G 364 -23.83 -47.33 -22.17
CA ARG G 364 -24.83 -47.19 -21.11
C ARG G 364 -24.88 -48.36 -20.11
N ASP G 365 -24.46 -49.55 -20.57
CA ASP G 365 -24.35 -50.72 -19.69
C ASP G 365 -23.10 -50.68 -18.80
N ALA G 366 -22.15 -49.79 -19.11
CA ALA G 366 -20.89 -49.68 -18.37
C ALA G 366 -21.02 -48.78 -17.13
N LEU G 367 -22.15 -48.08 -17.04
CA LEU G 367 -22.39 -47.13 -15.97
C LEU G 367 -23.13 -47.76 -14.81
N GLY G 368 -23.76 -48.90 -15.08
CA GLY G 368 -24.64 -49.57 -14.12
C GLY G 368 -26.03 -48.95 -14.13
N THR G 369 -26.98 -49.64 -13.52
CA THR G 369 -28.33 -49.11 -13.35
C THR G 369 -28.26 -47.81 -12.54
N PRO G 370 -29.07 -46.79 -12.89
CA PRO G 370 -29.02 -45.52 -12.16
C PRO G 370 -29.21 -45.69 -10.65
N VAL G 371 -28.37 -45.04 -9.85
CA VAL G 371 -28.58 -45.03 -8.40
C VAL G 371 -29.82 -44.23 -8.03
N LYS G 372 -30.16 -43.24 -8.87
CA LYS G 372 -31.33 -42.40 -8.66
C LYS G 372 -31.82 -41.81 -9.98
N THR G 373 -33.14 -41.71 -10.12
CA THR G 373 -33.76 -41.06 -11.27
C THR G 373 -34.74 -40.00 -10.79
N PHE G 374 -34.80 -38.87 -11.51
CA PHE G 374 -35.76 -37.81 -11.22
C PHE G 374 -36.65 -37.52 -12.42
N GLY G 375 -37.94 -37.30 -12.15
CA GLY G 375 -38.89 -36.85 -13.18
C GLY G 375 -39.77 -37.94 -13.76
N ASP G 376 -39.62 -38.17 -15.06
CA ASP G 376 -40.44 -39.11 -15.83
C ASP G 376 -39.95 -40.55 -15.67
N LEU H 3 -10.64 -28.37 43.52
CA LEU H 3 -9.17 -28.18 43.33
C LEU H 3 -8.74 -26.73 43.55
N LYS H 4 -7.79 -26.53 44.45
CA LYS H 4 -7.46 -25.20 44.94
C LYS H 4 -5.93 -25.09 45.11
N ILE H 5 -5.32 -23.98 44.67
CA ILE H 5 -3.89 -23.75 44.96
C ILE H 5 -3.73 -23.35 46.43
N THR H 6 -2.84 -24.03 47.16
CA THR H 6 -2.69 -23.80 48.60
C THR H 6 -1.35 -23.17 49.03
N ARG H 7 -0.30 -23.46 48.29
CA ARG H 7 1.04 -23.00 48.66
C ARG H 7 1.89 -22.86 47.41
N ILE H 8 2.67 -21.78 47.37
CA ILE H 8 3.59 -21.49 46.27
C ILE H 8 4.97 -21.23 46.86
N ASP H 9 5.97 -22.00 46.42
CA ASP H 9 7.36 -21.83 46.86
C ASP H 9 8.23 -21.34 45.73
N ILE H 10 9.04 -20.32 46.01
CA ILE H 10 9.94 -19.76 45.00
C ILE H 10 11.37 -20.16 45.37
N HIS H 11 12.07 -20.80 44.43
CA HIS H 11 13.45 -21.27 44.64
C HIS H 11 14.38 -20.51 43.69
N ARG H 12 15.63 -20.30 44.12
CA ARG H 12 16.65 -19.70 43.26
C ARG H 12 17.88 -20.59 43.21
N THR H 13 18.40 -20.82 42.01
CA THR H 13 19.58 -21.66 41.88
C THR H 13 20.40 -21.34 40.65
N ASP H 14 21.71 -21.43 40.80
CA ASP H 14 22.63 -21.15 39.70
C ASP H 14 22.78 -22.35 38.78
N LEU H 15 22.76 -22.10 37.47
CA LEU H 15 22.99 -23.15 36.47
C LEU H 15 24.32 -22.87 35.72
N PRO H 16 25.38 -23.64 36.03
CA PRO H 16 26.69 -23.41 35.41
C PRO H 16 26.70 -23.77 33.93
N VAL H 17 27.29 -22.92 33.10
CA VAL H 17 27.38 -23.15 31.66
C VAL H 17 28.04 -24.49 31.36
N ARG H 18 27.51 -25.21 30.38
CA ARG H 18 28.17 -26.40 29.89
C ARG H 18 28.77 -26.16 28.52
N GLY H 19 30.10 -26.21 28.46
CA GLY H 19 30.86 -26.27 27.22
C GLY H 19 30.60 -25.21 26.17
N GLY H 20 31.42 -24.17 26.19
CA GLY H 20 31.29 -23.06 25.26
C GLY H 20 30.46 -21.95 25.87
N VAL H 21 31.15 -20.92 26.35
CA VAL H 21 30.52 -19.71 26.87
C VAL H 21 30.01 -18.85 25.71
N TYR H 22 28.69 -18.62 25.72
CA TYR H 22 27.99 -17.93 24.64
C TYR H 22 28.34 -16.46 24.46
N ARG H 23 28.52 -16.08 23.19
CA ARG H 23 28.58 -14.68 22.79
C ARG H 23 27.41 -14.39 21.85
N LEU H 24 26.54 -13.47 22.25
CA LEU H 24 25.53 -12.94 21.32
C LEU H 24 26.05 -11.65 20.70
N SER H 25 25.40 -11.21 19.63
CA SER H 25 25.73 -9.96 18.92
C SER H 25 25.81 -8.75 19.84
N GLY H 26 26.74 -7.84 19.56
CA GLY H 26 26.88 -6.61 20.35
C GLY H 26 27.68 -6.75 21.63
N GLY H 27 28.58 -7.74 21.68
CA GLY H 27 29.48 -7.94 22.81
C GLY H 27 28.82 -8.46 24.09
N ARG H 28 27.76 -9.26 23.92
CA ARG H 28 27.07 -9.86 25.06
C ARG H 28 27.70 -11.20 25.45
N GLU H 29 27.94 -11.40 26.75
CA GLU H 29 28.59 -12.60 27.29
C GLU H 29 27.84 -13.20 28.48
N TYR H 30 27.93 -14.52 28.65
CA TYR H 30 27.18 -15.24 29.69
C TYR H 30 27.99 -16.43 30.24
N HIS H 31 28.11 -16.54 31.57
CA HIS H 31 28.99 -17.56 32.19
C HIS H 31 28.30 -18.58 33.12
N SER H 32 27.17 -18.19 33.69
CA SER H 32 26.24 -19.12 34.34
C SER H 32 24.86 -18.47 34.26
N TYR H 33 23.82 -19.23 34.59
CA TYR H 33 22.44 -18.73 34.46
C TYR H 33 21.71 -18.78 35.79
N ASP H 34 21.07 -17.67 36.14
CA ASP H 34 20.37 -17.53 37.40
C ASP H 34 18.93 -17.98 37.24
N ALA H 35 18.63 -19.16 37.77
CA ALA H 35 17.33 -19.80 37.56
C ALA H 35 16.34 -19.53 38.69
N THR H 36 15.08 -19.34 38.32
CA THR H 36 13.99 -19.32 39.28
C THR H 36 13.09 -20.52 39.04
N ILE H 37 12.86 -21.29 40.11
CA ILE H 37 12.05 -22.50 40.04
C ILE H 37 10.93 -22.40 41.07
N VAL H 38 9.70 -22.63 40.59
CA VAL H 38 8.51 -22.51 41.41
C VAL H 38 7.84 -23.87 41.54
N SER H 39 7.42 -24.20 42.76
CA SER H 39 6.51 -25.30 42.99
C SER H 39 5.16 -24.76 43.48
N ILE H 40 4.09 -25.38 42.99
CA ILE H 40 2.73 -25.00 43.42
C ILE H 40 2.05 -26.23 44.00
N GLU H 41 1.52 -26.11 45.21
CA GLU H 41 0.84 -27.21 45.89
C GLU H 41 -0.69 -27.01 45.87
N THR H 42 -1.42 -28.12 45.85
CA THR H 42 -2.88 -28.08 45.91
C THR H 42 -3.41 -28.74 47.18
N ASP H 43 -4.66 -28.43 47.51
CA ASP H 43 -5.34 -28.99 48.68
C ASP H 43 -5.47 -30.51 48.63
N THR H 44 -5.44 -31.06 47.41
CA THR H 44 -5.50 -32.51 47.21
C THR H 44 -4.12 -33.17 47.27
N GLY H 45 -3.08 -32.38 47.55
CA GLY H 45 -1.73 -32.90 47.73
C GLY H 45 -0.91 -33.07 46.47
N LEU H 46 -1.30 -32.37 45.40
CA LEU H 46 -0.53 -32.38 44.16
C LEU H 46 0.45 -31.23 44.18
N THR H 47 1.65 -31.48 43.64
CA THR H 47 2.66 -30.45 43.43
C THR H 47 3.00 -30.33 41.96
N GLY H 48 2.96 -29.12 41.43
CA GLY H 48 3.41 -28.87 40.06
C GLY H 48 4.65 -28.01 40.07
N TRP H 49 5.47 -28.15 39.02
CA TRP H 49 6.76 -27.46 38.92
C TRP H 49 6.86 -26.63 37.65
N GLY H 50 7.52 -25.48 37.77
CA GLY H 50 7.75 -24.59 36.62
C GLY H 50 9.05 -23.83 36.75
N GLU H 51 9.71 -23.60 35.61
CA GLU H 51 10.98 -22.86 35.58
C GLU H 51 10.91 -21.60 34.71
N SER H 52 11.58 -20.54 35.17
CA SER H 52 11.85 -19.37 34.33
C SER H 52 13.24 -18.85 34.60
N THR H 53 14.11 -18.98 33.61
CA THR H 53 15.46 -18.43 33.71
C THR H 53 15.86 -17.63 32.48
N PRO H 54 15.80 -16.30 32.62
CA PRO H 54 16.16 -15.39 31.54
C PRO H 54 17.58 -15.67 31.07
N PHE H 55 17.80 -15.48 29.78
CA PHE H 55 19.12 -15.68 29.23
C PHE H 55 19.87 -14.40 29.55
N GLY H 56 20.51 -14.37 30.72
CA GLY H 56 21.18 -13.16 31.17
C GLY H 56 20.19 -12.01 31.30
N SER H 57 20.68 -10.78 31.13
CA SER H 57 19.82 -9.60 31.30
C SER H 57 19.74 -8.75 30.04
N THR H 58 20.27 -9.26 28.93
CA THR H 58 20.36 -8.47 27.70
C THR H 58 19.76 -9.16 26.47
N TYR H 59 19.15 -10.32 26.68
CA TYR H 59 18.49 -11.03 25.57
C TYR H 59 17.16 -10.33 25.20
N ILE H 60 16.28 -10.22 26.18
CA ILE H 60 15.04 -9.43 26.08
C ILE H 60 14.92 -8.65 27.38
N ALA H 61 13.85 -7.89 27.55
CA ALA H 61 13.67 -7.07 28.74
C ALA H 61 13.22 -7.93 29.92
N ALA H 62 14.17 -8.71 30.44
CA ALA H 62 13.94 -9.59 31.58
C ALA H 62 15.28 -9.93 32.22
N HIS H 63 15.25 -10.11 33.54
CA HIS H 63 16.41 -10.60 34.29
C HIS H 63 15.89 -11.33 35.52
N ALA H 64 16.71 -12.24 36.05
CA ALA H 64 16.28 -13.12 37.13
C ALA H 64 15.76 -12.37 38.36
N GLY H 65 16.48 -11.30 38.74
CA GLY H 65 16.04 -10.43 39.83
C GLY H 65 14.65 -9.87 39.60
N GLY H 66 14.35 -9.55 38.33
CA GLY H 66 13.04 -9.02 37.93
C GLY H 66 11.96 -10.10 37.97
N THR H 67 12.33 -11.32 37.57
CA THR H 67 11.44 -12.48 37.60
C THR H 67 10.93 -12.70 39.02
N ARG H 68 11.87 -12.71 39.96
CA ARG H 68 11.53 -12.86 41.37
C ARG H 68 10.75 -11.68 41.95
N ALA H 69 11.08 -10.45 41.55
CA ALA H 69 10.35 -9.26 42.04
C ALA H 69 8.88 -9.23 41.59
N ALA H 70 8.64 -9.72 40.37
CA ALA H 70 7.29 -9.87 39.80
C ALA H 70 6.51 -10.99 40.50
N LEU H 71 7.19 -12.08 40.83
CA LEU H 71 6.56 -13.20 41.55
C LEU H 71 6.03 -12.79 42.92
N GLU H 72 6.62 -11.75 43.53
CA GLU H 72 6.08 -11.17 44.77
C GLU H 72 4.64 -10.67 44.59
N LEU H 73 4.27 -10.29 43.38
CA LEU H 73 2.92 -9.81 43.11
C LEU H 73 2.04 -10.93 42.59
N LEU H 74 2.59 -11.71 41.66
CA LEU H 74 1.81 -12.73 40.95
C LEU H 74 1.41 -13.93 41.82
N ALA H 75 2.36 -14.46 42.58
CA ALA H 75 2.12 -15.67 43.38
C ALA H 75 0.97 -15.51 44.41
N PRO H 76 0.97 -14.45 45.22
CA PRO H 76 -0.15 -14.34 46.17
C PRO H 76 -1.50 -14.11 45.48
N ALA H 77 -1.46 -13.50 44.30
CA ALA H 77 -2.66 -13.22 43.50
C ALA H 77 -3.40 -14.47 43.03
N ILE H 78 -2.68 -15.58 42.85
CA ILE H 78 -3.30 -16.79 42.31
C ILE H 78 -3.65 -17.85 43.39
N LEU H 79 -3.26 -17.59 44.64
CA LEU H 79 -3.64 -18.47 45.75
C LEU H 79 -5.15 -18.63 45.83
N GLY H 80 -5.59 -19.85 46.14
CA GLY H 80 -7.01 -20.17 46.23
C GLY H 80 -7.69 -20.42 44.89
N MET H 81 -6.96 -20.22 43.79
CA MET H 81 -7.55 -20.44 42.46
C MET H 81 -7.47 -21.91 42.05
N ASP H 82 -8.34 -22.30 41.12
CA ASP H 82 -8.34 -23.66 40.57
C ASP H 82 -7.28 -23.73 39.47
N PRO H 83 -6.17 -24.46 39.71
CA PRO H 83 -5.04 -24.53 38.76
C PRO H 83 -5.42 -25.01 37.36
N ARG H 84 -6.59 -25.62 37.21
CA ARG H 84 -7.01 -26.11 35.90
C ARG H 84 -7.58 -25.04 34.96
N GLN H 85 -8.02 -23.91 35.53
CA GLN H 85 -8.64 -22.83 34.76
C GLN H 85 -7.57 -21.88 34.20
N HIS H 86 -6.85 -22.36 33.19
CA HIS H 86 -5.64 -21.68 32.68
CA HIS H 86 -5.64 -21.68 32.72
C HIS H 86 -5.88 -20.26 32.21
N ASP H 87 -7.00 -20.04 31.49
CA ASP H 87 -7.32 -18.70 31.01
C ASP H 87 -7.69 -17.74 32.13
N ARG H 88 -8.38 -18.23 33.15
CA ARG H 88 -8.78 -17.35 34.25
C ARG H 88 -7.62 -17.01 35.18
N ILE H 89 -6.68 -17.94 35.35
CA ILE H 89 -5.43 -17.67 36.09
C ILE H 89 -4.58 -16.65 35.33
N TRP H 90 -4.48 -16.85 34.02
CA TRP H 90 -3.81 -15.90 33.12
C TRP H 90 -4.40 -14.50 33.28
N ASP H 91 -5.73 -14.42 33.26
CA ASP H 91 -6.43 -13.14 33.43
C ASP H 91 -6.09 -12.48 34.76
N ARG H 92 -6.09 -13.29 35.84
CA ARG H 92 -5.75 -12.79 37.17
C ARG H 92 -4.33 -12.22 37.17
N MET H 93 -3.40 -12.95 36.55
CA MET H 93 -2.00 -12.50 36.43
C MET H 93 -1.90 -11.20 35.62
N ARG H 94 -2.61 -11.12 34.50
CA ARG H 94 -2.63 -9.91 33.65
C ARG H 94 -3.21 -8.72 34.41
N ASP H 95 -4.23 -8.97 35.23
CA ASP H 95 -4.89 -7.93 36.03
C ASP H 95 -4.02 -7.44 37.17
N THR H 96 -3.03 -8.26 37.54
CA THR H 96 -2.16 -8.01 38.69
C THR H 96 -0.92 -7.19 38.29
N LEU H 97 -0.38 -7.51 37.12
CA LEU H 97 0.88 -6.95 36.65
C LEU H 97 0.98 -7.13 35.15
N LYS H 98 1.16 -6.01 34.46
CA LYS H 98 1.32 -5.98 33.02
C LYS H 98 2.71 -6.51 32.63
N GLY H 99 2.76 -7.20 31.50
CA GLY H 99 3.98 -7.79 30.99
C GLY H 99 4.54 -8.81 31.94
N HIS H 100 5.87 -8.83 32.07
CA HIS H 100 6.56 -9.72 32.99
C HIS H 100 6.18 -11.18 32.74
N ARG H 101 6.17 -11.56 31.47
CA ARG H 101 5.78 -12.91 31.08
C ARG H 101 6.77 -13.96 31.58
N ASP H 102 8.01 -13.53 31.86
CA ASP H 102 9.00 -14.42 32.46
C ASP H 102 8.50 -14.94 33.81
N ALA H 103 7.89 -14.06 34.59
CA ALA H 103 7.37 -14.41 35.92
C ALA H 103 6.06 -15.23 35.84
N ARG H 104 5.20 -14.89 34.89
CA ARG H 104 4.00 -15.67 34.61
C ARG H 104 4.33 -17.13 34.26
N ALA H 105 5.38 -17.32 33.46
CA ALA H 105 5.74 -18.65 32.91
C ALA H 105 5.87 -19.72 33.99
N ALA H 106 6.65 -19.44 35.03
CA ALA H 106 6.91 -20.42 36.10
C ALA H 106 5.62 -20.88 36.80
N LEU H 107 4.74 -19.93 37.10
CA LEU H 107 3.48 -20.21 37.74
C LEU H 107 2.57 -20.99 36.79
N ASP H 108 2.52 -20.54 35.54
CA ASP H 108 1.66 -21.12 34.52
C ASP H 108 2.00 -22.58 34.20
N ILE H 109 3.29 -22.86 34.06
CA ILE H 109 3.78 -24.20 33.79
C ILE H 109 3.42 -25.14 34.95
N ALA H 110 3.61 -24.67 36.18
CA ALA H 110 3.28 -25.49 37.36
C ALA H 110 1.78 -25.83 37.45
N CYS H 111 0.92 -24.87 37.09
CA CYS H 111 -0.52 -25.11 37.07
C CYS H 111 -0.90 -26.17 36.04
N TRP H 112 -0.29 -26.10 34.85
CA TRP H 112 -0.49 -27.09 33.81
C TRP H 112 0.08 -28.47 34.20
N ASP H 113 1.15 -28.46 34.99
CA ASP H 113 1.72 -29.70 35.51
C ASP H 113 0.67 -30.37 36.42
N ILE H 114 0.07 -29.58 37.32
CA ILE H 114 -1.00 -30.06 38.21
C ILE H 114 -2.23 -30.53 37.42
N ALA H 115 -2.65 -29.73 36.44
CA ALA H 115 -3.83 -30.03 35.63
C ALA H 115 -3.64 -31.37 34.93
N ALA H 116 -2.45 -31.57 34.37
CA ALA H 116 -2.12 -32.80 33.68
C ALA H 116 -2.13 -34.02 34.62
N GLN H 117 -1.51 -33.90 35.80
CA GLN H 117 -1.47 -34.99 36.79
C GLN H 117 -2.86 -35.36 37.31
N ALA H 118 -3.69 -34.33 37.48
CA ALA H 118 -5.07 -34.52 37.93
C ALA H 118 -5.85 -35.34 36.91
N ALA H 119 -5.56 -35.09 35.63
CA ALA H 119 -6.19 -35.80 34.53
C ALA H 119 -5.49 -37.12 34.20
N GLY H 120 -4.34 -37.37 34.82
CA GLY H 120 -3.60 -38.61 34.62
C GLY H 120 -3.10 -38.76 33.20
N LEU H 121 -2.60 -37.64 32.65
CA LEU H 121 -2.10 -37.59 31.29
C LEU H 121 -0.77 -36.83 31.25
N PRO H 122 0.20 -37.32 30.44
CA PRO H 122 1.38 -36.49 30.19
C PRO H 122 0.93 -35.20 29.51
N LEU H 123 1.70 -34.13 29.68
CA LEU H 123 1.32 -32.81 29.17
C LEU H 123 1.12 -32.79 27.66
N CYS H 124 1.93 -33.53 26.89
CA CYS H 124 1.73 -33.60 25.44
C CYS H 124 0.32 -34.08 25.06
N ASP H 125 -0.27 -34.94 25.90
CA ASP H 125 -1.65 -35.41 25.70
C ASP H 125 -2.73 -34.47 26.25
N MET H 126 -2.35 -33.48 27.05
CA MET H 126 -3.26 -32.44 27.53
C MET H 126 -3.22 -31.22 26.60
N THR H 127 -2.29 -31.22 25.66
CA THR H 127 -2.09 -30.05 24.79
C THR H 127 -2.35 -30.40 23.33
N GLY H 128 -3.32 -31.28 23.11
CA GLY H 128 -3.75 -31.67 21.77
C GLY H 128 -3.58 -33.15 21.43
N GLY H 129 -2.56 -33.79 22.02
CA GLY H 129 -2.24 -35.19 21.71
C GLY H 129 -0.84 -35.38 21.13
N ARG H 130 -0.14 -36.40 21.62
CA ARG H 130 1.19 -36.80 21.14
C ARG H 130 1.21 -37.01 19.63
N VAL H 131 2.14 -36.33 18.95
CA VAL H 131 2.41 -36.56 17.54
C VAL H 131 3.47 -37.65 17.44
N ALA H 132 3.22 -38.65 16.60
CA ALA H 132 4.06 -39.85 16.52
C ALA H 132 5.52 -39.58 16.17
N GLY H 133 6.42 -40.33 16.79
CA GLY H 133 7.85 -40.20 16.53
C GLY H 133 8.55 -39.21 17.43
N PRO H 134 9.89 -39.31 17.53
CA PRO H 134 10.67 -38.35 18.32
C PRO H 134 10.63 -36.95 17.72
N VAL H 135 10.77 -35.94 18.58
CA VAL H 135 10.93 -34.56 18.14
C VAL H 135 12.42 -34.33 17.78
N PRO H 136 12.72 -33.80 16.58
CA PRO H 136 14.09 -33.39 16.28
C PRO H 136 14.59 -32.31 17.23
N VAL H 137 15.86 -32.42 17.62
CA VAL H 137 16.47 -31.49 18.57
C VAL H 137 17.52 -30.67 17.81
N ILE H 138 17.54 -29.37 18.07
CA ILE H 138 18.39 -28.44 17.32
C ILE H 138 19.82 -28.45 17.86
N SER H 139 20.80 -28.42 16.96
CA SER H 139 22.18 -28.28 17.38
C SER H 139 22.50 -26.79 17.40
N SER H 140 23.17 -26.35 18.45
CA SER H 140 23.50 -24.94 18.60
C SER H 140 24.98 -24.68 18.27
N ILE H 141 25.24 -23.80 17.30
CA ILE H 141 26.61 -23.52 16.84
C ILE H 141 27.03 -22.09 17.16
N GLY H 142 27.83 -21.95 18.21
CA GLY H 142 28.23 -20.63 18.71
C GLY H 142 29.16 -19.85 17.80
N GLY H 143 29.12 -18.52 17.92
CA GLY H 143 29.94 -17.63 17.09
C GLY H 143 31.42 -17.96 17.19
N ASP H 144 32.05 -18.17 16.02
CA ASP H 144 33.46 -18.57 15.93
C ASP H 144 33.93 -18.38 14.49
N THR H 145 35.14 -18.80 14.19
CA THR H 145 35.63 -18.76 12.81
C THR H 145 34.78 -19.70 11.94
N PRO H 146 34.60 -19.35 10.65
CA PRO H 146 33.89 -20.21 9.70
C PRO H 146 34.36 -21.67 9.77
N GLU H 147 35.67 -21.87 9.77
CA GLU H 147 36.26 -23.21 9.86
C GLU H 147 35.92 -23.98 11.15
N ALA H 148 35.89 -23.29 12.29
CA ALA H 148 35.55 -23.92 13.58
C ALA H 148 34.06 -24.26 13.69
N MET H 149 33.24 -23.35 13.19
CA MET H 149 31.80 -23.56 13.17
C MET H 149 31.46 -24.76 12.27
N ARG H 150 32.08 -24.82 11.10
CA ARG H 150 31.89 -25.92 10.14
C ARG H 150 32.22 -27.29 10.75
N ALA H 151 33.32 -27.32 11.51
CA ALA H 151 33.79 -28.52 12.18
C ALA H 151 32.79 -28.97 13.26
N LYS H 152 32.20 -28.00 13.96
CA LYS H 152 31.20 -28.29 15.01
C LYS H 152 29.89 -28.80 14.41
N VAL H 153 29.50 -28.27 13.26
CA VAL H 153 28.36 -28.81 12.51
C VAL H 153 28.60 -30.27 12.11
N ALA H 154 29.83 -30.57 11.67
CA ALA H 154 30.24 -31.93 11.31
C ALA H 154 30.20 -32.89 12.50
N ARG H 155 30.55 -32.38 13.68
CA ARG H 155 30.50 -33.15 14.92
C ARG H 155 29.04 -33.49 15.27
N HIS H 156 28.17 -32.49 15.22
CA HIS H 156 26.74 -32.71 15.49
C HIS H 156 26.09 -33.61 14.44
N ARG H 157 26.48 -33.44 13.17
CA ARG H 157 26.06 -34.33 12.08
C ARG H 157 26.36 -35.80 12.36
N ALA H 158 27.58 -36.08 12.82
CA ALA H 158 28.01 -37.45 13.16
C ALA H 158 27.21 -38.05 14.32
N GLN H 159 26.68 -37.19 15.19
CA GLN H 159 25.84 -37.60 16.32
C GLN H 159 24.37 -37.81 15.92
N GLY H 160 24.02 -37.40 14.71
CA GLY H 160 22.67 -37.60 14.19
C GLY H 160 21.77 -36.37 14.13
N PHE H 161 22.27 -35.21 14.57
CA PHE H 161 21.48 -33.95 14.51
C PHE H 161 21.23 -33.55 13.06
N LYS H 162 20.06 -32.99 12.79
CA LYS H 162 19.69 -32.62 11.42
C LYS H 162 19.56 -31.10 11.26
N GLY H 163 19.16 -30.44 12.34
CA GLY H 163 18.94 -29.00 12.36
C GLY H 163 20.02 -28.27 13.13
N HIS H 164 20.51 -27.17 12.56
CA HIS H 164 21.52 -26.37 13.21
C HIS H 164 21.12 -24.90 13.34
N SER H 165 21.23 -24.37 14.55
CA SER H 165 21.09 -22.94 14.79
C SER H 165 22.51 -22.37 14.83
N ILE H 166 22.80 -21.44 13.93
CA ILE H 166 24.16 -20.88 13.81
C ILE H 166 24.19 -19.36 14.09
N LYS H 167 25.00 -18.96 15.05
CA LYS H 167 25.01 -17.56 15.52
C LYS H 167 25.86 -16.66 14.64
N ILE H 168 25.27 -15.53 14.24
CA ILE H 168 25.95 -14.52 13.42
C ILE H 168 25.79 -13.14 14.08
N GLY H 169 26.55 -12.16 13.57
CA GLY H 169 26.43 -10.78 14.04
C GLY H 169 27.78 -10.16 14.41
N ALA H 170 28.67 -10.06 13.43
CA ALA H 170 30.03 -9.54 13.65
C ALA H 170 30.05 -8.02 13.52
N SER H 171 30.67 -7.33 14.48
CA SER H 171 30.93 -5.89 14.33
C SER H 171 31.83 -5.63 13.11
N GLU H 172 31.85 -4.39 12.62
CA GLU H 172 32.76 -4.03 11.52
C GLU H 172 34.21 -4.41 11.84
N ALA H 173 34.66 -4.04 13.05
CA ALA H 173 36.02 -4.34 13.49
C ALA H 173 36.35 -5.83 13.38
N GLU H 174 35.40 -6.70 13.72
CA GLU H 174 35.60 -8.15 13.69
C GLU H 174 35.53 -8.77 12.28
N GLY H 175 35.14 -7.98 11.28
CA GLY H 175 35.02 -8.50 9.92
C GLY H 175 33.65 -8.29 9.27
N GLY H 176 32.69 -7.77 10.03
CA GLY H 176 31.41 -7.30 9.50
C GLY H 176 30.61 -8.34 8.72
N PRO H 177 29.81 -7.89 7.74
CA PRO H 177 28.98 -8.78 6.91
C PRO H 177 29.76 -9.88 6.18
N ALA H 178 30.98 -9.59 5.75
CA ALA H 178 31.84 -10.59 5.09
C ALA H 178 32.09 -11.82 5.98
N LEU H 179 32.35 -11.58 7.26
CA LEU H 179 32.55 -12.68 8.19
C LEU H 179 31.27 -13.49 8.37
N ASP H 180 30.15 -12.80 8.58
CA ASP H 180 28.87 -13.48 8.77
C ASP H 180 28.51 -14.37 7.56
N ALA H 181 28.76 -13.86 6.36
CA ALA H 181 28.54 -14.61 5.12
C ALA H 181 29.46 -15.85 4.99
N GLU H 182 30.73 -15.69 5.39
CA GLU H 182 31.70 -16.78 5.39
C GLU H 182 31.31 -17.88 6.38
N ARG H 183 30.88 -17.47 7.58
CA ARG H 183 30.36 -18.38 8.59
C ARG H 183 29.21 -19.22 8.04
N ILE H 184 28.22 -18.55 7.45
CA ILE H 184 27.06 -19.21 6.86
C ILE H 184 27.49 -20.19 5.76
N THR H 185 28.33 -19.73 4.84
CA THR H 185 28.80 -20.56 3.72
C THR H 185 29.50 -21.83 4.22
N ALA H 186 30.35 -21.65 5.23
CA ALA H 186 31.12 -22.76 5.78
C ALA H 186 30.22 -23.80 6.46
N CYS H 187 29.22 -23.32 7.18
CA CYS H 187 28.37 -24.21 7.96
C CYS H 187 27.52 -25.12 7.08
N LEU H 188 27.26 -24.67 5.85
CA LEU H 188 26.42 -25.44 4.93
C LEU H 188 27.25 -26.23 3.92
N ALA H 189 28.57 -26.09 3.95
CA ALA H 189 29.45 -26.65 2.91
C ALA H 189 29.44 -28.19 2.83
N ASP H 190 29.23 -28.84 3.97
CA ASP H 190 29.23 -30.31 4.04
C ASP H 190 27.83 -30.90 4.10
N ARG H 191 26.85 -30.09 3.70
CA ARG H 191 25.43 -30.44 3.64
C ARG H 191 25.12 -31.84 3.16
N GLN H 192 24.31 -32.55 3.95
CA GLN H 192 23.77 -33.87 3.62
C GLN H 192 22.25 -33.74 3.54
N PRO H 193 21.57 -34.66 2.82
CA PRO H 193 20.11 -34.55 2.67
C PRO H 193 19.34 -34.52 4.00
N GLY H 194 18.22 -33.80 4.03
CA GLY H 194 17.34 -33.76 5.20
C GLY H 194 17.77 -32.87 6.36
N GLU H 195 18.66 -31.92 6.09
CA GLU H 195 19.16 -31.00 7.13
C GLU H 195 18.49 -29.61 7.09
N TRP H 196 18.58 -28.86 8.19
CA TRP H 196 17.96 -27.52 8.33
C TRP H 196 18.91 -26.55 9.04
N TYR H 197 18.95 -25.29 8.55
CA TYR H 197 19.88 -24.29 9.08
C TYR H 197 19.18 -22.96 9.38
N LEU H 198 19.45 -22.43 10.56
CA LEU H 198 18.88 -21.17 11.03
C LEU H 198 20.02 -20.23 11.42
N ALA H 199 20.20 -19.14 10.68
CA ALA H 199 21.20 -18.12 11.05
C ALA H 199 20.60 -17.08 12.00
N ASP H 200 21.01 -17.16 13.26
CA ASP H 200 20.43 -16.32 14.31
C ASP H 200 21.34 -15.12 14.61
N ALA H 201 20.86 -13.92 14.27
CA ALA H 201 21.60 -12.67 14.50
C ALA H 201 21.27 -12.01 15.82
N ASN H 202 20.32 -12.58 16.56
CA ASN H 202 19.89 -12.08 17.87
C ASN H 202 19.57 -10.59 17.95
N ASN H 203 18.76 -10.13 17.00
CA ASN H 203 18.37 -8.73 16.91
C ASN H 203 19.56 -7.80 16.75
N GLY H 204 20.65 -8.29 16.17
CA GLY H 204 21.94 -7.57 16.24
C GLY H 204 22.43 -6.83 15.00
N LEU H 205 21.74 -7.01 13.87
CA LEU H 205 22.21 -6.41 12.62
C LEU H 205 21.50 -5.10 12.30
N THR H 206 22.25 -4.13 11.77
CA THR H 206 21.59 -3.02 11.11
C THR H 206 21.05 -3.55 9.79
N VAL H 207 20.06 -2.86 9.22
CA VAL H 207 19.55 -3.23 7.91
C VAL H 207 20.68 -3.15 6.86
N GLU H 208 21.52 -2.13 6.96
CA GLU H 208 22.67 -2.00 6.05
C GLU H 208 23.56 -3.25 6.13
N HIS H 209 23.87 -3.70 7.35
CA HIS H 209 24.71 -4.87 7.54
C HIS H 209 24.03 -6.12 6.95
N ALA H 210 22.75 -6.32 7.28
CA ALA H 210 21.98 -7.45 6.76
C ALA H 210 21.97 -7.51 5.22
N LEU H 211 21.68 -6.38 4.57
CA LEU H 211 21.67 -6.31 3.10
C LEU H 211 23.03 -6.59 2.46
N ARG H 212 24.10 -6.08 3.09
CA ARG H 212 25.46 -6.37 2.64
C ARG H 212 25.75 -7.86 2.79
N MET H 213 25.36 -8.44 3.93
CA MET H 213 25.57 -9.87 4.18
C MET H 213 24.82 -10.73 3.15
N LEU H 214 23.56 -10.39 2.89
CA LEU H 214 22.74 -11.05 1.87
C LEU H 214 23.36 -11.01 0.46
N SER H 215 23.90 -9.85 0.08
CA SER H 215 24.58 -9.70 -1.20
C SER H 215 25.85 -10.57 -1.29
N LEU H 216 26.56 -10.70 -0.17
CA LEU H 216 27.81 -11.48 -0.12
C LEU H 216 27.61 -13.01 -0.16
N LEU H 217 26.46 -13.48 0.31
CA LEU H 217 26.18 -14.90 0.31
C LEU H 217 26.16 -15.46 -1.11
N PRO H 218 26.80 -16.62 -1.33
CA PRO H 218 26.75 -17.27 -2.64
C PRO H 218 25.33 -17.72 -2.93
N PRO H 219 24.98 -17.88 -4.22
CA PRO H 219 23.61 -18.31 -4.54
C PRO H 219 23.38 -19.78 -4.20
N GLY H 220 22.12 -20.17 -4.02
CA GLY H 220 21.77 -21.58 -3.86
C GLY H 220 21.81 -22.17 -2.47
N LEU H 221 21.89 -21.33 -1.43
CA LEU H 221 21.91 -21.80 -0.05
C LEU H 221 20.53 -22.06 0.53
N ASP H 222 20.43 -23.09 1.36
CA ASP H 222 19.19 -23.41 2.05
C ASP H 222 19.35 -22.92 3.47
N ILE H 223 18.93 -21.68 3.72
CA ILE H 223 19.13 -21.04 5.01
C ILE H 223 17.93 -20.17 5.41
N VAL H 224 17.60 -20.19 6.71
CA VAL H 224 16.56 -19.34 7.28
C VAL H 224 17.21 -18.26 8.15
N LEU H 225 16.78 -17.00 8.03
CA LEU H 225 17.34 -15.91 8.83
C LEU H 225 16.46 -15.62 10.04
N GLU H 226 17.06 -15.67 11.23
CA GLU H 226 16.36 -15.41 12.49
C GLU H 226 16.75 -14.08 13.13
N ALA H 227 15.75 -13.34 13.61
CA ALA H 227 15.97 -12.16 14.44
C ALA H 227 17.04 -11.23 13.86
N PRO H 228 16.83 -10.73 12.63
CA PRO H 228 17.90 -9.94 12.04
C PRO H 228 18.15 -8.59 12.73
N CYS H 229 17.09 -7.90 13.15
CA CYS H 229 17.21 -6.49 13.57
C CYS H 229 16.59 -6.20 14.93
N ALA H 230 16.99 -5.09 15.53
CA ALA H 230 16.59 -4.80 16.91
C ALA H 230 15.17 -4.28 17.08
N SER H 231 14.55 -3.80 16.00
CA SER H 231 13.23 -3.20 16.12
C SER H 231 12.30 -3.66 15.02
N TRP H 232 11.02 -3.48 15.28
CA TRP H 232 9.97 -3.76 14.33
C TRP H 232 10.18 -3.01 13.00
N ALA H 233 10.37 -1.70 13.07
CA ALA H 233 10.56 -0.86 11.87
C ALA H 233 11.76 -1.26 11.02
N GLU H 234 12.89 -1.60 11.67
CA GLU H 234 14.08 -2.10 10.95
C GLU H 234 13.75 -3.42 10.25
N THR H 235 13.10 -4.33 10.97
CA THR H 235 12.74 -5.64 10.42
C THR H 235 11.83 -5.51 9.20
N LYS H 236 10.88 -4.58 9.25
CA LYS H 236 9.99 -4.30 8.13
C LYS H 236 10.76 -3.86 6.88
N SER H 237 11.73 -2.99 7.11
CA SER H 237 12.54 -2.45 6.01
C SER H 237 13.35 -3.57 5.36
N LEU H 238 13.96 -4.42 6.19
CA LEU H 238 14.70 -5.56 5.66
C LEU H 238 13.80 -6.52 4.88
N ARG H 239 12.64 -6.80 5.44
CA ARG H 239 11.66 -7.70 4.85
C ARG H 239 11.30 -7.29 3.44
N ALA H 240 11.22 -5.99 3.18
CA ALA H 240 10.88 -5.49 1.86
C ALA H 240 11.93 -5.88 0.82
N ARG H 241 13.14 -6.22 1.27
CA ARG H 241 14.30 -6.43 0.37
C ARG H 241 15.08 -7.71 0.67
N CYS H 242 14.39 -8.72 1.18
CA CYS H 242 15.02 -9.97 1.60
C CYS H 242 14.20 -11.16 1.08
N ALA H 243 14.86 -12.01 0.31
CA ALA H 243 14.18 -13.13 -0.32
C ALA H 243 14.24 -14.41 0.52
N LEU H 244 15.03 -14.39 1.58
CA LEU H 244 15.16 -15.54 2.47
C LEU H 244 13.98 -15.59 3.44
N PRO H 245 13.57 -16.80 3.82
CA PRO H 245 12.57 -16.86 4.91
C PRO H 245 13.11 -16.21 6.18
N LEU H 246 12.22 -15.51 6.88
CA LEU H 246 12.58 -14.74 8.06
C LEU H 246 11.83 -15.33 9.25
N LEU H 247 12.54 -15.50 10.36
CA LEU H 247 11.93 -16.01 11.58
C LEU H 247 12.18 -14.98 12.67
N LEU H 248 11.14 -14.60 13.39
CA LEU H 248 11.29 -13.63 14.47
C LEU H 248 11.32 -14.34 15.80
N ASP H 249 12.13 -13.80 16.71
CA ASP H 249 12.33 -14.40 18.03
C ASP H 249 12.06 -13.35 19.10
N GLU H 250 13.07 -12.53 19.41
CA GLU H 250 12.93 -11.46 20.41
C GLU H 250 11.70 -10.56 20.22
N LEU H 251 11.36 -10.23 18.98
CA LEU H 251 10.25 -9.34 18.71
C LEU H 251 8.86 -9.95 18.94
N ILE H 252 8.78 -11.27 19.09
CA ILE H 252 7.51 -11.94 19.36
C ILE H 252 7.48 -12.44 20.81
N GLN H 253 6.73 -11.74 21.64
CA GLN H 253 6.60 -12.10 23.05
C GLN H 253 5.12 -12.30 23.40
N THR H 254 4.24 -11.44 22.89
CA THR H 254 2.81 -11.50 23.18
C THR H 254 2.02 -12.06 21.99
N GLU H 255 0.74 -12.39 22.23
CA GLU H 255 -0.14 -12.80 21.13
C GLU H 255 -0.36 -11.64 20.16
N THR H 256 -0.47 -10.41 20.68
CA THR H 256 -0.66 -9.24 19.82
C THR H 256 0.53 -8.97 18.90
N ASP H 257 1.74 -9.30 19.35
CA ASP H 257 2.94 -9.25 18.49
C ASP H 257 2.77 -10.12 17.23
N LEU H 258 2.21 -11.32 17.39
CA LEU H 258 2.03 -12.24 16.25
C LEU H 258 1.01 -11.68 15.27
N ILE H 259 -0.03 -11.06 15.82
CA ILE H 259 -1.03 -10.36 15.01
C ILE H 259 -0.38 -9.23 14.19
N ALA H 260 0.45 -8.42 14.84
CA ALA H 260 1.16 -7.35 14.14
C ALA H 260 2.05 -7.90 13.01
N ALA H 261 2.73 -9.02 13.30
CA ALA H 261 3.55 -9.71 12.29
C ALA H 261 2.73 -10.21 11.09
N ILE H 262 1.56 -10.77 11.36
CA ILE H 262 0.63 -11.16 10.30
C ILE H 262 0.17 -9.97 9.49
N ARG H 263 -0.26 -8.91 10.18
CA ARG H 263 -0.75 -7.71 9.51
C ARG H 263 0.31 -7.08 8.61
N ASP H 264 1.54 -7.03 9.08
CA ASP H 264 2.67 -6.51 8.30
C ASP H 264 3.31 -7.55 7.37
N ASP H 265 2.80 -8.78 7.36
CA ASP H 265 3.43 -9.88 6.59
C ASP H 265 4.96 -9.88 6.82
N LEU H 266 5.34 -9.91 8.09
CA LEU H 266 6.72 -9.64 8.49
C LEU H 266 7.63 -10.88 8.49
N CYS H 267 7.04 -12.06 8.64
CA CYS H 267 7.86 -13.25 8.81
C CYS H 267 7.20 -14.54 8.37
N ASP H 268 8.03 -15.58 8.22
CA ASP H 268 7.57 -16.90 7.78
C ASP H 268 7.70 -17.94 8.90
N GLY H 269 8.21 -17.50 10.04
CA GLY H 269 8.37 -18.38 11.18
C GLY H 269 8.54 -17.62 12.45
N VAL H 270 8.46 -18.34 13.57
CA VAL H 270 8.58 -17.75 14.89
C VAL H 270 9.41 -18.63 15.82
N GLY H 271 10.28 -17.98 16.60
CA GLY H 271 11.00 -18.65 17.67
C GLY H 271 10.16 -18.54 18.92
N LEU H 272 9.49 -19.64 19.28
CA LEU H 272 8.66 -19.63 20.48
C LEU H 272 9.49 -20.15 21.65
N LYS H 273 9.66 -19.33 22.68
CA LYS H 273 10.42 -19.75 23.85
C LYS H 273 9.51 -19.72 25.06
N VAL H 274 9.40 -20.87 25.73
CA VAL H 274 8.40 -21.02 26.79
C VAL H 274 8.32 -19.79 27.70
N SER H 275 9.45 -19.39 28.29
CA SER H 275 9.45 -18.29 29.26
C SER H 275 9.45 -16.87 28.66
N LYS H 276 9.75 -16.75 27.36
CA LYS H 276 9.57 -15.48 26.66
C LYS H 276 8.07 -15.24 26.40
N GLN H 277 7.37 -16.29 25.97
CA GLN H 277 5.95 -16.17 25.61
C GLN H 277 5.09 -16.12 26.86
N GLY H 278 5.57 -16.74 27.93
CA GLY H 278 4.91 -16.64 29.22
C GLY H 278 4.32 -17.90 29.81
N GLY H 279 4.73 -19.07 29.32
CA GLY H 279 4.22 -20.34 29.85
C GLY H 279 3.49 -21.18 28.82
N ILE H 280 2.91 -22.28 29.28
CA ILE H 280 2.15 -23.19 28.42
C ILE H 280 0.94 -22.49 27.79
N THR H 281 0.19 -21.76 28.59
CA THR H 281 -1.02 -21.09 28.09
C THR H 281 -0.71 -20.21 26.87
N PRO H 282 0.22 -19.24 26.99
CA PRO H 282 0.50 -18.44 25.77
C PRO H 282 1.20 -19.20 24.64
N MET H 283 2.01 -20.21 24.98
CA MET H 283 2.63 -21.05 23.94
C MET H 283 1.54 -21.69 23.07
N LEU H 284 0.46 -22.12 23.71
CA LEU H 284 -0.68 -22.72 23.00
C LEU H 284 -1.44 -21.73 22.16
N ARG H 285 -1.66 -20.52 22.69
CA ARG H 285 -2.35 -19.47 21.92
C ARG H 285 -1.53 -19.09 20.70
N GLN H 286 -0.22 -18.94 20.92
CA GLN H 286 0.66 -18.48 19.86
C GLN H 286 0.88 -19.56 18.80
N ARG H 287 0.95 -20.82 19.23
CA ARG H 287 0.97 -21.95 18.30
C ARG H 287 -0.28 -21.97 17.40
N ALA H 288 -1.45 -21.71 17.99
CA ALA H 288 -2.71 -21.68 17.23
C ALA H 288 -2.69 -20.57 16.17
N ILE H 289 -2.21 -19.39 16.57
CA ILE H 289 -2.10 -18.26 15.64
C ILE H 289 -1.10 -18.58 14.53
N ALA H 290 0.11 -18.97 14.92
CA ALA H 290 1.17 -19.27 13.97
C ALA H 290 0.79 -20.37 13.01
N ALA H 291 0.17 -21.43 13.53
CA ALA H 291 -0.26 -22.56 12.70
C ALA H 291 -1.31 -22.14 11.67
N ALA H 292 -2.23 -21.28 12.08
CA ALA H 292 -3.25 -20.80 11.15
C ALA H 292 -2.60 -19.94 10.05
N ALA H 293 -1.50 -19.26 10.39
CA ALA H 293 -0.81 -18.40 9.43
C ALA H 293 0.20 -19.20 8.59
N GLY H 294 0.36 -20.48 8.91
CA GLY H 294 1.34 -21.34 8.23
C GLY H 294 2.78 -20.97 8.56
N MET H 295 2.98 -20.35 9.72
CA MET H 295 4.32 -19.97 10.16
C MET H 295 5.01 -21.18 10.78
N VAL H 296 6.25 -21.45 10.38
CA VAL H 296 7.02 -22.51 11.07
C VAL H 296 7.41 -22.04 12.47
N MET H 297 7.68 -22.99 13.36
CA MET H 297 7.85 -22.69 14.77
C MET H 297 9.03 -23.52 15.29
N SER H 298 10.03 -22.86 15.84
CA SER H 298 11.05 -23.56 16.61
C SER H 298 10.67 -23.48 18.08
N VAL H 299 10.60 -24.62 18.75
CA VAL H 299 10.08 -24.66 20.11
C VAL H 299 11.23 -24.80 21.11
N GLN H 300 11.43 -23.75 21.87
CA GLN H 300 12.64 -23.63 22.67
C GLN H 300 12.32 -23.01 24.03
N ASP H 301 13.37 -22.59 24.74
CA ASP H 301 13.25 -21.69 25.87
C ASP H 301 14.51 -20.82 25.83
N THR H 302 14.55 -19.80 26.68
CA THR H 302 15.73 -18.96 26.85
C THR H 302 16.95 -19.82 27.18
N VAL H 303 16.79 -20.62 28.23
CA VAL H 303 17.79 -21.53 28.74
C VAL H 303 17.14 -22.14 29.97
N GLY H 304 17.67 -23.25 30.46
CA GLY H 304 17.14 -23.83 31.68
C GLY H 304 17.64 -25.22 32.00
N SER H 305 17.05 -25.78 33.04
CA SER H 305 17.40 -27.12 33.50
C SER H 305 16.47 -28.12 32.84
N GLN H 306 16.37 -29.30 33.44
CA GLN H 306 15.46 -30.36 32.98
C GLN H 306 14.02 -29.89 33.11
N ILE H 307 13.75 -29.02 34.09
CA ILE H 307 12.41 -28.51 34.36
C ILE H 307 11.93 -27.66 33.19
N SER H 308 12.81 -26.79 32.68
CA SER H 308 12.53 -26.03 31.47
C SER H 308 12.35 -26.98 30.29
N PHE H 309 13.24 -27.96 30.19
CA PHE H 309 13.19 -28.93 29.10
C PHE H 309 11.89 -29.74 29.04
N ALA H 310 11.35 -30.11 30.21
CA ALA H 310 10.08 -30.83 30.27
C ALA H 310 8.95 -30.06 29.57
N ALA H 311 8.86 -28.76 29.84
CA ALA H 311 7.85 -27.92 29.20
C ALA H 311 8.07 -27.83 27.68
N ILE H 312 9.31 -27.60 27.27
CA ILE H 312 9.69 -27.53 25.85
C ILE H 312 9.29 -28.79 25.11
N LEU H 313 9.73 -29.94 25.63
CA LEU H 313 9.54 -31.23 24.96
C LEU H 313 8.06 -31.58 24.80
N HIS H 314 7.28 -31.44 25.88
CA HIS H 314 5.85 -31.77 25.80
C HIS H 314 5.12 -30.92 24.76
N LEU H 315 5.42 -29.62 24.73
CA LEU H 315 4.83 -28.74 23.70
C LEU H 315 5.26 -29.10 22.28
N ALA H 316 6.56 -29.33 22.09
CA ALA H 316 7.07 -29.75 20.78
C ALA H 316 6.41 -31.08 20.32
N GLN H 317 6.19 -31.99 21.27
CA GLN H 317 5.63 -33.32 21.02
C GLN H 317 4.19 -33.28 20.48
N SER H 318 3.43 -32.26 20.87
CA SER H 318 2.04 -32.09 20.39
C SER H 318 1.90 -31.08 19.23
N THR H 319 3.03 -30.59 18.73
CA THR H 319 3.07 -29.63 17.61
C THR H 319 3.07 -30.36 16.27
N PRO H 320 2.22 -29.93 15.31
CA PRO H 320 2.23 -30.58 13.98
C PRO H 320 3.62 -30.56 13.39
N ARG H 321 4.03 -31.71 12.86
CA ARG H 321 5.43 -31.95 12.49
C ARG H 321 5.87 -31.13 11.25
N HIS H 322 4.93 -30.83 10.35
CA HIS H 322 5.29 -30.06 9.16
C HIS H 322 5.62 -28.58 9.45
N LEU H 323 5.16 -28.07 10.59
CA LEU H 323 5.45 -26.71 11.02
C LEU H 323 6.58 -26.64 12.05
N LEU H 324 6.83 -27.76 12.73
CA LEU H 324 7.86 -27.81 13.76
C LEU H 324 9.27 -27.70 13.15
N ARG H 325 10.09 -26.83 13.73
CA ARG H 325 11.51 -26.72 13.37
C ARG H 325 12.39 -26.93 14.61
N CYS H 326 12.36 -28.17 15.10
CA CYS H 326 13.19 -28.63 16.21
C CYS H 326 12.75 -28.14 17.58
N ALA H 327 13.15 -28.88 18.60
CA ALA H 327 13.07 -28.40 19.97
C ALA H 327 14.48 -28.18 20.52
N LEU H 328 14.61 -27.29 21.47
CA LEU H 328 15.88 -27.03 22.12
C LEU H 328 16.07 -27.97 23.31
N ASP H 329 17.19 -28.69 23.35
CA ASP H 329 17.51 -29.47 24.54
C ASP H 329 18.36 -28.62 25.49
N THR H 330 17.70 -27.98 26.45
CA THR H 330 18.38 -27.09 27.40
C THR H 330 19.36 -27.81 28.34
N ARG H 331 19.18 -29.12 28.52
CA ARG H 331 20.08 -29.91 29.36
C ARG H 331 21.52 -29.86 28.84
N ALA H 332 21.68 -29.69 27.53
CA ALA H 332 22.99 -29.50 26.88
C ALA H 332 23.65 -28.15 27.20
N MET H 333 22.87 -27.20 27.70
CA MET H 333 23.33 -25.84 27.94
C MET H 333 23.91 -25.61 29.35
N THR H 334 23.57 -26.49 30.30
CA THR H 334 24.08 -26.38 31.67
C THR H 334 24.42 -27.75 32.25
N THR H 335 25.20 -27.76 33.33
CA THR H 335 25.59 -28.99 34.01
C THR H 335 24.62 -29.28 35.15
N ALA H 336 23.63 -28.40 35.33
CA ALA H 336 22.68 -28.51 36.44
C ALA H 336 21.88 -29.80 36.36
N GLU H 337 21.71 -30.46 37.51
CA GLU H 337 20.84 -31.62 37.61
C GLU H 337 19.75 -31.34 38.64
N LEU H 338 18.69 -30.66 38.20
CA LEU H 338 17.63 -30.24 39.12
C LEU H 338 16.49 -31.25 39.21
N ALA H 339 16.37 -32.09 38.18
CA ALA H 339 15.32 -33.08 38.10
C ALA H 339 15.69 -34.21 37.16
N GLU H 340 15.04 -35.36 37.35
CA GLU H 340 15.13 -36.46 36.41
C GLU H 340 13.93 -36.41 35.47
N ILE H 341 14.18 -36.62 34.18
CA ILE H 341 13.13 -36.86 33.19
C ILE H 341 13.56 -37.97 32.21
N ASP H 342 12.67 -38.95 31.99
CA ASP H 342 12.96 -40.07 31.08
C ASP H 342 12.71 -39.64 29.64
N ALA H 343 13.68 -38.94 29.07
CA ALA H 343 13.61 -38.47 27.70
C ALA H 343 15.01 -38.33 27.15
N PRO H 344 15.72 -39.47 26.98
CA PRO H 344 17.10 -39.38 26.51
C PRO H 344 17.21 -38.84 25.09
N LEU H 345 18.28 -38.09 24.86
CA LEU H 345 18.62 -37.61 23.53
C LEU H 345 19.27 -38.79 22.81
N ARG H 346 18.63 -39.25 21.75
CA ARG H 346 19.26 -40.26 20.88
C ARG H 346 19.01 -40.01 19.41
N ASP H 347 20.08 -40.11 18.62
CA ASP H 347 20.04 -39.90 17.18
C ASP H 347 19.43 -38.53 16.79
N GLY H 348 19.77 -37.49 17.55
CA GLY H 348 19.37 -36.11 17.26
C GLY H 348 17.89 -35.80 17.53
N GLY H 349 17.29 -36.61 18.40
CA GLY H 349 15.87 -36.51 18.73
C GLY H 349 15.54 -36.96 20.14
N ALA H 350 14.39 -36.52 20.64
CA ALA H 350 13.89 -36.91 21.96
C ALA H 350 12.37 -37.03 21.95
N SER H 351 11.84 -37.87 22.83
CA SER H 351 10.39 -38.10 22.94
C SER H 351 9.91 -37.79 24.34
N ALA H 352 8.80 -37.06 24.44
CA ALA H 352 8.18 -36.79 25.73
C ALA H 352 7.79 -38.09 26.46
N PRO H 353 7.97 -38.14 27.79
CA PRO H 353 7.62 -39.35 28.54
C PRO H 353 6.11 -39.52 28.68
N SER H 354 5.68 -40.67 29.19
CA SER H 354 4.25 -41.01 29.27
C SER H 354 3.65 -40.80 30.66
N ASP H 355 4.51 -40.57 31.67
CA ASP H 355 4.07 -40.26 33.05
C ASP H 355 3.10 -39.08 33.05
N PRO H 356 2.11 -39.08 33.98
CA PRO H 356 1.23 -37.93 34.07
C PRO H 356 1.99 -36.64 34.42
N GLY H 357 1.54 -35.53 33.84
CA GLY H 357 2.16 -34.22 34.08
C GLY H 357 3.37 -33.97 33.21
N LEU H 358 4.30 -33.19 33.73
CA LEU H 358 5.56 -32.88 33.04
C LEU H 358 6.49 -34.10 32.98
N GLY H 359 6.26 -35.03 33.91
CA GLY H 359 7.03 -36.25 34.00
C GLY H 359 8.35 -36.06 34.72
N LEU H 360 8.40 -35.04 35.58
CA LEU H 360 9.63 -34.71 36.30
C LEU H 360 9.72 -35.43 37.63
N ARG H 361 10.94 -35.75 38.04
CA ARG H 361 11.23 -36.17 39.42
C ARG H 361 12.25 -35.18 39.98
N VAL H 362 11.73 -34.19 40.70
CA VAL H 362 12.53 -33.02 41.09
C VAL H 362 13.40 -33.34 42.32
N ASN H 363 14.67 -32.98 42.24
CA ASN H 363 15.56 -33.06 43.39
C ASN H 363 15.50 -31.77 44.19
N ARG H 364 14.68 -31.78 45.22
CA ARG H 364 14.46 -30.62 46.06
C ARG H 364 15.76 -30.11 46.72
N ASP H 365 16.67 -31.03 47.02
CA ASP H 365 17.97 -30.68 47.63
C ASP H 365 18.87 -29.86 46.71
N ALA H 366 18.68 -30.01 45.40
CA ALA H 366 19.48 -29.29 44.42
C ALA H 366 19.00 -27.85 44.24
N LEU H 367 17.82 -27.53 44.78
CA LEU H 367 17.20 -26.22 44.56
C LEU H 367 17.52 -25.20 45.65
N GLY H 368 17.94 -25.67 46.82
CA GLY H 368 18.12 -24.84 48.01
C GLY H 368 16.80 -24.60 48.72
N THR H 369 16.86 -24.08 49.95
CA THR H 369 15.66 -23.66 50.67
C THR H 369 14.91 -22.58 49.85
N PRO H 370 13.56 -22.61 49.85
CA PRO H 370 12.86 -21.55 49.10
C PRO H 370 13.21 -20.15 49.58
N VAL H 371 13.41 -19.22 48.64
CA VAL H 371 13.69 -17.84 49.02
C VAL H 371 12.42 -17.13 49.47
N LYS H 372 11.27 -17.64 49.03
CA LYS H 372 9.98 -17.10 49.40
C LYS H 372 8.88 -18.15 49.33
N THR H 373 7.96 -18.10 50.30
CA THR H 373 6.78 -18.95 50.31
C THR H 373 5.54 -18.09 50.44
N PHE H 374 4.49 -18.49 49.72
CA PHE H 374 3.20 -17.83 49.81
C PHE H 374 2.10 -18.80 50.21
N GLY H 375 1.32 -18.42 51.22
CA GLY H 375 1.72 -17.33 52.12
C GLY H 375 1.03 -15.97 52.09
N ASP H 376 0.55 -15.55 50.93
CA ASP H 376 -0.03 -14.19 50.74
C ASP H 376 1.02 -13.10 51.00
#